data_8AFY
#
_entry.id   8AFY
#
_entity_poly.entity_id   1
_entity_poly.type   'polypeptide(L)'
_entity_poly.pdbx_seq_one_letter_code
;MSDSSPTINFINFNQTGTCISLGTSKGFKIFNCEPFGKFYSEDSGGYAIVEMLFSTSLLALVGIGDQPALSAARLRIINT
KKHSIICEVTFPTSILSVKMNKSRLVVLLQEQIYIYDINTMRLLHTIETNPNPRGLMAMSPSVANSYLVYPSPPKVINSE
IKAHATTNNITLSVGGNTETSFKRDQQDAGHSDISDLDQYSSFTKRDDADPTSSNGGNSSIIKNGDVIVFNLETLQPTMV
IEAHKGEIAAMAISFDGTLMATASDKGTIIRVFDIETGDKIYQFRRGTYATRIYSISFSEDSQYLAVTGSSKTVHIFKLG
HSMSNNKLDSDDSNMEEAAADDSSLDTTSIDALSDEENPTRLAREPYVDASRKTMGRMIRYSSQKLSRRAARTLGQIFPI
KVTSLLESSRHFASLKLPVETNSHVMTISSIGSPIDIDTSEYPELFETGNSASTESYHEPVMKMVPIRVVSSDGYLYNFV
MDPERGGDCLILSQYSILMD
;
_entity_poly.pdbx_strand_id   A,B,C,D,E,F,G,H
#
# COMPACT_ATOMS: atom_id res chain seq x y z
N SER A 5 -35.03 -5.08 67.48
CA SER A 5 -35.09 -6.33 66.73
C SER A 5 -34.68 -6.12 65.28
N PRO A 6 -33.44 -6.43 64.96
CA PRO A 6 -32.97 -6.29 63.58
C PRO A 6 -33.64 -7.30 62.65
N THR A 7 -33.74 -6.91 61.38
CA THR A 7 -34.34 -7.77 60.38
C THR A 7 -33.41 -8.94 60.06
N ILE A 8 -33.99 -10.09 59.77
CA ILE A 8 -33.22 -11.28 59.44
C ILE A 8 -33.48 -11.65 57.98
N ASN A 9 -32.41 -12.03 57.29
CA ASN A 9 -32.47 -12.26 55.86
C ASN A 9 -32.27 -13.72 55.45
N PHE A 10 -31.89 -14.60 56.38
CA PHE A 10 -31.53 -15.95 55.99
C PHE A 10 -31.59 -16.86 57.21
N ILE A 11 -32.30 -17.97 57.08
CA ILE A 11 -32.37 -19.00 58.10
C ILE A 11 -32.27 -20.36 57.41
N ASN A 12 -31.50 -21.27 58.01
CA ASN A 12 -31.50 -22.65 57.55
C ASN A 12 -30.92 -23.54 58.64
N PHE A 13 -31.34 -24.80 58.63
CA PHE A 13 -30.79 -25.82 59.50
C PHE A 13 -29.46 -26.31 58.94
N ASN A 14 -28.75 -27.10 59.73
CA ASN A 14 -27.59 -27.79 59.21
C ASN A 14 -28.04 -29.05 58.47
N GLN A 15 -27.07 -29.79 57.94
CA GLN A 15 -27.39 -30.96 57.14
C GLN A 15 -27.99 -32.09 57.95
N THR A 16 -27.94 -32.00 59.28
CA THR A 16 -28.58 -32.99 60.15
C THR A 16 -29.82 -32.45 60.84
N GLY A 17 -30.06 -31.15 60.81
CA GLY A 17 -31.24 -30.59 61.43
C GLY A 17 -31.17 -30.37 62.92
N THR A 18 -29.97 -30.46 63.52
CA THR A 18 -29.82 -30.25 64.95
C THR A 18 -29.22 -28.90 65.31
N CYS A 19 -29.07 -28.00 64.34
CA CYS A 19 -28.53 -26.67 64.59
C CYS A 19 -29.31 -25.65 63.78
N ILE A 20 -29.07 -24.38 64.06
CA ILE A 20 -29.69 -23.26 63.36
C ILE A 20 -28.60 -22.29 62.93
N SER A 21 -28.64 -21.88 61.68
CA SER A 21 -27.86 -20.75 61.21
C SER A 21 -28.81 -19.61 60.87
N LEU A 22 -28.36 -18.37 61.08
CA LEU A 22 -29.24 -17.24 60.88
C LEU A 22 -28.40 -16.02 60.52
N GLY A 23 -28.96 -15.18 59.65
CA GLY A 23 -28.27 -13.98 59.24
C GLY A 23 -29.14 -12.74 59.35
N THR A 24 -28.67 -11.75 60.10
CA THR A 24 -29.37 -10.49 60.30
C THR A 24 -28.79 -9.43 59.37
N SER A 25 -29.29 -8.21 59.50
CA SER A 25 -28.68 -7.08 58.80
C SER A 25 -27.49 -6.51 59.56
N LYS A 26 -27.26 -6.98 60.79
CA LYS A 26 -26.13 -6.56 61.60
C LYS A 26 -25.12 -7.66 61.87
N GLY A 27 -25.46 -8.91 61.60
CA GLY A 27 -24.52 -9.99 61.85
C GLY A 27 -25.21 -11.34 61.68
N PHE A 28 -24.54 -12.38 62.17
CA PHE A 28 -25.05 -13.74 62.08
C PHE A 28 -25.04 -14.39 63.45
N LYS A 29 -25.88 -15.40 63.61
CA LYS A 29 -25.99 -16.13 64.86
C LYS A 29 -26.07 -17.62 64.57
N ILE A 30 -25.67 -18.43 65.54
CA ILE A 30 -25.73 -19.88 65.43
C ILE A 30 -26.35 -20.42 66.71
N PHE A 31 -27.39 -21.24 66.56
CA PHE A 31 -28.10 -21.75 67.71
C PHE A 31 -27.95 -23.27 67.79
N ASN A 32 -28.67 -23.88 68.73
CA ASN A 32 -28.75 -25.32 68.86
C ASN A 32 -30.21 -25.67 69.10
N CYS A 33 -30.55 -26.96 69.01
CA CYS A 33 -31.97 -27.31 68.97
C CYS A 33 -32.47 -28.00 70.24
N GLU A 34 -31.88 -29.13 70.62
CA GLU A 34 -32.41 -29.85 71.77
C GLU A 34 -32.02 -29.21 73.11
N PRO A 35 -30.74 -29.04 73.47
CA PRO A 35 -30.42 -28.17 74.60
C PRO A 35 -30.22 -26.74 74.12
N PHE A 36 -31.32 -26.02 73.90
CA PHE A 36 -31.28 -24.77 73.16
C PHE A 36 -30.26 -23.80 73.73
N GLY A 37 -29.50 -23.17 72.86
CA GLY A 37 -28.48 -22.22 73.27
C GLY A 37 -27.94 -21.47 72.08
N LYS A 38 -27.13 -20.46 72.39
CA LYS A 38 -26.51 -19.61 71.36
C LYS A 38 -25.02 -19.90 71.32
N PHE A 39 -24.62 -20.74 70.36
CA PHE A 39 -23.22 -21.14 70.27
C PHE A 39 -22.31 -20.00 69.86
N TYR A 40 -22.71 -19.19 68.89
CA TYR A 40 -21.80 -18.18 68.36
C TYR A 40 -22.61 -17.00 67.82
N SER A 41 -21.92 -15.88 67.68
CA SER A 41 -22.52 -14.67 67.12
C SER A 41 -21.44 -13.63 66.87
N GLU A 42 -21.63 -12.84 65.81
CA GLU A 42 -20.77 -11.71 65.52
C GLU A 42 -21.62 -10.59 64.94
N ASP A 43 -21.41 -9.37 65.42
CA ASP A 43 -22.08 -8.20 64.87
C ASP A 43 -21.14 -7.49 63.88
N SER A 44 -20.85 -8.19 62.78
CA SER A 44 -19.93 -7.69 61.78
C SER A 44 -20.63 -6.82 60.75
N GLY A 45 -21.64 -7.36 60.08
CA GLY A 45 -22.35 -6.61 59.07
C GLY A 45 -23.53 -7.39 58.54
N GLY A 46 -24.08 -6.89 57.44
CA GLY A 46 -25.18 -7.60 56.79
C GLY A 46 -24.70 -8.90 56.17
N TYR A 47 -25.43 -9.98 56.46
CA TYR A 47 -25.14 -11.30 55.92
C TYR A 47 -26.37 -11.86 55.24
N ALA A 48 -26.20 -12.33 54.00
CA ALA A 48 -27.28 -12.90 53.23
C ALA A 48 -27.24 -14.42 53.15
N ILE A 49 -26.05 -15.02 53.26
CA ILE A 49 -25.91 -16.47 53.20
C ILE A 49 -25.02 -16.93 54.35
N VAL A 50 -25.60 -17.67 55.29
CA VAL A 50 -24.86 -18.28 56.39
C VAL A 50 -25.17 -19.76 56.40
N GLU A 51 -24.26 -20.56 55.84
CA GLU A 51 -24.45 -21.99 55.71
C GLU A 51 -23.37 -22.71 56.50
N MET A 52 -23.75 -23.78 57.19
CA MET A 52 -22.86 -24.51 58.08
C MET A 52 -22.82 -25.97 57.67
N LEU A 53 -21.71 -26.64 57.98
CA LEU A 53 -21.56 -28.06 57.75
C LEU A 53 -22.09 -28.83 58.96
N PHE A 54 -21.77 -30.12 59.02
CA PHE A 54 -22.20 -30.94 60.15
C PHE A 54 -21.44 -30.52 61.40
N SER A 55 -21.91 -29.46 62.05
CA SER A 55 -21.16 -28.81 63.14
C SER A 55 -19.77 -28.48 62.58
N THR A 56 -18.70 -29.04 63.14
CA THR A 56 -17.33 -28.98 62.66
C THR A 56 -16.79 -27.56 62.52
N SER A 57 -17.49 -26.54 63.04
CA SER A 57 -16.95 -25.18 63.11
C SER A 57 -16.54 -24.65 61.74
N LEU A 58 -17.34 -24.92 60.71
CA LEU A 58 -17.07 -24.44 59.37
C LEU A 58 -18.29 -23.70 58.86
N LEU A 59 -18.07 -22.50 58.31
CA LEU A 59 -19.16 -21.63 57.88
C LEU A 59 -18.84 -21.01 56.52
N ALA A 60 -19.91 -20.68 55.80
CA ALA A 60 -19.82 -19.90 54.58
C ALA A 60 -20.60 -18.60 54.77
N LEU A 61 -19.91 -17.47 54.63
CA LEU A 61 -20.48 -16.16 54.93
C LEU A 61 -20.44 -15.30 53.68
N VAL A 62 -21.61 -14.79 53.29
CA VAL A 62 -21.74 -13.91 52.13
C VAL A 62 -22.29 -12.58 52.62
N GLY A 63 -21.61 -11.49 52.27
CA GLY A 63 -22.08 -10.18 52.67
C GLY A 63 -23.37 -9.79 51.99
N ILE A 64 -24.09 -8.87 52.63
CA ILE A 64 -25.38 -8.42 52.10
C ILE A 64 -25.17 -7.67 50.79
N GLY A 65 -24.03 -7.02 50.63
CA GLY A 65 -23.74 -6.25 49.43
C GLY A 65 -23.61 -4.75 49.70
N LEU A 70 -17.50 -6.93 52.54
CA LEU A 70 -18.24 -8.14 52.20
C LEU A 70 -19.40 -7.85 51.25
N SER A 71 -19.13 -7.97 49.95
CA SER A 71 -20.16 -7.82 48.95
C SER A 71 -20.95 -9.11 48.78
N ALA A 72 -22.05 -9.03 48.03
CA ALA A 72 -22.84 -10.21 47.73
C ALA A 72 -22.05 -11.20 46.87
N ALA A 73 -21.16 -10.69 46.04
CA ALA A 73 -20.35 -11.56 45.19
C ALA A 73 -19.30 -12.31 46.02
N ARG A 74 -18.75 -11.66 47.05
CA ARG A 74 -17.69 -12.27 47.83
C ARG A 74 -18.22 -13.40 48.70
N LEU A 75 -17.43 -14.47 48.82
CA LEU A 75 -17.71 -15.57 49.72
C LEU A 75 -16.51 -15.77 50.63
N ARG A 76 -16.76 -15.89 51.93
CA ARG A 76 -15.71 -16.03 52.93
C ARG A 76 -16.00 -17.26 53.77
N ILE A 77 -14.99 -18.09 53.97
CA ILE A 77 -15.10 -19.31 54.79
C ILE A 77 -14.40 -19.05 56.11
N ILE A 78 -15.13 -19.18 57.21
CA ILE A 78 -14.61 -18.85 58.53
C ILE A 78 -14.79 -20.04 59.47
N ASN A 79 -13.73 -20.33 60.24
CA ASN A 79 -13.77 -21.32 61.30
C ASN A 79 -14.10 -20.59 62.60
N THR A 80 -15.28 -20.87 63.15
CA THR A 80 -15.74 -20.13 64.31
C THR A 80 -14.96 -20.48 65.57
N LYS A 81 -14.53 -21.74 65.72
CA LYS A 81 -13.75 -22.09 66.90
C LYS A 81 -12.40 -21.40 66.93
N LYS A 82 -11.70 -21.35 65.80
CA LYS A 82 -10.39 -20.70 65.73
C LYS A 82 -10.48 -19.19 65.51
N HIS A 83 -11.65 -18.68 65.14
CA HIS A 83 -11.84 -17.27 64.80
C HIS A 83 -10.90 -16.83 63.67
N SER A 84 -10.58 -17.75 62.77
CA SER A 84 -9.68 -17.49 61.66
C SER A 84 -10.42 -17.58 60.34
N ILE A 85 -9.70 -17.28 59.26
CA ILE A 85 -10.25 -17.28 57.91
C ILE A 85 -9.53 -18.37 57.13
N ILE A 86 -10.28 -19.38 56.68
CA ILE A 86 -9.69 -20.42 55.84
C ILE A 86 -9.33 -19.86 54.47
N CYS A 87 -10.23 -19.08 53.88
CA CYS A 87 -10.01 -18.59 52.53
C CYS A 87 -10.97 -17.45 52.25
N GLU A 88 -10.76 -16.81 51.10
CA GLU A 88 -11.63 -15.75 50.60
C GLU A 88 -11.65 -15.83 49.09
N VAL A 89 -12.85 -15.91 48.52
CA VAL A 89 -13.04 -16.06 47.08
C VAL A 89 -14.10 -15.08 46.61
N THR A 90 -13.84 -14.47 45.46
CA THR A 90 -14.79 -13.55 44.84
C THR A 90 -15.38 -14.17 43.59
N PHE A 91 -16.52 -13.65 43.17
CA PHE A 91 -17.22 -14.09 41.98
C PHE A 91 -17.65 -12.87 41.18
N PRO A 92 -17.78 -13.02 39.84
CA PRO A 92 -18.17 -11.86 39.03
C PRO A 92 -19.55 -11.31 39.37
N THR A 93 -20.47 -12.15 39.84
CA THR A 93 -21.83 -11.71 40.15
C THR A 93 -22.20 -12.15 41.57
N SER A 94 -23.39 -11.73 42.00
CA SER A 94 -23.85 -12.03 43.35
C SER A 94 -24.13 -13.53 43.50
N ILE A 95 -23.81 -14.05 44.67
CA ILE A 95 -24.05 -15.46 44.97
C ILE A 95 -25.52 -15.65 45.31
N LEU A 96 -26.12 -16.72 44.79
CA LEU A 96 -27.52 -16.99 45.05
C LEU A 96 -27.75 -18.15 46.01
N SER A 97 -26.83 -19.11 46.08
CA SER A 97 -26.99 -20.23 47.00
C SER A 97 -25.64 -20.88 47.22
N VAL A 98 -25.48 -21.46 48.41
CA VAL A 98 -24.28 -22.19 48.79
C VAL A 98 -24.71 -23.42 49.57
N LYS A 99 -24.14 -24.58 49.24
CA LYS A 99 -24.43 -25.80 49.96
C LYS A 99 -23.15 -26.62 50.09
N MET A 100 -23.12 -27.49 51.10
CA MET A 100 -21.94 -28.31 51.34
C MET A 100 -22.32 -29.71 51.76
N ASN A 101 -21.43 -30.64 51.49
CA ASN A 101 -21.31 -31.90 52.19
C ASN A 101 -19.88 -31.99 52.72
N LYS A 102 -19.53 -33.11 53.34
CA LYS A 102 -18.18 -33.25 53.86
C LYS A 102 -17.16 -33.56 52.78
N SER A 103 -17.52 -33.42 51.50
CA SER A 103 -16.61 -33.66 50.39
C SER A 103 -16.52 -32.51 49.39
N ARG A 104 -17.62 -31.81 49.11
CA ARG A 104 -17.63 -30.81 48.07
C ARG A 104 -18.30 -29.53 48.55
N LEU A 105 -17.96 -28.42 47.91
CA LEU A 105 -18.55 -27.12 48.16
C LEU A 105 -19.07 -26.56 46.86
N VAL A 106 -20.32 -26.11 46.86
CA VAL A 106 -20.99 -25.62 45.65
C VAL A 106 -21.41 -24.17 45.85
N VAL A 107 -21.04 -23.32 44.89
CA VAL A 107 -21.47 -21.93 44.85
C VAL A 107 -22.21 -21.70 43.54
N LEU A 108 -23.43 -21.17 43.64
CA LEU A 108 -24.27 -20.95 42.47
C LEU A 108 -24.46 -19.45 42.24
N LEU A 109 -24.15 -19.01 41.03
CA LEU A 109 -24.57 -17.71 40.53
C LEU A 109 -25.77 -17.90 39.61
N GLN A 110 -26.28 -16.79 39.08
CA GLN A 110 -27.53 -16.83 38.34
C GLN A 110 -27.43 -17.73 37.11
N GLU A 111 -26.24 -17.81 36.51
CA GLU A 111 -26.05 -18.60 35.29
C GLU A 111 -24.87 -19.58 35.39
N GLN A 112 -24.15 -19.60 36.50
CA GLN A 112 -22.97 -20.43 36.61
C GLN A 112 -23.01 -21.21 37.92
N ILE A 113 -22.43 -22.42 37.89
CA ILE A 113 -22.27 -23.26 39.06
C ILE A 113 -20.80 -23.54 39.26
N TYR A 114 -20.29 -23.27 40.45
CA TYR A 114 -18.89 -23.54 40.80
C TYR A 114 -18.86 -24.63 41.84
N ILE A 115 -18.01 -25.63 41.63
CA ILE A 115 -17.87 -26.75 42.56
C ILE A 115 -16.45 -26.74 43.09
N TYR A 116 -16.31 -26.77 44.41
CA TYR A 116 -15.02 -26.76 45.08
C TYR A 116 -14.88 -28.00 45.95
N ASP A 117 -13.64 -28.46 46.08
CA ASP A 117 -13.33 -29.53 47.03
C ASP A 117 -13.28 -28.91 48.41
N ILE A 118 -13.98 -29.51 49.38
CA ILE A 118 -14.07 -28.89 50.69
C ILE A 118 -12.70 -28.87 51.38
N ASN A 119 -11.87 -29.89 51.15
CA ASN A 119 -10.59 -30.00 51.83
C ASN A 119 -9.54 -29.10 51.19
N THR A 120 -9.24 -29.34 49.91
CA THR A 120 -8.15 -28.62 49.25
C THR A 120 -8.57 -27.20 48.88
N MET A 121 -9.85 -26.99 48.65
CA MET A 121 -10.49 -25.70 48.33
C MET A 121 -10.11 -25.24 46.92
N ARG A 122 -9.40 -26.06 46.16
CA ARG A 122 -9.15 -25.73 44.76
C ARG A 122 -10.40 -25.99 43.93
N LEU A 123 -10.56 -25.21 42.86
CA LEU A 123 -11.70 -25.37 41.97
C LEU A 123 -11.61 -26.69 41.22
N LEU A 124 -12.73 -27.39 41.12
CA LEU A 124 -12.78 -28.67 40.42
C LEU A 124 -13.54 -28.63 39.11
N HIS A 125 -14.66 -27.91 39.04
CA HIS A 125 -15.51 -27.94 37.86
C HIS A 125 -16.30 -26.64 37.78
N THR A 126 -16.80 -26.37 36.58
CA THR A 126 -17.69 -25.23 36.35
C THR A 126 -18.77 -25.67 35.38
N ILE A 127 -20.01 -25.33 35.65
CA ILE A 127 -21.14 -25.68 34.80
C ILE A 127 -21.81 -24.40 34.32
N GLU A 128 -22.00 -24.29 33.01
CA GLU A 128 -22.72 -23.18 32.41
C GLU A 128 -24.17 -23.61 32.20
N THR A 129 -25.07 -23.07 33.01
CA THR A 129 -26.47 -23.43 32.95
C THR A 129 -27.31 -22.24 32.49
N ASN A 130 -28.53 -22.54 32.05
CA ASN A 130 -29.47 -21.51 31.72
C ASN A 130 -29.85 -20.73 32.98
N PRO A 131 -30.20 -19.45 32.85
CA PRO A 131 -30.34 -18.60 34.05
C PRO A 131 -31.31 -19.14 35.08
N ASN A 132 -30.91 -19.07 36.35
CA ASN A 132 -31.76 -19.44 37.49
C ASN A 132 -31.82 -18.27 38.45
N PRO A 133 -32.75 -17.33 38.25
CA PRO A 133 -32.88 -16.20 39.17
C PRO A 133 -33.30 -16.59 40.57
N ARG A 134 -33.88 -17.78 40.75
CA ARG A 134 -34.35 -18.22 42.05
C ARG A 134 -33.28 -18.92 42.89
N GLY A 135 -32.11 -19.22 42.31
CA GLY A 135 -31.03 -19.81 43.06
C GLY A 135 -31.37 -21.16 43.68
N LEU A 136 -31.93 -22.05 42.88
CA LEU A 136 -32.43 -23.33 43.37
C LEU A 136 -31.42 -24.44 43.11
N MET A 137 -31.16 -25.24 44.14
CA MET A 137 -30.36 -26.46 43.99
C MET A 137 -30.86 -27.50 44.98
N ALA A 138 -30.14 -28.61 45.05
CA ALA A 138 -30.29 -29.61 46.08
C ALA A 138 -29.01 -30.43 46.14
N MET A 139 -28.47 -30.58 47.34
CA MET A 139 -27.18 -31.24 47.54
C MET A 139 -27.37 -32.44 48.45
N SER A 140 -26.88 -33.60 48.01
CA SER A 140 -26.88 -34.76 48.87
C SER A 140 -25.74 -34.64 49.88
N PRO A 141 -26.02 -34.75 51.18
CA PRO A 141 -24.98 -34.52 52.19
C PRO A 141 -24.07 -35.72 52.45
N SER A 142 -24.36 -36.89 51.88
CA SER A 142 -23.56 -38.08 52.09
C SER A 142 -22.58 -38.25 50.94
N VAL A 143 -21.35 -38.66 51.27
CA VAL A 143 -20.32 -38.81 50.23
C VAL A 143 -20.55 -40.08 49.41
N ALA A 144 -21.29 -41.05 49.95
CA ALA A 144 -21.55 -42.27 49.20
C ALA A 144 -22.36 -42.00 47.94
N ASN A 145 -23.32 -41.08 48.03
CA ASN A 145 -24.18 -40.78 46.89
C ASN A 145 -24.19 -39.28 46.62
N SER A 146 -23.01 -38.67 46.53
CA SER A 146 -22.87 -37.23 46.37
C SER A 146 -23.43 -36.83 45.01
N TYR A 147 -24.61 -36.22 45.01
CA TYR A 147 -25.27 -35.76 43.80
C TYR A 147 -25.70 -34.30 43.94
N LEU A 148 -25.65 -33.58 42.83
CA LEU A 148 -26.16 -32.22 42.74
C LEU A 148 -27.18 -32.17 41.61
N VAL A 149 -28.31 -31.52 41.86
CA VAL A 149 -29.35 -31.35 40.85
C VAL A 149 -29.68 -29.87 40.72
N TYR A 150 -29.77 -29.39 39.48
CA TYR A 150 -30.08 -27.99 39.20
C TYR A 150 -31.01 -27.94 38.01
N PRO A 151 -31.91 -26.96 37.95
CA PRO A 151 -32.87 -26.91 36.84
C PRO A 151 -32.25 -26.40 35.57
N SER A 152 -32.79 -26.86 34.44
CA SER A 152 -32.32 -26.48 33.11
C SER A 152 -33.50 -26.05 32.26
N PRO A 153 -33.90 -24.79 32.34
CA PRO A 153 -35.00 -24.30 31.51
C PRO A 153 -34.51 -23.97 30.11
N PRO A 154 -35.38 -24.06 29.10
CA PRO A 154 -34.98 -23.63 27.76
C PRO A 154 -34.64 -22.15 27.72
N LYS A 155 -33.65 -21.83 26.90
CA LYS A 155 -33.20 -20.45 26.77
C LYS A 155 -34.01 -19.76 25.67
N VAL A 156 -34.54 -18.58 25.98
CA VAL A 156 -35.34 -17.82 25.03
C VAL A 156 -34.54 -16.63 24.51
N ILE A 222 -44.30 -28.78 27.19
CA ILE A 222 -43.67 -27.49 26.98
C ILE A 222 -42.19 -27.58 27.36
N LYS A 223 -41.91 -28.46 28.32
CA LYS A 223 -40.54 -28.78 28.74
C LYS A 223 -39.83 -27.55 29.32
N ASN A 224 -40.41 -26.97 30.37
CA ASN A 224 -39.76 -25.94 31.15
C ASN A 224 -39.15 -26.50 32.43
N GLY A 225 -39.73 -27.56 32.99
CA GLY A 225 -39.25 -28.12 34.24
C GLY A 225 -38.26 -29.24 34.07
N ASP A 226 -37.22 -29.01 33.27
CA ASP A 226 -36.13 -29.97 33.14
C ASP A 226 -35.06 -29.70 34.18
N VAL A 227 -34.61 -30.76 34.84
CA VAL A 227 -33.60 -30.68 35.89
C VAL A 227 -32.45 -31.62 35.54
N ILE A 228 -31.24 -31.20 35.84
CA ILE A 228 -30.03 -31.93 35.48
C ILE A 228 -29.48 -32.62 36.72
N VAL A 229 -29.35 -33.94 36.65
CA VAL A 229 -28.77 -34.74 37.74
C VAL A 229 -27.28 -34.82 37.50
N PHE A 230 -26.51 -34.18 38.38
CA PHE A 230 -25.06 -34.05 38.24
C PHE A 230 -24.37 -34.80 39.36
N ASN A 231 -23.39 -35.63 39.02
CA ASN A 231 -22.65 -36.39 40.01
C ASN A 231 -21.39 -35.62 40.38
N LEU A 232 -21.24 -35.33 41.67
CA LEU A 232 -20.09 -34.55 42.13
C LEU A 232 -18.82 -35.37 42.21
N GLU A 233 -18.95 -36.68 42.45
CA GLU A 233 -17.77 -37.52 42.63
C GLU A 233 -16.94 -37.58 41.35
N THR A 234 -17.57 -37.89 40.22
CA THR A 234 -16.88 -38.00 38.95
C THR A 234 -16.96 -36.72 38.11
N LEU A 235 -17.71 -35.72 38.57
CA LEU A 235 -17.90 -34.46 37.87
C LEU A 235 -18.40 -34.68 36.43
N GLN A 236 -19.44 -35.51 36.34
CA GLN A 236 -20.11 -35.71 35.06
C GLN A 236 -21.60 -35.88 35.32
N PRO A 237 -22.46 -35.29 34.49
CA PRO A 237 -23.91 -35.50 34.66
C PRO A 237 -24.28 -36.94 34.40
N THR A 238 -25.32 -37.40 35.09
CA THR A 238 -25.79 -38.77 34.96
C THR A 238 -27.01 -38.92 34.08
N MET A 239 -28.04 -38.10 34.28
CA MET A 239 -29.25 -38.19 33.49
C MET A 239 -30.01 -36.88 33.59
N VAL A 240 -30.99 -36.71 32.71
CA VAL A 240 -31.84 -35.54 32.66
C VAL A 240 -33.27 -35.99 32.99
N ILE A 241 -33.88 -35.34 33.98
CA ILE A 241 -35.20 -35.71 34.45
C ILE A 241 -36.21 -34.67 33.96
N GLU A 242 -37.23 -35.13 33.24
CA GLU A 242 -38.35 -34.27 32.84
C GLU A 242 -39.32 -34.19 34.00
N ALA A 243 -39.01 -33.29 34.94
CA ALA A 243 -39.73 -33.25 36.20
C ALA A 243 -41.15 -32.75 36.02
N HIS A 244 -41.31 -31.50 35.57
CA HIS A 244 -42.62 -30.88 35.52
C HIS A 244 -42.78 -30.10 34.22
N LYS A 245 -44.03 -29.72 33.94
CA LYS A 245 -44.34 -28.88 32.80
C LYS A 245 -43.96 -27.43 33.02
N GLY A 246 -44.13 -26.91 34.24
CA GLY A 246 -43.79 -25.55 34.56
C GLY A 246 -42.43 -25.48 35.26
N GLU A 247 -42.01 -24.25 35.53
CA GLU A 247 -40.69 -24.02 36.14
C GLU A 247 -40.62 -24.66 37.52
N ILE A 248 -39.43 -25.15 37.87
CA ILE A 248 -39.21 -25.74 39.19
C ILE A 248 -39.11 -24.64 40.22
N ALA A 249 -39.75 -24.85 41.39
CA ALA A 249 -39.75 -23.86 42.45
C ALA A 249 -38.99 -24.29 43.70
N ALA A 250 -38.82 -25.58 43.94
CA ALA A 250 -38.10 -26.04 45.12
C ALA A 250 -37.60 -27.45 44.90
N MET A 251 -36.41 -27.74 45.42
CA MET A 251 -35.79 -29.04 45.27
C MET A 251 -35.20 -29.48 46.60
N ALA A 252 -35.25 -30.79 46.86
CA ALA A 252 -34.73 -31.36 48.09
C ALA A 252 -34.25 -32.77 47.85
N ILE A 253 -33.10 -33.11 48.44
CA ILE A 253 -32.50 -34.44 48.35
C ILE A 253 -32.39 -35.02 49.74
N SER A 254 -32.75 -36.30 49.88
CA SER A 254 -32.69 -36.97 51.17
C SER A 254 -31.26 -37.02 51.69
N PHE A 255 -31.13 -37.45 52.95
CA PHE A 255 -29.82 -37.46 53.60
C PHE A 255 -28.84 -38.40 52.91
N ASP A 256 -29.31 -39.56 52.47
CA ASP A 256 -28.45 -40.55 51.84
C ASP A 256 -28.26 -40.32 50.35
N GLY A 257 -28.90 -39.30 49.78
CA GLY A 257 -28.79 -39.04 48.36
C GLY A 257 -29.54 -40.00 47.47
N THR A 258 -30.56 -40.67 48.00
CA THR A 258 -31.31 -41.66 47.25
C THR A 258 -32.45 -41.03 46.44
N LEU A 259 -33.18 -40.09 47.03
CA LEU A 259 -34.37 -39.53 46.42
C LEU A 259 -34.19 -38.03 46.18
N MET A 260 -34.99 -37.50 45.26
CA MET A 260 -35.06 -36.07 44.99
C MET A 260 -36.52 -35.67 44.84
N ALA A 261 -36.90 -34.55 45.45
CA ALA A 261 -38.25 -34.05 45.39
C ALA A 261 -38.26 -32.67 44.74
N THR A 262 -39.26 -32.42 43.90
CA THR A 262 -39.34 -31.20 43.12
C THR A 262 -40.73 -30.59 43.26
N ALA A 263 -40.80 -29.27 43.07
CA ALA A 263 -42.06 -28.55 43.17
C ALA A 263 -42.13 -27.50 42.07
N SER A 264 -43.25 -27.52 41.35
CA SER A 264 -43.51 -26.56 40.28
C SER A 264 -43.83 -25.20 40.89
N ASP A 265 -43.88 -24.18 40.02
CA ASP A 265 -44.16 -22.82 40.49
C ASP A 265 -45.59 -22.65 40.99
N LYS A 266 -46.50 -23.54 40.63
CA LYS A 266 -47.86 -23.49 41.13
C LYS A 266 -48.05 -24.22 42.45
N GLY A 267 -47.09 -25.05 42.85
CA GLY A 267 -47.13 -25.68 44.15
C GLY A 267 -48.29 -26.62 44.38
N THR A 268 -48.96 -27.04 43.31
CA THR A 268 -50.08 -27.95 43.44
C THR A 268 -49.68 -29.41 43.46
N ILE A 269 -48.63 -29.77 42.73
CA ILE A 269 -48.17 -31.15 42.64
C ILE A 269 -46.74 -31.23 43.15
N ILE A 270 -46.51 -32.14 44.10
CA ILE A 270 -45.17 -32.43 44.60
C ILE A 270 -44.76 -33.78 44.04
N ARG A 271 -43.61 -33.82 43.37
CA ARG A 271 -43.10 -35.03 42.75
C ARG A 271 -41.74 -35.37 43.32
N VAL A 272 -41.56 -36.65 43.65
CA VAL A 272 -40.30 -37.15 44.17
C VAL A 272 -39.79 -38.22 43.20
N PHE A 273 -38.53 -38.13 42.82
CA PHE A 273 -37.93 -39.07 41.90
C PHE A 273 -36.80 -39.83 42.59
N ASP A 274 -36.62 -41.08 42.15
CA ASP A 274 -35.50 -41.91 42.60
C ASP A 274 -34.30 -41.59 41.70
N ILE A 275 -33.24 -41.07 42.30
CA ILE A 275 -32.20 -40.40 41.52
C ILE A 275 -31.40 -41.41 40.70
N GLU A 276 -31.22 -42.63 41.20
CA GLU A 276 -30.40 -43.60 40.47
C GLU A 276 -31.14 -44.19 39.28
N THR A 277 -32.44 -44.44 39.44
CA THR A 277 -33.20 -45.03 38.34
C THR A 277 -33.88 -43.95 37.49
N GLY A 278 -34.33 -42.87 38.13
CA GLY A 278 -35.00 -41.80 37.44
C GLY A 278 -36.51 -41.88 37.41
N ASP A 279 -37.09 -42.97 37.94
CA ASP A 279 -38.53 -43.12 37.91
C ASP A 279 -39.20 -42.31 39.02
N LYS A 280 -40.32 -41.68 38.69
CA LYS A 280 -41.11 -40.99 39.70
C LYS A 280 -41.79 -42.02 40.60
N ILE A 281 -41.51 -41.95 41.91
CA ILE A 281 -41.99 -42.97 42.83
C ILE A 281 -43.32 -42.54 43.45
N TYR A 282 -43.37 -41.31 43.98
CA TYR A 282 -44.57 -40.81 44.61
C TYR A 282 -44.92 -39.45 44.03
N GLN A 283 -46.22 -39.15 44.03
CA GLN A 283 -46.74 -37.86 43.58
C GLN A 283 -47.76 -37.37 44.60
N PHE A 284 -47.55 -36.17 45.13
CA PHE A 284 -48.39 -35.63 46.17
C PHE A 284 -49.15 -34.40 45.67
N ARG A 285 -50.42 -34.31 46.05
CA ARG A 285 -51.23 -33.12 45.86
C ARG A 285 -51.14 -32.25 47.10
N ARG A 286 -50.92 -30.96 46.90
CA ARG A 286 -50.70 -30.02 48.00
C ARG A 286 -51.80 -28.98 48.06
N GLY A 287 -52.52 -28.96 49.17
CA GLY A 287 -53.54 -27.96 49.41
C GLY A 287 -54.77 -28.09 48.53
N THR A 288 -55.42 -26.96 48.25
CA THR A 288 -56.58 -26.91 47.38
C THR A 288 -56.32 -26.05 46.14
N TYR A 289 -55.85 -24.83 46.31
CA TYR A 289 -55.52 -23.96 45.19
C TYR A 289 -54.03 -23.71 45.10
N ALA A 290 -53.60 -23.22 43.94
CA ALA A 290 -52.18 -22.99 43.71
C ALA A 290 -51.66 -21.85 44.58
N THR A 291 -50.48 -22.06 45.17
CA THR A 291 -49.81 -21.04 45.96
C THR A 291 -48.32 -21.36 46.03
N ARG A 292 -47.54 -20.33 46.36
CA ARG A 292 -46.09 -20.44 46.32
C ARG A 292 -45.58 -21.41 47.39
N ILE A 293 -44.45 -22.04 47.10
CA ILE A 293 -43.78 -22.95 48.00
C ILE A 293 -42.43 -22.36 48.39
N TYR A 294 -42.12 -22.36 49.68
CA TYR A 294 -40.88 -21.76 50.16
C TYR A 294 -39.72 -22.74 50.14
N SER A 295 -39.89 -23.92 50.74
CA SER A 295 -38.80 -24.88 50.81
C SER A 295 -39.35 -26.29 51.05
N ILE A 296 -38.54 -27.28 50.71
CA ILE A 296 -38.84 -28.69 50.94
C ILE A 296 -37.67 -29.32 51.68
N SER A 297 -37.95 -30.28 52.54
CA SER A 297 -36.89 -30.95 53.29
C SER A 297 -37.35 -32.34 53.68
N PHE A 298 -36.43 -33.30 53.63
CA PHE A 298 -36.72 -34.68 54.00
C PHE A 298 -36.47 -34.89 55.48
N SER A 299 -36.99 -36.01 56.00
CA SER A 299 -36.57 -36.47 57.31
C SER A 299 -35.21 -37.15 57.23
N GLU A 300 -34.61 -37.38 58.40
CA GLU A 300 -33.31 -38.06 58.44
C GLU A 300 -33.42 -39.47 57.91
N ASP A 301 -34.51 -40.16 58.23
CA ASP A 301 -34.73 -41.53 57.79
C ASP A 301 -35.58 -41.62 56.53
N SER A 302 -35.79 -40.50 55.84
CA SER A 302 -36.59 -40.42 54.62
C SER A 302 -38.01 -40.93 54.82
N GLN A 303 -38.55 -40.82 56.03
CA GLN A 303 -39.91 -41.30 56.28
C GLN A 303 -40.95 -40.24 55.90
N TYR A 304 -40.63 -38.97 56.13
CA TYR A 304 -41.59 -37.89 55.92
C TYR A 304 -40.94 -36.78 55.11
N LEU A 305 -41.80 -35.99 54.44
CA LEU A 305 -41.37 -34.87 53.64
C LEU A 305 -42.17 -33.64 54.05
N ALA A 306 -41.46 -32.52 54.25
CA ALA A 306 -42.09 -31.31 54.77
C ALA A 306 -42.04 -30.19 53.75
N VAL A 307 -43.19 -29.58 53.48
CA VAL A 307 -43.30 -28.43 52.58
C VAL A 307 -43.98 -27.30 53.32
N THR A 308 -43.55 -26.07 53.05
CA THR A 308 -44.13 -24.88 53.64
C THR A 308 -44.47 -23.89 52.55
N GLY A 309 -45.65 -23.27 52.65
CA GLY A 309 -46.11 -22.37 51.61
C GLY A 309 -46.73 -21.09 52.12
N SER A 310 -47.20 -20.24 51.21
CA SER A 310 -47.69 -18.92 51.56
C SER A 310 -49.04 -18.95 52.25
N SER A 311 -49.66 -20.11 52.35
CA SER A 311 -50.92 -20.26 53.07
C SER A 311 -50.73 -20.31 54.58
N LYS A 312 -49.53 -20.05 55.07
CA LYS A 312 -49.21 -20.08 56.50
C LYS A 312 -49.47 -21.45 57.09
N THR A 313 -49.42 -22.49 56.27
CA THR A 313 -49.64 -23.87 56.71
C THR A 313 -48.52 -24.75 56.19
N VAL A 314 -48.05 -25.66 57.05
CA VAL A 314 -46.97 -26.58 56.72
C VAL A 314 -47.57 -27.98 56.62
N HIS A 315 -47.27 -28.68 55.54
CA HIS A 315 -47.78 -30.01 55.28
C HIS A 315 -46.67 -31.04 55.45
N ILE A 316 -47.04 -32.23 55.89
CA ILE A 316 -46.13 -33.37 56.01
C ILE A 316 -46.66 -34.50 55.16
N PHE A 317 -45.82 -34.98 54.23
CA PHE A 317 -46.16 -36.11 53.38
C PHE A 317 -45.37 -37.33 53.81
N LYS A 318 -46.07 -38.46 53.98
CA LYS A 318 -45.46 -39.69 54.45
C LYS A 318 -44.92 -40.46 53.25
N LEU A 319 -43.61 -40.73 53.26
CA LEU A 319 -42.96 -41.48 52.20
C LEU A 319 -42.79 -42.96 52.56
N GLY A 320 -43.55 -43.45 53.54
CA GLY A 320 -43.42 -44.84 53.92
C GLY A 320 -44.13 -45.78 52.97
N HIS A 321 -44.88 -45.22 52.02
CA HIS A 321 -45.65 -46.03 51.08
C HIS A 321 -44.74 -46.90 50.21
N SER A 409 -50.01 -38.33 47.36
CA SER A 409 -51.44 -38.12 47.51
C SER A 409 -51.72 -36.95 48.44
N ARG A 410 -52.72 -37.11 49.30
CA ARG A 410 -53.06 -36.06 50.26
C ARG A 410 -52.00 -35.98 51.34
N HIS A 411 -51.81 -34.78 51.89
CA HIS A 411 -50.84 -34.57 52.95
C HIS A 411 -51.21 -35.41 54.17
N PHE A 412 -50.20 -36.05 54.76
CA PHE A 412 -50.44 -36.91 55.92
C PHE A 412 -50.83 -36.11 57.15
N ALA A 413 -50.08 -35.06 57.47
CA ALA A 413 -50.37 -34.26 58.65
C ALA A 413 -50.08 -32.80 58.31
N SER A 414 -50.80 -31.90 58.97
CA SER A 414 -50.72 -30.48 58.66
C SER A 414 -50.36 -29.72 59.93
N LEU A 415 -49.52 -28.70 59.76
CA LEU A 415 -49.07 -27.85 60.86
C LEU A 415 -49.72 -26.48 60.71
N LYS A 416 -50.56 -26.12 61.67
CA LYS A 416 -51.22 -24.82 61.67
C LYS A 416 -50.57 -23.93 62.72
N LEU A 417 -49.94 -22.86 62.27
CA LEU A 417 -49.32 -21.91 63.18
C LEU A 417 -50.39 -21.14 63.94
N PRO A 418 -50.03 -20.54 65.08
CA PRO A 418 -51.00 -19.73 65.82
C PRO A 418 -51.52 -18.57 64.98
N VAL A 419 -52.77 -18.20 65.23
CA VAL A 419 -53.49 -17.25 64.37
C VAL A 419 -52.81 -15.89 64.38
N GLU A 420 -52.23 -15.50 65.52
CA GLU A 420 -51.66 -14.16 65.63
C GLU A 420 -50.43 -13.98 64.74
N THR A 421 -49.90 -15.07 64.20
CA THR A 421 -48.71 -14.98 63.36
C THR A 421 -49.01 -14.21 62.07
N ASN A 422 -48.05 -13.40 61.64
CA ASN A 422 -48.19 -12.69 60.38
C ASN A 422 -48.25 -13.67 59.22
N SER A 423 -49.05 -13.35 58.21
CA SER A 423 -49.18 -14.23 57.06
C SER A 423 -48.00 -14.14 56.10
N HIS A 424 -47.31 -13.00 56.06
CA HIS A 424 -46.22 -12.78 55.12
C HIS A 424 -44.89 -13.14 55.77
N VAL A 425 -44.73 -14.42 56.08
CA VAL A 425 -43.54 -14.92 56.76
C VAL A 425 -42.95 -16.08 55.96
N MET A 426 -41.66 -16.00 55.69
CA MET A 426 -40.94 -17.15 55.16
C MET A 426 -40.81 -18.21 56.25
N THR A 427 -41.24 -19.43 55.96
CA THR A 427 -41.22 -20.49 56.97
C THR A 427 -40.47 -21.69 56.43
N ILE A 428 -39.43 -22.11 57.14
CA ILE A 428 -38.71 -23.33 56.86
C ILE A 428 -38.89 -24.27 58.03
N SER A 429 -38.82 -25.57 57.77
CA SER A 429 -39.08 -26.56 58.80
C SER A 429 -38.02 -27.65 58.74
N SER A 430 -38.12 -28.57 59.70
CA SER A 430 -37.25 -29.74 59.75
C SER A 430 -37.94 -30.82 60.56
N ILE A 431 -37.63 -32.07 60.28
CA ILE A 431 -38.20 -33.21 60.99
C ILE A 431 -37.10 -33.96 61.69
N GLY A 432 -37.27 -34.22 62.98
CA GLY A 432 -36.29 -34.93 63.76
C GLY A 432 -36.71 -36.37 64.06
N SER A 433 -35.78 -37.12 64.64
CA SER A 433 -36.03 -38.50 64.97
C SER A 433 -37.05 -38.60 66.11
N PRO A 434 -37.86 -39.65 66.14
CA PRO A 434 -38.86 -39.78 67.19
C PRO A 434 -38.22 -39.85 68.57
N ILE A 435 -38.89 -39.23 69.54
CA ILE A 435 -38.40 -39.17 70.91
C ILE A 435 -39.55 -39.51 71.86
N ASP A 436 -39.20 -39.81 73.10
CA ASP A 436 -40.17 -40.14 74.14
C ASP A 436 -40.63 -38.86 74.83
N ILE A 437 -41.95 -38.69 74.92
CA ILE A 437 -42.55 -37.53 75.57
C ILE A 437 -43.58 -38.03 76.57
N ASP A 438 -43.73 -37.29 77.67
CA ASP A 438 -44.61 -37.71 78.76
C ASP A 438 -46.04 -37.24 78.50
N THR A 439 -46.98 -38.17 78.47
CA THR A 439 -48.37 -37.82 78.24
C THR A 439 -49.03 -37.29 79.50
N SER A 440 -48.41 -37.52 80.66
CA SER A 440 -48.95 -36.99 81.90
C SER A 440 -48.95 -35.46 81.89
N GLU A 441 -47.87 -34.87 81.39
CA GLU A 441 -47.80 -33.41 81.30
C GLU A 441 -48.69 -32.89 80.18
N TYR A 442 -48.68 -33.57 79.03
CA TYR A 442 -49.40 -33.11 77.86
C TYR A 442 -50.62 -33.99 77.61
N PRO A 443 -51.83 -33.48 77.80
CA PRO A 443 -53.03 -34.27 77.48
C PRO A 443 -53.26 -34.38 75.99
N GLU A 444 -52.61 -35.35 75.36
CA GLU A 444 -52.70 -35.49 73.90
C GLU A 444 -54.13 -35.77 73.45
N LEU A 445 -54.83 -36.65 74.17
CA LEU A 445 -56.19 -37.06 73.82
C LEU A 445 -56.25 -37.65 72.41
N HIS A 458 -54.22 -43.81 78.13
CA HIS A 458 -53.00 -43.06 77.84
C HIS A 458 -51.82 -43.59 78.65
N GLU A 459 -50.85 -44.18 77.95
CA GLU A 459 -49.62 -44.65 78.57
C GLU A 459 -48.78 -43.46 79.01
N PRO A 460 -47.91 -43.61 80.01
CA PRO A 460 -47.13 -42.45 80.48
C PRO A 460 -46.27 -41.81 79.41
N VAL A 461 -45.69 -42.59 78.50
CA VAL A 461 -44.82 -42.07 77.46
C VAL A 461 -45.17 -42.71 76.13
N MET A 462 -45.13 -41.92 75.07
CA MET A 462 -45.34 -42.38 73.71
C MET A 462 -44.42 -41.62 72.77
N LYS A 463 -43.87 -42.31 71.77
CA LYS A 463 -42.98 -41.67 70.82
C LYS A 463 -43.74 -40.73 69.90
N MET A 464 -43.26 -39.50 69.78
CA MET A 464 -43.88 -38.50 68.91
C MET A 464 -42.77 -37.78 68.16
N VAL A 465 -42.92 -37.66 66.85
CA VAL A 465 -41.91 -37.03 65.99
C VAL A 465 -41.90 -35.53 66.24
N PRO A 466 -40.77 -34.97 66.66
CA PRO A 466 -40.73 -33.51 66.88
C PRO A 466 -40.40 -32.76 65.59
N ILE A 467 -41.11 -31.65 65.40
CA ILE A 467 -40.95 -30.81 64.23
C ILE A 467 -40.62 -29.40 64.68
N ARG A 468 -39.59 -28.81 64.09
CA ARG A 468 -39.17 -27.46 64.39
C ARG A 468 -39.42 -26.57 63.19
N VAL A 469 -40.20 -25.51 63.39
CA VAL A 469 -40.58 -24.61 62.31
C VAL A 469 -40.15 -23.20 62.71
N VAL A 470 -39.11 -22.69 62.07
CA VAL A 470 -38.63 -21.34 62.31
C VAL A 470 -39.09 -20.46 61.17
N SER A 471 -39.61 -19.29 61.50
CA SER A 471 -40.16 -18.38 60.51
C SER A 471 -39.33 -17.11 60.42
N SER A 472 -39.57 -16.35 59.35
CA SER A 472 -38.74 -15.18 59.07
C SER A 472 -39.03 -14.04 60.03
N ASP A 473 -40.13 -14.12 60.80
CA ASP A 473 -40.39 -13.11 61.81
C ASP A 473 -39.49 -13.27 63.02
N GLY A 474 -38.87 -14.45 63.20
CA GLY A 474 -37.93 -14.66 64.27
C GLY A 474 -38.42 -15.52 65.42
N TYR A 475 -39.24 -16.53 65.14
CA TYR A 475 -39.77 -17.40 66.19
C TYR A 475 -39.60 -18.85 65.78
N LEU A 476 -39.46 -19.71 66.80
CA LEU A 476 -39.36 -21.15 66.61
C LEU A 476 -40.59 -21.81 67.20
N TYR A 477 -41.15 -22.78 66.48
CA TYR A 477 -42.35 -23.48 66.90
C TYR A 477 -42.06 -24.98 66.92
N ASN A 478 -42.40 -25.63 68.03
CA ASN A 478 -42.16 -27.05 68.21
C ASN A 478 -43.48 -27.79 68.14
N PHE A 479 -43.57 -28.78 67.26
CA PHE A 479 -44.77 -29.60 67.10
C PHE A 479 -44.43 -31.06 67.36
N VAL A 480 -45.48 -31.88 67.45
CA VAL A 480 -45.36 -33.32 67.54
C VAL A 480 -46.39 -33.97 66.64
N MET A 481 -45.98 -35.04 65.95
CA MET A 481 -46.86 -35.80 65.07
C MET A 481 -46.93 -37.24 65.54
N ASP A 482 -48.13 -37.80 65.59
CA ASP A 482 -48.28 -39.21 65.89
C ASP A 482 -48.19 -40.00 64.59
N PRO A 483 -47.19 -40.87 64.42
CA PRO A 483 -46.98 -41.52 63.12
C PRO A 483 -48.17 -42.34 62.64
N GLU A 484 -48.96 -42.91 63.55
CA GLU A 484 -50.15 -43.66 63.16
C GLU A 484 -51.35 -42.74 62.96
N ARG A 485 -51.63 -41.88 63.93
CA ARG A 485 -52.79 -40.99 63.82
C ARG A 485 -52.55 -39.91 62.78
N GLY A 486 -51.37 -39.31 62.77
CA GLY A 486 -51.13 -38.17 61.89
C GLY A 486 -52.06 -37.03 62.26
N GLY A 487 -52.69 -36.44 61.26
CA GLY A 487 -53.67 -35.39 61.48
C GLY A 487 -53.04 -34.09 61.93
N ASP A 488 -53.91 -33.19 62.39
CA ASP A 488 -53.45 -31.89 62.88
C ASP A 488 -52.54 -32.08 64.09
N CYS A 489 -51.44 -31.35 64.11
CA CYS A 489 -50.41 -31.54 65.12
C CYS A 489 -50.52 -30.50 66.24
N LEU A 490 -50.30 -30.97 67.46
CA LEU A 490 -50.27 -30.11 68.63
C LEU A 490 -48.95 -29.34 68.71
N ILE A 491 -49.01 -28.16 69.29
CA ILE A 491 -47.84 -27.30 69.46
C ILE A 491 -47.48 -27.30 70.94
N LEU A 492 -46.20 -27.53 71.25
CA LEU A 492 -45.77 -27.60 72.64
C LEU A 492 -45.28 -26.26 73.15
N SER A 493 -44.32 -25.65 72.46
CA SER A 493 -43.68 -24.45 72.99
C SER A 493 -43.28 -23.53 71.86
N GLN A 494 -42.96 -22.30 72.22
CA GLN A 494 -42.50 -21.28 71.28
C GLN A 494 -41.40 -20.46 71.95
N TYR A 495 -40.23 -20.42 71.33
CA TYR A 495 -39.19 -19.51 71.75
C TYR A 495 -39.23 -18.26 70.87
N SER A 496 -38.21 -17.43 71.01
CA SER A 496 -38.06 -16.24 70.19
C SER A 496 -36.58 -16.05 69.88
N ILE A 497 -36.20 -16.37 68.65
CA ILE A 497 -34.84 -16.11 68.21
C ILE A 497 -34.61 -14.60 68.21
N LEU A 498 -33.35 -14.19 68.41
CA LEU A 498 -32.88 -12.83 68.61
C LEU A 498 -33.17 -12.36 70.04
N MET A 499 -33.50 -13.26 70.95
CA MET A 499 -33.79 -12.88 72.33
C MET A 499 -33.52 -14.03 73.29
N SER B 5 4.84 -32.10 -4.30
CA SER B 5 3.49 -32.27 -3.79
C SER B 5 3.38 -31.83 -2.33
N PRO B 6 2.64 -30.75 -2.08
CA PRO B 6 2.46 -30.28 -0.71
C PRO B 6 1.65 -31.26 0.13
N THR B 7 1.98 -31.29 1.42
CA THR B 7 1.27 -32.15 2.35
C THR B 7 -0.09 -31.54 2.69
N ILE B 8 -1.08 -32.40 2.89
CA ILE B 8 -2.42 -31.97 3.23
C ILE B 8 -2.71 -32.37 4.67
N ASN B 9 -3.50 -31.54 5.36
CA ASN B 9 -3.80 -31.75 6.77
C ASN B 9 -5.28 -31.97 7.05
N PHE B 10 -6.15 -31.84 6.06
CA PHE B 10 -7.58 -31.89 6.34
C PHE B 10 -8.33 -32.19 5.06
N ILE B 11 -9.25 -33.15 5.14
CA ILE B 11 -10.20 -33.44 4.06
C ILE B 11 -11.58 -33.58 4.68
N ASN B 12 -12.59 -33.04 4.01
CA ASN B 12 -13.94 -33.17 4.54
C ASN B 12 -14.95 -32.90 3.44
N PHE B 13 -15.91 -33.80 3.30
CA PHE B 13 -17.08 -33.59 2.48
C PHE B 13 -17.95 -32.51 3.08
N ASN B 14 -18.89 -32.01 2.29
CA ASN B 14 -19.89 -31.12 2.83
C ASN B 14 -21.00 -31.94 3.50
N GLN B 15 -22.05 -31.26 3.93
CA GLN B 15 -23.13 -31.94 4.64
C GLN B 15 -23.99 -32.79 3.70
N THR B 16 -23.79 -32.66 2.38
CA THR B 16 -24.52 -33.48 1.42
C THR B 16 -23.64 -34.49 0.70
N GLY B 17 -22.32 -34.33 0.73
CA GLY B 17 -21.45 -35.26 0.05
C GLY B 17 -21.26 -35.03 -1.42
N THR B 18 -21.79 -33.92 -1.96
CA THR B 18 -21.64 -33.62 -3.37
C THR B 18 -20.45 -32.71 -3.67
N CYS B 19 -19.69 -32.30 -2.65
CA CYS B 19 -18.53 -31.45 -2.84
C CYS B 19 -17.38 -31.98 -1.99
N ILE B 20 -16.24 -31.30 -2.09
CA ILE B 20 -15.02 -31.68 -1.37
C ILE B 20 -14.37 -30.41 -0.84
N SER B 21 -13.89 -30.46 0.40
CA SER B 21 -13.02 -29.45 0.95
C SER B 21 -11.69 -30.09 1.32
N LEU B 22 -10.63 -29.29 1.34
CA LEU B 22 -9.31 -29.82 1.62
C LEU B 22 -8.41 -28.69 2.10
N GLY B 23 -7.43 -29.03 2.94
CA GLY B 23 -6.48 -28.07 3.44
C GLY B 23 -5.05 -28.58 3.41
N THR B 24 -4.16 -27.83 2.75
CA THR B 24 -2.76 -28.19 2.62
C THR B 24 -1.94 -27.39 3.63
N SER B 25 -0.62 -27.55 3.54
CA SER B 25 0.28 -26.69 4.31
C SER B 25 0.59 -25.39 3.58
N LYS B 26 0.18 -25.27 2.31
CA LYS B 26 0.36 -24.06 1.53
C LYS B 26 -0.94 -23.34 1.22
N GLY B 27 -2.09 -23.97 1.46
CA GLY B 27 -3.37 -23.34 1.15
C GLY B 27 -4.48 -24.35 1.27
N PHE B 28 -5.64 -23.99 0.74
CA PHE B 28 -6.79 -24.87 0.75
C PHE B 28 -7.40 -24.93 -0.64
N LYS B 29 -8.17 -25.98 -0.88
CA LYS B 29 -8.81 -26.20 -2.17
C LYS B 29 -10.26 -26.61 -1.96
N ILE B 30 -11.09 -26.36 -2.97
CA ILE B 30 -12.49 -26.75 -2.93
C ILE B 30 -12.79 -27.42 -4.27
N PHE B 31 -13.22 -28.68 -4.22
CA PHE B 31 -13.49 -29.44 -5.42
C PHE B 31 -15.00 -29.60 -5.62
N ASN B 32 -15.37 -30.38 -6.62
CA ASN B 32 -16.74 -30.79 -6.85
C ASN B 32 -16.72 -32.26 -7.25
N CYS B 33 -17.89 -32.92 -7.21
CA CYS B 33 -17.87 -34.38 -7.28
C CYS B 33 -18.39 -34.93 -8.60
N GLU B 34 -19.62 -34.59 -8.98
CA GLU B 34 -20.19 -35.19 -10.18
C GLU B 34 -19.65 -34.54 -11.46
N PRO B 35 -19.74 -33.22 -11.67
CA PRO B 35 -18.92 -32.60 -12.72
C PRO B 35 -17.58 -32.17 -12.15
N PHE B 36 -16.66 -33.13 -11.99
CA PHE B 36 -15.46 -32.90 -11.19
C PHE B 36 -14.68 -31.71 -11.69
N GLY B 37 -14.23 -30.87 -10.75
CA GLY B 37 -13.46 -29.70 -11.08
C GLY B 37 -13.01 -28.99 -9.82
N LYS B 38 -12.02 -28.11 -10.00
CA LYS B 38 -11.46 -27.34 -8.89
C LYS B 38 -12.22 -26.02 -8.79
N PHE B 39 -13.21 -26.00 -7.89
CA PHE B 39 -14.09 -24.84 -7.78
C PHE B 39 -13.36 -23.61 -7.25
N TYR B 40 -12.46 -23.79 -6.28
CA TYR B 40 -11.80 -22.65 -5.66
C TYR B 40 -10.46 -23.10 -5.09
N SER B 41 -9.60 -22.12 -4.84
CA SER B 41 -8.30 -22.36 -4.23
C SER B 41 -7.73 -21.03 -3.74
N GLU B 42 -6.83 -21.12 -2.77
CA GLU B 42 -6.11 -19.96 -2.28
C GLU B 42 -4.86 -20.41 -1.55
N ASP B 43 -3.69 -20.02 -2.07
CA ASP B 43 -2.42 -20.45 -1.51
C ASP B 43 -1.86 -19.36 -0.60
N SER B 44 -2.48 -19.23 0.57
CA SER B 44 -2.04 -18.27 1.58
C SER B 44 -1.08 -18.90 2.58
N GLY B 45 -1.50 -19.98 3.22
CA GLY B 45 -0.66 -20.63 4.19
C GLY B 45 -1.26 -21.96 4.63
N GLY B 46 -0.72 -22.48 5.72
CA GLY B 46 -1.21 -23.74 6.24
C GLY B 46 -2.60 -23.60 6.82
N TYR B 47 -3.48 -24.55 6.49
CA TYR B 47 -4.84 -24.59 7.01
C TYR B 47 -5.11 -25.96 7.60
N ALA B 48 -5.75 -25.97 8.77
CA ALA B 48 -6.04 -27.22 9.47
C ALA B 48 -7.52 -27.60 9.45
N ILE B 49 -8.41 -26.62 9.39
CA ILE B 49 -9.84 -26.90 9.34
C ILE B 49 -10.48 -26.09 8.23
N VAL B 50 -11.11 -26.76 7.27
CA VAL B 50 -11.83 -26.11 6.18
C VAL B 50 -13.22 -26.72 6.13
N GLU B 51 -14.20 -26.00 6.68
CA GLU B 51 -15.58 -26.47 6.77
C GLU B 51 -16.47 -25.50 6.03
N MET B 52 -17.41 -26.04 5.25
CA MET B 52 -18.29 -25.23 4.43
C MET B 52 -19.73 -25.70 4.59
N LEU B 53 -20.67 -24.79 4.37
CA LEU B 53 -22.09 -25.08 4.47
C LEU B 53 -22.56 -25.75 3.18
N PHE B 54 -23.88 -25.85 3.03
CA PHE B 54 -24.44 -26.47 1.84
C PHE B 54 -24.20 -25.56 0.63
N SER B 55 -23.02 -25.69 0.03
CA SER B 55 -22.55 -24.76 -0.99
C SER B 55 -22.63 -23.35 -0.38
N THR B 56 -23.41 -22.44 -0.94
CA THR B 56 -23.70 -21.11 -0.41
C THR B 56 -22.47 -20.24 -0.20
N SER B 57 -21.30 -20.64 -0.69
CA SER B 57 -20.10 -19.80 -0.65
C SER B 57 -19.75 -19.36 0.76
N LEU B 58 -19.91 -20.27 1.72
CA LEU B 58 -19.59 -19.98 3.12
C LEU B 58 -18.51 -20.96 3.58
N LEU B 59 -17.49 -20.44 4.27
CA LEU B 59 -16.35 -21.23 4.68
C LEU B 59 -15.96 -20.91 6.11
N ALA B 60 -15.34 -21.89 6.77
CA ALA B 60 -14.72 -21.71 8.08
C ALA B 60 -13.27 -22.14 7.99
N LEU B 61 -12.36 -21.22 8.30
CA LEU B 61 -10.93 -21.44 8.10
C LEU B 61 -10.21 -21.37 9.42
N VAL B 62 -9.42 -22.40 9.73
CA VAL B 62 -8.56 -22.43 10.90
C VAL B 62 -7.13 -22.62 10.43
N GLY B 63 -6.26 -21.69 10.77
CA GLY B 63 -4.86 -21.80 10.38
C GLY B 63 -4.16 -22.92 11.10
N ILE B 64 -3.08 -23.40 10.50
CA ILE B 64 -2.30 -24.48 11.10
C ILE B 64 -1.59 -23.99 12.35
N GLY B 65 -1.26 -22.71 12.40
CA GLY B 65 -0.58 -22.14 13.55
C GLY B 65 0.68 -21.38 13.19
N LEU B 70 -2.84 -16.12 11.08
CA LEU B 70 -4.00 -16.96 11.35
C LEU B 70 -3.59 -18.21 12.13
N SER B 71 -3.60 -18.11 13.46
CA SER B 71 -3.22 -19.23 14.30
C SER B 71 -4.36 -20.23 14.41
N ALA B 72 -4.05 -21.38 15.01
CA ALA B 72 -5.08 -22.40 15.22
C ALA B 72 -6.18 -21.90 16.15
N ALA B 73 -5.84 -20.98 17.05
CA ALA B 73 -6.85 -20.41 17.94
C ALA B 73 -7.87 -19.59 17.17
N ARG B 74 -7.42 -18.79 16.20
CA ARG B 74 -8.33 -17.92 15.48
C ARG B 74 -9.14 -18.69 14.45
N LEU B 75 -10.42 -18.36 14.34
CA LEU B 75 -11.30 -18.90 13.32
C LEU B 75 -11.78 -17.75 12.44
N ARG B 76 -11.66 -17.93 11.12
CA ARG B 76 -12.02 -16.90 10.15
C ARG B 76 -13.05 -17.47 9.19
N ILE B 77 -14.11 -16.71 8.94
CA ILE B 77 -15.17 -17.10 8.03
C ILE B 77 -15.05 -16.24 6.77
N ILE B 78 -14.88 -16.88 5.62
CA ILE B 78 -14.63 -16.19 4.37
C ILE B 78 -15.69 -16.60 3.35
N ASN B 79 -16.25 -15.61 2.67
CA ASN B 79 -17.18 -15.84 1.56
C ASN B 79 -16.37 -15.85 0.27
N THR B 80 -16.25 -17.02 -0.34
CA THR B 80 -15.37 -17.17 -1.50
C THR B 80 -15.90 -16.43 -2.73
N LYS B 81 -17.23 -16.33 -2.89
CA LYS B 81 -17.77 -15.62 -4.03
C LYS B 81 -17.58 -14.11 -3.90
N LYS B 82 -17.76 -13.56 -2.71
CA LYS B 82 -17.51 -12.14 -2.46
C LYS B 82 -16.05 -11.83 -2.18
N HIS B 83 -15.24 -12.85 -1.89
CA HIS B 83 -13.82 -12.68 -1.57
C HIS B 83 -13.60 -11.76 -0.38
N SER B 84 -14.57 -11.69 0.53
CA SER B 84 -14.49 -10.86 1.71
C SER B 84 -14.52 -11.73 2.97
N ILE B 85 -14.35 -11.06 4.11
CA ILE B 85 -14.30 -11.73 5.41
C ILE B 85 -15.55 -11.32 6.19
N ILE B 86 -16.38 -12.29 6.55
CA ILE B 86 -17.58 -11.98 7.31
C ILE B 86 -17.22 -11.55 8.72
N CYS B 87 -16.36 -12.30 9.39
CA CYS B 87 -15.99 -12.01 10.76
C CYS B 87 -14.76 -12.82 11.14
N GLU B 88 -14.11 -12.41 12.23
CA GLU B 88 -12.99 -13.15 12.79
C GLU B 88 -13.17 -13.25 14.29
N VAL B 89 -13.09 -14.47 14.81
CA VAL B 89 -13.25 -14.73 16.23
C VAL B 89 -12.05 -15.52 16.74
N THR B 90 -11.54 -15.09 17.89
CA THR B 90 -10.39 -15.73 18.51
C THR B 90 -10.84 -16.57 19.70
N PHE B 91 -10.01 -17.54 20.06
CA PHE B 91 -10.30 -18.46 21.15
C PHE B 91 -9.07 -18.64 22.01
N PRO B 92 -9.25 -18.89 23.31
CA PRO B 92 -8.08 -19.01 24.20
C PRO B 92 -7.16 -20.17 23.83
N THR B 93 -7.69 -21.28 23.33
CA THR B 93 -6.90 -22.46 23.01
C THR B 93 -7.13 -22.85 21.57
N SER B 94 -6.32 -23.81 21.11
CA SER B 94 -6.40 -24.25 19.72
C SER B 94 -7.73 -24.95 19.45
N ILE B 95 -8.28 -24.71 18.27
CA ILE B 95 -9.56 -25.29 17.87
C ILE B 95 -9.34 -26.74 17.48
N LEU B 96 -10.25 -27.62 17.91
CA LEU B 96 -10.16 -29.02 17.57
C LEU B 96 -11.19 -29.48 16.53
N SER B 97 -12.29 -28.75 16.39
CA SER B 97 -13.31 -29.09 15.41
C SER B 97 -14.23 -27.92 15.21
N VAL B 98 -14.76 -27.80 13.98
CA VAL B 98 -15.77 -26.82 13.64
C VAL B 98 -16.79 -27.49 12.73
N LYS B 99 -18.06 -27.40 13.10
CA LYS B 99 -19.12 -27.97 12.28
C LYS B 99 -20.24 -26.95 12.17
N MET B 100 -21.04 -27.08 11.12
CA MET B 100 -22.02 -26.06 10.79
C MET B 100 -23.28 -26.69 10.23
N ASN B 101 -24.39 -26.00 10.43
CA ASN B 101 -25.63 -26.18 9.69
C ASN B 101 -26.16 -24.80 9.33
N LYS B 102 -27.26 -24.75 8.61
CA LYS B 102 -27.80 -23.46 8.18
C LYS B 102 -28.48 -22.69 9.30
N SER B 103 -28.31 -23.12 10.55
CA SER B 103 -28.84 -22.42 11.70
C SER B 103 -27.81 -22.07 12.75
N ARG B 104 -26.83 -22.95 13.02
CA ARG B 104 -25.89 -22.73 14.11
C ARG B 104 -24.47 -23.03 13.63
N LEU B 105 -23.52 -22.37 14.28
CA LEU B 105 -22.09 -22.61 14.10
C LEU B 105 -21.48 -22.96 15.44
N VAL B 106 -20.77 -24.08 15.50
CA VAL B 106 -20.21 -24.58 16.74
C VAL B 106 -18.70 -24.73 16.60
N VAL B 107 -17.97 -24.18 17.56
CA VAL B 107 -16.51 -24.29 17.63
C VAL B 107 -16.17 -25.04 18.91
N LEU B 108 -15.36 -26.07 18.79
CA LEU B 108 -15.02 -26.93 19.93
C LEU B 108 -13.54 -26.80 20.25
N LEU B 109 -13.25 -26.53 21.53
CA LEU B 109 -11.90 -26.61 22.07
C LEU B 109 -11.80 -27.87 22.92
N GLN B 110 -10.60 -28.10 23.48
CA GLN B 110 -10.33 -29.38 24.13
C GLN B 110 -11.25 -29.63 25.32
N GLU B 111 -11.70 -28.56 25.99
CA GLU B 111 -12.56 -28.71 27.15
C GLU B 111 -13.79 -27.80 27.11
N GLN B 112 -14.03 -27.10 26.00
CA GLN B 112 -15.13 -26.16 25.92
C GLN B 112 -15.84 -26.30 24.59
N ILE B 113 -17.11 -25.93 24.57
CA ILE B 113 -17.92 -25.90 23.36
C ILE B 113 -18.52 -24.51 23.24
N TYR B 114 -18.35 -23.89 22.08
CA TYR B 114 -18.93 -22.59 21.78
C TYR B 114 -19.97 -22.77 20.68
N ILE B 115 -21.14 -22.15 20.87
CA ILE B 115 -22.23 -22.26 19.90
C ILE B 115 -22.60 -20.85 19.46
N TYR B 116 -22.64 -20.64 18.14
CA TYR B 116 -22.99 -19.36 17.56
C TYR B 116 -24.18 -19.53 16.62
N ASP B 117 -24.94 -18.45 16.44
CA ASP B 117 -25.99 -18.42 15.43
C ASP B 117 -25.33 -18.06 14.11
N ILE B 118 -25.60 -18.85 13.07
CA ILE B 118 -24.90 -18.67 11.80
C ILE B 118 -25.25 -17.33 11.16
N ASN B 119 -26.50 -16.87 11.33
CA ASN B 119 -26.93 -15.62 10.71
C ASN B 119 -26.39 -14.41 11.45
N THR B 120 -26.74 -14.28 12.73
CA THR B 120 -26.39 -13.08 13.48
C THR B 120 -24.92 -13.07 13.86
N MET B 121 -24.33 -14.25 14.05
CA MET B 121 -22.93 -14.46 14.45
C MET B 121 -22.66 -13.97 15.85
N ARG B 122 -23.68 -13.83 16.69
CA ARG B 122 -23.45 -13.53 18.10
C ARG B 122 -23.40 -14.81 18.92
N LEU B 123 -22.61 -14.78 19.99
CA LEU B 123 -22.48 -15.94 20.86
C LEU B 123 -23.80 -16.23 21.56
N LEU B 124 -24.14 -17.51 21.66
CA LEU B 124 -25.38 -17.94 22.29
C LEU B 124 -25.17 -18.75 23.55
N HIS B 125 -24.42 -19.84 23.48
CA HIS B 125 -24.30 -20.76 24.61
C HIS B 125 -22.88 -21.30 24.65
N THR B 126 -22.46 -21.69 25.85
CA THR B 126 -21.16 -22.27 26.08
C THR B 126 -21.30 -23.47 26.99
N ILE B 127 -20.68 -24.58 26.62
CA ILE B 127 -20.73 -25.81 27.41
C ILE B 127 -19.34 -26.10 27.94
N GLU B 128 -19.23 -26.28 29.25
CA GLU B 128 -17.99 -26.70 29.88
C GLU B 128 -18.01 -28.23 29.97
N THR B 129 -17.23 -28.87 29.11
CA THR B 129 -17.20 -30.32 29.04
C THR B 129 -15.87 -30.85 29.57
N ASN B 130 -15.89 -32.13 29.94
CA ASN B 130 -14.66 -32.80 30.33
C ASN B 130 -13.72 -32.91 29.14
N PRO B 131 -12.41 -32.98 29.38
CA PRO B 131 -11.44 -32.90 28.27
C PRO B 131 -11.68 -33.89 27.14
N ASN B 132 -11.63 -33.39 25.91
CA ASN B 132 -11.77 -34.21 24.70
C ASN B 132 -10.58 -33.94 23.78
N PRO B 133 -9.47 -34.65 23.98
CA PRO B 133 -8.30 -34.44 23.11
C PRO B 133 -8.53 -34.88 21.67
N ARG B 134 -9.55 -35.68 21.40
CA ARG B 134 -9.79 -36.19 20.05
C ARG B 134 -10.71 -35.28 19.23
N GLY B 135 -11.31 -34.26 19.82
CA GLY B 135 -12.16 -33.35 19.09
C GLY B 135 -13.35 -34.01 18.42
N LEU B 136 -14.08 -34.83 19.17
CA LEU B 136 -15.17 -35.63 18.63
C LEU B 136 -16.48 -34.84 18.73
N MET B 137 -17.23 -34.82 17.64
CA MET B 137 -18.52 -34.15 17.58
C MET B 137 -19.42 -34.85 16.58
N ALA B 138 -20.67 -34.42 16.56
CA ALA B 138 -21.63 -34.81 15.53
C ALA B 138 -22.81 -33.87 15.58
N MET B 139 -23.14 -33.27 14.44
CA MET B 139 -24.23 -32.31 14.34
C MET B 139 -25.23 -32.73 13.29
N SER B 140 -26.50 -32.72 13.65
CA SER B 140 -27.54 -32.91 12.66
C SER B 140 -27.58 -31.69 11.74
N PRO B 141 -27.49 -31.88 10.43
CA PRO B 141 -27.40 -30.73 9.52
C PRO B 141 -28.73 -30.07 9.21
N SER B 142 -29.86 -30.62 9.66
CA SER B 142 -31.17 -30.07 9.39
C SER B 142 -31.64 -29.22 10.56
N VAL B 143 -32.33 -28.13 10.27
CA VAL B 143 -32.80 -27.23 11.32
C VAL B 143 -33.98 -27.84 12.08
N ALA B 144 -34.71 -28.75 11.45
CA ALA B 144 -35.88 -29.34 12.10
C ALA B 144 -35.49 -30.19 13.30
N ASN B 145 -34.34 -30.85 13.22
CA ASN B 145 -33.89 -31.74 14.29
C ASN B 145 -32.48 -31.40 14.74
N SER B 146 -32.22 -30.13 14.98
CA SER B 146 -30.87 -29.64 15.26
C SER B 146 -30.41 -30.20 16.61
N TYR B 147 -29.58 -31.24 16.55
CA TYR B 147 -29.04 -31.88 17.75
C TYR B 147 -27.52 -31.96 17.65
N LEU B 148 -26.86 -31.63 18.76
CA LEU B 148 -25.41 -31.75 18.87
C LEU B 148 -25.09 -32.72 19.99
N VAL B 149 -24.17 -33.65 19.74
CA VAL B 149 -23.77 -34.65 20.72
C VAL B 149 -22.26 -34.59 20.91
N TYR B 150 -21.83 -34.65 22.17
CA TYR B 150 -20.42 -34.63 22.51
C TYR B 150 -20.18 -35.64 23.63
N PRO B 151 -18.99 -36.22 23.72
CA PRO B 151 -18.74 -37.20 24.78
C PRO B 151 -18.54 -36.54 26.13
N SER B 152 -18.87 -37.29 27.18
CA SER B 152 -18.73 -36.82 28.56
C SER B 152 -17.95 -37.86 29.37
N PRO B 153 -16.62 -37.79 29.33
CA PRO B 153 -15.81 -38.72 30.11
C PRO B 153 -15.72 -38.28 31.55
N PRO B 154 -15.53 -39.20 32.48
CA PRO B 154 -15.31 -38.82 33.88
C PRO B 154 -13.99 -38.07 34.05
N LYS B 155 -14.00 -37.14 35.00
CA LYS B 155 -12.79 -36.37 35.30
C LYS B 155 -11.99 -37.07 36.38
N VAL B 156 -10.71 -37.33 36.11
CA VAL B 156 -9.86 -38.02 37.06
C VAL B 156 -9.13 -37.02 37.94
N ILE B 222 -18.21 -48.90 33.61
CA ILE B 222 -17.12 -48.11 34.15
C ILE B 222 -17.46 -46.63 33.98
N LYS B 223 -18.46 -46.37 33.13
CA LYS B 223 -18.99 -45.03 32.90
C LYS B 223 -17.94 -44.10 32.28
N ASN B 224 -17.35 -44.55 31.18
CA ASN B 224 -16.45 -43.73 30.36
C ASN B 224 -17.10 -43.23 29.08
N GLY B 225 -17.87 -44.08 28.41
CA GLY B 225 -18.48 -43.71 27.16
C GLY B 225 -19.84 -43.03 27.31
N ASP B 226 -19.88 -41.95 28.08
CA ASP B 226 -21.10 -41.16 28.20
C ASP B 226 -21.10 -40.04 27.16
N VAL B 227 -22.22 -39.93 26.45
CA VAL B 227 -22.39 -38.92 25.42
C VAL B 227 -23.60 -38.05 25.78
N ILE B 228 -23.41 -36.75 25.75
CA ILE B 228 -24.44 -35.78 26.11
C ILE B 228 -25.16 -35.35 24.85
N VAL B 229 -26.48 -35.59 24.79
CA VAL B 229 -27.31 -35.20 23.67
C VAL B 229 -27.83 -33.79 23.94
N PHE B 230 -27.35 -32.83 23.16
CA PHE B 230 -27.63 -31.41 23.37
C PHE B 230 -28.47 -30.89 22.23
N ASN B 231 -29.59 -30.27 22.56
CA ASN B 231 -30.47 -29.68 21.55
C ASN B 231 -30.04 -28.24 21.30
N LEU B 232 -29.66 -27.94 20.06
CA LEU B 232 -29.17 -26.61 19.74
C LEU B 232 -30.29 -25.59 19.64
N GLU B 233 -31.51 -26.04 19.29
CA GLU B 233 -32.62 -25.11 19.11
C GLU B 233 -32.94 -24.38 20.41
N THR B 234 -33.15 -25.13 21.50
CA THR B 234 -33.49 -24.56 22.79
C THR B 234 -32.29 -24.36 23.70
N LEU B 235 -31.11 -24.81 23.28
CA LEU B 235 -29.87 -24.70 24.06
C LEU B 235 -30.03 -25.32 25.45
N GLN B 236 -30.48 -26.57 25.45
CA GLN B 236 -30.59 -27.32 26.69
C GLN B 236 -30.32 -28.78 26.38
N PRO B 237 -29.62 -29.51 27.26
CA PRO B 237 -29.45 -30.95 27.04
C PRO B 237 -30.77 -31.68 27.12
N THR B 238 -30.89 -32.74 26.33
CA THR B 238 -32.12 -33.52 26.27
C THR B 238 -32.04 -34.83 27.03
N MET B 239 -30.93 -35.55 26.93
CA MET B 239 -30.76 -36.81 27.64
C MET B 239 -29.27 -37.11 27.71
N VAL B 240 -28.95 -38.18 28.43
CA VAL B 240 -27.59 -38.70 28.54
C VAL B 240 -27.59 -40.12 28.03
N ILE B 241 -26.70 -40.43 27.10
CA ILE B 241 -26.64 -41.74 26.46
C ILE B 241 -25.47 -42.52 27.03
N GLU B 242 -25.76 -43.71 27.56
CA GLU B 242 -24.74 -44.63 28.06
C GLU B 242 -24.24 -45.45 26.89
N ALA B 243 -23.36 -44.84 26.09
CA ALA B 243 -23.00 -45.42 24.80
C ALA B 243 -22.19 -46.70 24.97
N HIS B 244 -20.99 -46.59 25.54
CA HIS B 244 -20.07 -47.70 25.60
C HIS B 244 -19.33 -47.72 26.93
N LYS B 245 -18.66 -48.85 27.19
CA LYS B 245 -17.81 -48.98 28.36
C LYS B 245 -16.51 -48.20 28.23
N GLY B 246 -15.90 -48.19 27.04
CA GLY B 246 -14.65 -47.49 26.82
C GLY B 246 -14.86 -46.14 26.17
N GLU B 247 -13.77 -45.41 26.02
CA GLU B 247 -13.84 -44.06 25.46
C GLU B 247 -14.37 -44.10 24.03
N ILE B 248 -15.17 -43.08 23.68
CA ILE B 248 -15.71 -42.97 22.34
C ILE B 248 -14.61 -42.54 21.38
N ALA B 249 -14.56 -43.18 20.21
CA ALA B 249 -13.56 -42.86 19.21
C ALA B 249 -14.12 -42.18 17.96
N ALA B 250 -15.40 -42.40 17.63
CA ALA B 250 -15.99 -41.80 16.45
C ALA B 250 -17.50 -41.75 16.62
N MET B 251 -18.11 -40.73 16.01
CA MET B 251 -19.55 -40.52 16.16
C MET B 251 -20.07 -39.68 14.99
N ALA B 252 -21.30 -39.97 14.57
CA ALA B 252 -21.92 -39.27 13.45
C ALA B 252 -23.43 -39.29 13.60
N ILE B 253 -24.08 -38.33 12.94
CA ILE B 253 -25.53 -38.18 12.97
C ILE B 253 -26.06 -38.17 11.55
N SER B 254 -27.20 -38.82 11.34
CA SER B 254 -27.80 -38.87 10.01
C SER B 254 -28.22 -37.49 9.55
N PHE B 255 -28.60 -37.41 8.26
CA PHE B 255 -28.92 -36.12 7.66
C PHE B 255 -30.14 -35.48 8.30
N ASP B 256 -31.18 -36.26 8.59
CA ASP B 256 -32.41 -35.74 9.17
C ASP B 256 -32.36 -35.61 10.68
N GLY B 257 -31.25 -36.01 11.30
CA GLY B 257 -31.12 -35.92 12.74
C GLY B 257 -31.91 -36.94 13.52
N THR B 258 -32.28 -38.05 12.88
CA THR B 258 -33.08 -39.08 13.55
C THR B 258 -32.22 -40.07 14.32
N LEU B 259 -31.10 -40.49 13.74
CA LEU B 259 -30.28 -41.56 14.29
C LEU B 259 -28.93 -41.03 14.77
N MET B 260 -28.18 -41.90 15.42
CA MET B 260 -26.85 -41.63 15.92
C MET B 260 -26.03 -42.92 15.90
N ALA B 261 -24.74 -42.80 15.62
CA ALA B 261 -23.84 -43.95 15.61
C ALA B 261 -22.53 -43.59 16.30
N THR B 262 -22.02 -44.52 17.11
CA THR B 262 -20.79 -44.31 17.86
C THR B 262 -19.96 -45.60 17.85
N ALA B 263 -18.69 -45.45 18.21
CA ALA B 263 -17.80 -46.59 18.31
C ALA B 263 -16.68 -46.28 19.30
N SER B 264 -16.35 -47.26 20.14
CA SER B 264 -15.33 -47.11 21.15
C SER B 264 -13.95 -47.11 20.49
N ASP B 265 -12.91 -46.91 21.31
CA ASP B 265 -11.56 -46.88 20.78
C ASP B 265 -11.07 -48.24 20.31
N LYS B 266 -11.74 -49.32 20.68
CA LYS B 266 -11.43 -50.64 20.17
C LYS B 266 -11.92 -50.85 18.74
N GLY B 267 -12.97 -50.14 18.32
CA GLY B 267 -13.47 -50.24 16.97
C GLY B 267 -14.08 -51.58 16.64
N THR B 268 -14.34 -52.40 17.66
CA THR B 268 -14.88 -53.74 17.42
C THR B 268 -16.40 -53.75 17.31
N ILE B 269 -17.10 -52.89 18.04
CA ILE B 269 -18.56 -52.89 18.07
C ILE B 269 -19.05 -51.51 17.67
N ILE B 270 -19.97 -51.48 16.70
CA ILE B 270 -20.63 -50.25 16.26
C ILE B 270 -22.04 -50.26 16.83
N ARG B 271 -22.42 -49.17 17.48
CA ARG B 271 -23.73 -49.06 18.11
C ARG B 271 -24.47 -47.86 17.56
N VAL B 272 -25.76 -48.05 17.30
CA VAL B 272 -26.63 -47.02 16.74
C VAL B 272 -27.74 -46.73 17.73
N PHE B 273 -27.85 -45.48 18.16
CA PHE B 273 -28.89 -45.05 19.07
C PHE B 273 -29.81 -44.05 18.38
N ASP B 274 -31.10 -44.18 18.65
CA ASP B 274 -32.11 -43.25 18.13
C ASP B 274 -32.15 -42.03 19.05
N ILE B 275 -31.80 -40.87 18.52
CA ILE B 275 -31.46 -39.72 19.36
C ILE B 275 -32.69 -39.18 20.07
N GLU B 276 -33.87 -39.31 19.47
CA GLU B 276 -35.07 -38.72 20.07
C GLU B 276 -35.56 -39.53 21.27
N THR B 277 -35.48 -40.86 21.19
CA THR B 277 -35.93 -41.69 22.30
C THR B 277 -34.78 -42.16 23.16
N GLY B 278 -33.62 -42.41 22.56
CA GLY B 278 -32.46 -42.90 23.27
C GLY B 278 -32.23 -44.39 23.18
N ASP B 279 -33.11 -45.12 22.51
CA ASP B 279 -32.96 -46.57 22.42
C ASP B 279 -31.88 -46.95 21.42
N LYS B 280 -31.08 -47.96 21.77
CA LYS B 280 -30.11 -48.50 20.83
C LYS B 280 -30.84 -49.34 19.78
N ILE B 281 -30.71 -48.96 18.52
CA ILE B 281 -31.48 -49.60 17.45
C ILE B 281 -30.66 -50.73 16.84
N TYR B 282 -29.40 -50.46 16.49
CA TYR B 282 -28.56 -51.44 15.83
C TYR B 282 -27.22 -51.54 16.53
N GLN B 283 -26.66 -52.74 16.51
CA GLN B 283 -25.32 -53.01 17.05
C GLN B 283 -24.57 -53.87 16.06
N PHE B 284 -23.53 -53.29 15.44
CA PHE B 284 -22.76 -53.96 14.41
C PHE B 284 -21.39 -54.35 14.94
N ARG B 285 -20.94 -55.54 14.53
CA ARG B 285 -19.57 -55.98 14.76
C ARG B 285 -18.70 -55.57 13.59
N ARG B 286 -17.57 -54.95 13.89
CA ARG B 286 -16.65 -54.49 12.85
C ARG B 286 -15.33 -55.24 12.99
N GLY B 287 -14.94 -55.96 11.94
CA GLY B 287 -13.68 -56.67 11.94
C GLY B 287 -13.63 -57.81 12.93
N THR B 288 -12.43 -58.31 13.21
CA THR B 288 -12.21 -59.37 14.16
C THR B 288 -11.40 -58.90 15.36
N TYR B 289 -10.24 -58.31 15.13
CA TYR B 289 -9.42 -57.78 16.22
C TYR B 289 -9.61 -56.28 16.34
N ALA B 290 -9.27 -55.75 17.51
CA ALA B 290 -9.45 -54.33 17.77
C ALA B 290 -8.49 -53.50 16.94
N THR B 291 -9.02 -52.52 16.22
CA THR B 291 -8.23 -51.60 15.43
C THR B 291 -8.92 -50.24 15.39
N ARG B 292 -8.12 -49.21 15.12
CA ARG B 292 -8.62 -47.85 15.21
C ARG B 292 -9.67 -47.57 14.13
N ILE B 293 -10.58 -46.66 14.44
CA ILE B 293 -11.59 -46.18 13.50
C ILE B 293 -11.34 -44.71 13.23
N TYR B 294 -11.27 -44.35 11.95
CA TYR B 294 -10.93 -42.98 11.56
C TYR B 294 -12.14 -42.06 11.50
N SER B 295 -13.24 -42.51 10.90
CA SER B 295 -14.44 -41.68 10.82
C SER B 295 -15.65 -42.54 10.52
N ILE B 296 -16.83 -42.01 10.82
CA ILE B 296 -18.10 -42.63 10.51
C ILE B 296 -18.96 -41.61 9.77
N SER B 297 -19.71 -42.08 8.78
CA SER B 297 -20.57 -41.20 7.99
C SER B 297 -21.82 -41.96 7.58
N PHE B 298 -22.97 -41.30 7.68
CA PHE B 298 -24.23 -41.89 7.24
C PHE B 298 -24.44 -41.68 5.76
N SER B 299 -25.29 -42.52 5.17
CA SER B 299 -25.79 -42.23 3.84
C SER B 299 -26.81 -41.10 3.93
N GLU B 300 -27.00 -40.41 2.80
CA GLU B 300 -27.94 -39.29 2.78
C GLU B 300 -29.36 -39.76 3.06
N ASP B 301 -29.74 -40.91 2.54
CA ASP B 301 -31.05 -41.49 2.76
C ASP B 301 -31.10 -42.38 4.01
N SER B 302 -30.07 -42.33 4.86
CA SER B 302 -29.97 -43.12 6.08
C SER B 302 -30.08 -44.61 5.82
N GLN B 303 -29.67 -45.08 4.64
CA GLN B 303 -29.77 -46.50 4.33
C GLN B 303 -28.51 -47.24 4.75
N TYR B 304 -27.35 -46.62 4.62
CA TYR B 304 -26.08 -47.27 4.88
C TYR B 304 -25.20 -46.38 5.75
N LEU B 305 -24.25 -47.02 6.44
CA LEU B 305 -23.31 -46.34 7.32
C LEU B 305 -21.90 -46.75 6.92
N ALA B 306 -20.99 -45.78 6.87
CA ALA B 306 -19.63 -46.01 6.39
C ALA B 306 -18.62 -45.81 7.51
N VAL B 307 -17.71 -46.78 7.65
CA VAL B 307 -16.63 -46.69 8.63
C VAL B 307 -15.31 -46.94 7.92
N THR B 308 -14.27 -46.21 8.33
CA THR B 308 -12.94 -46.36 7.77
C THR B 308 -11.93 -46.50 8.91
N GLY B 309 -11.01 -47.45 8.77
CA GLY B 309 -10.05 -47.72 9.83
C GLY B 309 -8.62 -47.74 9.36
N SER B 310 -7.71 -48.19 10.23
CA SER B 310 -6.29 -48.25 9.89
C SER B 310 -5.94 -49.51 9.11
N SER B 311 -6.90 -50.40 8.89
CA SER B 311 -6.67 -51.63 8.15
C SER B 311 -6.72 -51.42 6.64
N LYS B 312 -6.79 -50.17 6.17
CA LYS B 312 -6.87 -49.84 4.75
C LYS B 312 -8.10 -50.45 4.09
N THR B 313 -9.13 -50.74 4.89
CA THR B 313 -10.36 -51.34 4.41
C THR B 313 -11.55 -50.53 4.93
N VAL B 314 -12.58 -50.41 4.09
CA VAL B 314 -13.77 -49.62 4.41
C VAL B 314 -14.96 -50.58 4.44
N HIS B 315 -15.73 -50.54 5.52
CA HIS B 315 -16.91 -51.38 5.68
C HIS B 315 -18.17 -50.54 5.53
N ILE B 316 -19.22 -51.16 5.00
CA ILE B 316 -20.53 -50.53 4.88
C ILE B 316 -21.55 -51.41 5.58
N PHE B 317 -22.31 -50.84 6.50
CA PHE B 317 -23.36 -51.54 7.21
C PHE B 317 -24.72 -51.04 6.74
N LYS B 318 -25.62 -51.97 6.46
CA LYS B 318 -26.95 -51.65 5.96
C LYS B 318 -27.85 -51.33 7.15
N LEU B 319 -28.57 -50.21 7.07
CA LEU B 319 -29.48 -49.78 8.11
C LEU B 319 -30.94 -50.02 7.73
N GLY B 320 -31.19 -50.81 6.69
CA GLY B 320 -32.56 -51.09 6.29
C GLY B 320 -33.23 -52.11 7.19
N HIS B 321 -32.48 -52.67 8.13
CA HIS B 321 -32.99 -53.70 9.03
C HIS B 321 -34.22 -53.23 9.80
N SER B 409 -24.71 -56.31 12.99
CA SER B 409 -24.15 -57.62 12.64
C SER B 409 -22.94 -57.46 11.74
N ARG B 410 -22.74 -58.43 10.85
CA ARG B 410 -21.62 -58.39 9.94
C ARG B 410 -21.80 -57.29 8.91
N HIS B 411 -20.68 -56.69 8.48
CA HIS B 411 -20.72 -55.62 7.50
C HIS B 411 -21.31 -56.13 6.19
N PHE B 412 -22.21 -55.33 5.61
CA PHE B 412 -22.87 -55.74 4.38
C PHE B 412 -21.92 -55.79 3.19
N ALA B 413 -21.15 -54.73 2.97
CA ALA B 413 -20.24 -54.68 1.84
C ALA B 413 -18.95 -54.01 2.27
N SER B 414 -17.86 -54.40 1.63
CA SER B 414 -16.54 -53.93 2.03
C SER B 414 -15.82 -53.36 0.82
N LEU B 415 -14.97 -52.37 1.08
CA LEU B 415 -14.20 -51.69 0.04
C LEU B 415 -12.72 -51.93 0.30
N LYS B 416 -12.03 -52.50 -0.68
CA LYS B 416 -10.60 -52.74 -0.57
C LYS B 416 -9.85 -51.80 -1.50
N LEU B 417 -8.99 -50.97 -0.93
CA LEU B 417 -8.21 -50.04 -1.72
C LEU B 417 -7.14 -50.79 -2.51
N PRO B 418 -6.61 -50.18 -3.57
CA PRO B 418 -5.54 -50.83 -4.33
C PRO B 418 -4.32 -51.10 -3.46
N VAL B 419 -3.61 -52.18 -3.80
CA VAL B 419 -2.50 -52.67 -2.96
C VAL B 419 -1.38 -51.64 -2.89
N GLU B 420 -1.17 -50.90 -3.98
CA GLU B 420 -0.06 -49.94 -4.02
C GLU B 420 -0.21 -48.86 -2.96
N THR B 421 -1.42 -48.62 -2.47
CA THR B 421 -1.64 -47.64 -1.42
C THR B 421 -1.00 -48.09 -0.11
N ASN B 422 -0.36 -47.15 0.58
CA ASN B 422 0.25 -47.46 1.87
C ASN B 422 -0.82 -47.63 2.93
N SER B 423 -0.55 -48.49 3.92
CA SER B 423 -1.53 -48.77 4.96
C SER B 423 -1.64 -47.64 5.98
N HIS B 424 -0.64 -46.77 6.07
CA HIS B 424 -0.64 -45.69 7.07
C HIS B 424 -1.22 -44.42 6.45
N VAL B 425 -2.49 -44.51 6.07
CA VAL B 425 -3.20 -43.41 5.43
C VAL B 425 -4.60 -43.31 6.05
N MET B 426 -5.04 -42.08 6.31
CA MET B 426 -6.39 -41.87 6.83
C MET B 426 -7.36 -41.65 5.68
N THR B 427 -8.50 -42.33 5.76
CA THR B 427 -9.48 -42.30 4.68
C THR B 427 -10.83 -41.85 5.23
N ILE B 428 -11.47 -40.90 4.55
CA ILE B 428 -12.85 -40.55 4.82
C ILE B 428 -13.67 -40.87 3.58
N SER B 429 -14.91 -41.28 3.79
CA SER B 429 -15.74 -41.74 2.69
C SER B 429 -17.09 -41.05 2.74
N SER B 430 -17.89 -41.27 1.70
CA SER B 430 -19.24 -40.73 1.63
C SER B 430 -20.05 -41.59 0.66
N ILE B 431 -21.34 -41.71 0.93
CA ILE B 431 -22.25 -42.50 0.11
C ILE B 431 -23.24 -41.55 -0.55
N GLY B 432 -23.41 -41.68 -1.85
CA GLY B 432 -24.32 -40.86 -2.61
C GLY B 432 -25.60 -41.60 -2.98
N SER B 433 -26.53 -40.84 -3.58
CA SER B 433 -27.78 -41.42 -4.02
C SER B 433 -27.55 -42.38 -5.18
N PRO B 434 -28.37 -43.42 -5.30
CA PRO B 434 -28.17 -44.40 -6.37
C PRO B 434 -28.28 -43.77 -7.76
N ILE B 435 -27.44 -44.25 -8.68
CA ILE B 435 -27.39 -43.75 -10.04
C ILE B 435 -27.39 -44.93 -11.00
N ASP B 436 -27.70 -44.65 -12.26
CA ASP B 436 -27.73 -45.66 -13.31
C ASP B 436 -26.40 -45.66 -14.05
N ILE B 437 -25.84 -46.86 -14.23
CA ILE B 437 -24.58 -47.03 -14.95
C ILE B 437 -24.81 -48.04 -16.05
N ASP B 438 -24.03 -47.95 -17.12
CA ASP B 438 -24.21 -48.82 -18.28
C ASP B 438 -23.36 -50.08 -18.09
N THR B 439 -24.03 -51.23 -18.02
CA THR B 439 -23.31 -52.49 -17.81
C THR B 439 -22.55 -52.90 -19.07
N SER B 440 -22.87 -52.29 -20.21
CA SER B 440 -22.13 -52.59 -21.43
C SER B 440 -20.68 -52.15 -21.30
N GLU B 441 -20.44 -50.98 -20.71
CA GLU B 441 -19.07 -50.51 -20.53
C GLU B 441 -18.34 -51.32 -19.47
N TYR B 442 -19.03 -51.67 -18.39
CA TYR B 442 -18.42 -52.33 -17.25
C TYR B 442 -18.91 -53.77 -17.13
N PRO B 443 -18.06 -54.76 -17.39
CA PRO B 443 -18.49 -56.15 -17.19
C PRO B 443 -18.54 -56.54 -15.71
N GLU B 444 -19.67 -56.24 -15.07
CA GLU B 444 -19.79 -56.47 -13.64
C GLU B 444 -19.68 -57.95 -13.30
N LEU B 445 -20.33 -58.81 -14.08
CA LEU B 445 -20.35 -60.26 -13.84
C LEU B 445 -20.86 -60.58 -12.45
N HIS B 458 -27.40 -59.86 -18.32
CA HIS B 458 -27.10 -58.50 -17.88
C HIS B 458 -27.97 -57.48 -18.62
N GLU B 459 -28.77 -56.74 -17.87
CA GLU B 459 -29.52 -55.62 -18.42
C GLU B 459 -28.56 -54.50 -18.79
N PRO B 460 -28.91 -53.65 -19.76
CA PRO B 460 -27.97 -52.58 -20.15
C PRO B 460 -27.61 -51.64 -19.01
N VAL B 461 -28.55 -51.33 -18.13
CA VAL B 461 -28.31 -50.40 -17.02
C VAL B 461 -28.98 -50.95 -15.77
N MET B 462 -28.31 -50.81 -14.62
CA MET B 462 -28.86 -51.18 -13.33
C MET B 462 -28.33 -50.21 -12.27
N LYS B 463 -29.14 -49.94 -11.25
CA LYS B 463 -28.78 -48.93 -10.27
C LYS B 463 -27.60 -49.38 -9.41
N MET B 464 -26.62 -48.49 -9.29
CA MET B 464 -25.41 -48.74 -8.49
C MET B 464 -25.25 -47.59 -7.50
N VAL B 465 -24.99 -47.91 -6.25
CA VAL B 465 -24.74 -46.91 -5.22
C VAL B 465 -23.31 -46.41 -5.36
N PRO B 466 -23.08 -45.14 -5.66
CA PRO B 466 -21.70 -44.65 -5.80
C PRO B 466 -21.11 -44.28 -4.45
N ILE B 467 -19.84 -44.62 -4.28
CA ILE B 467 -19.10 -44.37 -3.05
C ILE B 467 -17.82 -43.65 -3.40
N ARG B 468 -17.53 -42.57 -2.70
CA ARG B 468 -16.32 -41.79 -2.90
C ARG B 468 -15.46 -41.88 -1.65
N VAL B 469 -14.25 -42.42 -1.81
CA VAL B 469 -13.32 -42.59 -0.70
C VAL B 469 -12.05 -41.81 -1.02
N VAL B 470 -11.73 -40.83 -0.18
CA VAL B 470 -10.55 -40.00 -0.38
C VAL B 470 -9.60 -40.24 0.80
N SER B 471 -8.32 -40.35 0.48
CA SER B 471 -7.30 -40.63 1.49
C SER B 471 -6.39 -39.43 1.67
N SER B 472 -5.64 -39.43 2.78
CA SER B 472 -4.82 -38.28 3.11
C SER B 472 -3.60 -38.17 2.21
N ASP B 473 -3.36 -39.18 1.38
CA ASP B 473 -2.27 -39.09 0.41
C ASP B 473 -2.62 -38.24 -0.79
N GLY B 474 -3.90 -37.92 -0.99
CA GLY B 474 -4.33 -37.05 -2.06
C GLY B 474 -4.96 -37.74 -3.25
N TYR B 475 -5.74 -38.80 -3.04
CA TYR B 475 -6.40 -39.52 -4.12
C TYR B 475 -7.88 -39.65 -3.83
N LEU B 476 -8.65 -39.87 -4.90
CA LEU B 476 -10.07 -40.12 -4.81
C LEU B 476 -10.38 -41.45 -5.48
N TYR B 477 -11.22 -42.25 -4.84
CA TYR B 477 -11.59 -43.56 -5.35
C TYR B 477 -13.10 -43.66 -5.45
N ASN B 478 -13.59 -44.10 -6.60
CA ASN B 478 -15.02 -44.22 -6.87
C ASN B 478 -15.39 -45.69 -6.95
N PHE B 479 -16.34 -46.11 -6.13
CA PHE B 479 -16.82 -47.49 -6.12
C PHE B 479 -18.31 -47.51 -6.46
N VAL B 480 -18.79 -48.71 -6.77
CA VAL B 480 -20.23 -48.94 -6.96
C VAL B 480 -20.63 -50.18 -6.17
N MET B 481 -21.74 -50.09 -5.48
CA MET B 481 -22.25 -51.18 -4.66
C MET B 481 -23.64 -51.58 -5.11
N ASP B 482 -23.87 -52.89 -5.21
CA ASP B 482 -25.19 -53.38 -5.54
C ASP B 482 -25.98 -53.55 -4.26
N PRO B 483 -27.11 -52.83 -4.08
CA PRO B 483 -27.82 -52.90 -2.80
C PRO B 483 -28.31 -54.29 -2.43
N GLU B 484 -28.57 -55.15 -3.40
CA GLU B 484 -28.99 -56.52 -3.10
C GLU B 484 -27.81 -57.46 -2.89
N ARG B 485 -26.86 -57.48 -3.83
CA ARG B 485 -25.73 -58.40 -3.71
C ARG B 485 -24.74 -57.93 -2.65
N GLY B 486 -24.45 -56.64 -2.61
CA GLY B 486 -23.44 -56.15 -1.69
C GLY B 486 -22.08 -56.75 -2.02
N GLY B 487 -21.40 -57.24 -1.00
CA GLY B 487 -20.11 -57.87 -1.20
C GLY B 487 -19.03 -56.87 -1.55
N ASP B 488 -17.91 -57.41 -2.04
CA ASP B 488 -16.80 -56.56 -2.45
C ASP B 488 -17.23 -55.69 -3.64
N CYS B 489 -16.87 -54.42 -3.58
CA CYS B 489 -17.32 -53.45 -4.57
C CYS B 489 -16.28 -53.23 -5.65
N LEU B 490 -16.74 -53.15 -6.89
CA LEU B 490 -15.87 -52.83 -8.01
C LEU B 490 -15.48 -51.36 -7.97
N ILE B 491 -14.29 -51.07 -8.46
CA ILE B 491 -13.74 -49.71 -8.47
C ILE B 491 -13.71 -49.25 -9.93
N LEU B 492 -14.28 -48.08 -10.18
CA LEU B 492 -14.37 -47.59 -11.55
C LEU B 492 -13.14 -46.76 -11.93
N SER B 493 -12.84 -45.73 -11.15
CA SER B 493 -11.80 -44.79 -11.53
C SER B 493 -11.08 -44.29 -10.29
N GLN B 494 -9.93 -43.66 -10.50
CA GLN B 494 -9.09 -43.17 -9.42
C GLN B 494 -8.52 -41.82 -9.83
N TYR B 495 -9.21 -40.75 -9.48
CA TYR B 495 -8.69 -39.41 -9.75
C TYR B 495 -7.52 -39.13 -8.81
N SER B 496 -6.94 -37.95 -8.95
CA SER B 496 -5.84 -37.52 -8.10
C SER B 496 -6.06 -36.07 -7.69
N ILE B 497 -6.33 -35.86 -6.41
CA ILE B 497 -6.40 -34.52 -5.88
C ILE B 497 -5.00 -33.89 -5.91
N LEU B 498 -4.95 -32.57 -5.97
CA LEU B 498 -3.78 -31.71 -6.16
C LEU B 498 -3.33 -31.73 -7.62
N MET B 499 -3.95 -32.54 -8.47
CA MET B 499 -3.68 -32.56 -9.90
C MET B 499 -4.99 -32.80 -10.63
N ASP B 500 -4.89 -33.13 -11.91
CA ASP B 500 -6.06 -33.37 -12.74
C ASP B 500 -6.77 -34.67 -12.33
N SER C 5 8.54 0.23 -78.41
CA SER C 5 7.21 0.44 -77.85
C SER C 5 7.19 0.15 -76.36
N PRO C 6 7.26 1.19 -75.55
CA PRO C 6 7.22 1.01 -74.09
C PRO C 6 5.84 0.53 -73.63
N THR C 7 5.85 -0.19 -72.51
CA THR C 7 4.61 -0.70 -71.94
C THR C 7 3.81 0.45 -71.32
N ILE C 8 2.49 0.34 -71.40
CA ILE C 8 1.60 1.34 -70.87
C ILE C 8 0.83 0.74 -69.69
N ASN C 9 0.68 1.53 -68.64
CA ASN C 9 0.10 1.05 -67.40
C ASN C 9 -1.26 1.68 -67.06
N PHE C 10 -1.69 2.70 -67.79
CA PHE C 10 -2.88 3.42 -67.38
C PHE C 10 -3.43 4.20 -68.56
N ILE C 11 -4.72 4.02 -68.84
CA ILE C 11 -5.43 4.77 -69.86
C ILE C 11 -6.79 5.16 -69.31
N ASN C 12 -7.21 6.41 -69.57
CA ASN C 12 -8.57 6.81 -69.26
C ASN C 12 -8.91 8.06 -70.06
N PHE C 13 -10.19 8.24 -70.32
CA PHE C 13 -10.72 9.45 -70.93
C PHE C 13 -10.83 10.55 -69.88
N ASN C 14 -11.12 11.76 -70.35
CA ASN C 14 -11.48 12.81 -69.42
C ASN C 14 -12.95 12.69 -69.05
N GLN C 15 -13.42 13.61 -68.20
CA GLN C 15 -14.78 13.53 -67.70
C GLN C 15 -15.81 13.80 -68.79
N THR C 16 -15.40 14.30 -69.95
CA THR C 16 -16.30 14.50 -71.08
C THR C 16 -16.07 13.51 -72.20
N GLY C 17 -14.97 12.75 -72.19
CA GLY C 17 -14.72 11.77 -73.21
C GLY C 17 -14.15 12.29 -74.50
N THR C 18 -13.66 13.54 -74.52
CA THR C 18 -13.07 14.11 -75.73
C THR C 18 -11.56 14.18 -75.68
N CYS C 19 -10.92 13.57 -74.68
CA CYS C 19 -9.47 13.55 -74.57
C CYS C 19 -9.02 12.18 -74.11
N ILE C 20 -7.70 11.96 -74.16
CA ILE C 20 -7.09 10.71 -73.72
C ILE C 20 -5.93 11.06 -72.80
N SER C 21 -5.87 10.39 -71.66
CA SER C 21 -4.69 10.40 -70.81
C SER C 21 -4.08 9.01 -70.84
N LEU C 22 -2.75 8.94 -70.74
CA LEU C 22 -2.07 7.66 -70.86
C LEU C 22 -0.77 7.72 -70.08
N GLY C 23 -0.41 6.59 -69.47
CA GLY C 23 0.83 6.51 -68.72
C GLY C 23 1.67 5.31 -69.12
N THR C 24 2.91 5.57 -69.51
CA THR C 24 3.86 4.53 -69.89
C THR C 24 4.79 4.22 -68.73
N SER C 25 5.76 3.35 -68.97
CA SER C 25 6.83 3.14 -68.00
C SER C 25 7.93 4.17 -68.12
N LYS C 26 7.89 5.00 -69.16
CA LYS C 26 8.86 6.07 -69.35
C LYS C 26 8.28 7.46 -69.23
N GLY C 27 6.96 7.60 -69.24
CA GLY C 27 6.35 8.92 -69.13
C GLY C 27 4.87 8.85 -69.38
N PHE C 28 4.27 10.02 -69.60
CA PHE C 28 2.84 10.13 -69.84
C PHE C 28 2.59 10.92 -71.12
N LYS C 29 1.42 10.71 -71.70
CA LYS C 29 1.03 11.37 -72.93
C LYS C 29 -0.42 11.82 -72.81
N ILE C 30 -0.78 12.86 -73.56
CA ILE C 30 -2.14 13.37 -73.59
C ILE C 30 -2.53 13.54 -75.05
N PHE C 31 -3.67 12.98 -75.44
CA PHE C 31 -4.11 13.01 -76.82
C PHE C 31 -5.41 13.81 -76.94
N ASN C 32 -5.98 13.81 -78.14
CA ASN C 32 -7.29 14.39 -78.39
C ASN C 32 -8.05 13.41 -79.28
N CYS C 33 -9.36 13.63 -79.44
CA CYS C 33 -10.18 12.59 -80.05
C CYS C 33 -10.67 12.93 -81.45
N GLU C 34 -11.39 14.04 -81.62
CA GLU C 34 -11.94 14.32 -82.94
C GLU C 34 -10.91 14.86 -83.93
N PRO C 35 -10.23 15.99 -83.67
CA PRO C 35 -9.05 16.31 -84.48
C PRO C 35 -7.80 15.71 -83.86
N PHE C 36 -7.58 14.41 -84.09
CA PHE C 36 -6.62 13.65 -83.31
C PHE C 36 -5.25 14.31 -83.32
N GLY C 37 -4.61 14.34 -82.15
CA GLY C 37 -3.32 14.96 -82.01
C GLY C 37 -2.73 14.67 -80.65
N LYS C 38 -1.46 15.02 -80.49
CA LYS C 38 -0.73 14.80 -79.24
C LYS C 38 -0.48 16.15 -78.58
N PHE C 39 -1.33 16.48 -77.60
CA PHE C 39 -1.24 17.78 -76.94
C PHE C 39 0.01 17.90 -76.08
N TYR C 40 0.37 16.86 -75.33
CA TYR C 40 1.46 17.00 -74.39
C TYR C 40 2.12 15.64 -74.16
N SER C 41 3.35 15.69 -73.65
CA SER C 41 4.10 14.49 -73.33
C SER C 41 5.35 14.86 -72.56
N GLU C 42 5.74 13.98 -71.63
CA GLU C 42 7.00 14.11 -70.92
C GLU C 42 7.57 12.73 -70.67
N ASP C 43 8.87 12.57 -70.93
CA ASP C 43 9.57 11.31 -70.63
C ASP C 43 10.29 11.45 -69.30
N SER C 44 9.49 11.56 -68.24
CA SER C 44 10.02 11.75 -66.89
C SER C 44 10.32 10.43 -66.21
N GLY C 45 9.31 9.56 -66.09
CA GLY C 45 9.51 8.29 -65.44
C GLY C 45 8.26 7.44 -65.53
N GLY C 46 8.24 6.37 -64.74
CA GLY C 46 7.08 5.51 -64.70
C GLY C 46 5.91 6.22 -64.03
N TYR C 47 4.75 6.17 -64.69
CA TYR C 47 3.53 6.76 -64.18
C TYR C 47 2.42 5.71 -64.15
N ALA C 48 1.76 5.61 -63.01
CA ALA C 48 0.67 4.65 -62.82
C ALA C 48 -0.70 5.29 -62.84
N ILE C 49 -0.81 6.56 -62.47
CA ILE C 49 -2.09 7.26 -62.47
C ILE C 49 -1.92 8.62 -63.13
N VAL C 50 -2.57 8.81 -64.29
CA VAL C 50 -2.59 10.07 -65.00
C VAL C 50 -4.04 10.44 -65.24
N GLU C 51 -4.58 11.32 -64.40
CA GLU C 51 -5.99 11.71 -64.48
C GLU C 51 -6.06 13.20 -64.77
N MET C 52 -7.00 13.58 -65.64
CA MET C 52 -7.14 14.95 -66.09
C MET C 52 -8.55 15.45 -65.81
N LEU C 53 -8.68 16.76 -65.66
CA LEU C 53 -9.98 17.40 -65.50
C LEU C 53 -10.57 17.73 -66.87
N PHE C 54 -11.62 18.54 -66.89
CA PHE C 54 -12.23 18.94 -68.14
C PHE C 54 -11.28 19.86 -68.90
N SER C 55 -10.32 19.28 -69.61
CA SER C 55 -9.21 20.02 -70.21
C SER C 55 -8.58 20.83 -69.08
N THR C 56 -8.57 22.17 -69.16
CA THR C 56 -8.15 23.10 -68.11
C THR C 56 -6.71 22.90 -67.66
N SER C 57 -5.91 22.10 -68.35
CA SER C 57 -4.47 22.01 -68.08
C SER C 57 -4.19 21.62 -66.63
N LEU C 58 -4.96 20.69 -66.08
CA LEU C 58 -4.75 20.21 -64.72
C LEU C 58 -4.63 18.69 -64.73
N LEU C 59 -3.60 18.18 -64.07
CA LEU C 59 -3.29 16.76 -64.09
C LEU C 59 -2.96 16.26 -62.70
N ALA C 60 -3.20 14.96 -62.48
CA ALA C 60 -2.75 14.25 -61.29
C ALA C 60 -1.80 13.15 -61.71
N LEU C 61 -0.57 13.20 -61.20
CA LEU C 61 0.49 12.29 -61.62
C LEU C 61 0.97 11.50 -60.42
N VAL C 62 0.94 10.16 -60.54
CA VAL C 62 1.42 9.27 -59.49
C VAL C 62 2.55 8.44 -60.07
N GLY C 63 3.68 8.42 -59.38
CA GLY C 63 4.81 7.63 -59.85
C GLY C 63 4.54 6.15 -59.78
N ILE C 64 5.28 5.40 -60.59
CA ILE C 64 5.11 3.95 -60.64
C ILE C 64 5.56 3.31 -59.33
N GLY C 65 6.51 3.95 -58.64
CA GLY C 65 7.01 3.41 -57.39
C GLY C 65 8.46 3.00 -57.45
N LEU C 70 9.29 10.03 -57.49
CA LEU C 70 7.86 9.79 -57.60
C LEU C 70 7.50 8.36 -57.23
N SER C 71 7.16 8.16 -55.95
CA SER C 71 6.71 6.86 -55.50
C SER C 71 5.21 6.69 -55.80
N ALA C 72 4.73 5.46 -55.59
CA ALA C 72 3.31 5.18 -55.75
C ALA C 72 2.48 5.93 -54.72
N ALA C 73 3.05 6.16 -53.53
CA ALA C 73 2.34 6.88 -52.49
C ALA C 73 2.22 8.36 -52.83
N ARG C 74 3.24 8.93 -53.45
CA ARG C 74 3.25 10.36 -53.74
C ARG C 74 2.25 10.71 -54.85
N LEU C 75 1.59 11.85 -54.68
CA LEU C 75 0.71 12.41 -55.70
C LEU C 75 1.17 13.83 -56.00
N ARG C 76 1.29 14.15 -57.28
CA ARG C 76 1.77 15.45 -57.73
C ARG C 76 0.76 16.03 -58.71
N ILE C 77 0.41 17.31 -58.51
CA ILE C 77 -0.53 18.01 -59.37
C ILE C 77 0.26 18.98 -60.23
N ILE C 78 0.16 18.84 -61.55
CA ILE C 78 0.96 19.62 -62.49
C ILE C 78 0.05 20.31 -63.48
N ASN C 79 0.34 21.59 -63.73
CA ASN C 79 -0.31 22.36 -64.77
C ASN C 79 0.55 22.27 -66.03
N THR C 80 0.02 21.61 -67.07
CA THR C 80 0.82 21.35 -68.25
C THR C 80 1.07 22.61 -69.07
N LYS C 81 0.13 23.55 -69.11
CA LYS C 81 0.35 24.79 -69.85
C LYS C 81 1.46 25.62 -69.23
N LYS C 82 1.48 25.76 -67.91
CA LYS C 82 2.49 26.55 -67.23
C LYS C 82 3.77 25.77 -66.95
N HIS C 83 3.74 24.45 -67.11
CA HIS C 83 4.87 23.58 -66.77
C HIS C 83 5.32 23.76 -65.33
N SER C 84 4.38 24.08 -64.44
CA SER C 84 4.66 24.30 -63.04
C SER C 84 4.00 23.23 -62.18
N ILE C 85 4.26 23.31 -60.88
CA ILE C 85 3.74 22.35 -59.90
C ILE C 85 2.81 23.12 -58.97
N ILE C 86 1.53 22.75 -58.97
CA ILE C 86 0.58 23.36 -58.03
C ILE C 86 0.88 22.92 -56.61
N CYS C 87 1.13 21.63 -56.41
CA CYS C 87 1.33 21.10 -55.07
C CYS C 87 1.96 19.73 -55.16
N GLU C 88 2.33 19.21 -53.98
CA GLU C 88 2.87 17.86 -53.84
C GLU C 88 2.42 17.31 -52.50
N VAL C 89 1.79 16.14 -52.52
CA VAL C 89 1.24 15.52 -51.32
C VAL C 89 1.65 14.05 -51.29
N THR C 90 2.02 13.59 -50.10
CA THR C 90 2.38 12.20 -49.89
C THR C 90 1.30 11.50 -49.07
N PHE C 91 1.27 10.18 -49.15
CA PHE C 91 0.34 9.33 -48.43
C PHE C 91 1.09 8.18 -47.81
N PRO C 92 0.60 7.64 -46.68
CA PRO C 92 1.32 6.53 -46.04
C PRO C 92 1.42 5.28 -46.91
N THR C 93 0.46 5.03 -47.79
CA THR C 93 0.46 3.84 -48.63
C THR C 93 0.28 4.24 -50.09
N SER C 94 0.35 3.25 -50.97
CA SER C 94 0.24 3.48 -52.40
C SER C 94 -1.16 3.92 -52.77
N ILE C 95 -1.25 4.85 -53.72
CA ILE C 95 -2.54 5.34 -54.20
C ILE C 95 -3.14 4.33 -55.16
N LEU C 96 -4.44 4.08 -55.03
CA LEU C 96 -5.11 3.13 -55.90
C LEU C 96 -6.01 3.77 -56.94
N SER C 97 -6.53 4.97 -56.67
CA SER C 97 -7.38 5.64 -57.65
C SER C 97 -7.45 7.12 -57.31
N VAL C 98 -7.63 7.93 -58.35
CA VAL C 98 -7.79 9.38 -58.22
C VAL C 98 -8.87 9.82 -59.20
N LYS C 99 -9.78 10.65 -58.73
CA LYS C 99 -10.83 11.19 -59.60
C LYS C 99 -11.10 12.64 -59.22
N MET C 100 -11.62 13.39 -60.17
CA MET C 100 -11.89 14.80 -59.93
C MET C 100 -13.20 15.22 -60.58
N ASN C 101 -13.80 16.26 -60.01
CA ASN C 101 -14.74 17.14 -60.68
C ASN C 101 -14.19 18.56 -60.54
N LYS C 102 -14.93 19.54 -61.02
CA LYS C 102 -14.47 20.91 -60.92
C LYS C 102 -14.65 21.50 -59.52
N SER C 103 -14.96 20.66 -58.53
CA SER C 103 -15.13 21.11 -57.15
C SER C 103 -14.30 20.34 -56.13
N ARG C 104 -14.12 19.03 -56.31
CA ARG C 104 -13.47 18.20 -55.30
C ARG C 104 -12.43 17.30 -55.94
N LEU C 105 -11.45 16.90 -55.12
CA LEU C 105 -10.42 15.95 -55.52
C LEU C 105 -10.41 14.80 -54.53
N VAL C 106 -10.43 13.57 -55.04
CA VAL C 106 -10.51 12.37 -54.22
C VAL C 106 -9.30 11.50 -54.47
N VAL C 107 -8.64 11.09 -53.39
CA VAL C 107 -7.54 10.14 -53.44
C VAL C 107 -7.91 8.94 -52.58
N LEU C 108 -7.82 7.75 -53.14
CA LEU C 108 -8.19 6.52 -52.46
C LEU C 108 -6.96 5.66 -52.22
N LEU C 109 -6.74 5.28 -50.98
CA LEU C 109 -5.84 4.21 -50.60
C LEU C 109 -6.65 2.95 -50.32
N GLN C 110 -5.94 1.87 -49.99
CA GLN C 110 -6.60 0.56 -49.87
C GLN C 110 -7.67 0.57 -48.79
N GLU C 111 -7.48 1.37 -47.74
CA GLU C 111 -8.43 1.41 -46.62
C GLU C 111 -8.88 2.82 -46.27
N GLN C 112 -8.38 3.85 -46.96
CA GLN C 112 -8.70 5.22 -46.60
C GLN C 112 -9.10 6.00 -47.84
N ILE C 113 -9.99 6.97 -47.65
CA ILE C 113 -10.42 7.88 -48.70
C ILE C 113 -10.12 9.31 -48.25
N TYR C 114 -9.40 10.05 -49.08
CA TYR C 114 -9.08 11.44 -48.80
C TYR C 114 -9.81 12.32 -49.81
N ILE C 115 -10.47 13.37 -49.32
CA ILE C 115 -11.21 14.29 -50.17
C ILE C 115 -10.59 15.67 -50.02
N TYR C 116 -10.24 16.28 -51.15
CA TYR C 116 -9.62 17.59 -51.18
C TYR C 116 -10.48 18.54 -51.99
N ASP C 117 -10.45 19.82 -51.61
CA ASP C 117 -11.07 20.87 -52.39
C ASP C 117 -10.15 21.17 -53.57
N ILE C 118 -10.71 21.19 -54.78
CA ILE C 118 -9.86 21.35 -55.96
C ILE C 118 -9.20 22.73 -55.98
N ASN C 119 -9.89 23.76 -55.50
CA ASN C 119 -9.38 25.12 -55.54
C ASN C 119 -8.36 25.37 -54.43
N THR C 120 -8.79 25.26 -53.18
CA THR C 120 -7.92 25.62 -52.06
C THR C 120 -6.87 24.55 -51.80
N MET C 121 -7.17 23.29 -52.14
CA MET C 121 -6.30 22.12 -52.04
C MET C 121 -6.10 21.72 -50.58
N ARG C 122 -6.78 22.36 -49.64
CA ARG C 122 -6.74 21.91 -48.26
C ARG C 122 -7.61 20.68 -48.08
N LEU C 123 -7.22 19.83 -47.13
CA LEU C 123 -7.97 18.62 -46.85
C LEU C 123 -9.32 18.97 -46.23
N LEU C 124 -10.37 18.28 -46.68
CA LEU C 124 -11.72 18.52 -46.18
C LEU C 124 -12.26 17.39 -45.32
N HIS C 125 -12.01 16.14 -45.71
CA HIS C 125 -12.61 15.01 -45.01
C HIS C 125 -11.74 13.78 -45.20
N THR C 126 -11.95 12.80 -44.33
CA THR C 126 -11.29 11.51 -44.42
C THR C 126 -12.29 10.44 -44.04
N ILE C 127 -12.34 9.36 -44.80
CA ILE C 127 -13.26 8.25 -44.56
C ILE C 127 -12.45 6.99 -44.33
N GLU C 128 -12.74 6.30 -43.23
CA GLU C 128 -12.13 5.02 -42.93
C GLU C 128 -13.06 3.91 -43.40
N THR C 129 -12.70 3.24 -44.48
CA THR C 129 -13.52 2.20 -45.07
C THR C 129 -12.84 0.83 -44.93
N ASN C 130 -13.65 -0.21 -45.09
CA ASN C 130 -13.11 -1.55 -45.13
C ASN C 130 -12.24 -1.71 -46.37
N PRO C 131 -11.22 -2.58 -46.31
CA PRO C 131 -10.22 -2.61 -47.38
C PRO C 131 -10.79 -2.82 -48.78
N ASN C 132 -10.28 -2.04 -49.73
CA ASN C 132 -10.63 -2.17 -51.15
C ASN C 132 -9.35 -2.35 -51.95
N PRO C 133 -8.89 -3.59 -52.10
CA PRO C 133 -7.67 -3.82 -52.90
C PRO C 133 -7.84 -3.49 -54.37
N ARG C 134 -9.07 -3.41 -54.88
CA ARG C 134 -9.32 -3.14 -56.28
C ARG C 134 -9.38 -1.65 -56.61
N GLY C 135 -9.38 -0.77 -55.61
CA GLY C 135 -9.35 0.66 -55.86
C GLY C 135 -10.54 1.16 -56.65
N LEU C 136 -11.75 0.78 -56.25
CA LEU C 136 -12.96 1.07 -57.00
C LEU C 136 -13.67 2.28 -56.42
N MET C 137 -14.06 3.21 -57.28
CA MET C 137 -14.92 4.33 -56.89
C MET C 137 -15.80 4.70 -58.07
N ALA C 138 -16.53 5.80 -57.90
CA ALA C 138 -17.25 6.46 -58.97
C ALA C 138 -17.53 7.89 -58.52
N MET C 139 -17.19 8.85 -59.36
CA MET C 139 -17.29 10.27 -59.03
C MET C 139 -18.22 10.95 -60.01
N SER C 140 -19.21 11.67 -59.50
CA SER C 140 -20.05 12.48 -60.36
C SER C 140 -19.30 13.74 -60.76
N PRO C 141 -19.18 14.04 -62.05
CA PRO C 141 -18.37 15.18 -62.49
C PRO C 141 -19.08 16.52 -62.41
N SER C 142 -20.38 16.57 -62.11
CA SER C 142 -21.13 17.81 -62.04
C SER C 142 -21.23 18.27 -60.59
N VAL C 143 -21.10 19.58 -60.37
CA VAL C 143 -21.12 20.12 -59.02
C VAL C 143 -22.55 20.15 -58.47
N ALA C 144 -23.56 20.13 -59.35
CA ALA C 144 -24.94 20.16 -58.88
C ALA C 144 -25.27 18.90 -58.09
N ASN C 145 -24.76 17.75 -58.51
CA ASN C 145 -25.05 16.49 -57.85
C ASN C 145 -23.77 15.76 -57.49
N SER C 146 -22.83 16.45 -56.86
CA SER C 146 -21.51 15.91 -56.54
C SER C 146 -21.67 14.78 -55.54
N TYR C 147 -21.52 13.55 -56.01
CA TYR C 147 -21.64 12.35 -55.18
C TYR C 147 -20.43 11.45 -55.38
N LEU C 148 -20.04 10.77 -54.31
CA LEU C 148 -18.99 9.75 -54.35
C LEU C 148 -19.57 8.47 -53.78
N VAL C 149 -19.31 7.34 -54.45
CA VAL C 149 -19.76 6.04 -53.98
C VAL C 149 -18.58 5.09 -53.91
N TYR C 150 -18.47 4.37 -52.80
CA TYR C 150 -17.38 3.43 -52.59
C TYR C 150 -17.94 2.19 -51.91
N PRO C 151 -17.39 1.01 -52.19
CA PRO C 151 -17.94 -0.22 -51.62
C PRO C 151 -17.57 -0.39 -50.15
N SER C 152 -18.46 -1.06 -49.42
CA SER C 152 -18.26 -1.32 -47.99
C SER C 152 -18.50 -2.80 -47.71
N PRO C 153 -17.47 -3.63 -47.86
CA PRO C 153 -17.62 -5.05 -47.57
C PRO C 153 -17.49 -5.30 -46.07
N PRO C 154 -18.11 -6.35 -45.55
CA PRO C 154 -17.92 -6.70 -44.14
C PRO C 154 -16.47 -7.06 -43.85
N LYS C 155 -16.03 -6.67 -42.66
CA LYS C 155 -14.65 -6.92 -42.24
C LYS C 155 -14.56 -8.28 -41.56
N VAL C 156 -13.61 -9.09 -41.98
CA VAL C 156 -13.42 -10.42 -41.41
C VAL C 156 -12.20 -10.45 -40.51
N ILE C 222 -25.94 -12.50 -48.08
CA ILE C 222 -24.60 -12.59 -47.52
C ILE C 222 -24.09 -11.19 -47.23
N LYS C 223 -24.54 -10.23 -48.02
CA LYS C 223 -24.25 -8.81 -47.83
C LYS C 223 -22.76 -8.51 -47.95
N ASN C 224 -22.18 -8.86 -49.10
CA ASN C 224 -20.83 -8.44 -49.45
C ASN C 224 -20.81 -7.23 -50.37
N GLY C 225 -21.83 -7.08 -51.20
CA GLY C 225 -21.88 -5.98 -52.15
C GLY C 225 -22.59 -4.75 -51.64
N ASP C 226 -22.21 -4.28 -50.46
CA ASP C 226 -22.74 -3.02 -49.94
C ASP C 226 -21.87 -1.85 -50.38
N VAL C 227 -22.52 -0.80 -50.85
CA VAL C 227 -21.84 0.39 -51.35
C VAL C 227 -22.39 1.60 -50.61
N ILE C 228 -21.50 2.56 -50.31
CA ILE C 228 -21.83 3.73 -49.51
C ILE C 228 -21.97 4.92 -50.44
N VAL C 229 -23.14 5.57 -50.42
CA VAL C 229 -23.39 6.77 -51.20
C VAL C 229 -23.01 7.97 -50.35
N PHE C 230 -21.95 8.66 -50.75
CA PHE C 230 -21.37 9.76 -49.97
C PHE C 230 -21.54 11.06 -50.74
N ASN C 231 -22.03 12.09 -50.07
CA ASN C 231 -22.22 13.39 -50.68
C ASN C 231 -21.00 14.26 -50.41
N LEU C 232 -20.37 14.74 -51.48
CA LEU C 232 -19.15 15.52 -51.34
C LEU C 232 -19.44 16.96 -50.91
N GLU C 233 -20.61 17.49 -51.28
CA GLU C 233 -20.93 18.88 -50.99
C GLU C 233 -21.00 19.13 -49.48
N THR C 234 -21.78 18.32 -48.77
CA THR C 234 -21.94 18.46 -47.33
C THR C 234 -21.02 17.56 -46.52
N LEU C 235 -20.27 16.67 -47.19
CA LEU C 235 -19.35 15.73 -46.55
C LEU C 235 -20.07 14.89 -45.50
N GLN C 236 -21.20 14.33 -45.93
CA GLN C 236 -21.94 13.39 -45.09
C GLN C 236 -22.54 12.32 -45.98
N PRO C 237 -22.50 11.05 -45.57
CA PRO C 237 -23.14 10.00 -46.37
C PRO C 237 -24.66 10.19 -46.40
N THR C 238 -25.26 9.77 -47.52
CA THR C 238 -26.70 9.92 -47.71
C THR C 238 -27.47 8.62 -47.46
N MET C 239 -27.03 7.51 -48.03
CA MET C 239 -27.73 6.24 -47.86
C MET C 239 -26.77 5.11 -48.17
N VAL C 240 -27.18 3.90 -47.80
CA VAL C 240 -26.42 2.68 -48.05
C VAL C 240 -27.24 1.81 -48.99
N ILE C 241 -26.63 1.39 -50.09
CA ILE C 241 -27.30 0.62 -51.14
C ILE C 241 -26.82 -0.83 -51.06
N GLU C 242 -27.76 -1.75 -50.89
CA GLU C 242 -27.48 -3.18 -50.95
C GLU C 242 -27.46 -3.59 -52.41
N ALA C 243 -26.31 -3.37 -53.05
CA ALA C 243 -26.22 -3.51 -54.49
C ALA C 243 -26.29 -4.96 -54.92
N HIS C 244 -25.33 -5.79 -54.50
CA HIS C 244 -25.23 -7.15 -54.97
C HIS C 244 -24.90 -8.09 -53.82
N LYS C 245 -25.06 -9.38 -54.08
CA LYS C 245 -24.68 -10.41 -53.13
C LYS C 245 -23.18 -10.63 -53.06
N GLY C 246 -22.47 -10.54 -54.19
CA GLY C 246 -21.04 -10.69 -54.23
C GLY C 246 -20.34 -9.34 -54.26
N GLU C 247 -19.01 -9.39 -54.22
CA GLU C 247 -18.20 -8.17 -54.19
C GLU C 247 -18.42 -7.34 -55.44
N ILE C 248 -18.37 -6.02 -55.27
CA ILE C 248 -18.51 -5.11 -56.39
C ILE C 248 -17.21 -5.10 -57.20
N ALA C 249 -17.35 -5.10 -58.53
CA ALA C 249 -16.19 -5.13 -59.41
C ALA C 249 -16.02 -3.86 -60.23
N ALA C 250 -17.07 -3.08 -60.47
CA ALA C 250 -16.94 -1.85 -61.25
C ALA C 250 -18.12 -0.93 -60.93
N MET C 251 -17.83 0.36 -60.91
CA MET C 251 -18.83 1.37 -60.59
C MET C 251 -18.70 2.54 -61.57
N ALA C 252 -19.85 3.13 -61.92
CA ALA C 252 -19.87 4.26 -62.84
C ALA C 252 -21.06 5.16 -62.51
N ILE C 253 -20.81 6.47 -62.56
CA ILE C 253 -21.83 7.49 -62.32
C ILE C 253 -21.99 8.34 -63.57
N SER C 254 -23.24 8.62 -63.94
CA SER C 254 -23.51 9.42 -65.12
C SER C 254 -22.94 10.83 -64.96
N PHE C 255 -22.98 11.58 -66.06
CA PHE C 255 -22.37 12.91 -66.08
C PHE C 255 -23.04 13.85 -65.10
N ASP C 256 -24.37 13.79 -65.00
CA ASP C 256 -25.12 14.69 -64.12
C ASP C 256 -25.21 14.19 -62.69
N GLY C 257 -24.64 13.03 -62.39
CA GLY C 257 -24.72 12.49 -61.04
C GLY C 257 -26.06 11.93 -60.65
N THR C 258 -26.90 11.56 -61.62
CA THR C 258 -28.23 11.07 -61.35
C THR C 258 -28.26 9.56 -61.07
N LEU C 259 -27.51 8.79 -61.85
CA LEU C 259 -27.56 7.34 -61.79
C LEU C 259 -26.20 6.78 -61.39
N MET C 260 -26.22 5.55 -60.86
CA MET C 260 -25.02 4.80 -60.55
C MET C 260 -25.19 3.36 -61.01
N ALA C 261 -24.16 2.81 -61.65
CA ALA C 261 -24.19 1.45 -62.15
C ALA C 261 -23.10 0.63 -61.47
N THR C 262 -23.43 -0.62 -61.13
CA THR C 262 -22.54 -1.49 -60.38
C THR C 262 -22.44 -2.84 -61.07
N ALA C 263 -21.31 -3.51 -60.83
CA ALA C 263 -21.07 -4.82 -61.42
C ALA C 263 -20.42 -5.73 -60.38
N SER C 264 -20.99 -6.92 -60.23
CA SER C 264 -20.47 -7.91 -59.31
C SER C 264 -19.20 -8.54 -59.89
N ASP C 265 -18.51 -9.33 -59.07
CA ASP C 265 -17.26 -9.94 -59.51
C ASP C 265 -17.47 -11.01 -60.57
N LYS C 266 -18.69 -11.54 -60.71
CA LYS C 266 -19.00 -12.51 -61.75
C LYS C 266 -19.39 -11.87 -63.07
N GLY C 267 -19.71 -10.58 -63.08
CA GLY C 267 -19.98 -9.86 -64.30
C GLY C 267 -21.19 -10.36 -65.08
N THR C 268 -22.05 -11.13 -64.44
CA THR C 268 -23.23 -11.64 -65.13
C THR C 268 -24.41 -10.68 -65.06
N ILE C 269 -24.56 -9.93 -63.97
CA ILE C 269 -25.67 -9.01 -63.81
C ILE C 269 -25.12 -7.60 -63.64
N ILE C 270 -25.63 -6.68 -64.45
CA ILE C 270 -25.31 -5.26 -64.34
C ILE C 270 -26.53 -4.56 -63.76
N ARG C 271 -26.32 -3.84 -62.66
CA ARG C 271 -27.39 -3.15 -61.98
C ARG C 271 -27.10 -1.66 -61.91
N VAL C 272 -28.11 -0.86 -62.22
CA VAL C 272 -28.01 0.60 -62.17
C VAL C 272 -29.04 1.09 -61.17
N PHE C 273 -28.61 1.97 -60.26
CA PHE C 273 -29.48 2.52 -59.24
C PHE C 273 -29.61 4.03 -59.43
N ASP C 274 -30.78 4.54 -59.06
CA ASP C 274 -31.04 5.97 -59.02
C ASP C 274 -30.56 6.51 -57.68
N ILE C 275 -29.57 7.39 -57.71
CA ILE C 275 -28.80 7.69 -56.51
C ILE C 275 -29.63 8.46 -55.49
N GLU C 276 -30.56 9.31 -55.96
CA GLU C 276 -31.32 10.13 -55.02
C GLU C 276 -32.40 9.32 -54.31
N THR C 277 -33.05 8.40 -55.04
CA THR C 277 -34.11 7.61 -54.44
C THR C 277 -33.58 6.29 -53.89
N GLY C 278 -32.60 5.70 -54.58
CA GLY C 278 -32.02 4.44 -54.17
C GLY C 278 -32.63 3.21 -54.81
N ASP C 279 -33.68 3.37 -55.62
CA ASP C 279 -34.33 2.23 -56.23
C ASP C 279 -33.56 1.75 -57.45
N LYS C 280 -33.45 0.44 -57.61
CA LYS C 280 -32.86 -0.13 -58.81
C LYS C 280 -33.80 0.07 -59.99
N ILE C 281 -33.33 0.73 -61.03
CA ILE C 281 -34.19 1.11 -62.14
C ILE C 281 -34.11 0.07 -63.24
N TYR C 282 -32.89 -0.29 -63.65
CA TYR C 282 -32.69 -1.27 -64.71
C TYR C 282 -31.73 -2.35 -64.24
N GLN C 283 -31.90 -3.54 -64.79
CA GLN C 283 -31.02 -4.68 -64.51
C GLN C 283 -30.69 -5.34 -65.84
N PHE C 284 -29.40 -5.48 -66.13
CA PHE C 284 -28.94 -6.03 -67.39
C PHE C 284 -28.21 -7.35 -67.18
N ARG C 285 -28.48 -8.29 -68.08
CA ARG C 285 -27.73 -9.54 -68.17
C ARG C 285 -26.60 -9.37 -69.18
N ARG C 286 -25.40 -9.80 -68.81
CA ARG C 286 -24.22 -9.59 -69.62
C ARG C 286 -23.65 -10.92 -70.09
N GLY C 287 -23.60 -11.11 -71.39
CA GLY C 287 -22.99 -12.30 -71.98
C GLY C 287 -23.74 -13.58 -71.74
N THR C 288 -23.02 -14.70 -71.69
CA THR C 288 -23.59 -16.01 -71.41
C THR C 288 -23.02 -16.61 -70.12
N TYR C 289 -21.70 -16.66 -69.98
CA TYR C 289 -21.08 -17.18 -68.77
C TYR C 289 -20.36 -16.06 -68.01
N ALA C 290 -20.04 -16.34 -66.75
CA ALA C 290 -19.40 -15.34 -65.90
C ALA C 290 -17.98 -15.06 -66.37
N THR C 291 -17.62 -13.78 -66.41
CA THR C 291 -16.27 -13.36 -66.75
C THR C 291 -16.02 -11.97 -66.18
N ARG C 292 -14.74 -11.62 -66.07
CA ARG C 292 -14.34 -10.38 -65.41
C ARG C 292 -14.79 -9.16 -66.21
N ILE C 293 -15.03 -8.07 -65.49
CA ILE C 293 -15.42 -6.79 -66.09
C ILE C 293 -14.32 -5.78 -65.79
N TYR C 294 -13.89 -5.05 -66.83
CA TYR C 294 -12.81 -4.09 -66.67
C TYR C 294 -13.30 -2.72 -66.22
N SER C 295 -14.29 -2.14 -66.91
CA SER C 295 -14.76 -0.81 -66.57
C SER C 295 -16.16 -0.60 -67.13
N ILE C 296 -16.87 0.36 -66.54
CA ILE C 296 -18.19 0.78 -66.99
C ILE C 296 -18.17 2.28 -67.18
N SER C 297 -18.93 2.78 -68.16
CA SER C 297 -18.99 4.21 -68.41
C SER C 297 -20.32 4.56 -69.06
N PHE C 298 -20.88 5.70 -68.68
CA PHE C 298 -22.14 6.17 -69.24
C PHE C 298 -21.89 7.02 -70.49
N SER C 299 -22.95 7.25 -71.24
CA SER C 299 -22.90 8.26 -72.28
C SER C 299 -23.06 9.65 -71.67
N GLU C 300 -22.78 10.68 -72.47
CA GLU C 300 -22.94 12.04 -71.98
C GLU C 300 -24.39 12.36 -71.66
N ASP C 301 -25.31 11.86 -72.48
CA ASP C 301 -26.74 12.09 -72.28
C ASP C 301 -27.42 10.94 -71.53
N SER C 302 -26.64 10.05 -70.92
CA SER C 302 -27.14 8.90 -70.17
C SER C 302 -28.05 8.01 -71.00
N GLN C 303 -27.85 7.95 -72.32
CA GLN C 303 -28.68 7.12 -73.17
C GLN C 303 -28.18 5.68 -73.21
N TYR C 304 -26.86 5.50 -73.19
CA TYR C 304 -26.27 4.18 -73.33
C TYR C 304 -25.23 3.96 -72.24
N LEU C 305 -24.97 2.67 -71.96
CA LEU C 305 -24.00 2.26 -70.96
C LEU C 305 -23.07 1.23 -71.59
N ALA C 306 -21.76 1.42 -71.39
CA ALA C 306 -20.76 0.60 -72.03
C ALA C 306 -19.97 -0.20 -71.00
N VAL C 307 -19.87 -1.52 -71.23
CA VAL C 307 -19.10 -2.41 -70.38
C VAL C 307 -18.13 -3.19 -71.26
N THR C 308 -16.94 -3.43 -70.74
CA THR C 308 -15.91 -4.19 -71.44
C THR C 308 -15.40 -5.30 -70.53
N GLY C 309 -15.22 -6.49 -71.09
CA GLY C 309 -14.82 -7.64 -70.30
C GLY C 309 -13.75 -8.50 -70.94
N SER C 310 -13.36 -9.58 -70.25
CA SER C 310 -12.25 -10.41 -70.68
C SER C 310 -12.57 -11.26 -71.89
N SER C 311 -13.82 -11.25 -72.34
CA SER C 311 -14.21 -11.97 -73.55
C SER C 311 -13.83 -11.24 -74.83
N LYS C 312 -13.05 -10.16 -74.72
CA LYS C 312 -12.62 -9.36 -75.85
C LYS C 312 -13.81 -8.78 -76.61
N THR C 313 -14.94 -8.61 -75.93
CA THR C 313 -16.15 -8.06 -76.52
C THR C 313 -16.69 -6.95 -75.63
N VAL C 314 -17.14 -5.87 -76.25
CA VAL C 314 -17.69 -4.70 -75.56
C VAL C 314 -19.18 -4.65 -75.84
N HIS C 315 -19.98 -4.52 -74.78
CA HIS C 315 -21.43 -4.48 -74.89
C HIS C 315 -21.94 -3.07 -74.62
N ILE C 316 -23.03 -2.72 -75.27
CA ILE C 316 -23.71 -1.45 -75.06
C ILE C 316 -25.14 -1.73 -74.60
N PHE C 317 -25.50 -1.17 -73.46
CA PHE C 317 -26.86 -1.31 -72.91
C PHE C 317 -27.58 0.02 -73.05
N LYS C 318 -28.80 -0.02 -73.59
CA LYS C 318 -29.60 1.17 -73.83
C LYS C 318 -30.40 1.50 -72.58
N LEU C 319 -30.19 2.69 -72.04
CA LEU C 319 -30.90 3.16 -70.86
C LEU C 319 -32.09 4.05 -71.21
N GLY C 320 -32.55 3.99 -72.46
CA GLY C 320 -33.68 4.81 -72.85
C GLY C 320 -35.01 4.26 -72.38
N HIS C 321 -35.00 3.06 -71.81
CA HIS C 321 -36.22 2.40 -71.36
C HIS C 321 -36.91 3.21 -70.26
N SER C 409 -31.68 -5.79 -69.36
CA SER C 409 -31.92 -7.03 -70.11
C SER C 409 -30.73 -7.39 -70.98
N ARG C 410 -31.02 -7.84 -72.20
CA ARG C 410 -29.95 -8.20 -73.13
C ARG C 410 -29.25 -6.96 -73.63
N HIS C 411 -27.96 -7.10 -73.95
CA HIS C 411 -27.19 -5.98 -74.47
C HIS C 411 -27.78 -5.49 -75.78
N PHE C 412 -27.87 -4.16 -75.92
CA PHE C 412 -28.44 -3.58 -77.12
C PHE C 412 -27.56 -3.78 -78.34
N ALA C 413 -26.27 -3.48 -78.22
CA ALA C 413 -25.34 -3.62 -79.34
C ALA C 413 -24.01 -4.11 -78.81
N SER C 414 -23.29 -4.84 -79.65
CA SER C 414 -22.04 -5.48 -79.23
C SER C 414 -20.92 -5.03 -80.15
N LEU C 415 -19.75 -4.81 -79.56
CA LEU C 415 -18.56 -4.38 -80.29
C LEU C 415 -17.58 -5.54 -80.33
N LYS C 416 -17.30 -6.04 -81.53
CA LYS C 416 -16.36 -7.14 -81.73
C LYS C 416 -15.07 -6.58 -82.32
N LEU C 417 -13.99 -6.67 -81.56
CA LEU C 417 -12.71 -6.20 -82.04
C LEU C 417 -12.19 -7.13 -83.13
N PRO C 418 -11.24 -6.66 -83.95
CA PRO C 418 -10.65 -7.54 -84.97
C PRO C 418 -10.00 -8.77 -84.36
N VAL C 419 -10.03 -9.87 -85.11
CA VAL C 419 -9.63 -11.17 -84.58
C VAL C 419 -8.16 -11.17 -84.19
N GLU C 420 -7.33 -10.43 -84.93
CA GLU C 420 -5.89 -10.47 -84.69
C GLU C 420 -5.52 -9.86 -83.34
N THR C 421 -6.45 -9.16 -82.69
CA THR C 421 -6.16 -8.53 -81.41
C THR C 421 -5.89 -9.57 -80.34
N ASN C 422 -4.92 -9.27 -79.47
CA ASN C 422 -4.63 -10.14 -78.35
C ASN C 422 -5.82 -10.22 -77.42
N SER C 423 -6.06 -11.40 -76.83
CA SER C 423 -7.18 -11.56 -75.92
C SER C 423 -6.92 -10.97 -74.54
N HIS C 424 -5.66 -10.90 -74.11
CA HIS C 424 -5.32 -10.43 -72.77
C HIS C 424 -5.02 -8.93 -72.81
N VAL C 425 -6.05 -8.14 -73.10
CA VAL C 425 -5.92 -6.70 -73.24
C VAL C 425 -6.96 -6.02 -72.36
N MET C 426 -6.52 -5.09 -71.54
CA MET C 426 -7.44 -4.20 -70.83
C MET C 426 -8.08 -3.24 -71.84
N THR C 427 -9.41 -3.20 -71.85
CA THR C 427 -10.12 -2.38 -72.82
C THR C 427 -11.07 -1.46 -72.10
N ILE C 428 -10.92 -0.16 -72.32
CA ILE C 428 -11.84 0.85 -71.83
C ILE C 428 -12.48 1.52 -73.04
N SER C 429 -13.70 2.02 -72.87
CA SER C 429 -14.43 2.60 -73.98
C SER C 429 -15.07 3.92 -73.55
N SER C 430 -15.70 4.57 -74.51
CA SER C 430 -16.45 5.80 -74.26
C SER C 430 -17.46 5.97 -75.38
N ILE C 431 -18.56 6.66 -75.07
CA ILE C 431 -19.62 6.91 -76.04
C ILE C 431 -19.75 8.41 -76.24
N GLY C 432 -19.73 8.84 -77.50
CA GLY C 432 -19.84 10.25 -77.83
C GLY C 432 -21.21 10.61 -78.38
N SER C 433 -21.43 11.91 -78.54
CA SER C 433 -22.70 12.40 -79.06
C SER C 433 -22.85 12.02 -80.53
N PRO C 434 -24.09 11.79 -80.98
CA PRO C 434 -24.29 11.40 -82.39
C PRO C 434 -23.80 12.47 -83.35
N ILE C 435 -23.23 12.03 -84.46
CA ILE C 435 -22.67 12.91 -85.48
C ILE C 435 -23.15 12.45 -86.84
N ASP C 436 -23.00 13.32 -87.83
CA ASP C 436 -23.38 13.03 -89.21
C ASP C 436 -22.22 12.38 -89.93
N ILE C 437 -22.49 11.25 -90.59
CA ILE C 437 -21.50 10.50 -91.34
C ILE C 437 -22.05 10.23 -92.73
N ASP C 438 -21.17 10.20 -93.73
CA ASP C 438 -21.59 10.05 -95.11
C ASP C 438 -21.71 8.57 -95.46
N THR C 439 -22.91 8.17 -95.92
CA THR C 439 -23.12 6.77 -96.30
C THR C 439 -22.56 6.48 -97.68
N SER C 440 -22.28 7.52 -98.47
CA SER C 440 -21.67 7.30 -99.78
C SER C 440 -20.29 6.67 -99.65
N GLU C 441 -19.50 7.14 -98.70
CA GLU C 441 -18.18 6.55 -98.46
C GLU C 441 -18.29 5.18 -97.81
N TYR C 442 -19.19 5.05 -96.82
CA TYR C 442 -19.31 3.82 -96.05
C TYR C 442 -20.59 3.09 -96.43
N PRO C 443 -20.49 1.94 -97.09
CA PRO C 443 -21.70 1.16 -97.40
C PRO C 443 -22.25 0.45 -96.17
N GLU C 444 -23.05 1.16 -95.37
CA GLU C 444 -23.55 0.60 -94.13
C GLU C 444 -24.42 -0.62 -94.37
N LEU C 445 -25.29 -0.58 -95.38
CA LEU C 445 -26.22 -1.66 -95.69
C LEU C 445 -27.11 -1.99 -94.50
N HIS C 458 -30.60 4.38 -99.20
CA HIS C 458 -29.57 4.97 -98.35
C HIS C 458 -29.45 6.47 -98.59
N GLU C 459 -29.81 7.26 -97.60
CA GLU C 459 -29.66 8.70 -97.65
C GLU C 459 -28.18 9.08 -97.58
N PRO C 460 -27.77 10.23 -98.10
CA PRO C 460 -26.34 10.57 -98.11
C PRO C 460 -25.72 10.63 -96.73
N VAL C 461 -26.45 11.09 -95.72
CA VAL C 461 -25.92 11.21 -94.36
C VAL C 461 -26.96 10.69 -93.38
N MET C 462 -26.48 10.01 -92.34
CA MET C 462 -27.31 9.53 -91.25
C MET C 462 -26.52 9.62 -89.95
N LYS C 463 -27.21 9.98 -88.87
CA LYS C 463 -26.54 10.12 -87.58
C LYS C 463 -26.19 8.75 -87.01
N MET C 464 -24.93 8.59 -86.61
CA MET C 464 -24.45 7.34 -86.02
C MET C 464 -23.58 7.68 -84.81
N VAL C 465 -23.86 7.02 -83.69
CA VAL C 465 -23.15 7.27 -82.43
C VAL C 465 -21.72 6.76 -82.54
N PRO C 466 -20.71 7.61 -82.38
CA PRO C 466 -19.33 7.13 -82.45
C PRO C 466 -18.85 6.60 -81.11
N ILE C 467 -18.13 5.49 -81.16
CA ILE C 467 -17.61 4.83 -79.97
C ILE C 467 -16.10 4.69 -80.14
N ARG C 468 -15.36 5.08 -79.11
CA ARG C 468 -13.91 4.98 -79.10
C ARG C 468 -13.49 3.95 -78.07
N VAL C 469 -12.75 2.94 -78.50
CA VAL C 469 -12.33 1.85 -77.64
C VAL C 469 -10.81 1.76 -77.70
N VAL C 470 -10.14 2.19 -76.64
CA VAL C 470 -8.69 2.11 -76.55
C VAL C 470 -8.32 0.94 -75.66
N SER C 471 -7.37 0.13 -76.09
CA SER C 471 -6.98 -1.07 -75.39
C SER C 471 -5.56 -0.93 -74.84
N SER C 472 -5.22 -1.85 -73.93
CA SER C 472 -3.94 -1.75 -73.24
C SER C 472 -2.77 -2.11 -74.14
N ASP C 473 -3.04 -2.71 -75.30
CA ASP C 473 -1.97 -2.97 -76.25
C ASP C 473 -1.51 -1.70 -76.96
N GLY C 474 -2.31 -0.64 -76.93
CA GLY C 474 -1.92 0.63 -77.50
C GLY C 474 -2.59 1.00 -78.80
N TYR C 475 -3.85 0.65 -79.00
CA TYR C 475 -4.57 0.95 -80.22
C TYR C 475 -5.92 1.56 -79.90
N LEU C 476 -6.41 2.40 -80.81
CA LEU C 476 -7.72 3.01 -80.70
C LEU C 476 -8.61 2.48 -81.82
N TYR C 477 -9.85 2.15 -81.49
CA TYR C 477 -10.81 1.61 -82.45
C TYR C 477 -12.05 2.49 -82.45
N ASN C 478 -12.49 2.88 -83.63
CA ASN C 478 -13.66 3.74 -83.80
C ASN C 478 -14.80 2.91 -84.37
N PHE C 479 -15.94 2.94 -83.69
CA PHE C 479 -17.13 2.22 -84.12
C PHE C 479 -18.28 3.20 -84.32
N VAL C 480 -19.36 2.70 -84.92
CA VAL C 480 -20.60 3.44 -85.05
C VAL C 480 -21.77 2.52 -84.74
N MET C 481 -22.76 3.05 -84.03
CA MET C 481 -23.96 2.32 -83.69
C MET C 481 -25.18 3.04 -84.25
N ASP C 482 -26.09 2.29 -84.84
CA ASP C 482 -27.35 2.86 -85.29
C ASP C 482 -28.36 2.78 -84.14
N PRO C 483 -28.83 3.91 -83.62
CA PRO C 483 -29.67 3.87 -82.41
C PRO C 483 -30.94 3.06 -82.56
N GLU C 484 -31.51 2.98 -83.76
CA GLU C 484 -32.69 2.14 -83.99
C GLU C 484 -32.33 0.70 -84.26
N ARG C 485 -31.41 0.46 -85.20
CA ARG C 485 -31.03 -0.91 -85.53
C ARG C 485 -30.22 -1.55 -84.41
N GLY C 486 -29.27 -0.82 -83.84
CA GLY C 486 -28.37 -1.42 -82.88
C GLY C 486 -27.57 -2.53 -83.52
N GLY C 487 -27.49 -3.68 -82.85
CA GLY C 487 -26.83 -4.83 -83.40
C GLY C 487 -25.32 -4.69 -83.44
N ASP C 488 -24.70 -5.62 -84.16
CA ASP C 488 -23.24 -5.59 -84.31
C ASP C 488 -22.80 -4.31 -85.02
N CYS C 489 -21.75 -3.69 -84.50
CA CYS C 489 -21.32 -2.39 -84.96
C CYS C 489 -20.15 -2.49 -85.93
N LEU C 490 -20.20 -1.66 -86.97
CA LEU C 490 -19.13 -1.57 -87.95
C LEU C 490 -17.96 -0.76 -87.38
N ILE C 491 -16.76 -1.08 -87.84
CA ILE C 491 -15.54 -0.41 -87.42
C ILE C 491 -15.06 0.44 -88.58
N LEU C 492 -14.75 1.70 -88.32
CA LEU C 492 -14.33 2.61 -89.38
C LEU C 492 -12.81 2.64 -89.52
N SER C 493 -12.09 2.93 -88.45
CA SER C 493 -10.66 3.17 -88.56
C SER C 493 -9.96 2.70 -87.29
N GLN C 494 -8.65 2.58 -87.39
CA GLN C 494 -7.79 2.19 -86.27
C GLN C 494 -6.51 3.00 -86.33
N TYR C 495 -6.22 3.74 -85.26
CA TYR C 495 -4.93 4.37 -85.11
C TYR C 495 -4.02 3.49 -84.27
N SER C 496 -2.88 4.05 -83.88
CA SER C 496 -1.95 3.38 -82.99
C SER C 496 -1.35 4.40 -82.04
N ILE C 497 -1.81 4.41 -80.80
CA ILE C 497 -1.20 5.26 -79.80
C ILE C 497 0.25 4.82 -79.58
N LEU C 498 1.09 5.77 -79.18
CA LEU C 498 2.54 5.68 -79.05
C LEU C 498 3.22 5.76 -80.42
N MET C 499 2.52 6.20 -81.45
CA MET C 499 3.09 6.31 -82.79
C MET C 499 2.37 7.37 -83.61
N SER D 5 -19.60 18.02 1.37
CA SER D 5 -20.10 17.16 0.30
C SER D 5 -19.38 17.43 -1.01
N PRO D 6 -18.60 16.45 -1.48
CA PRO D 6 -17.90 16.61 -2.76
C PRO D 6 -18.87 16.67 -3.93
N THR D 7 -18.47 17.43 -4.95
CA THR D 7 -19.26 17.54 -6.16
C THR D 7 -19.09 16.29 -7.02
N ILE D 8 -20.17 15.90 -7.69
CA ILE D 8 -20.16 14.73 -8.55
C ILE D 8 -20.27 15.19 -10.00
N ASN D 9 -19.62 14.44 -10.89
CA ASN D 9 -19.59 14.80 -12.30
C ASN D 9 -20.22 13.78 -13.22
N PHE D 10 -20.65 12.63 -12.71
CA PHE D 10 -21.12 11.57 -13.58
C PHE D 10 -21.96 10.59 -12.79
N ILE D 11 -23.13 10.25 -13.33
CA ILE D 11 -23.98 9.19 -12.80
C ILE D 11 -24.44 8.34 -13.96
N ASN D 12 -24.46 7.03 -13.77
CA ASN D 12 -24.91 6.15 -14.84
C ASN D 12 -25.28 4.78 -14.27
N PHE D 13 -26.47 4.32 -14.63
CA PHE D 13 -26.89 2.96 -14.39
C PHE D 13 -26.06 2.00 -15.24
N ASN D 14 -26.13 0.71 -14.89
CA ASN D 14 -25.54 -0.28 -15.76
C ASN D 14 -26.51 -0.61 -16.90
N GLN D 15 -26.14 -1.61 -17.71
CA GLN D 15 -26.96 -1.96 -18.85
C GLN D 15 -28.25 -2.67 -18.45
N THR D 16 -28.40 -3.04 -17.18
CA THR D 16 -29.62 -3.67 -16.69
C THR D 16 -30.41 -2.78 -15.74
N GLY D 17 -29.80 -1.74 -15.17
CA GLY D 17 -30.50 -0.87 -14.26
C GLY D 17 -30.58 -1.37 -12.83
N THR D 18 -29.90 -2.45 -12.50
CA THR D 18 -29.91 -2.98 -11.14
C THR D 18 -28.75 -2.48 -10.29
N CYS D 19 -27.88 -1.65 -10.84
CA CYS D 19 -26.75 -1.11 -10.10
C CYS D 19 -26.62 0.38 -10.40
N ILE D 20 -25.64 1.01 -9.77
CA ILE D 20 -25.38 2.44 -9.91
C ILE D 20 -23.88 2.64 -10.01
N SER D 21 -23.46 3.53 -10.92
CA SER D 21 -22.09 4.04 -10.95
C SER D 21 -22.13 5.54 -10.75
N LEU D 22 -21.03 6.09 -10.23
CA LEU D 22 -20.99 7.52 -9.95
C LEU D 22 -19.53 7.97 -9.90
N GLY D 23 -19.31 9.24 -10.26
CA GLY D 23 -17.98 9.81 -10.21
C GLY D 23 -17.96 11.19 -9.60
N THR D 24 -17.13 11.38 -8.58
CA THR D 24 -17.01 12.65 -7.88
C THR D 24 -15.75 13.37 -8.35
N SER D 25 -15.45 14.50 -7.71
CA SER D 25 -14.18 15.18 -7.95
C SER D 25 -13.08 14.62 -7.06
N LYS D 26 -13.42 13.75 -6.10
CA LYS D 26 -12.45 13.11 -5.23
C LYS D 26 -12.33 11.62 -5.46
N GLY D 27 -13.23 11.02 -6.23
CA GLY D 27 -13.18 9.59 -6.45
C GLY D 27 -14.45 9.12 -7.14
N PHE D 28 -14.65 7.81 -7.13
CA PHE D 28 -15.85 7.22 -7.71
C PHE D 28 -16.45 6.23 -6.74
N LYS D 29 -17.73 5.94 -6.94
CA LYS D 29 -18.47 5.03 -6.07
C LYS D 29 -19.28 4.07 -6.93
N ILE D 30 -19.58 2.90 -6.36
CA ILE D 30 -20.42 1.92 -7.03
C ILE D 30 -21.46 1.45 -6.02
N PHE D 31 -22.73 1.63 -6.33
CA PHE D 31 -23.81 1.28 -5.43
C PHE D 31 -24.52 0.03 -5.93
N ASN D 32 -25.61 -0.33 -5.25
CA ASN D 32 -26.51 -1.39 -5.68
C ASN D 32 -27.92 -0.91 -5.42
N CYS D 33 -28.92 -1.57 -6.02
CA CYS D 33 -30.25 -0.98 -6.05
C CYS D 33 -31.25 -1.68 -5.13
N GLU D 34 -31.47 -2.98 -5.32
CA GLU D 34 -32.50 -3.66 -4.52
C GLU D 34 -32.03 -3.94 -3.10
N PRO D 35 -30.92 -4.64 -2.85
CA PRO D 35 -30.32 -4.61 -1.51
C PRO D 35 -29.34 -3.46 -1.40
N PHE D 36 -29.85 -2.25 -1.21
CA PHE D 36 -29.03 -1.04 -1.38
C PHE D 36 -27.79 -1.08 -0.51
N GLY D 37 -26.66 -0.71 -1.09
CA GLY D 37 -25.41 -0.68 -0.37
C GLY D 37 -24.30 -0.15 -1.25
N LYS D 38 -23.21 0.25 -0.59
CA LYS D 38 -22.05 0.81 -1.29
C LYS D 38 -21.09 -0.33 -1.61
N PHE D 39 -21.19 -0.83 -2.84
CA PHE D 39 -20.43 -2.00 -3.25
C PHE D 39 -18.93 -1.72 -3.32
N TYR D 40 -18.54 -0.54 -3.80
CA TYR D 40 -17.13 -0.23 -3.98
C TYR D 40 -16.93 1.28 -3.94
N SER D 41 -15.68 1.68 -3.72
CA SER D 41 -15.31 3.09 -3.72
C SER D 41 -13.79 3.19 -3.81
N GLU D 42 -13.32 4.34 -4.29
CA GLU D 42 -11.89 4.62 -4.33
C GLU D 42 -11.71 6.12 -4.47
N ASP D 43 -11.06 6.73 -3.47
CA ASP D 43 -10.87 8.18 -3.44
C ASP D 43 -9.47 8.53 -3.95
N SER D 44 -9.29 8.38 -5.25
CA SER D 44 -8.02 8.73 -5.89
C SER D 44 -8.01 10.16 -6.41
N GLY D 45 -8.99 10.50 -7.25
CA GLY D 45 -9.05 11.84 -7.80
C GLY D 45 -10.35 12.05 -8.55
N GLY D 46 -10.37 13.11 -9.34
CA GLY D 46 -11.56 13.41 -10.11
C GLY D 46 -11.77 12.42 -11.23
N TYR D 47 -13.01 11.97 -11.38
CA TYR D 47 -13.39 11.05 -12.45
C TYR D 47 -14.59 11.61 -13.19
N ALA D 48 -14.54 11.52 -14.53
CA ALA D 48 -15.60 12.06 -15.38
C ALA D 48 -16.45 10.98 -16.02
N ILE D 49 -15.89 9.80 -16.29
CA ILE D 49 -16.66 8.72 -16.89
C ILE D 49 -16.40 7.43 -16.12
N VAL D 50 -17.47 6.84 -15.58
CA VAL D 50 -17.40 5.57 -14.87
C VAL D 50 -18.44 4.65 -15.48
N GLU D 51 -17.99 3.75 -16.34
CA GLU D 51 -18.87 2.83 -17.07
C GLU D 51 -18.49 1.41 -16.72
N MET D 52 -19.48 0.56 -16.46
CA MET D 52 -19.26 -0.81 -16.05
C MET D 52 -20.15 -1.76 -16.87
N LEU D 53 -19.69 -2.99 -17.01
CA LEU D 53 -20.42 -4.01 -17.74
C LEU D 53 -21.52 -4.60 -16.85
N PHE D 54 -22.10 -5.71 -17.28
CA PHE D 54 -23.14 -6.36 -16.51
C PHE D 54 -22.53 -6.99 -15.26
N SER D 55 -22.38 -6.17 -14.21
CA SER D 55 -21.62 -6.55 -13.02
C SER D 55 -20.23 -6.97 -13.50
N THR D 56 -19.80 -8.21 -13.27
CA THR D 56 -18.57 -8.83 -13.78
C THR D 56 -17.31 -8.07 -13.37
N SER D 57 -17.39 -7.12 -12.43
CA SER D 57 -16.21 -6.46 -11.89
C SER D 57 -15.34 -5.82 -12.97
N LEU D 58 -15.97 -5.22 -13.97
CA LEU D 58 -15.27 -4.56 -15.06
C LEU D 58 -15.67 -3.09 -15.08
N LEU D 59 -14.67 -2.21 -15.22
CA LEU D 59 -14.90 -0.77 -15.13
C LEU D 59 -14.13 -0.05 -16.23
N ALA D 60 -14.63 1.12 -16.61
CA ALA D 60 -13.94 2.03 -17.51
C ALA D 60 -13.86 3.40 -16.83
N LEU D 61 -12.63 3.88 -16.64
CA LEU D 61 -12.38 5.08 -15.85
C LEU D 61 -11.75 6.15 -16.72
N VAL D 62 -12.34 7.34 -16.73
CA VAL D 62 -11.78 8.51 -17.41
C VAL D 62 -11.57 9.59 -16.37
N GLY D 63 -10.33 10.05 -16.22
CA GLY D 63 -10.05 11.12 -15.27
C GLY D 63 -10.65 12.44 -15.70
N ILE D 64 -10.86 13.31 -14.71
CA ILE D 64 -11.43 14.62 -15.00
C ILE D 64 -10.43 15.47 -15.77
N GLY D 65 -9.14 15.23 -15.58
CA GLY D 65 -8.12 15.98 -16.27
C GLY D 65 -7.07 16.58 -15.34
N LEU D 70 -4.04 10.69 -14.60
CA LEU D 70 -5.14 10.18 -15.41
C LEU D 70 -5.94 11.32 -16.02
N SER D 71 -5.52 11.76 -17.20
CA SER D 71 -6.20 12.86 -17.88
C SER D 71 -7.48 12.37 -18.55
N ALA D 72 -8.27 13.32 -19.04
CA ALA D 72 -9.50 12.97 -19.75
C ALA D 72 -9.20 12.20 -21.02
N ALA D 73 -8.02 12.43 -21.62
CA ALA D 73 -7.65 11.69 -22.82
C ALA D 73 -7.45 10.21 -22.50
N ARG D 74 -6.80 9.89 -21.39
CA ARG D 74 -6.50 8.50 -21.07
C ARG D 74 -7.73 7.77 -20.55
N LEU D 75 -7.89 6.54 -21.00
CA LEU D 75 -8.93 5.65 -20.50
C LEU D 75 -8.28 4.45 -19.84
N ARG D 76 -8.72 4.12 -18.62
CA ARG D 76 -8.14 3.04 -17.83
C ARG D 76 -9.25 2.07 -17.46
N ILE D 77 -9.00 0.78 -17.65
CA ILE D 77 -9.94 -0.27 -17.31
C ILE D 77 -9.41 -1.00 -16.08
N ILE D 78 -10.22 -1.01 -15.02
CA ILE D 78 -9.82 -1.57 -13.73
C ILE D 78 -10.81 -2.64 -13.32
N ASN D 79 -10.27 -3.77 -12.87
CA ASN D 79 -11.06 -4.86 -12.31
C ASN D 79 -11.10 -4.66 -10.80
N THR D 80 -12.28 -4.30 -10.27
CA THR D 80 -12.38 -3.94 -8.86
C THR D 80 -12.21 -5.14 -7.95
N LYS D 81 -12.61 -6.34 -8.37
CA LYS D 81 -12.42 -7.52 -7.53
C LYS D 81 -10.96 -7.93 -7.45
N LYS D 82 -10.23 -7.87 -8.56
CA LYS D 82 -8.81 -8.16 -8.58
C LYS D 82 -7.95 -6.98 -8.16
N HIS D 83 -8.52 -5.77 -8.15
CA HIS D 83 -7.80 -4.55 -7.79
C HIS D 83 -6.60 -4.31 -8.70
N SER D 84 -6.65 -4.80 -9.93
CA SER D 84 -5.58 -4.65 -10.90
C SER D 84 -6.07 -3.84 -12.11
N ILE D 85 -5.14 -3.55 -13.01
CA ILE D 85 -5.41 -2.76 -14.20
C ILE D 85 -5.27 -3.67 -15.40
N ILE D 86 -6.36 -3.83 -16.16
CA ILE D 86 -6.31 -4.68 -17.35
C ILE D 86 -5.44 -4.04 -18.42
N CYS D 87 -5.67 -2.75 -18.70
CA CYS D 87 -4.94 -2.06 -19.76
C CYS D 87 -5.17 -0.57 -19.61
N GLU D 88 -4.30 0.20 -20.28
CA GLU D 88 -4.44 1.66 -20.34
C GLU D 88 -4.23 2.10 -21.78
N VAL D 89 -5.18 2.87 -22.30
CA VAL D 89 -5.13 3.37 -23.66
C VAL D 89 -5.30 4.88 -23.65
N THR D 90 -4.46 5.56 -24.43
CA THR D 90 -4.49 7.01 -24.53
C THR D 90 -5.12 7.42 -25.85
N PHE D 91 -5.62 8.65 -25.89
CA PHE D 91 -6.30 9.19 -27.06
C PHE D 91 -5.82 10.61 -27.31
N PRO D 92 -5.79 11.05 -28.57
CA PRO D 92 -5.28 12.40 -28.86
C PRO D 92 -6.10 13.51 -28.22
N THR D 93 -7.41 13.34 -28.08
CA THR D 93 -8.28 14.37 -27.54
C THR D 93 -9.06 13.81 -26.36
N SER D 94 -9.78 14.71 -25.68
CA SER D 94 -10.54 14.32 -24.50
C SER D 94 -11.70 13.40 -24.89
N ILE D 95 -11.95 12.41 -24.04
CA ILE D 95 -13.02 11.45 -24.30
C ILE D 95 -14.35 12.09 -23.96
N LEU D 96 -15.36 11.85 -24.81
CA LEU D 96 -16.69 12.39 -24.56
C LEU D 96 -17.70 11.34 -24.13
N SER D 97 -17.46 10.07 -24.43
CA SER D 97 -18.36 9.01 -24.01
C SER D 97 -17.66 7.66 -24.14
N VAL D 98 -18.04 6.74 -23.27
CA VAL D 98 -17.58 5.36 -23.33
C VAL D 98 -18.76 4.46 -23.01
N LYS D 99 -19.04 3.49 -23.89
CA LYS D 99 -20.12 2.54 -23.66
C LYS D 99 -19.60 1.15 -23.97
N MET D 100 -20.26 0.15 -23.38
CA MET D 100 -19.75 -1.21 -23.45
C MET D 100 -20.89 -2.20 -23.54
N ASN D 101 -20.60 -3.33 -24.16
CA ASN D 101 -21.38 -4.56 -24.04
C ASN D 101 -20.39 -5.70 -23.85
N LYS D 102 -20.91 -6.92 -23.69
CA LYS D 102 -20.04 -8.05 -23.43
C LYS D 102 -19.29 -8.52 -24.68
N SER D 103 -19.32 -7.74 -25.76
CA SER D 103 -18.60 -8.05 -26.98
C SER D 103 -17.66 -6.94 -27.45
N ARG D 104 -18.06 -5.68 -27.32
CA ARG D 104 -17.28 -4.58 -27.87
C ARG D 104 -17.17 -3.46 -26.84
N LEU D 105 -16.07 -2.69 -26.96
CA LEU D 105 -15.85 -1.48 -26.19
C LEU D 105 -15.62 -0.33 -27.15
N VAL D 106 -16.38 0.75 -26.97
CA VAL D 106 -16.33 1.89 -27.89
C VAL D 106 -15.98 3.14 -27.11
N VAL D 107 -15.00 3.89 -27.60
CA VAL D 107 -14.58 5.16 -27.05
C VAL D 107 -14.82 6.22 -28.10
N LEU D 108 -15.51 7.30 -27.71
CA LEU D 108 -15.89 8.35 -28.65
C LEU D 108 -15.19 9.65 -28.29
N LEU D 109 -14.53 10.25 -29.27
CA LEU D 109 -14.01 11.59 -29.18
C LEU D 109 -14.90 12.53 -30.00
N GLN D 110 -14.56 13.82 -29.99
CA GLN D 110 -15.46 14.82 -30.55
C GLN D 110 -15.72 14.60 -32.03
N GLU D 111 -14.76 14.04 -32.75
CA GLU D 111 -14.90 13.80 -34.19
C GLU D 111 -14.51 12.40 -34.61
N GLN D 112 -14.23 11.49 -33.67
CA GLN D 112 -13.77 10.16 -34.02
C GLN D 112 -14.48 9.13 -33.15
N ILE D 113 -14.59 7.92 -33.65
CA ILE D 113 -15.13 6.79 -32.92
C ILE D 113 -14.11 5.66 -32.96
N TYR D 114 -13.77 5.12 -31.81
CA TYR D 114 -12.87 3.98 -31.69
C TYR D 114 -13.65 2.78 -31.18
N ILE D 115 -13.46 1.63 -31.81
CA ILE D 115 -14.16 0.41 -31.42
C ILE D 115 -13.12 -0.65 -31.09
N TYR D 116 -13.26 -1.26 -29.91
CA TYR D 116 -12.37 -2.30 -29.45
C TYR D 116 -13.17 -3.55 -29.14
N ASP D 117 -12.49 -4.70 -29.23
CA ASP D 117 -13.08 -5.96 -28.78
C ASP D 117 -12.85 -6.07 -27.28
N ILE D 118 -13.91 -6.34 -26.51
CA ILE D 118 -13.80 -6.31 -25.06
C ILE D 118 -12.87 -7.40 -24.55
N ASN D 119 -12.85 -8.55 -25.21
CA ASN D 119 -12.02 -9.67 -24.74
C ASN D 119 -10.55 -9.44 -25.09
N THR D 120 -10.24 -9.32 -26.38
CA THR D 120 -8.86 -9.25 -26.81
C THR D 120 -8.24 -7.89 -26.50
N MET D 121 -9.06 -6.84 -26.50
CA MET D 121 -8.67 -5.44 -26.26
C MET D 121 -7.79 -4.90 -27.38
N ARG D 122 -7.81 -5.50 -28.56
CA ARG D 122 -7.12 -4.92 -29.70
C ARG D 122 -8.06 -4.02 -30.50
N LEU D 123 -7.49 -2.99 -31.12
CA LEU D 123 -8.28 -2.08 -31.93
C LEU D 123 -8.84 -2.79 -33.15
N LEU D 124 -10.10 -2.50 -33.49
CA LEU D 124 -10.76 -3.13 -34.63
C LEU D 124 -11.12 -2.15 -35.73
N HIS D 125 -11.86 -1.09 -35.42
CA HIS D 125 -12.37 -0.20 -36.45
C HIS D 125 -12.37 1.23 -35.91
N THR D 126 -12.28 2.18 -36.83
CA THR D 126 -12.29 3.60 -36.49
C THR D 126 -13.22 4.30 -37.47
N ILE D 127 -14.09 5.15 -36.95
CA ILE D 127 -15.04 5.90 -37.76
C ILE D 127 -14.69 7.39 -37.66
N GLU D 128 -14.49 8.03 -38.80
CA GLU D 128 -14.30 9.48 -38.85
C GLU D 128 -15.67 10.12 -39.05
N THR D 129 -16.19 10.72 -38.00
CA THR D 129 -17.51 11.33 -38.03
C THR D 129 -17.40 12.85 -37.96
N ASN D 130 -18.47 13.51 -38.39
CA ASN D 130 -18.56 14.94 -38.26
C ASN D 130 -18.63 15.33 -36.78
N PRO D 131 -18.18 16.54 -36.43
CA PRO D 131 -18.04 16.89 -35.00
C PRO D 131 -19.29 16.69 -34.17
N ASN D 132 -19.13 16.06 -33.01
CA ASN D 132 -20.20 15.85 -32.04
C ASN D 132 -19.77 16.38 -30.68
N PRO D 133 -19.99 17.67 -30.43
CA PRO D 133 -19.61 18.24 -29.13
C PRO D 133 -20.42 17.70 -27.96
N ARG D 134 -21.58 17.08 -28.22
CA ARG D 134 -22.45 16.59 -27.16
C ARG D 134 -22.14 15.15 -26.75
N GLY D 135 -21.28 14.45 -27.48
CA GLY D 135 -20.93 13.09 -27.12
C GLY D 135 -22.10 12.13 -27.09
N LEU D 136 -22.92 12.15 -28.14
CA LEU D 136 -24.14 11.36 -28.19
C LEU D 136 -23.86 9.99 -28.79
N MET D 137 -24.38 8.94 -28.14
CA MET D 137 -24.21 7.57 -28.60
C MET D 137 -25.41 6.76 -28.15
N ALA D 138 -25.46 5.52 -28.65
CA ALA D 138 -26.40 4.52 -28.18
C ALA D 138 -25.94 3.16 -28.66
N MET D 139 -25.79 2.22 -27.74
CA MET D 139 -25.31 0.89 -28.06
C MET D 139 -26.30 -0.16 -27.59
N SER D 140 -26.64 -1.09 -28.46
CA SER D 140 -27.41 -2.25 -28.04
C SER D 140 -26.55 -3.12 -27.15
N PRO D 141 -27.00 -3.46 -25.94
CA PRO D 141 -26.16 -4.21 -25.01
C PRO D 141 -26.08 -5.70 -25.27
N SER D 142 -26.87 -6.24 -26.20
CA SER D 142 -26.90 -7.66 -26.48
C SER D 142 -26.00 -7.95 -27.68
N VAL D 143 -25.32 -9.11 -27.63
CA VAL D 143 -24.42 -9.48 -28.72
C VAL D 143 -25.19 -9.92 -29.95
N ALA D 144 -26.43 -10.38 -29.77
CA ALA D 144 -27.21 -10.87 -30.92
C ALA D 144 -27.54 -9.74 -31.88
N ASN D 145 -27.77 -8.54 -31.37
CA ASN D 145 -28.16 -7.41 -32.20
C ASN D 145 -27.25 -6.21 -31.95
N SER D 146 -25.95 -6.43 -31.97
CA SER D 146 -24.97 -5.40 -31.59
C SER D 146 -24.99 -4.29 -32.63
N TYR D 147 -25.66 -3.20 -32.30
CA TYR D 147 -25.77 -2.04 -33.18
C TYR D 147 -25.32 -0.78 -32.44
N LEU D 148 -24.54 0.05 -33.12
CA LEU D 148 -24.11 1.34 -32.60
C LEU D 148 -24.60 2.43 -33.54
N VAL D 149 -25.19 3.48 -32.97
CA VAL D 149 -25.72 4.59 -33.75
C VAL D 149 -25.10 5.90 -33.26
N TYR D 150 -24.70 6.74 -34.20
CA TYR D 150 -24.11 8.04 -33.88
C TYR D 150 -24.67 9.06 -34.86
N PRO D 151 -24.76 10.33 -34.46
CA PRO D 151 -25.31 11.34 -35.37
C PRO D 151 -24.32 11.73 -36.46
N SER D 152 -24.85 12.17 -37.59
CA SER D 152 -24.05 12.59 -38.74
C SER D 152 -24.52 13.96 -39.19
N PRO D 153 -24.00 15.02 -38.58
CA PRO D 153 -24.37 16.37 -38.99
C PRO D 153 -23.59 16.80 -40.21
N PRO D 154 -24.14 17.68 -41.04
CA PRO D 154 -23.37 18.23 -42.16
C PRO D 154 -22.20 19.06 -41.68
N LYS D 155 -21.13 19.04 -42.46
CA LYS D 155 -19.94 19.82 -42.15
C LYS D 155 -20.04 21.18 -42.83
N VAL D 156 -19.89 22.24 -42.05
CA VAL D 156 -19.99 23.60 -42.57
C VAL D 156 -18.61 24.11 -42.98
N ILE D 222 -33.58 19.92 -43.93
CA ILE D 222 -32.35 20.70 -43.88
C ILE D 222 -31.18 19.73 -43.77
N LYS D 223 -31.50 18.48 -43.42
CA LYS D 223 -30.51 17.40 -43.35
C LYS D 223 -29.47 17.65 -42.27
N ASN D 224 -29.93 17.92 -41.05
CA ASN D 224 -29.08 18.03 -39.87
C ASN D 224 -29.16 16.80 -38.97
N GLY D 225 -30.36 16.27 -38.77
CA GLY D 225 -30.54 15.14 -37.88
C GLY D 225 -30.36 13.80 -38.56
N ASP D 226 -29.21 13.59 -39.19
CA ASP D 226 -28.89 12.29 -39.77
C ASP D 226 -28.12 11.44 -38.76
N VAL D 227 -28.58 10.21 -38.60
CA VAL D 227 -27.98 9.25 -37.68
C VAL D 227 -27.53 8.02 -38.47
N ILE D 228 -26.27 7.62 -38.26
CA ILE D 228 -25.68 6.50 -38.96
C ILE D 228 -25.84 5.25 -38.11
N VAL D 229 -26.53 4.25 -38.66
CA VAL D 229 -26.72 2.97 -37.98
C VAL D 229 -25.56 2.06 -38.35
N PHE D 230 -24.72 1.77 -37.36
CA PHE D 230 -23.48 1.02 -37.57
C PHE D 230 -23.58 -0.32 -36.87
N ASN D 231 -23.33 -1.39 -37.61
CA ASN D 231 -23.34 -2.73 -37.06
C ASN D 231 -21.94 -3.07 -36.54
N LEU D 232 -21.84 -3.34 -35.24
CA LEU D 232 -20.55 -3.60 -34.64
C LEU D 232 -20.04 -5.00 -34.96
N GLU D 233 -20.94 -5.94 -35.21
CA GLU D 233 -20.54 -7.32 -35.47
C GLU D 233 -19.68 -7.42 -36.73
N THR D 234 -20.16 -6.88 -37.84
CA THR D 234 -19.45 -6.92 -39.11
C THR D 234 -18.63 -5.67 -39.38
N LEU D 235 -18.74 -4.65 -38.52
CA LEU D 235 -18.01 -3.38 -38.67
C LEU D 235 -18.28 -2.74 -40.03
N GLN D 236 -19.58 -2.59 -40.33
CA GLN D 236 -20.00 -1.91 -41.54
C GLN D 236 -21.30 -1.19 -41.25
N PRO D 237 -21.50 0.02 -41.79
CA PRO D 237 -22.80 0.68 -41.62
C PRO D 237 -23.90 -0.09 -42.33
N THR D 238 -25.09 -0.04 -41.75
CA THR D 238 -26.24 -0.76 -42.29
C THR D 238 -27.22 0.13 -43.03
N MET D 239 -27.50 1.32 -42.51
CA MET D 239 -28.42 2.25 -43.16
C MET D 239 -28.16 3.64 -42.60
N VAL D 240 -28.84 4.63 -43.19
CA VAL D 240 -28.81 6.00 -42.72
C VAL D 240 -30.24 6.41 -42.38
N ILE D 241 -30.43 6.93 -41.17
CA ILE D 241 -31.76 7.29 -40.68
C ILE D 241 -31.91 8.80 -40.73
N GLU D 242 -32.96 9.25 -41.42
CA GLU D 242 -33.31 10.67 -41.50
C GLU D 242 -34.18 10.99 -40.28
N ALA D 243 -33.51 11.17 -39.14
CA ALA D 243 -34.23 11.23 -37.87
C ALA D 243 -35.06 12.50 -37.76
N HIS D 244 -34.41 13.66 -37.74
CA HIS D 244 -35.09 14.91 -37.47
C HIS D 244 -34.52 16.03 -38.33
N LYS D 245 -35.25 17.14 -38.37
CA LYS D 245 -34.79 18.34 -39.06
C LYS D 245 -33.66 19.05 -38.32
N GLY D 246 -33.73 19.11 -36.98
CA GLY D 246 -32.73 19.78 -36.19
C GLY D 246 -31.73 18.79 -35.60
N GLU D 247 -30.72 19.34 -34.92
CA GLU D 247 -29.67 18.52 -34.35
C GLU D 247 -30.23 17.56 -33.31
N ILE D 248 -29.67 16.35 -33.27
CA ILE D 248 -30.08 15.36 -32.29
C ILE D 248 -29.54 15.73 -30.92
N ALA D 249 -30.39 15.60 -29.90
CA ALA D 249 -30.00 15.92 -28.54
C ALA D 249 -29.89 14.72 -27.63
N ALA D 250 -30.60 13.63 -27.90
CA ALA D 250 -30.55 12.45 -27.05
C ALA D 250 -30.98 11.24 -27.86
N MET D 251 -30.43 10.08 -27.50
CA MET D 251 -30.69 8.85 -28.25
C MET D 251 -30.40 7.65 -27.37
N ALA D 252 -31.19 6.60 -27.55
CA ALA D 252 -31.04 5.37 -26.76
C ALA D 252 -31.55 4.18 -27.57
N ILE D 253 -31.07 2.99 -27.18
CA ILE D 253 -31.41 1.73 -27.84
C ILE D 253 -31.93 0.76 -26.79
N SER D 254 -32.97 0.01 -27.15
CA SER D 254 -33.55 -0.95 -26.23
C SER D 254 -32.56 -2.06 -25.88
N PHE D 255 -32.93 -2.88 -24.90
CA PHE D 255 -32.02 -3.90 -24.41
C PHE D 255 -31.71 -4.96 -25.46
N ASP D 256 -32.71 -5.38 -26.23
CA ASP D 256 -32.52 -6.40 -27.25
C ASP D 256 -32.01 -5.84 -28.56
N GLY D 257 -31.83 -4.53 -28.67
CA GLY D 257 -31.36 -3.94 -29.91
C GLY D 257 -32.38 -3.88 -31.02
N THR D 258 -33.66 -3.96 -30.70
CA THR D 258 -34.70 -3.95 -31.71
C THR D 258 -35.12 -2.54 -32.11
N LEU D 259 -35.25 -1.65 -31.12
CA LEU D 259 -35.80 -0.32 -31.35
C LEU D 259 -34.74 0.75 -31.14
N MET D 260 -35.12 1.99 -31.45
CA MET D 260 -34.28 3.17 -31.30
C MET D 260 -35.17 4.37 -31.02
N ALA D 261 -34.69 5.29 -30.20
CA ALA D 261 -35.41 6.52 -29.89
C ALA D 261 -34.47 7.71 -29.91
N THR D 262 -34.93 8.82 -30.48
CA THR D 262 -34.14 10.03 -30.59
C THR D 262 -35.02 11.25 -30.32
N ALA D 263 -34.37 12.38 -30.07
CA ALA D 263 -35.07 13.64 -29.87
C ALA D 263 -34.15 14.80 -30.24
N SER D 264 -34.73 15.78 -30.92
CA SER D 264 -34.00 16.96 -31.36
C SER D 264 -33.66 17.85 -30.18
N ASP D 265 -32.94 18.94 -30.44
CA ASP D 265 -32.56 19.85 -29.37
C ASP D 265 -33.74 20.65 -28.84
N LYS D 266 -34.87 20.68 -29.55
CA LYS D 266 -36.08 21.30 -29.04
C LYS D 266 -36.79 20.45 -28.00
N GLY D 267 -36.61 19.13 -28.04
CA GLY D 267 -37.20 18.26 -27.04
C GLY D 267 -38.71 18.18 -27.11
N THR D 268 -39.30 18.68 -28.20
CA THR D 268 -40.74 18.70 -28.32
C THR D 268 -41.31 17.41 -28.89
N ILE D 269 -40.60 16.74 -29.78
CA ILE D 269 -41.09 15.54 -30.45
C ILE D 269 -40.11 14.40 -30.20
N ILE D 270 -40.63 13.27 -29.73
CA ILE D 270 -39.86 12.05 -29.54
C ILE D 270 -40.22 11.10 -30.66
N ARG D 271 -39.21 10.56 -31.33
CA ARG D 271 -39.40 9.67 -32.46
C ARG D 271 -38.71 8.34 -32.20
N VAL D 272 -39.39 7.25 -32.55
CA VAL D 272 -38.89 5.90 -32.35
C VAL D 272 -38.78 5.22 -33.70
N PHE D 273 -37.57 4.77 -34.04
CA PHE D 273 -37.32 4.05 -35.27
C PHE D 273 -36.90 2.62 -34.97
N ASP D 274 -37.40 1.70 -35.79
CA ASP D 274 -37.03 0.30 -35.71
C ASP D 274 -35.72 0.10 -36.46
N ILE D 275 -34.68 -0.30 -35.74
CA ILE D 275 -33.31 -0.19 -36.26
C ILE D 275 -33.07 -1.17 -37.41
N GLU D 276 -33.76 -2.31 -37.40
CA GLU D 276 -33.48 -3.34 -38.40
C GLU D 276 -34.09 -2.96 -39.75
N THR D 277 -35.29 -2.36 -39.75
CA THR D 277 -35.94 -1.99 -41.00
C THR D 277 -35.74 -0.51 -41.30
N GLY D 278 -35.72 0.32 -40.27
CA GLY D 278 -35.59 1.76 -40.44
C GLY D 278 -36.88 2.53 -40.37
N ASP D 279 -38.02 1.86 -40.21
CA ASP D 279 -39.30 2.55 -40.17
C ASP D 279 -39.50 3.24 -38.83
N LYS D 280 -40.07 4.44 -38.87
CA LYS D 280 -40.45 5.14 -37.65
C LYS D 280 -41.71 4.50 -37.08
N ILE D 281 -41.62 3.97 -35.87
CA ILE D 281 -42.74 3.22 -35.29
C ILE D 281 -43.63 4.13 -34.47
N TYR D 282 -43.03 4.94 -33.59
CA TYR D 282 -43.78 5.80 -32.70
C TYR D 282 -43.24 7.22 -32.75
N GLN D 283 -44.15 8.18 -32.58
CA GLN D 283 -43.80 9.59 -32.50
C GLN D 283 -44.55 10.21 -31.34
N PHE D 284 -43.82 10.60 -30.29
CA PHE D 284 -44.41 11.14 -29.08
C PHE D 284 -44.16 12.64 -28.99
N ARG D 285 -45.18 13.36 -28.51
CA ARG D 285 -45.05 14.76 -28.16
C ARG D 285 -44.67 14.88 -26.69
N ARG D 286 -43.63 15.67 -26.42
CA ARG D 286 -43.15 15.87 -25.05
C ARG D 286 -43.34 17.33 -24.65
N GLY D 287 -44.12 17.55 -23.60
CA GLY D 287 -44.32 18.89 -23.10
C GLY D 287 -45.10 19.78 -24.05
N THR D 288 -45.06 21.08 -23.80
CA THR D 288 -45.72 22.06 -24.66
C THR D 288 -44.72 22.98 -25.34
N TYR D 289 -43.83 23.62 -24.58
CA TYR D 289 -42.81 24.48 -25.16
C TYR D 289 -41.49 23.74 -25.23
N ALA D 290 -40.61 24.23 -26.09
CA ALA D 290 -39.33 23.59 -26.30
C ALA D 290 -38.45 23.74 -25.07
N THR D 291 -37.90 22.62 -24.60
CA THR D 291 -37.00 22.61 -23.47
C THR D 291 -36.02 21.45 -23.63
N ARG D 292 -34.87 21.57 -22.96
CA ARG D 292 -33.78 20.62 -23.17
C ARG D 292 -34.16 19.25 -22.64
N ILE D 293 -33.57 18.22 -23.25
CA ILE D 293 -33.72 16.84 -22.82
C ILE D 293 -32.36 16.33 -22.35
N TYR D 294 -32.32 15.76 -21.15
CA TYR D 294 -31.07 15.33 -20.54
C TYR D 294 -30.66 13.93 -20.95
N SER D 295 -31.59 12.97 -20.93
CA SER D 295 -31.27 11.61 -21.31
C SER D 295 -32.55 10.85 -21.64
N ILE D 296 -32.39 9.76 -22.38
CA ILE D 296 -33.48 8.85 -22.71
C ILE D 296 -33.04 7.43 -22.35
N SER D 297 -33.96 6.65 -21.82
CA SER D 297 -33.65 5.27 -21.43
C SER D 297 -34.87 4.39 -21.66
N PHE D 298 -34.65 3.20 -22.19
CA PHE D 298 -35.72 2.24 -22.40
C PHE D 298 -35.97 1.43 -21.15
N SER D 299 -37.16 0.86 -21.05
CA SER D 299 -37.40 -0.18 -20.07
C SER D 299 -36.70 -1.46 -20.50
N GLU D 300 -36.42 -2.33 -19.52
CA GLU D 300 -35.74 -3.57 -19.82
C GLU D 300 -36.58 -4.46 -20.73
N ASP D 301 -37.89 -4.48 -20.51
CA ASP D 301 -38.81 -5.24 -21.34
C ASP D 301 -39.33 -4.46 -22.54
N SER D 302 -38.73 -3.31 -22.84
CA SER D 302 -39.11 -2.45 -23.96
C SER D 302 -40.56 -2.01 -23.89
N GLN D 303 -41.13 -1.91 -22.69
CA GLN D 303 -42.53 -1.53 -22.55
C GLN D 303 -42.66 -0.01 -22.44
N TYR D 304 -41.72 0.64 -21.77
CA TYR D 304 -41.81 2.08 -21.49
C TYR D 304 -40.49 2.75 -21.82
N LEU D 305 -40.57 4.06 -22.07
CA LEU D 305 -39.42 4.88 -22.39
C LEU D 305 -39.41 6.08 -21.46
N ALA D 306 -38.22 6.41 -20.94
CA ALA D 306 -38.07 7.46 -19.94
C ALA D 306 -37.27 8.63 -20.48
N VAL D 307 -37.80 9.84 -20.29
CA VAL D 307 -37.11 11.07 -20.68
C VAL D 307 -37.04 12.00 -19.48
N THR D 308 -35.93 12.71 -19.35
CA THR D 308 -35.73 13.67 -18.28
C THR D 308 -35.24 14.99 -18.87
N GLY D 309 -35.82 16.10 -18.42
CA GLY D 309 -35.46 17.39 -18.97
C GLY D 309 -35.11 18.42 -17.92
N SER D 310 -34.98 19.68 -18.32
CA SER D 310 -34.64 20.76 -17.41
C SER D 310 -35.85 21.30 -16.66
N SER D 311 -37.04 20.78 -16.94
CA SER D 311 -38.25 21.20 -16.27
C SER D 311 -38.45 20.53 -14.92
N LYS D 312 -37.45 19.78 -14.45
CA LYS D 312 -37.52 19.05 -13.18
C LYS D 312 -38.67 18.04 -13.17
N THR D 313 -39.09 17.59 -14.36
CA THR D 313 -40.17 16.64 -14.50
C THR D 313 -39.73 15.51 -15.42
N VAL D 314 -40.17 14.29 -15.12
CA VAL D 314 -39.80 13.10 -15.87
C VAL D 314 -41.07 12.52 -16.48
N HIS D 315 -41.03 12.25 -17.78
CA HIS D 315 -42.17 11.69 -18.51
C HIS D 315 -41.88 10.25 -18.86
N ILE D 316 -42.93 9.43 -18.89
CA ILE D 316 -42.85 8.04 -19.31
C ILE D 316 -43.84 7.82 -20.44
N PHE D 317 -43.35 7.29 -21.56
CA PHE D 317 -44.18 6.97 -22.71
C PHE D 317 -44.31 5.46 -22.84
N LYS D 318 -45.53 4.98 -23.05
CA LYS D 318 -45.83 3.57 -23.16
C LYS D 318 -45.56 3.13 -24.60
N LEU D 319 -44.81 2.04 -24.76
CA LEU D 319 -44.48 1.48 -26.07
C LEU D 319 -45.30 0.24 -26.38
N GLY D 320 -46.35 -0.03 -25.60
CA GLY D 320 -47.18 -1.20 -25.87
C GLY D 320 -48.11 -1.00 -27.05
N HIS D 321 -48.13 0.20 -27.60
CA HIS D 321 -49.02 0.55 -28.70
C HIS D 321 -48.83 -0.38 -29.90
N SER D 409 -47.56 9.97 -28.84
CA SER D 409 -48.63 10.84 -28.38
C SER D 409 -48.29 11.46 -27.02
N ARG D 410 -49.32 11.70 -26.21
CA ARG D 410 -49.12 12.28 -24.90
C ARG D 410 -48.43 11.29 -23.97
N HIS D 411 -47.61 11.81 -23.07
CA HIS D 411 -46.89 10.97 -22.12
C HIS D 411 -47.87 10.20 -21.24
N PHE D 412 -47.60 8.91 -21.05
CA PHE D 412 -48.50 8.07 -20.27
C PHE D 412 -48.50 8.44 -18.79
N ALA D 413 -47.33 8.56 -18.17
CA ALA D 413 -47.25 8.87 -16.76
C ALA D 413 -46.09 9.83 -16.54
N SER D 414 -46.22 10.67 -15.51
CA SER D 414 -45.24 11.71 -15.26
C SER D 414 -44.77 11.62 -13.82
N LEU D 415 -43.51 12.01 -13.60
CA LEU D 415 -42.89 11.97 -12.28
C LEU D 415 -42.53 13.40 -11.89
N LYS D 416 -43.04 13.86 -10.75
CA LYS D 416 -42.74 15.19 -10.24
C LYS D 416 -41.86 15.07 -9.01
N LEU D 417 -40.66 15.64 -9.09
CA LEU D 417 -39.74 15.62 -7.97
C LEU D 417 -40.25 16.52 -6.85
N PRO D 418 -39.76 16.33 -5.62
CA PRO D 418 -40.18 17.20 -4.52
C PRO D 418 -39.79 18.66 -4.79
N VAL D 419 -40.60 19.57 -4.26
CA VAL D 419 -40.45 20.98 -4.56
C VAL D 419 -39.12 21.51 -4.05
N GLU D 420 -38.63 20.98 -2.93
CA GLU D 420 -37.39 21.49 -2.34
C GLU D 420 -36.20 21.32 -3.29
N THR D 421 -36.30 20.38 -4.24
CA THR D 421 -35.22 20.19 -5.20
C THR D 421 -35.09 21.39 -6.13
N ASN D 422 -33.85 21.78 -6.40
CA ASN D 422 -33.61 22.90 -7.31
C ASN D 422 -33.87 22.47 -8.74
N SER D 423 -34.31 23.42 -9.56
CA SER D 423 -34.65 23.11 -10.95
C SER D 423 -33.43 22.92 -11.83
N HIS D 424 -32.26 23.43 -11.42
CA HIS D 424 -31.05 23.34 -12.22
C HIS D 424 -30.25 22.10 -11.83
N VAL D 425 -30.86 20.94 -12.05
CA VAL D 425 -30.26 19.66 -11.71
C VAL D 425 -30.51 18.69 -12.86
N MET D 426 -29.48 17.91 -13.20
CA MET D 426 -29.63 16.89 -14.23
C MET D 426 -30.05 15.57 -13.62
N THR D 427 -31.03 14.93 -14.24
CA THR D 427 -31.61 13.71 -13.69
C THR D 427 -31.55 12.61 -14.74
N ILE D 428 -31.08 11.43 -14.34
CA ILE D 428 -31.16 10.23 -15.16
C ILE D 428 -32.04 9.22 -14.42
N SER D 429 -32.79 8.45 -15.19
CA SER D 429 -33.76 7.53 -14.60
C SER D 429 -33.59 6.15 -15.19
N SER D 430 -34.32 5.20 -14.62
CA SER D 430 -34.32 3.82 -15.10
C SER D 430 -35.61 3.15 -14.65
N ILE D 431 -36.10 2.23 -15.47
CA ILE D 431 -37.33 1.50 -15.19
C ILE D 431 -36.97 0.04 -14.96
N GLY D 432 -37.47 -0.54 -13.87
CA GLY D 432 -37.22 -1.92 -13.54
C GLY D 432 -38.42 -2.81 -13.81
N SER D 433 -38.21 -4.11 -13.62
CA SER D 433 -39.27 -5.08 -13.82
C SER D 433 -40.34 -4.92 -12.74
N PRO D 434 -41.60 -5.21 -13.08
CA PRO D 434 -42.68 -5.02 -12.10
C PRO D 434 -42.48 -5.90 -10.87
N ILE D 435 -42.84 -5.34 -9.71
CA ILE D 435 -42.71 -6.01 -8.43
C ILE D 435 -44.01 -5.87 -7.66
N ASP D 436 -44.17 -6.71 -6.64
CA ASP D 436 -45.35 -6.70 -5.79
C ASP D 436 -45.07 -5.87 -4.54
N ILE D 437 -46.00 -4.98 -4.22
CA ILE D 437 -45.90 -4.13 -3.04
C ILE D 437 -47.17 -4.30 -2.23
N ASP D 438 -47.07 -4.09 -0.91
CA ASP D 438 -48.20 -4.30 -0.02
C ASP D 438 -49.01 -3.01 0.09
N THR D 439 -50.26 -3.05 -0.37
CA THR D 439 -51.10 -1.86 -0.32
C THR D 439 -51.51 -1.52 1.10
N SER D 440 -51.36 -2.47 2.03
CA SER D 440 -51.66 -2.18 3.43
C SER D 440 -50.73 -1.11 3.98
N GLU D 441 -49.45 -1.18 3.64
CA GLU D 441 -48.51 -0.17 4.12
C GLU D 441 -48.73 1.17 3.43
N TYR D 442 -49.03 1.14 2.13
CA TYR D 442 -49.13 2.35 1.32
C TYR D 442 -50.58 2.57 0.89
N PRO D 443 -51.24 3.60 1.42
CA PRO D 443 -52.61 3.91 0.96
C PRO D 443 -52.61 4.56 -0.42
N GLU D 444 -52.57 3.74 -1.47
CA GLU D 444 -52.48 4.27 -2.83
C GLU D 444 -53.70 5.11 -3.19
N LEU D 445 -54.89 4.63 -2.83
CA LEU D 445 -56.15 5.30 -3.17
C LEU D 445 -56.29 5.53 -4.66
N HIS D 458 -59.33 -2.37 -2.20
CA HIS D 458 -57.89 -2.53 -2.36
C HIS D 458 -57.43 -3.94 -2.00
N GLU D 459 -56.86 -4.64 -2.97
CA GLU D 459 -56.24 -5.94 -2.72
C GLU D 459 -54.99 -5.75 -1.89
N PRO D 460 -54.57 -6.75 -1.11
CA PRO D 460 -53.37 -6.56 -0.27
C PRO D 460 -52.12 -6.22 -1.06
N VAL D 461 -51.95 -6.81 -2.24
CA VAL D 461 -50.76 -6.59 -3.07
C VAL D 461 -51.18 -6.45 -4.52
N MET D 462 -50.54 -5.53 -5.24
CA MET D 462 -50.74 -5.35 -6.67
C MET D 462 -49.43 -4.92 -7.30
N LYS D 463 -49.22 -5.32 -8.55
CA LYS D 463 -47.94 -5.10 -9.21
C LYS D 463 -47.72 -3.61 -9.49
N MET D 464 -46.55 -3.11 -9.11
CA MET D 464 -46.17 -1.72 -9.33
C MET D 464 -44.83 -1.70 -10.05
N VAL D 465 -44.73 -0.87 -11.08
CA VAL D 465 -43.47 -0.71 -11.82
C VAL D 465 -42.57 0.23 -11.04
N PRO D 466 -41.41 -0.23 -10.57
CA PRO D 466 -40.53 0.65 -9.81
C PRO D 466 -39.66 1.50 -10.74
N ILE D 467 -39.48 2.76 -10.36
CA ILE D 467 -38.70 3.72 -11.12
C ILE D 467 -37.68 4.36 -10.19
N ARG D 468 -36.43 4.40 -10.62
CA ARG D 468 -35.36 5.01 -9.86
C ARG D 468 -34.84 6.23 -10.59
N VAL D 469 -34.94 7.40 -9.98
CA VAL D 469 -34.51 8.65 -10.57
C VAL D 469 -33.44 9.25 -9.67
N VAL D 470 -32.25 9.43 -10.20
CA VAL D 470 -31.13 9.99 -9.46
C VAL D 470 -30.73 11.31 -10.11
N SER D 471 -30.47 12.31 -9.29
CA SER D 471 -30.13 13.64 -9.76
C SER D 471 -28.68 13.96 -9.43
N SER D 472 -28.15 15.00 -10.10
CA SER D 472 -26.74 15.32 -9.95
C SER D 472 -26.44 15.95 -8.60
N ASP D 473 -27.47 16.27 -7.82
CA ASP D 473 -27.25 16.78 -6.48
C ASP D 473 -26.89 15.67 -5.49
N GLY D 474 -27.09 14.42 -5.86
CA GLY D 474 -26.72 13.30 -5.02
C GLY D 474 -27.85 12.62 -4.28
N TYR D 475 -29.02 12.50 -4.89
CA TYR D 475 -30.16 11.86 -4.25
C TYR D 475 -30.73 10.78 -5.17
N LEU D 476 -31.44 9.84 -4.56
CA LEU D 476 -32.16 8.79 -5.29
C LEU D 476 -33.63 8.84 -4.92
N TYR D 477 -34.49 8.73 -5.92
CA TYR D 477 -35.93 8.77 -5.72
C TYR D 477 -36.56 7.52 -6.29
N ASN D 478 -37.41 6.87 -5.51
CA ASN D 478 -38.08 5.64 -5.91
C ASN D 478 -39.56 5.91 -6.10
N PHE D 479 -40.07 5.60 -7.28
CA PHE D 479 -41.48 5.78 -7.60
C PHE D 479 -42.11 4.43 -7.94
N VAL D 480 -43.43 4.40 -7.97
CA VAL D 480 -44.19 3.24 -8.43
C VAL D 480 -45.25 3.73 -9.41
N MET D 481 -45.39 3.01 -10.52
CA MET D 481 -46.35 3.35 -11.56
C MET D 481 -47.30 2.19 -11.79
N ASP D 482 -48.59 2.51 -11.89
CA ASP D 482 -49.59 1.50 -12.21
C ASP D 482 -49.70 1.38 -13.72
N PRO D 483 -49.39 0.22 -14.31
CA PRO D 483 -49.39 0.11 -15.78
C PRO D 483 -50.72 0.44 -16.43
N GLU D 484 -51.83 0.22 -15.74
CA GLU D 484 -53.15 0.55 -16.28
C GLU D 484 -53.53 2.00 -16.03
N ARG D 485 -53.45 2.45 -14.78
CA ARG D 485 -53.87 3.81 -14.46
C ARG D 485 -52.85 4.84 -14.94
N GLY D 486 -51.57 4.55 -14.76
CA GLY D 486 -50.55 5.53 -15.11
C GLY D 486 -50.69 6.78 -14.26
N GLY D 487 -50.66 7.94 -14.91
CA GLY D 487 -50.83 9.19 -14.22
C GLY D 487 -49.64 9.54 -13.35
N ASP D 488 -49.85 10.51 -12.47
CA ASP D 488 -48.80 10.92 -11.55
C ASP D 488 -48.46 9.78 -10.61
N CYS D 489 -47.16 9.56 -10.41
CA CYS D 489 -46.69 8.41 -9.65
C CYS D 489 -46.39 8.80 -8.21
N LEU D 490 -46.78 7.92 -7.29
CA LEU D 490 -46.46 8.08 -5.88
C LEU D 490 -44.98 7.82 -5.65
N ILE D 491 -44.42 8.51 -4.66
CA ILE D 491 -43.01 8.39 -4.32
C ILE D 491 -42.93 7.69 -2.96
N LEU D 492 -42.13 6.62 -2.90
CA LEU D 492 -42.05 5.84 -1.66
C LEU D 492 -40.97 6.37 -0.73
N SER D 493 -39.74 6.50 -1.22
CA SER D 493 -38.62 6.82 -0.35
C SER D 493 -37.62 7.67 -1.12
N GLN D 494 -36.70 8.28 -0.38
CA GLN D 494 -35.70 9.18 -0.94
C GLN D 494 -34.38 8.93 -0.23
N TYR D 495 -33.55 8.05 -0.77
CA TYR D 495 -32.23 7.83 -0.21
C TYR D 495 -31.34 9.02 -0.51
N SER D 496 -30.11 8.96 -0.04
CA SER D 496 -29.13 10.01 -0.29
C SER D 496 -27.80 9.38 -0.65
N ILE D 497 -27.39 9.54 -1.90
CA ILE D 497 -26.06 9.12 -2.30
C ILE D 497 -25.03 10.01 -1.62
N LEU D 498 -23.81 9.47 -1.45
CA LEU D 498 -22.68 10.03 -0.70
C LEU D 498 -22.90 9.85 0.80
N MET D 499 -24.06 9.37 1.23
CA MET D 499 -24.33 9.07 2.63
C MET D 499 -25.17 7.80 2.69
N ASP D 500 -25.75 7.56 3.87
CA ASP D 500 -26.59 6.38 4.07
C ASP D 500 -27.90 6.48 3.31
N SER E 5 -0.51 44.77 -67.12
CA SER E 5 0.68 44.74 -66.27
C SER E 5 0.48 43.77 -65.11
N PRO E 6 1.01 42.56 -65.24
CA PRO E 6 0.91 41.58 -64.15
C PRO E 6 1.72 42.00 -62.94
N THR E 7 1.26 41.55 -61.78
CA THR E 7 1.95 41.84 -60.53
C THR E 7 3.25 41.05 -60.44
N ILE E 8 4.26 41.67 -59.83
CA ILE E 8 5.55 41.04 -59.66
C ILE E 8 5.79 40.77 -58.19
N ASN E 9 6.35 39.60 -57.90
CA ASN E 9 6.51 39.13 -56.54
C ASN E 9 7.95 39.03 -56.07
N PHE E 10 8.93 39.20 -56.95
CA PHE E 10 10.31 38.94 -56.57
C PHE E 10 11.24 39.61 -57.58
N ILE E 11 12.18 40.40 -57.05
CA ILE E 11 13.22 41.02 -57.86
C ILE E 11 14.54 40.89 -57.10
N ASN E 12 15.61 40.56 -57.83
CA ASN E 12 16.95 40.61 -57.24
C ASN E 12 17.98 40.66 -58.36
N PHE E 13 19.13 41.24 -58.05
CA PHE E 13 20.28 41.24 -58.93
C PHE E 13 20.99 39.90 -58.85
N ASN E 14 21.94 39.69 -59.77
CA ASN E 14 22.83 38.55 -59.63
C ASN E 14 23.93 38.89 -58.63
N GLN E 15 24.83 37.92 -58.42
CA GLN E 15 25.87 38.10 -57.41
C GLN E 15 26.90 39.15 -57.82
N THR E 16 26.89 39.60 -59.08
CA THR E 16 27.76 40.67 -59.52
C THR E 16 27.02 41.98 -59.76
N GLY E 17 25.70 41.97 -59.80
CA GLY E 17 24.94 43.19 -59.99
C GLY E 17 24.82 43.66 -61.43
N THR E 18 25.16 42.82 -62.40
CA THR E 18 25.05 43.21 -63.80
C THR E 18 23.86 42.57 -64.51
N CYS E 19 22.96 41.92 -63.78
CA CYS E 19 21.78 41.31 -64.36
C CYS E 19 20.59 41.54 -63.45
N ILE E 20 19.40 41.21 -63.94
CA ILE E 20 18.16 41.32 -63.20
C ILE E 20 17.41 40.01 -63.33
N SER E 21 16.93 39.49 -62.20
CA SER E 21 15.96 38.41 -62.18
C SER E 21 14.64 38.96 -61.66
N LEU E 22 13.53 38.43 -62.15
CA LEU E 22 12.24 38.96 -61.78
C LEU E 22 11.19 37.86 -61.89
N GLY E 23 10.22 37.89 -60.99
CA GLY E 23 9.16 36.91 -61.00
C GLY E 23 7.78 37.54 -60.94
N THR E 24 6.93 37.24 -61.92
CA THR E 24 5.58 37.74 -61.98
C THR E 24 4.61 36.68 -61.47
N SER E 25 3.31 36.98 -61.55
CA SER E 25 2.31 35.97 -61.25
C SER E 25 2.02 35.10 -62.47
N LYS E 26 2.58 35.44 -63.62
CA LYS E 26 2.42 34.66 -64.83
C LYS E 26 3.71 34.02 -65.33
N GLY E 27 4.86 34.43 -64.82
CA GLY E 27 6.11 33.86 -65.26
C GLY E 27 7.29 34.64 -64.70
N PHE E 28 8.46 34.40 -65.27
CA PHE E 28 9.69 35.05 -64.84
C PHE E 28 10.38 35.67 -66.04
N LYS E 29 11.22 36.67 -65.76
CA LYS E 29 11.97 37.38 -66.78
C LYS E 29 13.40 37.57 -66.31
N ILE E 30 14.31 37.71 -67.26
CA ILE E 30 15.72 37.96 -66.97
C ILE E 30 16.17 39.11 -67.85
N PHE E 31 16.77 40.13 -67.24
CA PHE E 31 17.18 41.32 -67.97
C PHE E 31 18.71 41.46 -67.93
N ASN E 32 19.21 42.57 -68.46
CA ASN E 32 20.61 42.93 -68.37
C ASN E 32 20.68 44.41 -68.01
N CYS E 33 21.87 44.89 -67.65
CA CYS E 33 21.93 46.22 -67.05
C CYS E 33 22.55 47.27 -67.95
N GLU E 34 23.79 47.07 -68.40
CA GLU E 34 24.45 48.12 -69.17
C GLU E 34 23.95 48.18 -70.62
N PRO E 35 24.06 47.13 -71.45
CA PRO E 35 23.33 47.13 -72.71
C PRO E 35 21.94 46.53 -72.51
N PHE E 36 21.01 47.32 -71.99
CA PHE E 36 19.76 46.80 -71.46
C PHE E 36 19.04 45.94 -72.49
N GLY E 37 18.53 44.80 -72.02
CA GLY E 37 17.83 43.88 -72.90
C GLY E 37 17.15 42.80 -72.09
N LYS E 38 16.31 42.02 -72.79
CA LYS E 38 15.57 40.92 -72.16
C LYS E 38 16.14 39.60 -72.67
N PHE E 39 17.00 39.01 -71.83
CA PHE E 39 17.67 37.77 -72.22
C PHE E 39 16.71 36.59 -72.31
N TYR E 40 15.78 36.45 -71.35
CA TYR E 40 14.95 35.27 -71.32
C TYR E 40 13.62 35.59 -70.66
N SER E 41 12.65 34.72 -70.91
CA SER E 41 11.33 34.85 -70.32
C SER E 41 10.51 33.60 -70.61
N GLU E 42 9.65 33.24 -69.66
CA GLU E 42 8.69 32.16 -69.84
C GLU E 42 7.40 32.51 -69.11
N ASP E 43 6.27 32.31 -69.79
CA ASP E 43 4.96 32.52 -69.16
C ASP E 43 4.42 31.17 -68.68
N SER E 44 5.11 30.60 -67.70
CA SER E 44 4.75 29.28 -67.18
C SER E 44 3.72 29.38 -66.06
N GLY E 45 4.02 30.13 -65.01
CA GLY E 45 3.09 30.27 -63.91
C GLY E 45 3.61 31.25 -62.89
N GLY E 46 2.97 31.24 -61.73
CA GLY E 46 3.42 32.10 -60.65
C GLY E 46 4.76 31.65 -60.10
N TYR E 47 5.67 32.60 -59.96
CA TYR E 47 7.00 32.35 -59.42
C TYR E 47 7.28 33.29 -58.28
N ALA E 48 7.73 32.73 -57.15
CA ALA E 48 8.04 33.52 -55.96
C ALA E 48 9.53 33.69 -55.73
N ILE E 49 10.35 32.76 -56.19
CA ILE E 49 11.79 32.85 -56.03
C ILE E 49 12.47 32.56 -57.36
N VAL E 50 13.13 33.57 -57.93
CA VAL E 50 13.92 33.42 -59.15
C VAL E 50 15.32 33.95 -58.87
N GLU E 51 16.25 33.04 -58.59
CA GLU E 51 17.61 33.40 -58.24
C GLU E 51 18.56 32.84 -59.28
N MET E 52 19.55 33.64 -59.65
CA MET E 52 20.49 33.29 -60.71
C MET E 52 21.91 33.32 -60.18
N LEU E 53 22.80 32.56 -60.81
CA LEU E 53 24.21 32.56 -60.48
C LEU E 53 24.92 33.63 -61.32
N PHE E 54 26.25 33.59 -61.34
CA PHE E 54 27.01 34.55 -62.12
C PHE E 54 26.81 34.27 -63.60
N SER E 55 25.70 34.77 -64.15
CA SER E 55 25.25 34.41 -65.51
C SER E 55 25.19 32.88 -65.56
N THR E 56 25.97 32.22 -66.40
CA THR E 56 26.16 30.77 -66.47
C THR E 56 24.87 29.99 -66.71
N SER E 57 23.76 30.65 -67.04
CA SER E 57 22.54 29.98 -67.47
C SER E 57 22.03 28.99 -66.42
N LEU E 58 22.10 29.36 -65.15
CA LEU E 58 21.61 28.51 -64.06
C LEU E 58 20.63 29.30 -63.22
N LEU E 59 19.47 28.70 -62.94
CA LEU E 59 18.38 29.38 -62.25
C LEU E 59 17.79 28.48 -61.19
N ALA E 60 17.21 29.10 -60.15
CA ALA E 60 16.41 28.42 -59.16
C ALA E 60 14.99 28.98 -59.20
N LEU E 61 14.02 28.12 -59.46
CA LEU E 61 12.64 28.54 -59.67
C LEU E 61 11.75 27.89 -58.63
N VAL E 62 10.99 28.70 -57.90
CA VAL E 62 10.06 28.23 -56.89
C VAL E 62 8.67 28.70 -57.28
N GLY E 63 7.72 27.76 -57.35
CA GLY E 63 6.37 28.13 -57.69
C GLY E 63 5.71 28.98 -56.63
N ILE E 64 4.69 29.72 -57.06
CA ILE E 64 3.97 30.61 -56.15
C ILE E 64 3.20 29.80 -55.11
N GLY E 65 2.79 28.59 -55.47
CA GLY E 65 2.04 27.75 -54.55
C GLY E 65 0.62 27.49 -55.02
N LEU E 70 4.07 23.38 -59.64
CA LEU E 70 5.10 24.13 -58.93
C LEU E 70 4.55 24.76 -57.65
N SER E 71 4.66 24.04 -56.54
CA SER E 71 4.27 24.57 -55.25
C SER E 71 5.37 25.43 -54.65
N ALA E 72 5.03 26.12 -53.56
CA ALA E 72 6.03 26.92 -52.85
C ALA E 72 7.11 26.04 -52.25
N ALA E 73 6.75 24.81 -51.86
CA ALA E 73 7.73 23.89 -51.29
C ALA E 73 8.70 23.38 -52.34
N ARG E 74 8.22 23.18 -53.57
CA ARG E 74 9.06 22.62 -54.61
C ARG E 74 10.10 23.63 -55.10
N LEU E 75 11.31 23.13 -55.38
CA LEU E 75 12.37 23.91 -55.97
C LEU E 75 12.85 23.21 -57.22
N ARG E 76 12.96 23.95 -58.32
CA ARG E 76 13.36 23.41 -59.61
C ARG E 76 14.55 24.20 -60.14
N ILE E 77 15.57 23.50 -60.61
CA ILE E 77 16.77 24.12 -61.16
C ILE E 77 16.72 23.94 -62.68
N ILE E 78 16.76 25.05 -63.40
CA ILE E 78 16.59 25.04 -64.85
C ILE E 78 17.76 25.75 -65.51
N ASN E 79 18.29 25.15 -66.58
CA ASN E 79 19.30 25.75 -67.43
C ASN E 79 18.58 26.44 -68.58
N THR E 80 18.64 27.77 -68.62
CA THR E 80 17.88 28.51 -69.61
C THR E 80 18.43 28.35 -71.03
N LYS E 81 19.74 28.22 -71.18
CA LYS E 81 20.31 28.03 -72.50
C LYS E 81 19.89 26.70 -73.12
N LYS E 82 19.92 25.62 -72.34
CA LYS E 82 19.54 24.30 -72.83
C LYS E 82 18.05 24.04 -72.78
N HIS E 83 17.29 24.88 -72.07
CA HIS E 83 15.86 24.69 -71.84
C HIS E 83 15.57 23.33 -71.20
N SER E 84 16.50 22.84 -70.39
CA SER E 84 16.37 21.54 -69.73
C SER E 84 16.24 21.72 -68.21
N ILE E 85 16.04 20.62 -67.53
CA ILE E 85 15.88 20.58 -66.09
C ILE E 85 17.06 19.81 -65.51
N ILE E 86 17.88 20.48 -64.69
CA ILE E 86 18.97 19.79 -64.02
C ILE E 86 18.43 18.85 -62.96
N CYS E 87 17.47 19.31 -62.17
CA CYS E 87 16.96 18.50 -61.07
C CYS E 87 15.65 19.08 -60.58
N GLU E 88 15.01 18.34 -59.67
CA GLU E 88 13.79 18.76 -59.01
C GLU E 88 13.79 18.22 -57.59
N VAL E 89 13.61 19.10 -56.62
CA VAL E 89 13.66 18.73 -55.21
C VAL E 89 12.47 19.35 -54.49
N THR E 90 11.86 18.58 -53.61
CA THR E 90 10.75 19.04 -52.79
C THR E 90 11.19 19.20 -51.35
N PHE E 91 10.44 19.98 -50.59
CA PHE E 91 10.67 20.24 -49.19
C PHE E 91 9.37 20.12 -48.42
N PRO E 92 9.43 19.75 -47.14
CA PRO E 92 8.17 19.60 -46.38
C PRO E 92 7.38 20.89 -46.24
N THR E 93 8.03 22.04 -46.24
CA THR E 93 7.36 23.32 -46.08
C THR E 93 7.78 24.27 -47.19
N SER E 94 7.15 25.45 -47.19
CA SER E 94 7.42 26.44 -48.23
C SER E 94 8.83 27.00 -48.09
N ILE E 95 9.47 27.26 -49.23
CA ILE E 95 10.81 27.82 -49.25
C ILE E 95 10.73 29.31 -49.00
N LEU E 96 11.62 29.83 -48.18
CA LEU E 96 11.63 31.26 -47.86
C LEU E 96 12.77 32.02 -48.52
N SER E 97 13.88 31.36 -48.81
CA SER E 97 14.99 32.04 -49.47
C SER E 97 15.91 31.01 -50.11
N VAL E 98 16.56 31.43 -51.19
CA VAL E 98 17.53 30.60 -51.91
C VAL E 98 18.68 31.50 -52.32
N LYS E 99 19.91 31.04 -52.09
CA LYS E 99 21.09 31.79 -52.50
C LYS E 99 22.15 30.82 -53.01
N MET E 100 23.05 31.32 -53.84
CA MET E 100 24.08 30.47 -54.41
C MET E 100 25.41 31.22 -54.49
N ASN E 101 26.48 30.45 -54.46
CA ASN E 101 27.78 30.82 -55.00
C ASN E 101 28.16 29.74 -56.01
N LYS E 102 29.36 29.86 -56.58
CA LYS E 102 29.79 28.85 -57.54
C LYS E 102 30.24 27.55 -56.90
N SER E 103 29.97 27.36 -55.60
CA SER E 103 30.34 26.15 -54.88
C SER E 103 29.19 25.49 -54.14
N ARG E 104 28.27 26.26 -53.56
CA ARG E 104 27.24 25.71 -52.69
C ARG E 104 25.88 26.30 -53.04
N LEU E 105 24.84 25.55 -52.71
CA LEU E 105 23.45 25.98 -52.88
C LEU E 105 22.74 25.85 -51.55
N VAL E 106 22.05 26.91 -51.14
CA VAL E 106 21.40 26.97 -49.83
C VAL E 106 19.90 27.19 -50.03
N VAL E 107 19.10 26.35 -49.38
CA VAL E 107 17.65 26.49 -49.35
C VAL E 107 17.22 26.63 -47.89
N LEU E 108 16.46 27.67 -47.59
CA LEU E 108 16.02 27.95 -46.23
C LEU E 108 14.52 27.78 -46.12
N LEU E 109 14.09 26.98 -45.17
CA LEU E 109 12.71 26.94 -44.70
C LEU E 109 12.63 27.71 -43.39
N GLN E 110 11.41 27.79 -42.85
CA GLN E 110 11.17 28.64 -41.70
C GLN E 110 12.02 28.22 -40.49
N GLU E 111 12.30 26.92 -40.36
CA GLU E 111 13.06 26.41 -39.23
C GLU E 111 14.25 25.54 -39.64
N GLN E 112 14.47 25.32 -40.93
CA GLN E 112 15.52 24.42 -41.38
C GLN E 112 16.34 25.09 -42.48
N ILE E 113 17.62 24.75 -42.52
CA ILE E 113 18.53 25.21 -43.57
C ILE E 113 19.11 23.99 -44.25
N TYR E 114 18.99 23.93 -45.57
CA TYR E 114 19.54 22.86 -46.38
C TYR E 114 20.67 23.41 -47.23
N ILE E 115 21.81 22.72 -47.23
CA ILE E 115 22.96 23.13 -48.01
C ILE E 115 23.27 22.05 -49.03
N TYR E 116 23.38 22.44 -50.29
CA TYR E 116 23.65 21.52 -51.38
C TYR E 116 24.93 21.94 -52.10
N ASP E 117 25.64 20.94 -52.62
CA ASP E 117 26.79 21.19 -53.48
C ASP E 117 26.25 21.57 -54.86
N ILE E 118 26.74 22.69 -55.41
CA ILE E 118 26.18 23.17 -56.67
C ILE E 118 26.46 22.20 -57.81
N ASN E 119 27.61 21.53 -57.79
CA ASN E 119 27.99 20.64 -58.88
C ASN E 119 27.29 19.29 -58.78
N THR E 120 27.54 18.57 -57.68
CA THR E 120 27.02 17.20 -57.56
C THR E 120 25.53 17.21 -57.23
N MET E 121 25.05 18.25 -56.56
CA MET E 121 23.65 18.49 -56.19
C MET E 121 23.21 17.54 -55.08
N ARG E 122 24.12 16.72 -54.54
CA ARG E 122 23.78 15.90 -53.39
C ARG E 122 23.76 16.75 -52.13
N LEU E 123 22.92 16.36 -51.17
CA LEU E 123 22.80 17.09 -49.92
C LEU E 123 24.09 16.92 -49.10
N LEU E 124 24.55 18.02 -48.51
CA LEU E 124 25.76 18.01 -47.70
C LEU E 124 25.51 18.18 -46.22
N HIS E 125 24.59 19.05 -45.83
CA HIS E 125 24.39 19.36 -44.43
C HIS E 125 22.97 19.84 -44.21
N THR E 126 22.55 19.81 -42.95
CA THR E 126 21.24 20.32 -42.54
C THR E 126 21.42 20.99 -41.18
N ILE E 127 20.85 22.18 -41.02
CA ILE E 127 20.94 22.93 -39.78
C ILE E 127 19.53 23.13 -39.23
N GLU E 128 19.33 22.79 -37.96
CA GLU E 128 18.07 23.03 -37.27
C GLU E 128 18.20 24.33 -36.50
N THR E 129 17.52 25.37 -36.96
CA THR E 129 17.59 26.69 -36.36
C THR E 129 16.25 27.07 -35.76
N ASN E 130 16.30 28.05 -34.86
CA ASN E 130 15.07 28.62 -34.33
C ASN E 130 14.30 29.32 -35.44
N PRO E 131 12.96 29.37 -35.35
CA PRO E 131 12.16 29.83 -36.49
C PRO E 131 12.54 31.20 -37.02
N ASN E 132 12.61 31.31 -38.35
CA ASN E 132 12.85 32.58 -39.04
C ASN E 132 11.74 32.80 -40.05
N PRO E 133 10.64 33.42 -39.61
CA PRO E 133 9.54 33.71 -40.55
C PRO E 133 9.91 34.70 -41.63
N ARG E 134 10.96 35.49 -41.45
CA ARG E 134 11.36 36.50 -42.42
C ARG E 134 12.29 35.96 -43.50
N GLY E 135 12.78 34.73 -43.37
CA GLY E 135 13.62 34.13 -44.40
C GLY E 135 14.89 34.89 -44.69
N LEU E 136 15.63 35.25 -43.64
CA LEU E 136 16.80 36.11 -43.76
C LEU E 136 18.07 35.27 -43.77
N MET E 137 18.96 35.55 -44.71
CA MET E 137 20.31 34.97 -44.74
C MET E 137 21.26 35.99 -45.33
N ALA E 138 22.49 35.53 -45.54
CA ALA E 138 23.49 36.24 -46.32
C ALA E 138 24.55 35.24 -46.74
N MET E 139 24.86 35.23 -48.03
CA MET E 139 25.76 34.25 -48.62
C MET E 139 26.95 34.96 -49.25
N SER E 140 28.15 34.54 -48.90
CA SER E 140 29.33 35.07 -49.55
C SER E 140 29.48 34.41 -50.91
N PRO E 141 29.59 35.17 -52.00
CA PRO E 141 29.62 34.59 -53.35
C PRO E 141 30.98 34.06 -53.78
N SER E 142 32.03 34.29 -53.01
CA SER E 142 33.38 33.84 -53.37
C SER E 142 33.69 32.54 -52.65
N VAL E 143 34.34 31.61 -53.35
CA VAL E 143 34.65 30.31 -52.76
C VAL E 143 35.81 30.40 -51.78
N ALA E 144 36.63 31.45 -51.88
CA ALA E 144 37.75 31.59 -50.96
C ALA E 144 37.27 31.80 -49.53
N ASN E 145 36.18 32.55 -49.37
CA ASN E 145 35.66 32.85 -48.04
C ASN E 145 34.18 32.50 -47.95
N SER E 146 33.82 31.30 -48.38
CA SER E 146 32.43 30.87 -48.44
C SER E 146 31.86 30.78 -47.03
N TYR E 147 31.03 31.75 -46.67
CA TYR E 147 30.41 31.82 -45.36
C TYR E 147 28.90 32.01 -45.50
N LEU E 148 28.15 31.41 -44.58
CA LEU E 148 26.71 31.62 -44.47
C LEU E 148 26.40 32.10 -43.06
N VAL E 149 25.56 33.12 -42.94
CA VAL E 149 25.14 33.64 -41.64
C VAL E 149 23.62 33.66 -41.57
N TYR E 150 23.09 33.18 -40.46
CA TYR E 150 21.64 33.12 -40.25
C TYR E 150 21.35 33.50 -38.81
N PRO E 151 20.22 34.14 -38.54
CA PRO E 151 19.93 34.57 -37.17
C PRO E 151 19.49 33.42 -36.28
N SER E 152 19.79 33.55 -34.99
CA SER E 152 19.44 32.55 -33.98
C SER E 152 18.76 33.23 -32.80
N PRO E 153 17.45 33.42 -32.88
CA PRO E 153 16.72 34.01 -31.76
C PRO E 153 16.42 32.97 -30.69
N PRO E 154 16.30 33.39 -29.43
CA PRO E 154 15.90 32.44 -28.38
C PRO E 154 14.51 31.87 -28.65
N LYS E 155 14.35 30.59 -28.30
CA LYS E 155 13.09 29.91 -28.50
C LYS E 155 12.20 30.10 -27.28
N VAL E 156 10.96 30.51 -27.51
CA VAL E 156 10.01 30.74 -26.42
C VAL E 156 8.98 29.62 -26.38
N ILE E 222 19.09 41.51 -23.81
CA ILE E 222 17.93 40.65 -24.00
C ILE E 222 18.33 39.48 -24.89
N LYS E 223 19.29 39.74 -25.77
CA LYS E 223 19.88 38.71 -26.63
C LYS E 223 18.85 38.09 -27.58
N ASN E 224 18.21 38.92 -28.39
CA ASN E 224 17.37 38.46 -29.48
C ASN E 224 18.09 38.49 -30.82
N GLY E 225 19.04 39.42 -30.99
CA GLY E 225 19.73 39.55 -32.25
C GLY E 225 21.03 38.76 -32.33
N ASP E 226 20.97 37.47 -32.01
CA ASP E 226 22.13 36.61 -32.19
C ASP E 226 22.11 35.98 -33.57
N VAL E 227 23.27 36.01 -34.22
CA VAL E 227 23.43 35.48 -35.57
C VAL E 227 24.56 34.46 -35.57
N ILE E 228 24.40 33.41 -36.35
CA ILE E 228 25.34 32.29 -36.38
C ILE E 228 26.18 32.39 -37.65
N VAL E 229 27.50 32.45 -37.47
CA VAL E 229 28.43 32.48 -38.59
C VAL E 229 28.80 31.04 -38.93
N PHE E 230 28.36 30.59 -40.09
CA PHE E 230 28.52 29.19 -40.51
C PHE E 230 29.44 29.13 -41.72
N ASN E 231 30.43 28.24 -41.67
CA ASN E 231 31.37 28.07 -42.77
C ASN E 231 30.88 26.94 -43.67
N LEU E 232 30.68 27.27 -44.95
CA LEU E 232 30.16 26.27 -45.89
C LEU E 232 31.21 25.28 -46.33
N GLU E 233 32.49 25.71 -46.36
CA GLU E 233 33.55 24.84 -46.86
C GLU E 233 33.70 23.60 -45.98
N THR E 234 33.85 23.79 -44.67
CA THR E 234 34.03 22.69 -43.74
C THR E 234 32.73 22.23 -43.09
N LEU E 235 31.62 22.93 -43.35
CA LEU E 235 30.30 22.61 -42.78
C LEU E 235 30.36 22.56 -41.25
N GLN E 236 30.96 23.60 -40.67
CA GLN E 236 30.98 23.74 -39.23
C GLN E 236 30.86 25.22 -38.89
N PRO E 237 30.08 25.59 -37.88
CA PRO E 237 30.00 27.00 -37.48
C PRO E 237 31.33 27.47 -36.92
N THR E 238 31.61 28.76 -37.12
CA THR E 238 32.86 29.36 -36.68
C THR E 238 32.72 30.16 -35.40
N MET E 239 31.72 31.04 -35.29
CA MET E 239 31.54 31.85 -34.11
C MET E 239 30.11 32.36 -34.07
N VAL E 240 29.71 32.87 -32.91
CA VAL E 240 28.40 33.45 -32.69
C VAL E 240 28.57 34.93 -32.41
N ILE E 241 27.86 35.77 -33.16
CA ILE E 241 27.98 37.21 -33.07
C ILE E 241 26.74 37.76 -32.37
N GLU E 242 26.95 38.49 -31.27
CA GLU E 242 25.88 39.20 -30.58
C GLU E 242 25.67 40.52 -31.30
N ALA E 243 24.88 40.45 -32.39
CA ALA E 243 24.76 41.58 -33.29
C ALA E 243 23.98 42.73 -32.65
N HIS E 244 22.71 42.49 -32.32
CA HIS E 244 21.83 43.56 -31.87
C HIS E 244 20.99 43.07 -30.70
N LYS E 245 20.36 44.04 -30.02
CA LYS E 245 19.42 43.73 -28.95
C LYS E 245 18.08 43.24 -29.47
N GLY E 246 17.60 43.79 -30.59
CA GLY E 246 16.35 43.37 -31.17
C GLY E 246 16.58 42.39 -32.32
N GLU E 247 15.47 41.91 -32.88
CA GLU E 247 15.53 40.92 -33.95
C GLU E 247 16.24 41.50 -35.17
N ILE E 248 16.96 40.64 -35.87
CA ILE E 248 17.64 41.04 -37.10
C ILE E 248 16.63 41.17 -38.23
N ALA E 249 16.76 42.22 -39.04
CA ALA E 249 15.83 42.48 -40.13
C ALA E 249 16.46 42.34 -41.51
N ALA E 250 17.78 42.50 -41.64
CA ALA E 250 18.42 42.36 -42.95
C ALA E 250 19.90 42.05 -42.76
N MET E 251 20.42 41.23 -43.65
CA MET E 251 21.82 40.82 -43.59
C MET E 251 22.43 40.87 -44.99
N ALA E 252 23.71 41.23 -45.05
CA ALA E 252 24.42 41.32 -46.32
C ALA E 252 25.89 41.03 -46.11
N ILE E 253 26.47 40.27 -47.04
CA ILE E 253 27.88 39.91 -47.02
C ILE E 253 28.55 40.45 -48.29
N SER E 254 29.73 41.04 -48.12
CA SER E 254 30.45 41.59 -49.25
C SER E 254 30.81 40.50 -50.26
N PHE E 255 31.32 40.94 -51.41
CA PHE E 255 31.60 40.01 -52.50
C PHE E 255 32.68 39.01 -52.12
N ASP E 256 33.71 39.46 -51.41
CA ASP E 256 34.83 38.59 -51.03
C ASP E 256 34.57 37.80 -49.76
N GLY E 257 33.42 38.00 -49.11
CA GLY E 257 33.13 37.30 -47.88
C GLY E 257 33.87 37.81 -46.66
N THR E 258 34.36 39.04 -46.70
CA THR E 258 35.14 39.60 -45.61
C THR E 258 34.27 40.21 -44.52
N LEU E 259 33.23 40.94 -44.90
CA LEU E 259 32.41 41.70 -43.96
C LEU E 259 30.97 41.20 -43.98
N MET E 260 30.26 41.48 -42.90
CA MET E 260 28.84 41.21 -42.79
C MET E 260 28.15 42.40 -42.16
N ALA E 261 27.01 42.80 -42.71
CA ALA E 261 26.23 43.93 -42.22
C ALA E 261 24.86 43.46 -41.78
N THR E 262 24.39 44.01 -40.65
CA THR E 262 23.13 43.57 -40.04
C THR E 262 22.27 44.79 -39.74
N ALA E 263 20.96 44.56 -39.68
CA ALA E 263 20.01 45.62 -39.39
C ALA E 263 18.92 45.10 -38.48
N SER E 264 18.68 45.83 -37.40
CA SER E 264 17.65 45.49 -36.44
C SER E 264 16.27 45.79 -37.02
N ASP E 265 15.23 45.34 -36.33
CA ASP E 265 13.87 45.55 -36.81
C ASP E 265 13.45 47.01 -36.77
N LYS E 266 14.12 47.85 -35.98
CA LYS E 266 13.83 49.27 -35.94
C LYS E 266 14.55 50.06 -37.02
N GLY E 267 15.58 49.49 -37.64
CA GLY E 267 16.24 50.13 -38.75
C GLY E 267 16.95 51.43 -38.42
N THR E 268 17.18 51.68 -37.13
CA THR E 268 17.85 52.91 -36.74
C THR E 268 19.37 52.78 -36.73
N ILE E 269 19.89 51.62 -36.41
CA ILE E 269 21.33 51.40 -36.34
C ILE E 269 21.72 50.31 -37.33
N ILE E 270 22.69 50.60 -38.18
CA ILE E 270 23.27 49.64 -39.10
C ILE E 270 24.65 49.27 -38.58
N ARG E 271 24.87 47.98 -38.39
CA ARG E 271 26.13 47.47 -37.87
C ARG E 271 26.76 46.51 -38.86
N VAL E 272 28.05 46.69 -39.08
CA VAL E 272 28.83 45.82 -39.96
C VAL E 272 29.93 45.17 -39.14
N PHE E 273 30.07 43.86 -39.27
CA PHE E 273 31.07 43.11 -38.53
C PHE E 273 32.07 42.48 -39.49
N ASP E 274 33.31 42.35 -39.01
CA ASP E 274 34.35 41.64 -39.74
C ASP E 274 34.25 40.17 -39.40
N ILE E 275 33.96 39.34 -40.41
CA ILE E 275 33.48 37.98 -40.15
C ILE E 275 34.58 37.10 -39.56
N GLU E 276 35.84 37.35 -39.95
CA GLU E 276 36.92 36.47 -39.49
C GLU E 276 37.30 36.78 -38.04
N THR E 277 37.30 38.06 -37.67
CA THR E 277 37.67 38.43 -36.31
C THR E 277 36.45 38.53 -35.40
N GLY E 278 35.34 39.02 -35.95
CA GLY E 278 34.11 39.18 -35.19
C GLY E 278 33.90 40.55 -34.60
N ASP E 279 34.87 41.46 -34.74
CA ASP E 279 34.74 42.78 -34.15
C ASP E 279 33.87 43.68 -35.02
N LYS E 280 33.01 44.47 -34.39
CA LYS E 280 32.23 45.47 -35.10
C LYS E 280 33.14 46.60 -35.56
N ILE E 281 33.18 46.84 -36.87
CA ILE E 281 34.13 47.80 -37.42
C ILE E 281 33.48 49.17 -37.55
N TYR E 282 32.30 49.22 -38.16
CA TYR E 282 31.58 50.48 -38.36
C TYR E 282 30.15 50.35 -37.85
N GLN E 283 29.61 51.48 -37.41
CA GLN E 283 28.23 51.56 -36.95
C GLN E 283 27.59 52.79 -37.57
N PHE E 284 26.49 52.61 -38.28
CA PHE E 284 25.83 53.69 -38.98
C PHE E 284 24.46 53.99 -38.38
N ARG E 285 24.13 55.27 -38.28
CA ARG E 285 22.80 55.73 -37.93
C ARG E 285 22.02 55.99 -39.21
N ARG E 286 20.79 55.50 -39.26
CA ARG E 286 19.98 55.56 -40.47
C ARG E 286 18.74 56.42 -40.23
N GLY E 287 18.62 57.50 -40.99
CA GLY E 287 17.46 58.35 -40.95
C GLY E 287 17.30 59.15 -39.67
N THR E 288 16.05 59.45 -39.30
CA THR E 288 15.73 60.16 -38.07
C THR E 288 14.89 59.31 -37.12
N TYR E 289 13.79 58.74 -37.61
CA TYR E 289 12.96 57.87 -36.79
C TYR E 289 13.01 56.43 -37.30
N ALA E 290 12.55 55.51 -36.45
CA ALA E 290 12.59 54.10 -36.78
C ALA E 290 11.63 53.77 -37.90
N THR E 291 12.08 52.97 -38.87
CA THR E 291 11.26 52.50 -39.96
C THR E 291 11.86 51.23 -40.55
N ARG E 292 11.02 50.48 -41.26
CA ARG E 292 11.41 49.16 -41.75
C ARG E 292 12.50 49.27 -42.81
N ILE E 293 13.34 48.22 -42.88
CA ILE E 293 14.41 48.13 -43.86
C ILE E 293 14.11 46.96 -44.78
N TYR E 294 14.22 47.18 -46.09
CA TYR E 294 13.91 46.14 -47.06
C TYR E 294 15.09 45.24 -47.36
N SER E 295 16.25 45.82 -47.70
CA SER E 295 17.41 45.01 -48.07
C SER E 295 18.68 45.84 -47.92
N ILE E 296 19.79 45.13 -47.79
CA ILE E 296 21.12 45.73 -47.73
C ILE E 296 21.99 45.05 -48.77
N SER E 297 22.93 45.79 -49.35
CA SER E 297 23.82 45.24 -50.36
C SER E 297 25.12 46.03 -50.38
N PHE E 298 26.23 45.33 -50.56
CA PHE E 298 27.54 45.96 -50.64
C PHE E 298 27.88 46.35 -52.07
N SER E 299 28.89 47.19 -52.22
CA SER E 299 29.48 47.41 -53.53
C SER E 299 30.40 46.25 -53.89
N GLU E 300 30.80 46.19 -55.16
CA GLU E 300 31.72 45.14 -55.59
C GLU E 300 33.06 45.27 -54.90
N ASP E 301 33.54 46.49 -54.72
CA ASP E 301 34.82 46.75 -54.07
C ASP E 301 34.68 47.05 -52.58
N SER E 302 33.51 46.80 -52.00
CA SER E 302 33.23 47.03 -50.59
C SER E 302 33.45 48.48 -50.19
N GLN E 303 33.29 49.42 -51.11
CA GLN E 303 33.50 50.83 -50.79
C GLN E 303 32.25 51.45 -50.17
N TYR E 304 31.08 51.05 -50.65
CA TYR E 304 29.82 51.65 -50.23
C TYR E 304 28.82 50.56 -49.85
N LEU E 305 27.86 50.95 -49.01
CA LEU E 305 26.79 50.07 -48.55
C LEU E 305 25.46 50.75 -48.79
N ALA E 306 24.51 50.01 -49.36
CA ALA E 306 23.22 50.58 -49.75
C ALA E 306 22.09 49.95 -48.95
N VAL E 307 21.25 50.80 -48.36
CA VAL E 307 20.08 50.36 -47.61
C VAL E 307 18.85 51.08 -48.18
N THR E 308 17.73 50.38 -48.23
CA THR E 308 16.47 50.94 -48.70
C THR E 308 15.38 50.67 -47.67
N GLY E 309 14.56 51.68 -47.41
CA GLY E 309 13.54 51.54 -46.39
C GLY E 309 12.18 52.09 -46.77
N SER E 310 11.22 52.02 -45.86
CA SER E 310 9.84 52.38 -46.15
C SER E 310 9.64 53.88 -46.29
N SER E 311 10.66 54.68 -46.01
CA SER E 311 10.59 56.12 -46.18
C SER E 311 10.75 56.55 -47.64
N LYS E 312 10.75 55.59 -48.57
CA LYS E 312 10.90 55.85 -50.01
C LYS E 312 12.23 56.55 -50.31
N THR E 313 13.22 56.37 -49.44
CA THR E 313 14.53 56.95 -49.60
C THR E 313 15.60 55.89 -49.44
N VAL E 314 16.61 55.94 -50.29
CA VAL E 314 17.72 54.99 -50.29
C VAL E 314 18.97 55.72 -49.82
N HIS E 315 19.66 55.14 -48.84
CA HIS E 315 20.86 55.74 -48.26
C HIS E 315 22.08 54.96 -48.70
N ILE E 316 23.21 55.67 -48.83
CA ILE E 316 24.49 55.07 -49.14
C ILE E 316 25.47 55.41 -48.03
N PHE E 317 26.07 54.37 -47.44
CA PHE E 317 27.05 54.53 -46.39
C PHE E 317 28.43 54.18 -46.95
N LYS E 318 29.40 55.06 -46.72
CA LYS E 318 30.75 54.90 -47.23
C LYS E 318 31.56 54.07 -46.23
N LEU E 319 32.08 52.93 -46.69
CA LEU E 319 32.91 52.05 -45.87
C LEU E 319 34.40 52.28 -46.10
N GLY E 320 34.77 53.43 -46.67
CA GLY E 320 36.18 53.69 -46.90
C GLY E 320 36.91 54.12 -45.65
N HIS E 321 36.18 54.34 -44.56
CA HIS E 321 36.77 54.80 -43.31
C HIS E 321 37.76 53.79 -42.75
N SER E 409 28.22 56.06 -39.16
CA SER E 409 27.72 57.38 -38.79
C SER E 409 26.56 57.80 -39.69
N ARG E 410 26.56 59.07 -40.09
CA ARG E 410 25.53 59.58 -40.97
C ARG E 410 25.70 59.02 -42.37
N HIS E 411 24.57 58.86 -43.08
CA HIS E 411 24.62 58.36 -44.45
C HIS E 411 25.42 59.30 -45.34
N PHE E 412 26.28 58.72 -46.18
CA PHE E 412 27.11 59.52 -47.06
C PHE E 412 26.31 60.23 -48.14
N ALA E 413 25.44 59.50 -48.84
CA ALA E 413 24.65 60.07 -49.91
C ALA E 413 23.27 59.45 -49.87
N SER E 414 22.28 60.22 -50.32
CA SER E 414 20.89 59.78 -50.23
C SER E 414 20.26 59.82 -51.61
N LEU E 415 19.43 58.82 -51.89
CA LEU E 415 18.74 58.70 -53.17
C LEU E 415 17.27 59.00 -52.96
N LYS E 416 16.78 60.07 -53.57
CA LYS E 416 15.38 60.47 -53.47
C LYS E 416 14.68 60.14 -54.78
N LEU E 417 13.73 59.21 -54.72
CA LEU E 417 12.97 58.84 -55.91
C LEU E 417 12.04 59.98 -56.30
N PRO E 418 11.58 60.00 -57.56
CA PRO E 418 10.62 61.03 -57.97
C PRO E 418 9.35 60.98 -57.13
N VAL E 419 8.75 62.16 -56.94
CA VAL E 419 7.64 62.31 -56.00
C VAL E 419 6.45 61.48 -56.42
N GLU E 420 6.22 61.34 -57.73
CA GLU E 420 5.03 60.64 -58.21
C GLU E 420 5.05 59.15 -57.86
N THR E 421 6.20 58.64 -57.43
CA THR E 421 6.31 57.22 -57.10
C THR E 421 5.45 56.87 -55.89
N ASN E 422 4.82 55.70 -55.95
CA ASN E 422 4.03 55.21 -54.83
C ASN E 422 4.94 54.99 -53.62
N SER E 423 4.41 55.27 -52.42
CA SER E 423 5.20 55.10 -51.21
C SER E 423 5.31 53.63 -50.78
N HIS E 424 4.32 52.81 -51.12
CA HIS E 424 4.28 51.41 -50.68
C HIS E 424 4.91 50.52 -51.75
N VAL E 425 6.23 50.70 -51.94
CA VAL E 425 6.97 49.96 -52.95
C VAL E 425 8.19 49.32 -52.30
N MET E 426 8.36 48.02 -52.53
CA MET E 426 9.60 47.36 -52.17
C MET E 426 10.71 47.83 -53.11
N THR E 427 11.81 48.31 -52.54
CA THR E 427 12.89 48.86 -53.35
C THR E 427 14.19 48.16 -53.00
N ILE E 428 14.83 47.58 -53.99
CA ILE E 428 16.16 47.00 -53.86
C ILE E 428 17.10 47.78 -54.77
N SER E 429 18.37 47.84 -54.39
CA SER E 429 19.34 48.63 -55.13
C SER E 429 20.61 47.82 -55.33
N SER E 430 21.55 48.43 -56.08
CA SER E 430 22.86 47.85 -56.30
C SER E 430 23.81 48.97 -56.69
N ILE E 431 25.10 48.78 -56.39
CA ILE E 431 26.12 49.77 -56.69
C ILE E 431 27.11 49.15 -57.67
N GLY E 432 27.39 49.86 -58.76
CA GLY E 432 28.31 49.39 -59.76
C GLY E 432 29.65 50.12 -59.70
N SER E 433 30.59 49.61 -60.50
CA SER E 433 31.92 50.20 -60.55
C SER E 433 31.86 51.58 -61.22
N PRO E 434 32.73 52.50 -60.81
CA PRO E 434 32.71 53.85 -61.40
C PRO E 434 32.97 53.81 -62.90
N ILE E 435 32.27 54.68 -63.63
CA ILE E 435 32.37 54.76 -65.08
C ILE E 435 32.51 56.22 -65.48
N ASP E 436 32.94 56.43 -66.72
CA ASP E 436 33.12 57.77 -67.28
C ASP E 436 31.80 58.25 -67.89
N ILE E 437 31.39 59.45 -67.51
CA ILE E 437 30.16 60.05 -68.02
C ILE E 437 30.48 61.46 -68.50
N ASP E 438 29.79 61.90 -69.55
CA ASP E 438 30.07 63.19 -70.17
C ASP E 438 29.31 64.30 -69.46
N THR E 439 30.04 65.30 -68.98
CA THR E 439 29.40 66.41 -68.28
C THR E 439 28.82 67.41 -69.27
N SER E 440 29.23 67.34 -70.54
CA SER E 440 28.64 68.22 -71.54
C SER E 440 27.15 67.96 -71.71
N GLU E 441 26.76 66.70 -71.72
CA GLU E 441 25.34 66.35 -71.82
C GLU E 441 24.60 66.64 -70.52
N TYR E 442 25.22 66.30 -69.39
CA TYR E 442 24.59 66.43 -68.09
C TYR E 442 25.19 67.59 -67.32
N PRO E 443 24.46 68.68 -67.10
CA PRO E 443 24.99 69.77 -66.28
C PRO E 443 24.98 69.43 -64.79
N GLU E 444 26.03 68.75 -64.33
CA GLU E 444 26.07 68.29 -62.95
C GLU E 444 26.06 69.46 -61.97
N LEU E 445 26.81 70.51 -62.28
CA LEU E 445 26.93 71.68 -61.40
C LEU E 445 27.43 71.30 -60.00
N HIS E 458 34.13 72.67 -65.32
CA HIS E 458 33.62 71.33 -65.59
C HIS E 458 34.40 70.65 -66.71
N GLU E 459 35.14 69.61 -66.35
CA GLU E 459 35.87 68.81 -67.34
C GLU E 459 34.88 68.01 -68.19
N PRO E 460 35.26 67.63 -69.41
CA PRO E 460 34.29 66.91 -70.28
C PRO E 460 33.78 65.62 -69.68
N VAL E 461 34.62 64.87 -68.97
CA VAL E 461 34.23 63.59 -68.40
C VAL E 461 34.73 63.50 -66.96
N MET E 462 33.92 62.91 -66.09
CA MET E 462 34.28 62.67 -64.70
C MET E 462 33.66 61.34 -64.27
N LYS E 463 34.40 60.58 -63.47
CA LYS E 463 33.91 59.28 -63.00
C LYS E 463 32.80 59.48 -61.98
N MET E 464 31.68 58.79 -62.19
CA MET E 464 30.55 58.84 -61.28
C MET E 464 30.02 57.44 -61.08
N VAL E 465 29.82 57.05 -59.83
CA VAL E 465 29.36 55.70 -59.49
C VAL E 465 27.91 55.53 -59.90
N PRO E 466 27.58 54.57 -60.76
CA PRO E 466 26.18 54.37 -61.16
C PRO E 466 25.46 53.47 -60.18
N ILE E 467 24.22 53.85 -59.86
CA ILE E 467 23.37 53.12 -58.94
C ILE E 467 22.08 52.76 -59.65
N ARG E 468 21.69 51.50 -59.56
CA ARG E 468 20.45 51.01 -60.15
C ARG E 468 19.48 50.63 -59.04
N VAL E 469 18.30 51.24 -59.06
CA VAL E 469 17.29 51.01 -58.03
C VAL E 469 16.02 50.56 -58.72
N VAL E 470 15.69 49.27 -58.58
CA VAL E 470 14.48 48.71 -59.14
C VAL E 470 13.47 48.54 -58.02
N SER E 471 12.24 48.96 -58.26
CA SER E 471 11.19 48.92 -57.25
C SER E 471 10.11 47.93 -57.63
N SER E 472 9.27 47.60 -56.64
CA SER E 472 8.27 46.56 -56.82
C SER E 472 7.15 46.99 -57.74
N ASP E 473 7.05 48.30 -58.02
CA ASP E 473 6.05 48.76 -58.98
C ASP E 473 6.44 48.43 -60.41
N GLY E 474 7.71 48.14 -60.67
CA GLY E 474 8.15 47.73 -61.98
C GLY E 474 8.95 48.76 -62.75
N TYR E 475 9.77 49.57 -62.08
CA TYR E 475 10.56 50.60 -62.74
C TYR E 475 12.01 50.53 -62.27
N LEU E 476 12.92 50.93 -63.15
CA LEU E 476 14.33 51.00 -62.85
C LEU E 476 14.76 52.46 -62.86
N TYR E 477 15.57 52.85 -61.87
CA TYR E 477 16.05 54.21 -61.74
C TYR E 477 17.56 54.20 -61.69
N ASN E 478 18.19 55.04 -62.51
CA ASN E 478 19.64 55.14 -62.60
C ASN E 478 20.10 56.44 -61.96
N PHE E 479 21.01 56.34 -61.00
CA PHE E 479 21.57 57.49 -60.31
C PHE E 479 23.08 57.54 -60.50
N VAL E 480 23.67 58.65 -60.10
CA VAL E 480 25.12 58.81 -60.06
C VAL E 480 25.51 59.50 -58.77
N MET E 481 26.61 59.05 -58.17
CA MET E 481 27.14 59.63 -56.95
C MET E 481 28.56 60.11 -57.20
N ASP E 482 28.87 61.31 -56.72
CA ASP E 482 30.24 61.80 -56.77
C ASP E 482 30.97 61.35 -55.52
N PRO E 483 32.01 60.51 -55.64
CA PRO E 483 32.64 59.93 -54.44
C PRO E 483 33.18 60.96 -53.47
N GLU E 484 33.63 62.11 -53.94
CA GLU E 484 34.10 63.17 -53.06
C GLU E 484 32.96 64.03 -52.53
N ARG E 485 32.11 64.53 -53.42
CA ARG E 485 31.00 65.38 -52.99
C ARG E 485 29.93 64.59 -52.25
N GLY E 486 29.59 63.41 -52.74
CA GLY E 486 28.48 62.67 -52.16
C GLY E 486 27.20 63.47 -52.28
N GLY E 487 26.45 63.55 -51.19
CA GLY E 487 25.25 64.35 -51.16
C GLY E 487 24.11 63.74 -51.96
N ASP E 488 23.08 64.56 -52.17
CA ASP E 488 21.93 64.12 -52.95
C ASP E 488 22.34 63.80 -54.36
N CYS E 489 21.84 62.68 -54.89
CA CYS E 489 22.27 62.17 -56.17
C CYS E 489 21.28 62.52 -57.28
N LEU E 490 21.84 62.88 -58.43
CA LEU E 490 21.05 63.16 -59.62
C LEU E 490 20.57 61.87 -60.28
N ILE E 491 19.42 61.95 -60.93
CA ILE E 491 18.82 60.81 -61.62
C ILE E 491 18.96 61.06 -63.12
N LEU E 492 19.45 60.05 -63.84
CA LEU E 492 19.66 60.21 -65.27
C LEU E 492 18.46 59.74 -66.08
N SER E 493 18.03 58.50 -65.88
CA SER E 493 17.01 57.94 -66.74
C SER E 493 16.13 56.97 -65.95
N GLN E 494 15.00 56.62 -66.55
CA GLN E 494 14.06 55.68 -65.98
C GLN E 494 13.49 54.80 -67.08
N TYR E 495 13.66 53.50 -66.96
CA TYR E 495 12.98 52.56 -67.84
C TYR E 495 11.72 52.06 -67.16
N SER E 496 11.12 51.04 -67.77
CA SER E 496 9.94 50.39 -67.21
C SER E 496 10.03 48.90 -67.49
N ILE E 497 10.37 48.14 -66.46
CA ILE E 497 10.35 46.69 -66.59
C ILE E 497 8.92 46.23 -66.85
N LEU E 498 8.79 45.10 -67.54
CA LEU E 498 7.55 44.52 -68.07
C LEU E 498 7.09 45.26 -69.32
N MET E 499 7.95 46.07 -69.95
CA MET E 499 7.58 46.80 -71.15
C MET E 499 8.81 47.10 -71.99
N SER F 5 30.59 -14.69 -12.63
CA SER F 5 30.51 -13.24 -12.59
C SER F 5 30.12 -12.65 -13.94
N PRO F 6 28.94 -12.07 -14.02
CA PRO F 6 28.49 -11.45 -15.27
C PRO F 6 29.34 -10.23 -15.63
N THR F 7 29.49 -10.02 -16.94
CA THR F 7 30.23 -8.87 -17.44
C THR F 7 29.39 -7.61 -17.32
N ILE F 8 30.05 -6.49 -17.03
CA ILE F 8 29.37 -5.22 -16.90
C ILE F 8 29.76 -4.33 -18.08
N ASN F 9 28.84 -3.49 -18.51
CA ASN F 9 29.04 -2.64 -19.67
C ASN F 9 28.98 -1.15 -19.37
N PHE F 10 28.64 -0.76 -18.14
CA PHE F 10 28.42 0.66 -17.86
C PHE F 10 28.51 0.90 -16.37
N ILE F 11 29.27 1.91 -15.98
CA ILE F 11 29.32 2.40 -14.61
C ILE F 11 29.22 3.91 -14.66
N ASN F 12 28.46 4.49 -13.72
CA ASN F 12 28.34 5.94 -13.69
C ASN F 12 27.82 6.39 -12.33
N PHE F 13 28.52 7.35 -11.75
CA PHE F 13 28.05 8.06 -10.57
C PHE F 13 26.84 8.91 -10.94
N ASN F 14 26.13 9.38 -9.91
CA ASN F 14 25.08 10.35 -10.15
C ASN F 14 25.70 11.75 -10.25
N GLN F 15 24.85 12.76 -10.36
CA GLN F 15 25.33 14.11 -10.51
C GLN F 15 25.95 14.67 -9.23
N THR F 16 25.81 13.97 -8.12
CA THR F 16 26.42 14.39 -6.86
C THR F 16 27.57 13.49 -6.40
N GLY F 17 27.65 12.27 -6.94
CA GLY F 17 28.71 11.37 -6.54
C GLY F 17 28.45 10.59 -5.26
N THR F 18 27.24 10.68 -4.70
CA THR F 18 26.91 9.94 -3.50
C THR F 18 26.25 8.60 -3.77
N CYS F 19 26.04 8.24 -5.03
CA CYS F 19 25.44 6.98 -5.39
C CYS F 19 26.21 6.35 -6.54
N ILE F 20 25.77 5.16 -6.94
CA ILE F 20 26.40 4.40 -8.02
C ILE F 20 25.31 3.81 -8.89
N SER F 21 25.52 3.86 -10.21
CA SER F 21 24.72 3.10 -11.17
C SER F 21 25.63 2.15 -11.92
N LEU F 22 25.04 1.05 -12.41
CA LEU F 22 25.84 0.05 -13.10
C LEU F 22 24.93 -0.76 -14.02
N GLY F 23 25.50 -1.27 -15.10
CA GLY F 23 24.76 -2.09 -16.04
C GLY F 23 25.53 -3.32 -16.48
N THR F 24 24.95 -4.50 -16.29
CA THR F 24 25.57 -5.76 -16.65
C THR F 24 25.00 -6.26 -17.98
N SER F 25 25.41 -7.46 -18.38
CA SER F 25 24.78 -8.12 -19.50
C SER F 25 23.54 -8.90 -19.10
N LYS F 26 23.29 -9.03 -17.80
CA LYS F 26 22.10 -9.70 -17.29
C LYS F 26 21.12 -8.75 -16.59
N GLY F 27 21.51 -7.52 -16.33
CA GLY F 27 20.65 -6.59 -15.63
C GLY F 27 21.42 -5.35 -15.21
N PHE F 28 20.81 -4.57 -14.33
CA PHE F 28 21.45 -3.37 -13.81
C PHE F 28 21.32 -3.35 -12.30
N LYS F 29 22.19 -2.56 -11.67
CA LYS F 29 22.23 -2.45 -10.22
C LYS F 29 22.35 -0.99 -9.84
N ILE F 30 21.90 -0.67 -8.63
CA ILE F 30 22.01 0.68 -8.09
C ILE F 30 22.54 0.56 -6.67
N PHE F 31 23.69 1.16 -6.41
CA PHE F 31 24.32 1.07 -5.11
C PHE F 31 24.18 2.39 -4.35
N ASN F 32 24.83 2.47 -3.20
CA ASN F 32 24.95 3.69 -2.43
C ASN F 32 26.38 3.76 -1.90
N CYS F 33 26.80 4.94 -1.44
CA CYS F 33 28.23 5.13 -1.20
C CYS F 33 28.60 5.20 0.27
N GLU F 34 28.01 6.12 1.04
CA GLU F 34 28.43 6.26 2.43
C GLU F 34 27.86 5.17 3.33
N PRO F 35 26.53 4.96 3.40
CA PRO F 35 26.04 3.71 3.99
C PRO F 35 25.90 2.64 2.92
N PHE F 36 27.03 2.02 2.54
CA PHE F 36 27.08 1.21 1.34
C PHE F 36 26.03 0.10 1.37
N GLY F 37 25.35 -0.07 0.24
CA GLY F 37 24.34 -1.10 0.11
C GLY F 37 23.79 -1.14 -1.29
N LYS F 38 23.11 -2.25 -1.59
CA LYS F 38 22.52 -2.46 -2.92
C LYS F 38 21.09 -1.95 -2.87
N PHE F 39 20.91 -0.70 -3.34
CA PHE F 39 19.61 -0.05 -3.26
C PHE F 39 18.57 -0.71 -4.15
N TYR F 40 18.96 -1.12 -5.36
CA TYR F 40 18.01 -1.68 -6.31
C TYR F 40 18.73 -2.59 -7.28
N SER F 41 17.95 -3.44 -7.95
CA SER F 41 18.47 -4.34 -8.96
C SER F 41 17.32 -4.89 -9.78
N GLU F 42 17.61 -5.32 -11.00
CA GLU F 42 16.62 -5.97 -11.85
C GLU F 42 17.36 -6.75 -12.93
N ASP F 43 17.18 -8.08 -12.93
CA ASP F 43 17.88 -8.95 -13.87
C ASP F 43 16.97 -9.28 -15.05
N SER F 44 16.76 -8.28 -15.91
CA SER F 44 15.95 -8.45 -17.10
C SER F 44 16.80 -8.84 -18.31
N GLY F 45 17.81 -8.04 -18.62
CA GLY F 45 18.65 -8.31 -19.76
C GLY F 45 19.85 -7.38 -19.78
N GLY F 46 20.53 -7.36 -20.93
CA GLY F 46 21.69 -6.51 -21.07
C GLY F 46 21.29 -5.04 -21.11
N TYR F 47 22.05 -4.21 -20.38
CA TYR F 47 21.84 -2.78 -20.34
C TYR F 47 23.15 -2.07 -20.62
N ALA F 48 23.10 -1.04 -21.46
CA ALA F 48 24.28 -0.30 -21.85
C ALA F 48 24.37 1.09 -21.24
N ILE F 49 23.23 1.72 -20.97
CA ILE F 49 23.22 3.04 -20.37
C ILE F 49 22.24 3.07 -19.20
N VAL F 50 22.74 3.37 -18.01
CA VAL F 50 21.92 3.49 -16.80
C VAL F 50 22.24 4.85 -16.18
N GLU F 51 21.37 5.83 -16.41
CA GLU F 51 21.56 7.18 -15.92
C GLU F 51 20.39 7.55 -15.01
N MET F 52 20.71 8.19 -13.89
CA MET F 52 19.71 8.54 -12.89
C MET F 52 19.89 9.98 -12.46
N LEU F 53 18.80 10.61 -12.02
CA LEU F 53 18.81 11.98 -11.55
C LEU F 53 19.32 12.03 -10.11
N PHE F 54 19.15 13.18 -9.46
CA PHE F 54 19.60 13.33 -8.08
C PHE F 54 18.70 12.50 -7.18
N SER F 55 19.03 11.21 -7.04
CA SER F 55 18.15 10.23 -6.38
C SER F 55 16.80 10.31 -7.08
N THR F 56 15.72 10.65 -6.38
CA THR F 56 14.38 10.91 -6.91
C THR F 56 13.79 9.73 -7.67
N SER F 57 14.39 8.55 -7.60
CA SER F 57 13.80 7.33 -8.17
C SER F 57 13.51 7.48 -9.66
N LEU F 58 14.41 8.15 -10.39
CA LEU F 58 14.25 8.34 -11.83
C LEU F 58 15.43 7.71 -12.54
N LEU F 59 15.16 6.96 -13.61
CA LEU F 59 16.17 6.21 -14.31
C LEU F 59 16.00 6.36 -15.82
N ALA F 60 17.11 6.21 -16.54
CA ALA F 60 17.12 6.14 -17.99
C ALA F 60 17.82 4.85 -18.40
N LEU F 61 17.12 3.99 -19.14
CA LEU F 61 17.60 2.65 -19.44
C LEU F 61 17.73 2.50 -20.95
N VAL F 62 18.91 2.07 -21.40
CA VAL F 62 19.16 1.75 -22.80
C VAL F 62 19.62 0.30 -22.87
N GLY F 63 18.87 -0.52 -23.61
CA GLY F 63 19.25 -1.91 -23.76
C GLY F 63 20.52 -2.09 -24.56
N ILE F 64 21.17 -3.23 -24.34
CA ILE F 64 22.41 -3.51 -25.06
C ILE F 64 22.12 -3.76 -26.53
N GLY F 65 20.93 -4.25 -26.85
CA GLY F 65 20.57 -4.51 -28.23
C GLY F 65 20.05 -5.93 -28.45
N LEU F 70 14.12 -4.41 -25.82
CA LEU F 70 14.72 -3.12 -25.54
C LEU F 70 16.07 -2.98 -26.26
N SER F 71 16.02 -2.49 -27.49
CA SER F 71 17.23 -2.32 -28.27
C SER F 71 17.99 -1.08 -27.84
N ALA F 72 19.20 -0.93 -28.37
CA ALA F 72 20.01 0.25 -28.07
C ALA F 72 19.35 1.52 -28.57
N ALA F 73 18.55 1.42 -29.64
CA ALA F 73 17.84 2.58 -30.15
C ALA F 73 16.80 3.08 -29.16
N ARG F 74 16.06 2.17 -28.52
CA ARG F 74 14.99 2.56 -27.62
C ARG F 74 15.54 3.02 -26.28
N LEU F 75 14.96 4.09 -25.75
CA LEU F 75 15.27 4.58 -24.42
C LEU F 75 14.02 4.49 -23.56
N ARG F 76 14.15 3.91 -22.38
CA ARG F 76 13.03 3.69 -21.47
C ARG F 76 13.34 4.34 -20.13
N ILE F 77 12.38 5.09 -19.60
CA ILE F 77 12.51 5.76 -18.31
C ILE F 77 11.64 5.03 -17.31
N ILE F 78 12.25 4.53 -16.24
CA ILE F 78 11.56 3.71 -15.25
C ILE F 78 11.72 4.34 -13.88
N ASN F 79 10.61 4.42 -13.15
CA ASN F 79 10.60 4.88 -11.76
C ASN F 79 10.71 3.65 -10.87
N THR F 80 11.85 3.49 -10.22
CA THR F 80 12.11 2.27 -9.46
C THR F 80 11.25 2.17 -8.22
N LYS F 81 10.87 3.29 -7.59
CA LYS F 81 10.01 3.23 -6.42
C LYS F 81 8.58 2.84 -6.78
N LYS F 82 8.06 3.39 -7.89
CA LYS F 82 6.73 3.02 -8.36
C LYS F 82 6.73 1.75 -9.20
N HIS F 83 7.90 1.29 -9.65
CA HIS F 83 8.02 0.10 -10.49
C HIS F 83 7.22 0.21 -11.78
N SER F 84 7.00 1.43 -12.25
CA SER F 84 6.26 1.69 -13.47
C SER F 84 7.16 2.33 -14.53
N ILE F 85 6.59 2.51 -15.72
CA ILE F 85 7.31 3.08 -16.86
C ILE F 85 6.69 4.43 -17.16
N ILE F 86 7.50 5.49 -17.06
CA ILE F 86 6.99 6.83 -17.36
C ILE F 86 6.70 6.97 -18.84
N CYS F 87 7.65 6.58 -19.69
CA CYS F 87 7.48 6.72 -21.13
C CYS F 87 8.55 5.89 -21.84
N GLU F 88 8.32 5.65 -23.13
CA GLU F 88 9.28 4.96 -23.98
C GLU F 88 9.41 5.73 -25.28
N VAL F 89 10.65 6.05 -25.64
CA VAL F 89 10.93 6.80 -26.86
C VAL F 89 11.96 6.03 -27.68
N THR F 90 11.71 5.95 -28.99
CA THR F 90 12.58 5.24 -29.91
C THR F 90 13.37 6.25 -30.74
N PHE F 91 14.49 5.80 -31.27
CA PHE F 91 15.39 6.64 -32.05
C PHE F 91 15.85 5.88 -33.29
N PRO F 92 16.11 6.58 -34.39
CA PRO F 92 16.51 5.88 -35.62
C PRO F 92 17.80 5.11 -35.50
N THR F 93 18.75 5.57 -34.70
CA THR F 93 20.05 4.92 -34.57
C THR F 93 20.34 4.63 -33.11
N SER F 94 21.41 3.88 -32.86
CA SER F 94 21.77 3.49 -31.52
C SER F 94 22.18 4.71 -30.69
N ILE F 95 21.77 4.71 -29.42
CA ILE F 95 22.08 5.82 -28.52
C ILE F 95 23.53 5.71 -28.07
N LEU F 96 24.22 6.84 -28.02
CA LEU F 96 25.61 6.86 -27.58
C LEU F 96 25.80 7.47 -26.19
N SER F 97 24.86 8.30 -25.74
CA SER F 97 24.96 8.89 -24.41
C SER F 97 23.61 9.46 -24.02
N VAL F 98 23.34 9.44 -22.72
CA VAL F 98 22.16 10.07 -22.14
C VAL F 98 22.58 10.75 -20.85
N LYS F 99 22.27 12.04 -20.72
CA LYS F 99 22.57 12.78 -19.51
C LYS F 99 21.35 13.58 -19.11
N MET F 100 21.27 13.92 -17.82
CA MET F 100 20.06 14.52 -17.29
C MET F 100 20.41 15.55 -16.22
N ASN F 101 19.52 16.52 -16.08
CA ASN F 101 19.42 17.39 -14.92
C ASN F 101 17.95 17.49 -14.54
N LYS F 102 17.66 18.23 -13.47
CA LYS F 102 16.27 18.33 -13.02
C LYS F 102 15.43 19.25 -13.91
N SER F 103 15.94 19.65 -15.07
CA SER F 103 15.20 20.47 -16.02
C SER F 103 15.11 19.87 -17.41
N ARG F 104 16.17 19.24 -17.91
CA ARG F 104 16.20 18.77 -19.29
C ARG F 104 16.74 17.35 -19.35
N LEU F 105 16.31 16.62 -20.37
CA LEU F 105 16.82 15.30 -20.70
C LEU F 105 17.34 15.30 -22.12
N VAL F 106 18.58 14.88 -22.31
CA VAL F 106 19.24 14.93 -23.61
C VAL F 106 19.67 13.53 -24.02
N VAL F 107 19.32 13.14 -25.24
CA VAL F 107 19.72 11.87 -25.83
C VAL F 107 20.57 12.17 -27.05
N LEU F 108 21.75 11.57 -27.12
CA LEU F 108 22.69 11.84 -28.20
C LEU F 108 22.88 10.60 -29.06
N LEU F 109 22.73 10.77 -30.37
CA LEU F 109 23.11 9.78 -31.36
C LEU F 109 24.39 10.23 -32.04
N GLN F 110 24.87 9.39 -32.97
CA GLN F 110 26.21 9.60 -33.52
C GLN F 110 26.33 10.93 -34.25
N GLU F 111 25.23 11.43 -34.83
CA GLU F 111 25.25 12.70 -35.55
C GLU F 111 24.11 13.63 -35.17
N GLN F 112 23.34 13.31 -34.14
CA GLN F 112 22.19 14.12 -33.77
C GLN F 112 22.14 14.27 -32.26
N ILE F 113 21.52 15.37 -31.81
CA ILE F 113 21.27 15.63 -30.41
C ILE F 113 19.80 15.90 -30.22
N TYR F 114 19.17 15.19 -29.29
CA TYR F 114 17.76 15.39 -28.95
C TYR F 114 17.68 15.93 -27.54
N ILE F 115 16.86 16.97 -27.35
CA ILE F 115 16.71 17.59 -26.04
C ILE F 115 15.24 17.53 -25.66
N TYR F 116 14.96 17.02 -24.47
CA TYR F 116 13.61 16.91 -23.93
C TYR F 116 13.51 17.65 -22.61
N ASP F 117 12.30 18.10 -22.28
CA ASP F 117 12.02 18.65 -20.97
C ASP F 117 11.73 17.49 -20.03
N ILE F 118 12.41 17.46 -18.88
CA ILE F 118 12.30 16.31 -18.00
C ILE F 118 10.89 16.16 -17.44
N ASN F 119 10.21 17.28 -17.18
CA ASN F 119 8.87 17.22 -16.60
C ASN F 119 7.83 16.82 -17.62
N THR F 120 7.69 17.62 -18.68
CA THR F 120 6.61 17.39 -19.64
C THR F 120 6.91 16.19 -20.54
N MET F 121 8.19 15.92 -20.80
CA MET F 121 8.69 14.85 -21.65
C MET F 121 8.32 15.07 -23.11
N ARG F 122 8.03 16.29 -23.52
CA ARG F 122 7.84 16.58 -24.94
C ARG F 122 9.15 17.05 -25.57
N LEU F 123 9.30 16.75 -26.85
CA LEU F 123 10.50 17.15 -27.57
C LEU F 123 10.56 18.67 -27.69
N LEU F 124 11.76 19.23 -27.50
CA LEU F 124 11.96 20.66 -27.57
C LEU F 124 12.86 21.11 -28.71
N HIS F 125 14.07 20.58 -28.81
CA HIS F 125 15.03 21.05 -29.78
C HIS F 125 15.86 19.87 -30.28
N THR F 126 16.36 20.02 -31.51
CA THR F 126 17.20 19.01 -32.12
C THR F 126 18.39 19.70 -32.77
N ILE F 127 19.58 19.17 -32.54
CA ILE F 127 20.81 19.73 -33.10
C ILE F 127 21.40 18.72 -34.07
N GLU F 128 21.65 19.16 -35.30
CA GLU F 128 22.34 18.35 -36.29
C GLU F 128 23.83 18.64 -36.19
N THR F 129 24.59 17.71 -35.61
CA THR F 129 26.00 17.89 -35.39
C THR F 129 26.81 16.98 -36.31
N ASN F 130 28.08 17.35 -36.49
CA ASN F 130 28.98 16.50 -37.23
C ASN F 130 29.22 15.20 -36.47
N PRO F 131 29.57 14.10 -37.17
CA PRO F 131 29.63 12.79 -36.52
C PRO F 131 30.50 12.73 -35.27
N ASN F 132 29.96 12.13 -34.20
CA ASN F 132 30.68 11.92 -32.95
C ASN F 132 30.61 10.45 -32.59
N PRO F 133 31.54 9.63 -33.09
CA PRO F 133 31.53 8.21 -32.74
C PRO F 133 31.83 7.92 -31.28
N ARG F 134 32.41 8.88 -30.56
CA ARG F 134 32.80 8.66 -29.17
C ARG F 134 31.70 9.03 -28.17
N GLY F 135 30.61 9.64 -28.62
CA GLY F 135 29.51 9.97 -27.73
C GLY F 135 29.90 10.90 -26.61
N LEU F 136 30.59 11.99 -26.92
CA LEU F 136 31.13 12.90 -25.93
C LEU F 136 30.11 13.99 -25.63
N MET F 137 29.90 14.26 -24.35
CA MET F 137 28.97 15.30 -23.90
C MET F 137 29.44 15.84 -22.55
N ALA F 138 28.77 16.90 -22.11
CA ALA F 138 28.93 17.43 -20.77
C ALA F 138 27.78 18.38 -20.49
N MET F 139 27.08 18.14 -19.38
CA MET F 139 25.91 18.92 -19.01
C MET F 139 26.09 19.50 -17.62
N SER F 140 25.83 20.78 -17.48
CA SER F 140 25.77 21.38 -16.16
C SER F 140 24.53 20.86 -15.44
N PRO F 141 24.67 20.29 -14.24
CA PRO F 141 23.52 19.68 -13.57
C PRO F 141 22.60 20.66 -12.87
N SER F 142 22.94 21.95 -12.80
CA SER F 142 22.13 22.94 -12.13
C SER F 142 21.26 23.68 -13.14
N VAL F 143 20.04 24.01 -12.73
CA VAL F 143 19.12 24.70 -13.64
C VAL F 143 19.52 26.16 -13.82
N ALA F 144 20.24 26.73 -12.86
CA ALA F 144 20.62 28.14 -12.95
C ALA F 144 21.57 28.39 -14.11
N ASN F 145 22.45 27.43 -14.40
CA ASN F 145 23.45 27.58 -15.44
C ASN F 145 23.42 26.42 -16.42
N SER F 146 22.23 26.06 -16.89
CA SER F 146 22.04 24.86 -17.71
C SER F 146 22.73 25.06 -19.05
N TYR F 147 23.91 24.46 -19.18
CA TYR F 147 24.70 24.54 -20.41
C TYR F 147 25.05 23.13 -20.87
N LEU F 148 24.93 22.90 -22.17
CA LEU F 148 25.33 21.65 -22.81
C LEU F 148 26.40 21.96 -23.85
N VAL F 149 27.47 21.18 -23.84
CA VAL F 149 28.57 21.35 -24.78
C VAL F 149 28.82 20.05 -25.53
N TYR F 150 29.02 20.15 -26.83
CA TYR F 150 29.31 19.00 -27.68
C TYR F 150 30.38 19.38 -28.67
N PRO F 151 31.19 18.43 -29.14
CA PRO F 151 32.25 18.76 -30.09
C PRO F 151 31.69 19.01 -31.49
N SER F 152 32.42 19.83 -32.24
CA SER F 152 32.05 20.16 -33.62
C SER F 152 33.25 19.93 -34.53
N PRO F 153 33.44 18.71 -34.99
CA PRO F 153 34.55 18.43 -35.91
C PRO F 153 34.19 18.83 -37.33
N PRO F 154 35.18 19.17 -38.15
CA PRO F 154 34.90 19.44 -39.56
C PRO F 154 34.44 18.19 -40.28
N LYS F 155 33.58 18.40 -41.27
CA LYS F 155 33.06 17.30 -42.08
C LYS F 155 33.96 17.11 -43.30
N VAL F 156 34.45 15.90 -43.49
CA VAL F 156 35.34 15.59 -44.60
C VAL F 156 34.53 15.11 -45.81
N ILE F 222 44.21 23.64 -37.06
CA ILE F 222 43.67 22.72 -38.05
C ILE F 222 42.15 22.72 -37.94
N LYS F 223 41.66 23.26 -36.82
CA LYS F 223 40.22 23.43 -36.57
C LYS F 223 39.51 22.08 -36.49
N ASN F 224 40.00 21.19 -35.64
CA ASN F 224 39.35 19.93 -35.33
C ASN F 224 38.67 19.94 -33.97
N GLY F 225 39.32 20.52 -32.97
CA GLY F 225 38.78 20.54 -31.62
C GLY F 225 37.86 21.70 -31.34
N ASP F 226 36.82 21.87 -32.16
CA ASP F 226 35.82 22.90 -31.90
C ASP F 226 34.67 22.31 -31.08
N VAL F 227 34.31 23.03 -30.02
CA VAL F 227 33.24 22.63 -29.12
C VAL F 227 32.18 23.72 -29.11
N ILE F 228 30.92 23.32 -29.30
CA ILE F 228 29.80 24.23 -29.37
C ILE F 228 29.17 24.34 -27.98
N VAL F 229 29.15 25.54 -27.42
CA VAL F 229 28.54 25.80 -26.12
C VAL F 229 27.09 26.14 -26.34
N PHE F 230 26.20 25.24 -25.92
CA PHE F 230 24.77 25.34 -26.17
C PHE F 230 24.05 25.59 -24.86
N ASN F 231 23.22 26.63 -24.82
CA ASN F 231 22.43 26.94 -23.65
C ASN F 231 21.10 26.21 -23.74
N LEU F 232 20.82 25.35 -22.77
CA LEU F 232 19.60 24.56 -22.80
C LEU F 232 18.38 25.37 -22.42
N GLU F 233 18.56 26.41 -21.60
CA GLU F 233 17.43 27.19 -21.13
C GLU F 233 16.71 27.88 -22.29
N THR F 234 17.45 28.60 -23.13
CA THR F 234 16.88 29.32 -24.25
C THR F 234 16.96 28.54 -25.56
N LEU F 235 17.61 27.39 -25.56
CA LEU F 235 17.78 26.54 -26.74
C LEU F 235 18.41 27.33 -27.90
N GLN F 236 19.56 27.95 -27.59
CA GLN F 236 20.33 28.65 -28.61
C GLN F 236 21.80 28.52 -28.26
N PRO F 237 22.68 28.34 -29.24
CA PRO F 237 24.11 28.34 -28.94
C PRO F 237 24.58 29.70 -28.43
N THR F 238 25.56 29.67 -27.53
CA THR F 238 26.07 30.89 -26.93
C THR F 238 27.41 31.33 -27.51
N MET F 239 28.33 30.40 -27.74
CA MET F 239 29.63 30.73 -28.31
C MET F 239 30.23 29.45 -28.89
N VAL F 240 31.36 29.62 -29.55
CA VAL F 240 32.14 28.51 -30.10
C VAL F 240 33.52 28.55 -29.47
N ILE F 241 33.95 27.43 -28.90
CA ILE F 241 35.21 27.34 -28.18
C ILE F 241 36.24 26.63 -29.04
N GLU F 242 37.37 27.29 -29.29
CA GLU F 242 38.49 26.71 -30.03
C GLU F 242 39.35 25.94 -29.03
N ALA F 243 38.87 24.73 -28.70
CA ALA F 243 39.46 24.00 -27.58
C ALA F 243 40.88 23.54 -27.88
N HIS F 244 41.03 22.66 -28.87
CA HIS F 244 42.32 22.02 -29.13
C HIS F 244 42.53 21.87 -30.63
N LYS F 245 43.77 21.55 -30.99
CA LYS F 245 44.13 21.26 -32.37
C LYS F 245 43.61 19.89 -32.82
N GLY F 246 43.66 18.87 -31.95
CA GLY F 246 43.22 17.55 -32.29
C GLY F 246 41.83 17.27 -31.77
N GLU F 247 41.31 16.09 -32.12
CA GLU F 247 39.97 15.71 -31.73
C GLU F 247 39.83 15.66 -30.21
N ILE F 248 38.66 16.08 -29.73
CA ILE F 248 38.38 16.04 -28.29
C ILE F 248 38.13 14.59 -27.87
N ALA F 249 38.72 14.20 -26.73
CA ALA F 249 38.56 12.85 -26.22
C ALA F 249 37.72 12.78 -24.94
N ALA F 250 37.68 13.84 -24.14
CA ALA F 250 36.91 13.82 -22.90
C ALA F 250 36.58 15.25 -22.50
N MET F 251 35.44 15.41 -21.83
CA MET F 251 34.95 16.73 -21.46
C MET F 251 33.98 16.61 -20.29
N ALA F 252 34.01 17.61 -19.42
CA ALA F 252 33.15 17.63 -18.23
C ALA F 252 32.88 19.06 -17.80
N ILE F 253 31.78 19.24 -17.07
CA ILE F 253 31.34 20.55 -16.59
C ILE F 253 31.16 20.48 -15.07
N SER F 254 31.56 21.53 -14.38
CA SER F 254 31.45 21.57 -12.93
C SER F 254 29.98 21.54 -12.50
N PHE F 255 29.78 21.38 -11.20
CA PHE F 255 28.43 21.23 -10.67
C PHE F 255 27.58 22.49 -10.87
N ASP F 256 28.16 23.66 -10.67
CA ASP F 256 27.43 24.92 -10.80
C ASP F 256 27.39 25.43 -12.24
N GLY F 257 28.02 24.72 -13.17
CA GLY F 257 28.02 25.15 -14.55
C GLY F 257 28.91 26.34 -14.86
N THR F 258 29.89 26.63 -14.01
CA THR F 258 30.77 27.76 -14.19
C THR F 258 31.95 27.45 -15.12
N LEU F 259 32.55 26.28 -14.96
CA LEU F 259 33.78 25.92 -15.65
C LEU F 259 33.54 24.79 -16.64
N MET F 260 34.58 24.51 -17.41
CA MET F 260 34.60 23.44 -18.40
C MET F 260 36.01 22.91 -18.54
N ALA F 261 36.15 21.60 -18.77
CA ALA F 261 37.45 20.98 -18.97
C ALA F 261 37.38 20.00 -20.13
N THR F 262 38.43 20.00 -20.95
CA THR F 262 38.50 19.13 -22.13
C THR F 262 39.91 18.60 -22.28
N ALA F 263 40.05 17.55 -23.08
CA ALA F 263 41.35 16.97 -23.39
C ALA F 263 41.30 16.29 -24.75
N SER F 264 42.36 16.47 -25.53
CA SER F 264 42.47 15.90 -26.86
C SER F 264 42.70 14.40 -26.76
N ASP F 265 42.75 13.74 -27.92
CA ASP F 265 42.96 12.30 -27.95
C ASP F 265 44.37 11.90 -27.53
N LYS F 266 45.31 12.84 -27.50
CA LYS F 266 46.65 12.57 -26.99
C LYS F 266 46.69 12.49 -25.46
N GLY F 267 45.77 13.17 -24.78
CA GLY F 267 45.71 13.12 -23.33
C GLY F 267 46.89 13.77 -22.64
N THR F 268 47.68 14.54 -23.39
CA THR F 268 48.87 15.15 -22.82
C THR F 268 48.59 16.49 -22.15
N ILE F 269 47.64 17.27 -22.66
CA ILE F 269 47.35 18.60 -22.15
C ILE F 269 45.89 18.67 -21.76
N ILE F 270 45.63 19.12 -20.53
CA ILE F 270 44.28 19.35 -20.02
C ILE F 270 44.04 20.85 -20.02
N ARG F 271 42.92 21.27 -20.61
CA ARG F 271 42.59 22.68 -20.72
C ARG F 271 41.24 22.94 -20.07
N VAL F 272 41.16 24.05 -19.33
CA VAL F 272 39.95 24.45 -18.62
C VAL F 272 39.50 25.79 -19.14
N PHE F 273 38.27 25.85 -19.66
CA PHE F 273 37.68 27.09 -20.15
C PHE F 273 36.49 27.48 -19.29
N ASP F 274 36.38 28.78 -19.04
CA ASP F 274 35.25 29.33 -18.31
C ASP F 274 34.09 29.53 -19.28
N ILE F 275 32.99 28.81 -19.05
CA ILE F 275 31.97 28.65 -20.08
C ILE F 275 31.23 29.95 -20.35
N GLU F 276 31.11 30.81 -19.34
CA GLU F 276 30.32 32.03 -19.52
C GLU F 276 31.06 33.07 -20.35
N THR F 277 32.38 33.19 -20.15
CA THR F 277 33.15 34.17 -20.90
C THR F 277 33.87 33.52 -22.08
N GLY F 278 34.33 32.28 -21.92
CA GLY F 278 35.06 31.58 -22.95
C GLY F 278 36.57 31.58 -22.77
N ASP F 279 37.09 32.25 -21.75
CA ASP F 279 38.53 32.33 -21.55
C ASP F 279 39.06 31.01 -20.99
N LYS F 280 40.22 30.60 -21.48
CA LYS F 280 40.90 29.43 -20.92
C LYS F 280 41.55 29.82 -19.59
N ILE F 281 41.13 29.16 -18.51
CA ILE F 281 41.56 29.55 -17.18
C ILE F 281 42.81 28.76 -16.78
N TYR F 282 42.77 27.44 -16.96
CA TYR F 282 43.86 26.58 -16.55
C TYR F 282 44.26 25.65 -17.68
N GLN F 283 45.55 25.33 -17.74
CA GLN F 283 46.09 24.38 -18.69
C GLN F 283 47.04 23.44 -17.96
N PHE F 284 46.64 22.18 -17.83
CA PHE F 284 47.42 21.18 -17.09
C PHE F 284 48.09 20.21 -18.04
N ARG F 285 49.32 19.83 -17.70
CA ARG F 285 50.03 18.76 -18.37
C ARG F 285 49.75 17.45 -17.66
N ARG F 286 49.37 16.42 -18.42
CA ARG F 286 49.07 15.12 -17.87
C ARG F 286 50.06 14.09 -18.39
N GLY F 287 50.80 13.46 -17.49
CA GLY F 287 51.74 12.44 -17.87
C GLY F 287 52.91 12.96 -18.68
N THR F 288 53.64 12.05 -19.31
CA THR F 288 54.77 12.40 -20.15
C THR F 288 54.53 12.05 -21.62
N TYR F 289 54.16 10.81 -21.91
CA TYR F 289 53.86 10.40 -23.27
C TYR F 289 52.35 10.37 -23.48
N ALA F 290 51.95 10.42 -24.76
CA ALA F 290 50.54 10.46 -25.08
C ALA F 290 49.89 9.12 -24.76
N THR F 291 48.78 9.18 -24.02
CA THR F 291 48.01 7.99 -23.70
C THR F 291 46.54 8.38 -23.56
N ARG F 292 45.67 7.39 -23.73
CA ARG F 292 44.24 7.65 -23.79
C ARG F 292 43.71 8.13 -22.44
N ILE F 293 42.65 8.93 -22.49
CA ILE F 293 41.94 9.42 -21.30
C ILE F 293 40.55 8.84 -21.32
N TYR F 294 40.14 8.23 -20.21
CA TYR F 294 38.87 7.54 -20.13
C TYR F 294 37.72 8.46 -19.73
N SER F 295 37.90 9.30 -18.72
CA SER F 295 36.85 10.22 -18.31
C SER F 295 37.45 11.35 -17.48
N ILE F 296 36.71 12.44 -17.39
CA ILE F 296 37.05 13.58 -16.55
C ILE F 296 35.86 13.91 -15.67
N SER F 297 36.13 14.28 -14.41
CA SER F 297 35.06 14.61 -13.49
C SER F 297 35.53 15.71 -12.54
N PHE F 298 34.66 16.68 -12.28
CA PHE F 298 34.98 17.75 -11.36
C PHE F 298 34.67 17.34 -9.93
N SER F 299 35.30 18.01 -8.98
CA SER F 299 34.86 17.93 -7.60
C SER F 299 33.55 18.69 -7.43
N GLU F 300 32.79 18.31 -6.40
CA GLU F 300 31.50 18.96 -6.16
C GLU F 300 31.69 20.44 -5.85
N ASP F 301 32.73 20.78 -5.09
CA ASP F 301 33.05 22.15 -4.74
C ASP F 301 33.96 22.83 -5.77
N SER F 302 34.16 22.22 -6.93
CA SER F 302 35.00 22.72 -8.01
C SER F 302 36.43 22.98 -7.56
N GLN F 303 36.92 22.22 -6.56
CA GLN F 303 38.27 22.43 -6.07
C GLN F 303 39.28 21.57 -6.85
N TYR F 304 38.87 20.36 -7.23
CA TYR F 304 39.78 19.41 -7.86
C TYR F 304 39.12 18.81 -9.09
N LEU F 305 39.97 18.32 -10.00
CA LEU F 305 39.52 17.68 -11.23
C LEU F 305 40.19 16.32 -11.36
N ALA F 306 39.41 15.31 -11.76
CA ALA F 306 39.89 13.94 -11.79
C ALA F 306 39.93 13.41 -13.22
N VAL F 307 41.06 12.81 -13.58
CA VAL F 307 41.24 12.19 -14.90
C VAL F 307 41.71 10.76 -14.69
N THR F 308 41.22 9.85 -15.54
CA THR F 308 41.60 8.45 -15.51
C THR F 308 41.99 8.00 -16.92
N GLY F 309 43.10 7.27 -17.01
CA GLY F 309 43.58 6.85 -18.32
C GLY F 309 43.87 5.37 -18.41
N SER F 310 44.53 4.96 -19.50
CA SER F 310 44.86 3.55 -19.70
C SER F 310 46.13 3.13 -18.98
N SER F 311 46.79 4.07 -18.30
CA SER F 311 48.01 3.78 -17.56
C SER F 311 47.73 3.20 -16.18
N LYS F 312 46.47 2.88 -15.88
CA LYS F 312 46.07 2.36 -14.58
C LYS F 312 46.40 3.32 -13.44
N THR F 313 46.51 4.60 -13.75
CA THR F 313 46.84 5.64 -12.78
C THR F 313 45.83 6.78 -12.91
N VAL F 314 45.47 7.37 -11.78
CA VAL F 314 44.49 8.45 -11.72
C VAL F 314 45.19 9.68 -11.19
N HIS F 315 45.04 10.80 -11.90
CA HIS F 315 45.64 12.07 -11.52
C HIS F 315 44.57 13.02 -11.02
N ILE F 316 44.94 13.88 -10.07
CA ILE F 316 44.06 14.92 -9.55
C ILE F 316 44.77 16.26 -9.70
N PHE F 317 44.09 17.20 -10.34
CA PHE F 317 44.60 18.55 -10.53
C PHE F 317 43.82 19.51 -9.64
N LYS F 318 44.54 20.37 -8.94
CA LYS F 318 43.95 21.34 -8.02
C LYS F 318 43.51 22.56 -8.82
N LEU F 319 42.26 22.99 -8.61
CA LEU F 319 41.72 24.17 -9.28
C LEU F 319 41.65 25.38 -8.37
N GLY F 320 42.32 25.33 -7.21
CA GLY F 320 42.30 26.47 -6.31
C GLY F 320 43.22 27.59 -6.78
N HIS F 321 43.95 27.37 -7.86
CA HIS F 321 44.91 28.35 -8.38
C HIS F 321 44.23 29.68 -8.68
N SER F 409 49.27 22.79 -14.79
CA SER F 409 50.64 22.37 -14.53
C SER F 409 50.68 20.88 -14.16
N ARG F 410 51.64 20.53 -13.31
CA ARG F 410 51.78 19.14 -12.88
C ARG F 410 50.61 18.73 -12.00
N HIS F 411 50.23 17.46 -12.10
CA HIS F 411 49.13 16.94 -11.29
C HIS F 411 49.45 17.06 -9.80
N PHE F 412 48.47 17.50 -9.03
CA PHE F 412 48.68 17.70 -7.61
C PHE F 412 48.86 16.39 -6.85
N ALA F 413 47.98 15.42 -7.06
CA ALA F 413 48.05 14.16 -6.36
C ALA F 413 47.67 13.04 -7.32
N SER F 414 48.24 11.87 -7.09
CA SER F 414 48.05 10.75 -8.00
C SER F 414 47.58 9.53 -7.21
N LEU F 415 46.79 8.69 -7.88
CA LEU F 415 46.23 7.48 -7.30
C LEU F 415 46.76 6.28 -8.05
N LYS F 416 47.42 5.37 -7.35
CA LYS F 416 47.95 4.15 -7.95
C LYS F 416 47.12 2.96 -7.48
N LEU F 417 46.51 2.27 -8.42
CA LEU F 417 45.71 1.09 -8.09
C LEU F 417 46.63 -0.04 -7.67
N PRO F 418 46.08 -1.05 -6.96
CA PRO F 418 46.90 -2.21 -6.58
C PRO F 418 47.45 -2.94 -7.80
N VAL F 419 48.63 -3.53 -7.63
CA VAL F 419 49.35 -4.13 -8.75
C VAL F 419 48.56 -5.29 -9.35
N GLU F 420 47.83 -6.03 -8.51
CA GLU F 420 47.12 -7.20 -9.00
C GLU F 420 46.07 -6.83 -10.06
N THR F 421 45.63 -5.58 -10.08
CA THR F 421 44.67 -5.14 -11.08
C THR F 421 45.28 -5.14 -12.47
N ASN F 422 44.52 -5.61 -13.46
CA ASN F 422 45.00 -5.61 -14.83
C ASN F 422 45.01 -4.20 -15.40
N SER F 423 45.94 -3.93 -16.30
CA SER F 423 46.08 -2.60 -16.87
C SER F 423 44.99 -2.28 -17.90
N HIS F 424 44.34 -3.30 -18.45
CA HIS F 424 43.33 -3.09 -19.49
C HIS F 424 41.94 -3.01 -18.86
N VAL F 425 41.77 -1.98 -18.03
CA VAL F 425 40.53 -1.77 -17.31
C VAL F 425 40.17 -0.29 -17.36
N MET F 426 38.89 0.02 -17.58
CA MET F 426 38.45 1.40 -17.59
C MET F 426 37.99 1.81 -16.20
N THR F 427 38.44 2.99 -15.77
CA THR F 427 38.16 3.45 -14.41
C THR F 427 37.49 4.81 -14.47
N ILE F 428 36.41 4.97 -13.72
CA ILE F 428 35.80 6.28 -13.49
C ILE F 428 35.90 6.59 -12.01
N SER F 429 36.07 7.87 -11.68
CA SER F 429 36.30 8.27 -10.31
C SER F 429 35.36 9.41 -9.95
N SER F 430 35.37 9.76 -8.67
CA SER F 430 34.58 10.87 -8.16
C SER F 430 35.21 11.37 -6.87
N ILE F 431 35.09 12.67 -6.63
CA ILE F 431 35.65 13.30 -5.45
C ILE F 431 34.50 13.80 -4.59
N GLY F 432 34.53 13.47 -3.29
CA GLY F 432 33.51 13.88 -2.36
C GLY F 432 33.97 15.01 -1.45
N SER F 433 33.03 15.49 -0.65
CA SER F 433 33.32 16.56 0.29
C SER F 433 34.25 16.06 1.39
N PRO F 434 35.11 16.92 1.93
CA PRO F 434 36.06 16.49 2.95
C PRO F 434 35.36 15.96 4.19
N ILE F 435 35.95 14.92 4.78
CA ILE F 435 35.42 14.26 5.97
C ILE F 435 36.53 14.09 6.99
N ASP F 436 36.13 13.84 8.23
CA ASP F 436 37.07 13.62 9.32
C ASP F 436 37.30 12.13 9.51
N ILE F 437 38.57 11.74 9.61
CA ILE F 437 38.95 10.36 9.82
C ILE F 437 39.86 10.30 11.04
N ASP F 438 39.86 9.16 11.73
CA ASP F 438 40.64 9.02 12.96
C ASP F 438 42.04 8.54 12.62
N THR F 439 43.05 9.36 12.93
CA THR F 439 44.43 8.99 12.63
C THR F 439 44.92 7.89 13.55
N SER F 440 44.20 7.64 14.65
CA SER F 440 44.59 6.55 15.54
C SER F 440 44.46 5.21 14.83
N GLU F 441 43.39 5.02 14.06
CA GLU F 441 43.20 3.78 13.33
C GLU F 441 44.18 3.65 12.18
N TYR F 442 44.44 4.75 11.48
CA TYR F 442 45.25 4.75 10.27
C TYR F 442 46.57 5.47 10.52
N PRO F 443 47.70 4.77 10.55
CA PRO F 443 48.99 5.46 10.70
C PRO F 443 49.42 6.14 9.40
N GLU F 444 48.93 7.36 9.19
CA GLU F 444 49.20 8.06 7.93
C GLU F 444 50.69 8.34 7.75
N LEU F 445 51.37 8.77 8.81
CA LEU F 445 52.80 9.11 8.77
C LEU F 445 53.08 10.18 7.71
N HIS F 458 50.82 13.73 15.47
CA HIS F 458 49.56 13.40 14.80
C HIS F 458 48.37 13.73 15.67
N GLU F 459 47.51 14.63 15.19
CA GLU F 459 46.24 14.92 15.86
C GLU F 459 45.31 13.72 15.71
N PRO F 460 44.37 13.52 16.63
CA PRO F 460 43.50 12.33 16.52
C PRO F 460 42.70 12.29 15.23
N VAL F 461 42.24 13.44 14.73
CA VAL F 461 41.44 13.50 13.51
C VAL F 461 41.90 14.69 12.67
N MET F 462 41.94 14.49 11.35
CA MET F 462 42.25 15.55 10.39
C MET F 462 41.45 15.31 9.12
N LYS F 463 41.08 16.39 8.44
CA LYS F 463 40.20 16.30 7.29
C LYS F 463 40.90 15.62 6.12
N MET F 464 40.24 14.63 5.53
CA MET F 464 40.75 13.89 4.38
C MET F 464 39.71 13.93 3.28
N VAL F 465 40.13 14.22 2.06
CA VAL F 465 39.23 14.24 0.91
C VAL F 465 39.03 12.80 0.44
N PRO F 466 37.82 12.28 0.49
CA PRO F 466 37.59 10.90 0.05
C PRO F 466 37.42 10.81 -1.45
N ILE F 467 38.01 9.77 -2.05
CA ILE F 467 37.96 9.54 -3.49
C ILE F 467 37.49 8.11 -3.72
N ARG F 468 36.51 7.95 -4.61
CA ARG F 468 35.98 6.65 -4.96
C ARG F 468 36.29 6.36 -6.42
N VAL F 469 37.05 5.29 -6.66
CA VAL F 469 37.46 4.90 -8.00
C VAL F 469 36.92 3.51 -8.26
N VAL F 470 36.07 3.37 -9.26
CA VAL F 470 35.48 2.09 -9.62
C VAL F 470 35.95 1.72 -11.02
N SER F 471 36.30 0.45 -11.21
CA SER F 471 36.82 -0.04 -12.47
C SER F 471 35.83 -0.99 -13.11
N SER F 472 36.03 -1.24 -14.41
CA SER F 472 35.07 -2.05 -15.16
C SER F 472 35.16 -3.52 -14.80
N ASP F 473 36.17 -3.89 -14.00
CA ASP F 473 36.25 -5.27 -13.52
C ASP F 473 35.29 -5.56 -12.39
N GLY F 474 34.72 -4.52 -11.77
CA GLY F 474 33.74 -4.69 -10.73
C GLY F 474 34.24 -4.46 -9.31
N TYR F 475 35.12 -3.49 -9.10
CA TYR F 475 35.66 -3.21 -7.78
C TYR F 475 35.50 -1.73 -7.47
N LEU F 476 35.51 -1.41 -6.18
CA LEU F 476 35.49 -0.03 -5.71
C LEU F 476 36.71 0.21 -4.82
N TYR F 477 37.36 1.35 -5.01
CA TYR F 477 38.55 1.70 -4.24
C TYR F 477 38.34 3.05 -3.58
N ASN F 478 38.62 3.12 -2.28
CA ASN F 478 38.45 4.34 -1.50
C ASN F 478 39.82 4.88 -1.11
N PHE F 479 40.07 6.13 -1.47
CA PHE F 479 41.33 6.80 -1.14
C PHE F 479 41.04 8.02 -0.27
N VAL F 480 42.09 8.54 0.34
CA VAL F 480 42.04 9.80 1.07
C VAL F 480 43.21 10.67 0.64
N MET F 481 42.93 11.94 0.41
CA MET F 481 43.94 12.90 -0.04
C MET F 481 44.03 14.05 0.94
N ASP F 482 45.26 14.43 1.27
CA ASP F 482 45.48 15.59 2.13
C ASP F 482 45.55 16.83 1.26
N PRO F 483 44.63 17.79 1.42
CA PRO F 483 44.60 18.96 0.52
C PRO F 483 45.88 19.77 0.52
N GLU F 484 46.65 19.77 1.60
CA GLU F 484 47.91 20.50 1.65
C GLU F 484 49.07 19.66 1.12
N ARG F 485 49.24 18.45 1.64
CA ARG F 485 50.36 17.61 1.22
C ARG F 485 50.16 17.05 -0.18
N GLY F 486 48.95 16.59 -0.47
CA GLY F 486 48.71 15.94 -1.76
C GLY F 486 49.53 14.68 -1.88
N GLY F 487 50.21 14.53 -3.03
CA GLY F 487 51.07 13.39 -3.25
C GLY F 487 50.28 12.11 -3.43
N ASP F 488 51.00 10.99 -3.34
CA ASP F 488 50.38 9.68 -3.46
C ASP F 488 49.39 9.47 -2.32
N CYS F 489 48.22 8.96 -2.64
CA CYS F 489 47.14 8.84 -1.69
C CYS F 489 47.08 7.43 -1.11
N LEU F 490 46.85 7.36 0.21
CA LEU F 490 46.66 6.09 0.88
C LEU F 490 45.30 5.50 0.52
N ILE F 491 45.23 4.18 0.50
CA ILE F 491 44.01 3.46 0.15
C ILE F 491 43.50 2.79 1.42
N LEU F 492 42.22 3.03 1.74
CA LEU F 492 41.67 2.49 2.98
C LEU F 492 41.08 1.10 2.78
N SER F 493 40.17 0.95 1.82
CA SER F 493 39.43 -0.29 1.67
C SER F 493 39.14 -0.54 0.20
N GLN F 494 38.73 -1.78 -0.10
CA GLN F 494 38.47 -2.20 -1.46
C GLN F 494 37.24 -3.10 -1.45
N TYR F 495 36.07 -2.52 -1.65
CA TYR F 495 34.85 -3.31 -1.75
C TYR F 495 34.85 -4.06 -3.08
N SER F 496 33.79 -4.84 -3.30
CA SER F 496 33.63 -5.58 -4.54
C SER F 496 32.19 -5.46 -5.00
N ILE F 497 31.99 -4.75 -6.11
CA ILE F 497 30.67 -4.71 -6.74
C ILE F 497 30.34 -6.09 -7.29
N LEU F 498 29.04 -6.37 -7.41
CA LEU F 498 28.44 -7.66 -7.77
C LEU F 498 28.47 -8.61 -6.59
N MET F 499 29.11 -8.25 -5.48
CA MET F 499 29.12 -9.05 -4.26
C MET F 499 29.06 -8.10 -3.07
N ASP F 500 29.35 -8.64 -1.90
CA ASP F 500 29.32 -7.85 -0.67
C ASP F 500 30.47 -6.84 -0.63
N SER G 5 -5.18 29.81 22.62
CA SER G 5 -3.93 29.38 23.25
C SER G 5 -4.17 28.19 24.18
N PRO G 6 -3.90 26.99 23.70
CA PRO G 6 -4.06 25.80 24.54
C PRO G 6 -3.04 25.77 25.67
N THR G 7 -3.44 25.12 26.76
CA THR G 7 -2.57 24.98 27.91
C THR G 7 -1.43 24.00 27.61
N ILE G 8 -0.26 24.28 28.17
CA ILE G 8 0.92 23.43 27.97
C ILE G 8 1.26 22.77 29.29
N ASN G 9 1.62 21.49 29.22
CA ASN G 9 1.84 20.68 30.41
C ASN G 9 3.29 20.24 30.60
N PHE G 10 4.16 20.46 29.62
CA PHE G 10 5.50 19.90 29.70
C PHE G 10 6.41 20.64 28.74
N ILE G 11 7.55 21.11 29.26
CA ILE G 11 8.59 21.73 28.46
C ILE G 11 9.93 21.22 28.94
N ASN G 12 10.82 20.91 27.99
CA ASN G 12 12.20 20.61 28.35
C ASN G 12 13.09 20.76 27.11
N PHE G 13 14.35 21.06 27.36
CA PHE G 13 15.36 21.09 26.31
C PHE G 13 15.81 19.67 25.98
N ASN G 14 16.59 19.55 24.90
CA ASN G 14 17.24 18.28 24.63
C ASN G 14 18.51 18.18 25.49
N GLN G 15 19.22 17.07 25.34
CA GLN G 15 20.39 16.82 26.17
C GLN G 15 21.54 17.76 25.85
N THR G 16 21.46 18.50 24.74
CA THR G 16 22.47 19.50 24.40
C THR G 16 21.99 20.92 24.58
N GLY G 17 20.67 21.14 24.76
CA GLY G 17 20.16 22.47 24.97
C GLY G 17 19.96 23.29 23.72
N THR G 18 20.00 22.68 22.53
CA THR G 18 19.81 23.41 21.29
C THR G 18 18.44 23.17 20.67
N CYS G 19 17.53 22.50 21.37
CA CYS G 19 16.19 22.26 20.87
C CYS G 19 15.18 22.43 21.99
N ILE G 20 13.90 22.44 21.63
CA ILE G 20 12.80 22.56 22.58
C ILE G 20 11.80 21.46 22.29
N SER G 21 11.37 20.76 23.34
CA SER G 21 10.21 19.88 23.27
C SER G 21 9.11 20.48 24.11
N LEU G 22 7.86 20.28 23.70
CA LEU G 22 6.75 20.90 24.40
C LEU G 22 5.51 20.05 24.20
N GLY G 23 4.68 20.00 25.24
CA GLY G 23 3.45 19.24 25.18
C GLY G 23 2.24 20.04 25.61
N THR G 24 1.24 20.13 24.74
CA THR G 24 0.01 20.85 25.02
C THR G 24 -1.08 19.86 25.44
N SER G 25 -2.29 20.38 25.63
CA SER G 25 -3.43 19.50 25.85
C SER G 25 -4.03 19.02 24.54
N LYS G 26 -3.56 19.54 23.41
CA LYS G 26 -4.01 19.11 22.10
C LYS G 26 -2.94 18.42 21.27
N GLY G 27 -1.67 18.51 21.67
CA GLY G 27 -0.62 17.87 20.92
C GLY G 27 0.74 18.28 21.44
N PHE G 28 1.77 18.01 20.63
CA PHE G 28 3.14 18.33 20.99
C PHE G 28 3.80 19.11 19.87
N LYS G 29 4.84 19.86 20.22
CA LYS G 29 5.58 20.67 19.27
C LYS G 29 7.06 20.50 19.54
N ILE G 30 7.87 20.74 18.50
CA ILE G 30 9.32 20.67 18.61
C ILE G 30 9.88 21.92 17.95
N PHE G 31 10.73 22.65 18.66
CA PHE G 31 11.28 23.89 18.15
C PHE G 31 12.79 23.77 17.97
N ASN G 32 13.43 24.89 17.64
CA ASN G 32 14.88 24.99 17.57
C ASN G 32 15.27 26.30 18.22
N CYS G 33 16.56 26.48 18.49
CA CYS G 33 16.96 27.59 19.34
C CYS G 33 17.66 28.73 18.61
N GLU G 34 18.78 28.44 17.93
CA GLU G 34 19.53 29.53 17.32
C GLU G 34 18.88 30.03 16.03
N PRO G 35 18.68 29.21 14.97
CA PRO G 35 17.81 29.65 13.88
C PRO G 35 16.37 29.24 14.16
N PHE G 36 15.68 30.02 15.00
CA PHE G 36 14.42 29.58 15.59
C PHE G 36 13.43 29.13 14.54
N GLY G 37 12.76 28.01 14.81
CA GLY G 37 11.80 27.47 13.87
C GLY G 37 11.03 26.34 14.52
N LYS G 38 9.99 25.89 13.82
CA LYS G 38 9.12 24.82 14.29
C LYS G 38 9.36 23.58 13.44
N PHE G 39 10.18 22.67 13.96
CA PHE G 39 10.55 21.47 13.20
C PHE G 39 9.38 20.52 13.02
N TYR G 40 8.56 20.30 14.05
CA TYR G 40 7.53 19.29 13.95
C TYR G 40 6.37 19.64 14.88
N SER G 41 5.22 19.04 14.60
CA SER G 41 4.03 19.23 15.42
C SER G 41 2.96 18.24 14.99
N GLU G 42 2.17 17.79 15.97
CA GLU G 42 1.00 16.96 15.71
C GLU G 42 -0.09 17.33 16.70
N ASP G 43 -1.31 17.49 16.20
CA ASP G 43 -2.47 17.73 17.06
C ASP G 43 -3.21 16.41 17.30
N SER G 44 -2.53 15.52 18.01
CA SER G 44 -3.06 14.19 18.28
C SER G 44 -3.93 14.17 19.54
N GLY G 45 -3.36 14.57 20.67
CA GLY G 45 -4.10 14.57 21.90
C GLY G 45 -3.28 15.18 23.03
N GLY G 46 -3.76 14.99 24.25
CA GLY G 46 -3.04 15.47 25.40
C GLY G 46 -1.75 14.69 25.61
N TYR G 47 -0.65 15.43 25.79
CA TYR G 47 0.66 14.83 26.04
C TYR G 47 1.25 15.41 27.31
N ALA G 48 1.71 14.52 28.20
CA ALA G 48 2.30 14.93 29.46
C ALA G 48 3.81 14.80 29.48
N ILE G 49 4.39 13.89 28.69
CA ILE G 49 5.83 13.71 28.64
C ILE G 49 6.28 13.65 27.19
N VAL G 50 7.05 14.65 26.75
CA VAL G 50 7.63 14.69 25.41
C VAL G 50 9.13 14.91 25.57
N GLU G 51 9.88 13.81 25.48
CA GLU G 51 11.33 13.85 25.69
C GLU G 51 12.02 13.42 24.40
N MET G 52 13.10 14.11 24.05
CA MET G 52 13.81 13.90 22.81
C MET G 52 15.27 13.57 23.10
N LEU G 53 15.90 12.85 22.17
CA LEU G 53 17.32 12.55 22.26
C LEU G 53 18.11 13.67 21.58
N PHE G 54 19.40 13.41 21.33
CA PHE G 54 20.23 14.41 20.66
C PHE G 54 19.80 14.54 19.21
N SER G 55 18.76 15.34 18.97
CA SER G 55 18.09 15.40 17.67
C SER G 55 17.73 13.96 17.29
N THR G 56 18.26 13.40 16.20
CA THR G 56 18.15 12.01 15.79
C THR G 56 16.71 11.54 15.60
N SER G 57 15.72 12.43 15.61
CA SER G 57 14.35 12.08 15.24
C SER G 57 13.78 10.96 16.11
N LEU G 58 14.08 10.99 17.41
CA LEU G 58 13.58 9.98 18.35
C LEU G 58 12.86 10.69 19.49
N LEU G 59 11.66 10.23 19.81
CA LEU G 59 10.82 10.88 20.81
C LEU G 59 10.19 9.84 21.73
N ALA G 60 9.88 10.28 22.95
CA ALA G 60 9.09 9.51 23.89
C ALA G 60 7.81 10.28 24.21
N LEU G 61 6.66 9.68 23.93
CA LEU G 61 5.38 10.35 24.04
C LEU G 61 4.50 9.61 25.04
N VAL G 62 4.02 10.33 26.04
CA VAL G 62 3.14 9.78 27.07
C VAL G 62 1.83 10.55 27.02
N GLY G 63 0.72 9.82 26.90
CA GLY G 63 -0.58 10.47 26.87
C GLY G 63 -0.93 11.12 28.19
N ILE G 64 -1.82 12.11 28.10
CA ILE G 64 -2.24 12.84 29.31
C ILE G 64 -3.01 11.94 30.25
N GLY G 65 -3.70 10.93 29.71
CA GLY G 65 -4.48 10.02 30.52
C GLY G 65 -5.97 10.11 30.25
N LEU G 70 -3.96 6.79 24.33
CA LEU G 70 -2.73 7.16 25.02
C LEU G 70 -2.99 7.53 26.47
N SER G 71 -2.88 6.55 27.36
CA SER G 71 -3.02 6.80 28.78
C SER G 71 -1.69 7.31 29.36
N ALA G 72 -1.75 7.74 30.62
CA ALA G 72 -0.55 8.17 31.31
C ALA G 72 0.41 7.01 31.52
N ALA G 73 -0.14 5.80 31.68
CA ALA G 73 0.71 4.62 31.87
C ALA G 73 1.43 4.25 30.58
N ARG G 74 0.77 4.43 29.44
CA ARG G 74 1.36 4.01 28.17
C ARG G 74 2.50 4.93 27.77
N LEU G 75 3.55 4.34 27.19
CA LEU G 75 4.67 5.07 26.62
C LEU G 75 4.83 4.62 25.17
N ARG G 76 4.96 5.58 24.27
CA ARG G 76 5.09 5.32 22.84
C ARG G 76 6.33 6.02 22.31
N ILE G 77 7.13 5.30 21.54
CA ILE G 77 8.36 5.84 20.94
C ILE G 77 8.09 6.06 19.46
N ILE G 78 8.25 7.30 19.00
CA ILE G 78 7.91 7.66 17.63
C ILE G 78 9.12 8.32 16.97
N ASN G 79 9.38 7.92 15.73
CA ASN G 79 10.37 8.55 14.87
C ASN G 79 9.67 9.60 14.04
N THR G 80 9.99 10.88 14.28
CA THR G 80 9.27 11.95 13.62
C THR G 80 9.60 12.06 12.14
N LYS G 81 10.83 11.76 11.74
CA LYS G 81 11.19 11.82 10.33
C LYS G 81 10.45 10.76 9.52
N LYS G 82 10.36 9.54 10.01
CA LYS G 82 9.69 8.46 9.31
C LYS G 82 8.19 8.44 9.56
N HIS G 83 7.70 9.19 10.56
CA HIS G 83 6.29 9.18 10.96
C HIS G 83 5.82 7.76 11.32
N SER G 84 6.73 6.94 11.83
CA SER G 84 6.43 5.57 12.21
C SER G 84 6.53 5.38 13.72
N ILE G 85 6.20 4.18 14.17
CA ILE G 85 6.21 3.82 15.58
C ILE G 85 7.28 2.75 15.77
N ILE G 86 8.30 3.06 16.56
CA ILE G 86 9.32 2.06 16.89
C ILE G 86 8.74 0.98 17.78
N CYS G 87 7.98 1.38 18.80
CA CYS G 87 7.47 0.41 19.77
C CYS G 87 6.35 1.06 20.57
N GLU G 88 5.71 0.23 21.39
CA GLU G 88 4.68 0.67 22.31
C GLU G 88 4.74 -0.21 23.55
N VAL G 89 4.86 0.42 24.72
CA VAL G 89 5.00 -0.28 25.98
C VAL G 89 4.05 0.32 27.00
N THR G 90 3.42 -0.54 27.79
CA THR G 90 2.52 -0.12 28.85
C THR G 90 3.15 -0.40 30.20
N PHE G 91 2.67 0.28 31.22
CA PHE G 91 3.12 0.14 32.59
C PHE G 91 1.91 0.05 33.51
N PRO G 92 2.05 -0.63 34.65
CA PRO G 92 0.89 -0.77 35.56
C PRO G 92 0.39 0.55 36.10
N THR G 93 1.25 1.56 36.26
CA THR G 93 0.87 2.84 36.81
C THR G 93 1.32 3.96 35.88
N SER G 94 0.94 5.19 36.24
CA SER G 94 1.27 6.35 35.42
C SER G 94 2.77 6.63 35.45
N ILE G 95 3.30 7.06 34.31
CA ILE G 95 4.71 7.38 34.19
C ILE G 95 4.95 8.76 34.77
N LEU G 96 6.03 8.91 35.55
CA LEU G 96 6.34 10.19 36.15
C LEU G 96 7.51 10.90 35.51
N SER G 97 8.45 10.17 34.89
CA SER G 97 9.58 10.80 34.24
C SER G 97 10.19 9.83 33.24
N VAL G 98 10.77 10.39 32.19
CA VAL G 98 11.47 9.63 31.16
C VAL G 98 12.72 10.40 30.77
N LYS G 99 13.86 9.70 30.69
CA LYS G 99 15.10 10.33 30.27
C LYS G 99 15.87 9.35 29.40
N MET G 100 16.75 9.90 28.55
CA MET G 100 17.53 9.07 27.65
C MET G 100 18.95 9.60 27.52
N ASN G 101 19.85 8.67 27.21
CA ASN G 101 21.12 8.97 26.55
C ASN G 101 21.16 8.12 25.29
N LYS G 102 22.28 8.17 24.57
CA LYS G 102 22.39 7.39 23.34
C LYS G 102 22.65 5.91 23.62
N SER G 103 22.52 5.46 24.86
CA SER G 103 22.72 4.06 25.21
C SER G 103 21.56 3.43 25.96
N ARG G 104 20.89 4.17 26.86
CA ARG G 104 19.88 3.59 27.73
C ARG G 104 18.64 4.46 27.75
N LEU G 105 17.51 3.83 28.07
CA LEU G 105 16.22 4.50 28.23
C LEU G 105 15.67 4.16 29.60
N VAL G 106 15.25 5.18 30.34
CA VAL G 106 14.78 5.02 31.71
C VAL G 106 13.34 5.52 31.81
N VAL G 107 12.47 4.68 32.39
CA VAL G 107 11.10 5.04 32.69
C VAL G 107 10.89 4.88 34.18
N LEU G 108 10.40 5.92 34.83
CA LEU G 108 10.18 5.93 36.27
C LEU G 108 8.69 5.98 36.58
N LEU G 109 8.23 5.03 37.40
CA LEU G 109 6.95 5.11 38.05
C LEU G 109 7.16 5.52 39.51
N GLN G 110 6.06 5.66 40.24
CA GLN G 110 6.13 6.23 41.58
C GLN G 110 7.02 5.40 42.51
N GLU G 111 7.07 4.08 42.29
CA GLU G 111 7.85 3.19 43.15
C GLU G 111 8.78 2.27 42.37
N GLN G 112 8.80 2.35 41.04
CA GLN G 112 9.60 1.43 40.24
C GLN G 112 10.38 2.20 39.20
N ILE G 113 11.56 1.69 38.86
CA ILE G 113 12.41 2.24 37.82
C ILE G 113 12.66 1.15 36.79
N TYR G 114 12.36 1.45 35.53
CA TYR G 114 12.60 0.53 34.43
C TYR G 114 13.71 1.09 33.55
N ILE G 115 14.67 0.25 33.20
CA ILE G 115 15.79 0.65 32.36
C ILE G 115 15.75 -0.18 31.09
N TYR G 116 15.78 0.48 29.94
CA TYR G 116 15.73 -0.17 28.65
C TYR G 116 16.97 0.20 27.83
N ASP G 117 17.42 -0.73 27.00
CA ASP G 117 18.47 -0.45 26.05
C ASP G 117 17.86 0.33 24.89
N ILE G 118 18.48 1.46 24.53
CA ILE G 118 17.87 2.31 23.52
C ILE G 118 17.82 1.62 22.16
N ASN G 119 18.82 0.79 21.84
CA ASN G 119 18.89 0.16 20.53
C ASN G 119 17.96 -1.04 20.45
N THR G 120 18.19 -2.06 21.29
CA THR G 120 17.43 -3.29 21.20
C THR G 120 16.03 -3.14 21.75
N MET G 121 15.84 -2.23 22.72
CA MET G 121 14.57 -1.88 23.35
C MET G 121 14.09 -2.99 24.27
N ARG G 122 14.88 -4.04 24.47
CA ARG G 122 14.53 -5.06 25.45
C ARG G 122 14.83 -4.55 26.86
N LEU G 123 14.04 -5.03 27.81
CA LEU G 123 14.23 -4.63 29.21
C LEU G 123 15.54 -5.20 29.74
N LEU G 124 16.27 -4.36 30.48
CA LEU G 124 17.55 -4.77 31.05
C LEU G 124 17.52 -4.93 32.57
N HIS G 125 16.84 -4.05 33.28
CA HIS G 125 16.88 -4.07 34.73
C HIS G 125 15.61 -3.43 35.29
N THR G 126 15.34 -3.72 36.56
CA THR G 126 14.23 -3.12 37.28
C THR G 126 14.69 -2.84 38.70
N ILE G 127 14.39 -1.65 39.22
CA ILE G 127 14.77 -1.26 40.56
C ILE G 127 13.51 -0.97 41.36
N GLU G 128 13.40 -1.59 42.54
CA GLU G 128 12.30 -1.33 43.46
C GLU G 128 12.77 -0.30 44.48
N THR G 129 12.26 0.92 44.36
CA THR G 129 12.66 2.01 45.23
C THR G 129 11.50 2.45 46.11
N ASN G 130 11.83 3.16 47.18
CA ASN G 130 10.82 3.76 48.03
C ASN G 130 10.07 4.83 47.23
N PRO G 131 8.79 5.07 47.55
CA PRO G 131 7.95 5.92 46.68
C PRO G 131 8.53 7.30 46.42
N ASN G 132 8.46 7.73 45.16
CA ASN G 132 8.86 9.06 44.73
C ASN G 132 7.70 9.71 44.00
N PRO G 133 6.80 10.37 44.73
CA PRO G 133 5.67 11.05 44.08
C PRO G 133 6.09 12.21 43.18
N ARG G 134 7.29 12.75 43.37
CA ARG G 134 7.76 13.89 42.60
C ARG G 134 8.43 13.49 41.28
N GLY G 135 8.68 12.21 41.06
CA GLY G 135 9.25 11.76 39.80
C GLY G 135 10.61 12.36 39.48
N LEU G 136 11.52 12.31 40.45
CA LEU G 136 12.82 12.97 40.33
C LEU G 136 13.89 11.97 39.93
N MET G 137 14.69 12.34 38.94
CA MET G 137 15.88 11.58 38.57
C MET G 137 16.94 12.55 38.06
N ALA G 138 18.03 11.96 37.56
CA ALA G 138 19.05 12.68 36.82
C ALA G 138 19.83 11.65 36.01
N MET G 139 19.97 11.91 34.71
CA MET G 139 20.60 10.98 33.79
C MET G 139 21.81 11.62 33.14
N SER G 140 22.94 10.95 33.20
CA SER G 140 24.12 11.42 32.48
C SER G 140 23.96 11.11 31.00
N PRO G 141 24.09 12.09 30.11
CA PRO G 141 23.83 11.86 28.68
C PRO G 141 25.01 11.25 27.93
N SER G 142 26.18 11.10 28.55
CA SER G 142 27.36 10.54 27.88
C SER G 142 27.49 9.07 28.23
N VAL G 143 27.87 8.26 27.24
CA VAL G 143 27.98 6.82 27.47
C VAL G 143 29.25 6.48 28.25
N ALA G 144 30.24 7.37 28.24
CA ALA G 144 31.46 7.11 28.98
C ALA G 144 31.21 7.03 30.48
N ASN G 145 30.32 7.88 30.99
CA ASN G 145 30.03 7.92 32.42
C ASN G 145 28.53 7.80 32.67
N SER G 146 27.89 6.81 32.04
CA SER G 146 26.44 6.64 32.12
C SER G 146 26.05 6.29 33.54
N TYR G 147 25.47 7.27 34.24
CA TYR G 147 25.03 7.11 35.62
C TYR G 147 23.59 7.57 35.77
N LEU G 148 22.86 6.89 36.65
CA LEU G 148 21.51 7.28 37.03
C LEU G 148 21.48 7.44 38.55
N VAL G 149 20.86 8.52 39.02
CA VAL G 149 20.72 8.77 40.46
C VAL G 149 19.25 9.02 40.77
N TYR G 150 18.76 8.35 41.83
CA TYR G 150 17.38 8.48 42.26
C TYR G 150 17.34 8.53 43.77
N PRO G 151 16.39 9.26 44.36
CA PRO G 151 16.36 9.38 45.81
C PRO G 151 15.82 8.13 46.49
N SER G 152 16.29 7.89 47.71
CA SER G 152 15.88 6.74 48.51
C SER G 152 15.49 7.21 49.90
N PRO G 153 14.24 7.61 50.09
CA PRO G 153 13.78 8.02 51.42
C PRO G 153 13.42 6.81 52.26
N PRO G 154 13.53 6.91 53.58
CA PRO G 154 13.08 5.81 54.44
C PRO G 154 11.60 5.56 54.29
N LYS G 155 11.23 4.28 54.37
CA LYS G 155 9.84 3.88 54.23
C LYS G 155 9.17 3.90 55.59
N VAL G 156 8.01 4.55 55.67
CA VAL G 156 7.26 4.64 56.91
C VAL G 156 6.04 3.72 56.88
N ILE G 222 18.50 12.84 60.33
CA ILE G 222 17.18 12.25 60.15
C ILE G 222 17.24 11.27 58.97
N LYS G 223 18.12 11.59 58.01
CA LYS G 223 18.39 10.74 56.86
C LYS G 223 17.15 10.53 55.99
N ASN G 224 16.60 11.64 55.50
CA ASN G 224 15.55 11.61 54.48
C ASN G 224 16.10 11.85 53.09
N GLY G 225 17.18 12.63 52.97
CA GLY G 225 17.74 12.95 51.68
C GLY G 225 18.83 12.01 51.21
N ASP G 226 18.56 10.71 51.25
CA ASP G 226 19.49 9.74 50.69
C ASP G 226 19.19 9.48 49.23
N VAL G 227 20.25 9.48 48.41
CA VAL G 227 20.14 9.30 46.98
C VAL G 227 21.05 8.14 46.57
N ILE G 228 20.59 7.34 45.62
CA ILE G 228 21.28 6.14 45.18
C ILE G 228 21.97 6.41 43.85
N VAL G 229 23.28 6.22 43.81
CA VAL G 229 24.07 6.38 42.59
C VAL G 229 24.10 5.03 41.89
N PHE G 230 23.45 4.95 40.74
CA PHE G 230 23.27 3.70 40.01
C PHE G 230 24.01 3.79 38.68
N ASN G 231 24.81 2.77 38.37
CA ASN G 231 25.56 2.73 37.12
C ASN G 231 24.76 1.95 36.09
N LEU G 232 24.47 2.60 34.96
CA LEU G 232 23.65 1.98 33.92
C LEU G 232 24.45 0.97 33.10
N GLU G 233 25.75 1.18 32.96
CA GLU G 233 26.56 0.31 32.12
C GLU G 233 26.59 -1.12 32.66
N THR G 234 26.91 -1.28 33.93
CA THR G 234 26.98 -2.60 34.55
C THR G 234 25.71 -2.98 35.28
N LEU G 235 24.74 -2.08 35.38
CA LEU G 235 23.47 -2.31 36.07
C LEU G 235 23.69 -2.76 37.52
N GLN G 236 24.55 -1.99 38.20
CA GLN G 236 24.77 -2.22 39.63
C GLN G 236 24.98 -0.88 40.30
N PRO G 237 24.41 -0.65 41.48
CA PRO G 237 24.66 0.61 42.19
C PRO G 237 26.12 0.72 42.61
N THR G 238 26.61 1.95 42.65
CA THR G 238 28.00 2.21 43.01
C THR G 238 28.17 2.68 44.46
N MET G 239 27.38 3.65 44.89
CA MET G 239 27.50 4.16 46.26
C MET G 239 26.22 4.86 46.64
N VAL G 240 26.07 5.14 47.93
CA VAL G 240 24.93 5.85 48.49
C VAL G 240 25.42 7.16 49.05
N ILE G 241 24.79 8.26 48.63
CA ILE G 241 25.20 9.60 49.03
C ILE G 241 24.19 10.15 50.02
N GLU G 242 24.68 10.54 51.20
CA GLU G 242 23.85 11.22 52.20
C GLU G 242 23.80 12.69 51.83
N ALA G 243 22.90 13.02 50.91
CA ALA G 243 22.90 14.35 50.31
C ALA G 243 22.44 15.41 51.30
N HIS G 244 21.19 15.30 51.77
CA HIS G 244 20.60 16.34 52.59
C HIS G 244 19.82 15.73 53.74
N LYS G 245 19.48 16.58 54.72
CA LYS G 245 18.64 16.18 55.83
C LYS G 245 17.17 16.05 55.45
N GLY G 246 16.67 16.93 54.57
CA GLY G 246 15.31 16.87 54.11
C GLY G 246 15.20 16.19 52.76
N GLU G 247 13.96 16.04 52.29
CA GLU G 247 13.71 15.35 51.04
C GLU G 247 14.35 16.09 49.87
N ILE G 248 14.81 15.32 48.88
CA ILE G 248 15.40 15.91 47.68
C ILE G 248 14.29 16.47 46.80
N ALA G 249 14.53 17.65 46.24
CA ALA G 249 13.56 18.32 45.39
C ALA G 249 13.97 18.43 43.93
N ALA G 250 15.26 18.40 43.62
CA ALA G 250 15.70 18.50 42.24
C ALA G 250 17.10 17.93 42.11
N MET G 251 17.36 17.27 40.97
CA MET G 251 18.64 16.64 40.71
C MET G 251 19.07 16.94 39.28
N ALA G 252 20.38 17.10 39.09
CA ALA G 252 20.94 17.38 37.78
C ALA G 252 22.34 16.82 37.68
N ILE G 253 22.64 16.23 36.52
CA ILE G 253 23.95 15.65 36.23
C ILE G 253 24.55 16.37 35.03
N SER G 254 25.83 16.71 35.12
CA SER G 254 26.51 17.40 34.03
C SER G 254 26.52 16.55 32.77
N PHE G 255 26.96 17.18 31.67
CA PHE G 255 26.93 16.52 30.37
C PHE G 255 27.83 15.29 30.33
N ASP G 256 29.01 15.37 30.96
CA ASP G 256 29.97 14.28 30.94
C ASP G 256 29.72 13.25 32.04
N GLY G 257 28.71 13.45 32.89
CA GLY G 257 28.45 12.53 33.97
C GLY G 257 29.41 12.59 35.12
N THR G 258 30.12 13.71 35.29
CA THR G 258 31.13 13.85 36.33
C THR G 258 30.53 14.31 37.66
N LEU G 259 29.61 15.27 37.63
CA LEU G 259 29.08 15.89 38.82
C LEU G 259 27.58 15.64 38.93
N MET G 260 27.07 15.75 40.15
CA MET G 260 25.64 15.69 40.43
C MET G 260 25.28 16.79 41.41
N ALA G 261 24.17 17.48 41.15
CA ALA G 261 23.71 18.56 42.01
C ALA G 261 22.33 18.22 42.55
N THR G 262 22.10 18.54 43.83
CA THR G 262 20.88 18.18 44.52
C THR G 262 20.31 19.41 45.23
N ALA G 263 19.01 19.38 45.45
CA ALA G 263 18.31 20.48 46.12
C ALA G 263 17.27 19.92 47.06
N SER G 264 17.30 20.40 48.30
CA SER G 264 16.35 19.99 49.32
C SER G 264 15.00 20.65 49.05
N ASP G 265 13.98 20.21 49.78
CA ASP G 265 12.64 20.75 49.59
C ASP G 265 12.51 22.20 50.02
N LYS G 266 13.43 22.70 50.84
CA LYS G 266 13.41 24.10 51.25
C LYS G 266 14.15 25.01 50.28
N GLY G 267 14.95 24.45 49.38
CA GLY G 267 15.60 25.22 48.34
C GLY G 267 16.58 26.26 48.84
N THR G 268 17.01 26.16 50.09
CA THR G 268 17.95 27.14 50.64
C THR G 268 19.40 26.76 50.37
N ILE G 269 19.73 25.48 50.33
CA ILE G 269 21.09 25.03 50.12
C ILE G 269 21.13 24.16 48.87
N ILE G 270 22.03 24.50 47.95
CA ILE G 270 22.29 23.73 46.75
C ILE G 270 23.63 23.02 46.94
N ARG G 271 23.63 21.70 46.80
CA ARG G 271 24.81 20.89 47.00
C ARG G 271 25.12 20.12 45.73
N VAL G 272 26.39 20.13 45.34
CA VAL G 272 26.87 19.41 44.17
C VAL G 272 27.91 18.40 44.64
N PHE G 273 27.78 17.16 44.20
CA PHE G 273 28.70 16.09 44.57
C PHE G 273 29.43 15.57 43.35
N ASP G 274 30.67 15.14 43.57
CA ASP G 274 31.47 14.48 42.55
C ASP G 274 31.11 13.00 42.57
N ILE G 275 30.56 12.50 41.46
CA ILE G 275 29.86 11.22 41.49
C ILE G 275 30.84 10.06 41.68
N GLU G 276 32.05 10.18 41.15
CA GLU G 276 32.99 9.06 41.22
C GLU G 276 33.60 8.93 42.63
N THR G 277 33.89 10.07 43.27
CA THR G 277 34.49 10.02 44.59
C THR G 277 33.43 10.09 45.69
N GLY G 278 32.37 10.86 45.46
CA GLY G 278 31.31 11.02 46.42
C GLY G 278 31.44 12.24 47.33
N ASP G 279 32.53 12.98 47.24
CA ASP G 279 32.74 14.11 48.11
C ASP G 279 31.97 15.32 47.62
N LYS G 280 31.36 16.06 48.55
CA LYS G 280 30.70 17.32 48.21
C LYS G 280 31.75 18.36 47.87
N ILE G 281 31.68 18.91 46.66
CA ILE G 281 32.72 19.81 46.18
C ILE G 281 32.33 21.26 46.47
N TYR G 282 31.11 21.65 46.08
CA TYR G 282 30.64 23.01 46.29
C TYR G 282 29.30 22.99 46.99
N GLN G 283 29.03 24.04 47.76
CA GLN G 283 27.76 24.23 48.44
C GLN G 283 27.31 25.67 48.21
N PHE G 284 26.11 25.84 47.68
CA PHE G 284 25.59 27.16 47.36
C PHE G 284 24.39 27.51 48.21
N ARG G 285 24.34 28.76 48.65
CA ARG G 285 23.17 29.33 49.31
C ARG G 285 22.31 30.02 48.26
N ARG G 286 21.01 29.76 48.31
CA ARG G 286 20.08 30.25 47.30
C ARG G 286 19.07 31.20 47.91
N GLY G 287 19.08 32.45 47.44
CA GLY G 287 18.11 33.44 47.87
C GLY G 287 18.27 33.90 49.29
N THR G 288 17.15 34.30 49.92
CA THR G 288 17.13 34.72 51.31
C THR G 288 16.26 33.81 52.17
N TYR G 289 15.02 33.56 51.76
CA TYR G 289 14.14 32.66 52.49
C TYR G 289 13.85 31.41 51.68
N ALA G 290 13.33 30.39 52.36
CA ALA G 290 13.05 29.11 51.72
C ALA G 290 11.91 29.24 50.72
N THR G 291 12.09 28.64 49.55
CA THR G 291 11.06 28.59 48.53
C THR G 291 11.33 27.42 47.58
N ARG G 292 10.28 27.02 46.87
CA ARG G 292 10.34 25.82 46.05
C ARG G 292 11.30 26.00 44.87
N ILE G 293 11.90 24.90 44.43
CA ILE G 293 12.81 24.87 43.29
C ILE G 293 12.17 24.03 42.19
N TYR G 294 12.18 24.55 40.97
CA TYR G 294 11.54 23.85 39.86
C TYR G 294 12.49 22.87 39.17
N SER G 295 13.69 23.32 38.78
CA SER G 295 14.61 22.46 38.07
C SER G 295 16.02 23.00 38.18
N ILE G 296 17.00 22.12 37.97
CA ILE G 296 18.41 22.47 37.94
C ILE G 296 19.00 21.93 36.65
N SER G 297 19.98 22.65 36.10
CA SER G 297 20.63 22.22 34.87
C SER G 297 22.05 22.77 34.81
N PHE G 298 22.97 21.97 34.30
CA PHE G 298 24.35 22.39 34.15
C PHE G 298 24.57 23.06 32.80
N SER G 299 25.71 23.74 32.68
CA SER G 299 26.16 24.17 31.37
C SER G 299 26.80 23.01 30.62
N GLU G 300 27.02 23.20 29.32
CA GLU G 300 27.66 22.17 28.52
C GLU G 300 29.07 21.90 28.99
N ASP G 301 29.81 22.95 29.36
CA ASP G 301 31.18 22.83 29.84
C ASP G 301 31.28 22.77 31.35
N SER G 302 30.16 22.57 32.04
CA SER G 302 30.10 22.49 33.50
C SER G 302 30.66 23.74 34.18
N GLN G 303 30.56 24.89 33.53
CA GLN G 303 31.09 26.13 34.11
C GLN G 303 30.06 26.77 35.04
N TYR G 304 28.77 26.69 34.68
CA TYR G 304 27.73 27.36 35.43
C TYR G 304 26.59 26.39 35.72
N LEU G 305 25.83 26.71 36.77
CA LEU G 305 24.68 25.91 37.19
C LEU G 305 23.47 26.84 37.33
N ALA G 306 22.34 26.43 36.77
CA ALA G 306 21.15 27.27 36.73
C ALA G 306 20.02 26.65 37.55
N VAL G 307 19.45 27.45 38.44
CA VAL G 307 18.31 27.03 39.25
C VAL G 307 17.19 28.05 39.08
N THR G 308 15.95 27.58 39.04
CA THR G 308 14.78 28.43 38.93
C THR G 308 13.78 28.08 40.03
N GLY G 309 13.22 29.12 40.65
CA GLY G 309 12.32 28.90 41.77
C GLY G 309 11.06 29.74 41.74
N SER G 310 10.22 29.59 42.75
CA SER G 310 8.91 30.24 42.79
C SER G 310 8.98 31.74 43.02
N SER G 311 10.17 32.27 43.29
CA SER G 311 10.36 33.70 43.45
C SER G 311 10.42 34.43 42.13
N LYS G 312 10.12 33.76 41.02
CA LYS G 312 10.15 34.34 39.68
C LYS G 312 11.54 34.87 39.33
N THR G 313 12.57 34.32 39.95
CA THR G 313 13.95 34.72 39.72
C THR G 313 14.80 33.48 39.46
N VAL G 314 15.70 33.58 38.48
CA VAL G 314 16.59 32.49 38.10
C VAL G 314 18.00 32.87 38.51
N HIS G 315 18.68 31.98 39.21
CA HIS G 315 20.03 32.21 39.69
C HIS G 315 21.03 31.37 38.90
N ILE G 316 22.23 31.91 38.75
CA ILE G 316 23.33 31.20 38.10
C ILE G 316 24.47 31.09 39.09
N PHE G 317 24.94 29.86 39.33
CA PHE G 317 26.05 29.59 40.21
C PHE G 317 27.26 29.18 39.37
N LYS G 318 28.41 29.81 39.63
CA LYS G 318 29.63 29.57 38.88
C LYS G 318 30.37 28.40 39.52
N LEU G 319 30.60 27.34 38.75
CA LEU G 319 31.33 26.17 39.21
C LEU G 319 32.80 26.21 38.80
N GLY G 320 33.32 27.38 38.44
CA GLY G 320 34.71 27.46 38.04
C GLY G 320 35.67 27.44 39.22
N HIS G 321 35.13 27.50 40.44
CA HIS G 321 35.94 27.55 41.64
C HIS G 321 36.78 26.28 41.79
N SER G 409 28.37 29.08 47.31
CA SER G 409 28.18 30.34 48.04
C SER G 409 27.03 31.14 47.46
N ARG G 410 27.23 32.46 47.36
CA ARG G 410 26.20 33.32 46.79
C ARG G 410 26.09 33.11 45.29
N HIS G 411 24.88 33.31 44.75
CA HIS G 411 24.66 33.17 43.32
C HIS G 411 25.52 34.17 42.55
N PHE G 412 26.14 33.68 41.48
CA PHE G 412 27.00 34.52 40.67
C PHE G 412 26.23 35.59 39.91
N ALA G 413 25.15 35.21 39.23
CA ALA G 413 24.37 36.15 38.45
C ALA G 413 22.90 35.76 38.58
N SER G 414 22.03 36.76 38.48
CA SER G 414 20.61 36.54 38.69
C SER G 414 19.84 37.03 37.47
N LEU G 415 18.80 36.29 37.12
CA LEU G 415 17.95 36.59 35.98
C LEU G 415 16.60 37.06 36.49
N LYS G 416 16.26 38.31 36.22
CA LYS G 416 14.99 38.88 36.63
C LYS G 416 14.09 39.01 35.42
N LEU G 417 12.99 38.26 35.41
CA LEU G 417 12.04 38.33 34.32
C LEU G 417 11.30 39.67 34.35
N PRO G 418 10.70 40.06 33.23
CA PRO G 418 9.92 41.30 33.22
C PRO G 418 8.77 41.26 34.22
N VAL G 419 8.44 42.43 34.76
CA VAL G 419 7.51 42.52 35.88
C VAL G 419 6.13 42.01 35.49
N GLU G 420 5.73 42.23 34.23
CA GLU G 420 4.38 41.89 33.81
C GLU G 420 4.15 40.38 33.81
N THR G 421 5.21 39.58 33.92
CA THR G 421 5.08 38.13 33.91
C THR G 421 4.33 37.64 35.13
N ASN G 422 3.48 36.64 34.92
CA ASN G 422 2.75 36.02 36.03
C ASN G 422 3.74 35.36 36.98
N SER G 423 3.43 35.42 38.28
CA SER G 423 4.31 34.82 39.28
C SER G 423 4.18 33.30 39.35
N HIS G 424 3.02 32.76 39.00
CA HIS G 424 2.76 31.32 39.12
C HIS G 424 3.08 30.63 37.80
N VAL G 425 4.37 30.64 37.45
CA VAL G 425 4.83 30.07 36.19
C VAL G 425 5.96 29.10 36.46
N MET G 426 5.85 27.89 35.92
CA MET G 426 6.98 26.97 35.92
C MET G 426 8.03 27.48 34.94
N THR G 427 9.26 27.61 35.42
CA THR G 427 10.32 28.16 34.59
C THR G 427 11.50 27.21 34.56
N ILE G 428 11.88 26.79 33.36
CA ILE G 428 13.09 25.99 33.15
C ILE G 428 14.05 26.81 32.30
N SER G 429 15.34 26.57 32.46
CA SER G 429 16.35 27.35 31.77
C SER G 429 17.40 26.44 31.18
N SER G 430 18.34 27.05 30.45
CA SER G 430 19.48 26.34 29.89
C SER G 430 20.57 27.36 29.62
N ILE G 431 21.82 26.90 29.64
CA ILE G 431 22.97 27.75 29.40
C ILE G 431 23.71 27.24 28.17
N GLY G 432 23.98 28.14 27.23
CA GLY G 432 24.67 27.79 26.01
C GLY G 432 26.12 28.27 26.01
N SER G 433 26.84 27.83 24.98
CA SER G 433 28.24 28.19 24.85
C SER G 433 28.37 29.69 24.52
N PRO G 434 29.44 30.33 24.97
CA PRO G 434 29.61 31.76 24.70
C PRO G 434 29.68 32.05 23.21
N ILE G 435 29.08 33.18 22.83
CA ILE G 435 29.01 33.61 21.43
C ILE G 435 29.39 35.07 21.34
N ASP G 436 29.70 35.51 20.13
CA ASP G 436 30.06 36.90 19.86
C ASP G 436 28.81 37.71 19.59
N ILE G 437 28.67 38.84 20.30
CA ILE G 437 27.54 39.74 20.14
C ILE G 437 28.07 41.15 19.93
N ASP G 438 27.35 41.94 19.15
CA ASP G 438 27.80 43.27 18.78
C ASP G 438 27.36 44.28 19.83
N THR G 439 28.33 45.01 20.41
CA THR G 439 28.00 46.00 21.42
C THR G 439 27.51 47.30 20.80
N SER G 440 27.73 47.48 19.49
CA SER G 440 27.22 48.67 18.82
C SER G 440 25.70 48.69 18.84
N GLU G 441 25.07 47.54 18.61
CA GLU G 441 23.61 47.47 18.67
C GLU G 441 23.11 47.54 20.10
N TYR G 442 23.77 46.84 21.01
CA TYR G 442 23.34 46.73 22.39
C TYR G 442 24.25 47.55 23.30
N PRO G 443 23.77 48.66 23.87
CA PRO G 443 24.60 49.42 24.82
C PRO G 443 24.70 48.73 26.16
N GLU G 444 25.65 47.79 26.28
CA GLU G 444 25.77 47.00 27.51
C GLU G 444 26.11 47.88 28.71
N LEU G 445 27.00 48.84 28.53
CA LEU G 445 27.46 49.72 29.61
C LEU G 445 28.03 48.93 30.78
N HIS G 458 34.18 50.50 24.88
CA HIS G 458 33.39 49.36 24.40
C HIS G 458 33.88 48.86 23.05
N GLU G 459 34.43 47.65 23.04
CA GLU G 459 34.88 47.02 21.81
C GLU G 459 33.67 46.63 20.98
N PRO G 460 33.80 46.51 19.65
CA PRO G 460 32.62 46.20 18.82
C PRO G 460 31.94 44.88 19.18
N VAL G 461 32.70 43.86 19.57
CA VAL G 461 32.15 42.56 19.90
C VAL G 461 32.79 42.05 21.17
N MET G 462 31.99 41.40 22.01
CA MET G 462 32.45 40.76 23.24
C MET G 462 31.65 39.48 23.46
N LYS G 463 32.32 38.43 23.94
CA LYS G 463 31.64 37.17 24.18
C LYS G 463 30.73 37.27 25.39
N MET G 464 29.48 36.85 25.22
CA MET G 464 28.49 36.86 26.29
C MET G 464 27.73 35.54 26.24
N VAL G 465 27.60 34.89 27.40
CA VAL G 465 26.94 33.59 27.51
C VAL G 465 25.45 33.77 27.31
N PRO G 466 24.84 33.11 26.33
CA PRO G 466 23.40 33.24 26.13
C PRO G 466 22.63 32.26 26.99
N ILE G 467 21.54 32.74 27.57
CA ILE G 467 20.68 31.94 28.43
C ILE G 467 19.27 31.99 27.89
N ARG G 468 18.65 30.82 27.77
CA ARG G 468 17.28 30.70 27.28
C ARG G 468 16.40 30.22 28.42
N VAL G 469 15.36 30.99 28.74
CA VAL G 469 14.46 30.68 29.83
C VAL G 469 13.05 30.62 29.29
N VAL G 470 12.50 29.41 29.18
CA VAL G 470 11.14 29.21 28.72
C VAL G 470 10.26 28.93 29.92
N SER G 471 9.11 29.58 29.98
CA SER G 471 8.22 29.47 31.12
C SER G 471 6.91 28.77 30.72
N SER G 472 6.16 28.35 31.73
CA SER G 472 4.96 27.55 31.48
C SER G 472 3.84 28.39 30.89
N ASP G 473 3.96 29.72 30.92
CA ASP G 473 2.97 30.55 30.27
C ASP G 473 3.11 30.54 28.75
N GLY G 474 4.26 30.12 28.23
CA GLY G 474 4.46 29.99 26.81
C GLY G 474 5.33 31.03 26.17
N TYR G 475 6.37 31.51 26.86
CA TYR G 475 7.26 32.53 26.32
C TYR G 475 8.71 32.11 26.52
N LEU G 476 9.57 32.57 25.61
CA LEU G 476 11.00 32.33 25.69
C LEU G 476 11.70 33.67 25.93
N TYR G 477 12.68 33.66 26.83
CA TYR G 477 13.42 34.86 27.18
C TYR G 477 14.91 34.59 26.98
N ASN G 478 15.58 35.51 26.28
CA ASN G 478 17.00 35.37 25.98
C ASN G 478 17.77 36.39 26.81
N PHE G 479 18.76 35.91 27.56
CA PHE G 479 19.61 36.75 28.38
C PHE G 479 21.06 36.60 27.96
N VAL G 480 21.90 37.47 28.50
CA VAL G 480 23.35 37.38 28.33
C VAL G 480 24.03 37.66 29.67
N MET G 481 25.07 36.90 29.97
CA MET G 481 25.85 37.07 31.18
C MET G 481 27.30 37.36 30.82
N ASP G 482 27.89 38.33 31.49
CA ASP G 482 29.31 38.61 31.32
C ASP G 482 30.09 37.75 32.31
N PRO G 483 30.92 36.81 31.84
CA PRO G 483 31.56 35.86 32.76
C PRO G 483 32.42 36.51 33.83
N GLU G 484 33.02 37.66 33.57
CA GLU G 484 33.79 38.38 34.58
C GLU G 484 32.91 39.26 35.45
N ARG G 485 32.06 40.09 34.85
CA ARG G 485 31.21 40.97 35.63
C ARG G 485 30.11 40.20 36.35
N GLY G 486 29.48 39.24 35.66
CA GLY G 486 28.33 38.58 36.24
C GLY G 486 27.22 39.58 36.51
N GLY G 487 26.64 39.50 37.70
CA GLY G 487 25.62 40.45 38.11
C GLY G 487 24.31 40.25 37.38
N ASP G 488 23.44 41.24 37.53
CA ASP G 488 22.13 41.21 36.88
C ASP G 488 22.30 41.19 35.37
N CYS G 489 21.53 40.32 34.71
CA CYS G 489 21.70 40.08 33.29
C CYS G 489 20.68 40.85 32.46
N LEU G 490 21.15 41.39 31.34
CA LEU G 490 20.29 42.08 30.39
C LEU G 490 19.49 41.09 29.56
N ILE G 491 18.30 41.51 29.13
CA ILE G 491 17.42 40.69 28.31
C ILE G 491 17.42 41.27 26.91
N LEU G 492 17.61 40.41 25.91
CA LEU G 492 17.68 40.89 24.53
C LEU G 492 16.33 40.83 23.84
N SER G 493 15.68 39.66 23.84
CA SER G 493 14.48 39.50 23.05
C SER G 493 13.54 38.52 23.74
N GLN G 494 12.29 38.52 23.27
CA GLN G 494 11.26 37.62 23.77
C GLN G 494 10.41 37.15 22.59
N TYR G 495 10.33 35.85 22.41
CA TYR G 495 9.39 35.27 21.46
C TYR G 495 8.14 34.84 22.20
N SER G 496 7.28 34.11 21.50
CA SER G 496 6.07 33.54 22.08
C SER G 496 5.85 32.17 21.47
N ILE G 497 6.15 31.12 22.23
CA ILE G 497 5.83 29.78 21.78
C ILE G 497 4.32 29.63 21.68
N LEU G 498 3.88 28.75 20.77
CA LEU G 498 2.50 28.52 20.34
C LEU G 498 2.05 29.61 19.38
N MET G 499 2.96 30.39 18.81
CA MET G 499 2.60 31.45 17.89
C MET G 499 3.76 31.75 16.93
N SER H 5 20.14 -45.47 56.72
CA SER H 5 20.36 -44.08 57.10
C SER H 5 19.93 -43.13 55.99
N PRO H 6 18.88 -42.36 56.25
CA PRO H 6 18.42 -41.38 55.25
C PRO H 6 19.43 -40.27 55.04
N THR H 7 19.46 -39.77 53.80
CA THR H 7 20.34 -38.66 53.46
C THR H 7 19.78 -37.35 53.99
N ILE H 8 20.68 -36.47 54.40
CA ILE H 8 20.29 -35.17 54.93
C ILE H 8 20.69 -34.10 53.94
N ASN H 9 19.90 -33.03 53.85
CA ASN H 9 20.13 -31.97 52.89
C ASN H 9 20.39 -30.61 53.52
N PHE H 10 20.29 -30.48 54.84
CA PHE H 10 20.38 -29.17 55.46
C PHE H 10 20.69 -29.32 56.94
N ILE H 11 21.67 -28.57 57.41
CA ILE H 11 21.98 -28.46 58.83
C ILE H 11 22.18 -26.98 59.14
N ASN H 12 21.66 -26.54 60.28
CA ASN H 12 21.82 -25.14 60.65
C ASN H 12 21.57 -24.96 62.14
N PHE H 13 22.52 -24.30 62.80
CA PHE H 13 22.33 -23.85 64.17
C PHE H 13 21.27 -22.74 64.21
N ASN H 14 20.80 -22.44 65.41
CA ASN H 14 19.94 -21.28 65.58
C ASN H 14 20.80 -20.03 65.67
N GLN H 15 20.16 -18.90 65.95
CA GLN H 15 20.87 -17.62 66.02
C GLN H 15 21.74 -17.51 67.26
N THR H 16 21.60 -18.44 68.21
CA THR H 16 22.43 -18.45 69.41
C THR H 16 23.41 -19.61 69.46
N GLY H 17 23.21 -20.65 68.66
CA GLY H 17 24.11 -21.78 68.67
C GLY H 17 23.86 -22.80 69.77
N THR H 18 22.76 -22.67 70.53
CA THR H 18 22.46 -23.61 71.58
C THR H 18 21.51 -24.72 71.12
N CYS H 19 21.09 -24.72 69.87
CA CYS H 19 20.20 -25.74 69.34
C CYS H 19 20.70 -26.19 67.97
N ILE H 20 19.99 -27.15 67.39
CA ILE H 20 20.33 -27.71 66.08
C ILE H 20 19.05 -27.88 65.29
N SER H 21 19.10 -27.54 64.00
CA SER H 21 18.05 -27.89 63.05
C SER H 21 18.66 -28.77 61.96
N LEU H 22 17.83 -29.59 61.34
CA LEU H 22 18.32 -30.51 60.32
C LEU H 22 17.17 -30.92 59.42
N GLY H 23 17.49 -31.22 58.15
CA GLY H 23 16.50 -31.67 57.20
C GLY H 23 16.96 -32.85 56.38
N THR H 24 16.19 -33.93 56.39
CA THR H 24 16.51 -35.15 55.66
C THR H 24 15.69 -35.20 54.37
N SER H 25 15.81 -36.32 53.66
CA SER H 25 14.93 -36.57 52.53
C SER H 25 13.62 -37.21 52.95
N LYS H 26 13.50 -37.62 54.21
CA LYS H 26 12.28 -38.19 54.75
C LYS H 26 11.60 -37.31 55.78
N GLY H 27 12.26 -36.26 56.25
CA GLY H 27 11.67 -35.40 57.27
C GLY H 27 12.71 -34.45 57.82
N PHE H 28 12.38 -33.83 58.94
CA PHE H 28 13.29 -32.90 59.60
C PHE H 28 13.36 -33.24 61.08
N LYS H 29 14.44 -32.79 61.72
CA LYS H 29 14.67 -33.05 63.12
C LYS H 29 15.12 -31.76 63.81
N ILE H 30 14.88 -31.68 65.10
CA ILE H 30 15.33 -30.54 65.91
C ILE H 30 15.99 -31.10 67.15
N PHE H 31 17.26 -30.77 67.36
CA PHE H 31 18.02 -31.28 68.48
C PHE H 31 18.23 -30.18 69.52
N ASN H 32 19.02 -30.49 70.54
CA ASN H 32 19.45 -29.53 71.53
C ASN H 32 20.93 -29.82 71.83
N CYS H 33 21.62 -28.88 72.47
CA CYS H 33 23.07 -28.98 72.50
C CYS H 33 23.63 -29.35 73.88
N GLU H 34 23.33 -28.57 74.91
CA GLU H 34 23.93 -28.85 76.21
C GLU H 34 23.27 -30.01 76.92
N PRO H 35 21.94 -30.02 77.16
CA PRO H 35 21.29 -31.29 77.53
C PRO H 35 20.83 -32.02 76.29
N PHE H 36 21.76 -32.69 75.60
CA PHE H 36 21.50 -33.18 74.25
C PHE H 36 20.27 -34.08 74.21
N GLY H 37 19.43 -33.85 73.20
CA GLY H 37 18.24 -34.65 73.02
C GLY H 37 17.52 -34.25 71.76
N LYS H 38 16.62 -35.12 71.32
CA LYS H 38 15.84 -34.90 70.10
C LYS H 38 14.54 -34.19 70.49
N PHE H 39 14.55 -32.86 70.35
CA PHE H 39 13.43 -32.06 70.78
C PHE H 39 12.18 -32.29 69.95
N TYR H 40 12.34 -32.46 68.63
CA TYR H 40 11.18 -32.60 67.75
C TYR H 40 11.59 -33.34 66.49
N SER H 41 10.59 -33.87 65.79
CA SER H 41 10.80 -34.56 64.53
C SER H 41 9.47 -34.70 63.82
N GLU H 42 9.53 -34.86 62.50
CA GLU H 42 8.34 -35.11 61.70
C GLU H 42 8.77 -35.71 60.36
N ASP H 43 8.34 -36.94 60.11
CA ASP H 43 8.73 -37.65 58.89
C ASP H 43 7.64 -37.53 57.83
N SER H 44 7.54 -36.32 57.26
CA SER H 44 6.56 -36.07 56.21
C SER H 44 7.17 -36.27 54.82
N GLY H 45 8.27 -35.59 54.54
CA GLY H 45 8.90 -35.71 53.24
C GLY H 45 10.25 -35.00 53.23
N GLY H 46 10.76 -34.80 52.02
CA GLY H 46 12.04 -34.14 51.89
C GLY H 46 11.94 -32.67 52.23
N TYR H 47 12.92 -32.19 53.01
CA TYR H 47 13.00 -30.79 53.39
C TYR H 47 14.38 -30.25 53.06
N ALA H 48 14.42 -29.05 52.49
CA ALA H 48 15.69 -28.44 52.08
C ALA H 48 16.10 -27.27 52.97
N ILE H 49 15.16 -26.55 53.55
CA ILE H 49 15.48 -25.44 54.44
C ILE H 49 14.67 -25.55 55.72
N VAL H 50 15.36 -25.63 56.86
CA VAL H 50 14.73 -25.68 58.17
C VAL H 50 15.38 -24.60 59.02
N GLU H 51 14.69 -23.46 59.16
CA GLU H 51 15.20 -22.31 59.89
C GLU H 51 14.25 -22.00 61.04
N MET H 52 14.81 -21.72 62.21
CA MET H 52 14.02 -21.47 63.41
C MET H 52 14.54 -20.22 64.12
N LEU H 53 13.65 -19.57 64.86
CA LEU H 53 13.98 -18.38 65.62
C LEU H 53 14.66 -18.77 66.92
N PHE H 54 14.80 -17.81 67.82
CA PHE H 54 15.43 -18.08 69.11
C PHE H 54 14.50 -18.95 69.95
N SER H 55 14.59 -20.26 69.74
CA SER H 55 13.63 -21.22 70.30
C SER H 55 12.24 -20.75 69.87
N THR H 56 11.34 -20.43 70.79
CA THR H 56 10.03 -19.83 70.56
C THR H 56 9.13 -20.69 69.66
N SER H 57 9.49 -21.93 69.37
CA SER H 57 8.61 -22.86 68.65
C SER H 57 8.18 -22.29 67.30
N LEU H 58 9.09 -21.62 66.59
CA LEU H 58 8.81 -21.05 65.29
C LEU H 58 9.75 -21.68 64.27
N LEU H 59 9.20 -22.08 63.12
CA LEU H 59 9.97 -22.78 62.10
C LEU H 59 9.65 -22.24 60.72
N ALA H 60 10.60 -22.38 59.81
CA ALA H 60 10.42 -22.10 58.39
C ALA H 60 10.81 -23.33 57.59
N LEU H 61 9.87 -23.87 56.82
CA LEU H 61 10.05 -25.14 56.15
C LEU H 61 9.96 -24.94 54.65
N VAL H 62 10.97 -25.42 53.93
CA VAL H 62 10.98 -25.42 52.47
C VAL H 62 11.14 -26.86 52.00
N GLY H 63 10.16 -27.34 51.22
CA GLY H 63 10.23 -28.70 50.72
C GLY H 63 11.34 -28.87 49.70
N ILE H 64 11.79 -30.12 49.55
CA ILE H 64 12.85 -30.41 48.60
C ILE H 64 12.35 -30.24 47.17
N GLY H 65 11.05 -30.44 46.94
CA GLY H 65 10.47 -30.28 45.63
C GLY H 65 9.67 -31.49 45.18
N LEU H 70 4.51 -29.75 49.02
CA LEU H 70 5.39 -28.68 49.48
C LEU H 70 6.62 -28.59 48.61
N SER H 71 6.53 -27.81 47.54
CA SER H 71 7.64 -27.64 46.61
C SER H 71 8.68 -26.68 47.19
N ALA H 72 9.83 -26.60 46.51
CA ALA H 72 10.87 -25.68 46.93
C ALA H 72 10.41 -24.24 46.84
N ALA H 73 9.49 -23.95 45.93
CA ALA H 73 8.96 -22.60 45.81
C ALA H 73 8.17 -22.20 47.05
N ARG H 74 7.35 -23.11 47.56
CA ARG H 74 6.49 -22.78 48.69
C ARG H 74 7.28 -22.77 50.00
N LEU H 75 6.99 -21.78 50.84
CA LEU H 75 7.54 -21.69 52.18
C LEU H 75 6.42 -21.79 53.19
N ARG H 76 6.57 -22.67 54.17
CA ARG H 76 5.55 -22.92 55.18
C ARG H 76 6.14 -22.68 56.56
N ILE H 77 5.41 -21.94 57.40
CA ILE H 77 5.83 -21.64 58.76
C ILE H 77 4.95 -22.45 59.70
N ILE H 78 5.59 -23.28 60.52
CA ILE H 78 4.87 -24.20 61.40
C ILE H 78 5.32 -23.96 62.83
N ASN H 79 4.35 -23.89 63.74
CA ASN H 79 4.58 -23.80 65.17
C ASN H 79 4.56 -25.21 65.74
N THR H 80 5.73 -25.70 66.15
CA THR H 80 5.83 -27.10 66.57
C THR H 80 5.11 -27.38 67.88
N LYS H 81 5.05 -26.39 68.78
CA LYS H 81 4.33 -26.61 70.03
C LYS H 81 2.82 -26.65 69.83
N LYS H 82 2.29 -25.78 68.99
CA LYS H 82 0.87 -25.80 68.67
C LYS H 82 0.51 -26.80 67.58
N HIS H 83 1.51 -27.31 66.86
CA HIS H 83 1.31 -28.27 65.76
C HIS H 83 0.38 -27.72 64.68
N SER H 84 0.35 -26.39 64.53
CA SER H 84 -0.48 -25.73 63.53
C SER H 84 0.40 -25.00 62.51
N ILE H 85 -0.25 -24.44 61.50
CA ILE H 85 0.42 -23.73 60.42
C ILE H 85 0.04 -22.26 60.53
N ILE H 86 1.05 -21.41 60.73
CA ILE H 86 0.78 -19.97 60.82
C ILE H 86 0.34 -19.42 59.47
N CYS H 87 1.08 -19.74 58.42
CA CYS H 87 0.78 -19.21 57.09
C CYS H 87 1.57 -20.00 56.05
N GLU H 88 1.14 -19.88 54.80
CA GLU H 88 1.84 -20.48 53.67
C GLU H 88 1.96 -19.44 52.56
N VAL H 89 3.18 -19.24 52.09
CA VAL H 89 3.46 -18.28 51.03
C VAL H 89 4.21 -18.97 49.90
N THR H 90 3.79 -18.69 48.67
CA THR H 90 4.40 -19.26 47.48
C THR H 90 5.26 -18.22 46.79
N PHE H 91 6.21 -18.70 45.99
CA PHE H 91 7.15 -17.86 45.27
C PHE H 91 7.29 -18.35 43.84
N PRO H 92 7.55 -17.44 42.90
CA PRO H 92 7.65 -17.87 41.49
C PRO H 92 8.77 -18.86 41.22
N THR H 93 9.89 -18.75 41.94
CA THR H 93 11.04 -19.61 41.72
C THR H 93 11.43 -20.30 43.01
N SER H 94 12.37 -21.25 42.90
CA SER H 94 12.81 -22.01 44.06
C SER H 94 13.54 -21.12 45.05
N ILE H 95 13.30 -21.36 46.33
CA ILE H 95 13.91 -20.59 47.39
C ILE H 95 15.36 -21.04 47.57
N LEU H 96 16.26 -20.07 47.75
CA LEU H 96 17.68 -20.39 47.95
C LEU H 96 18.14 -20.18 49.39
N SER H 97 17.44 -19.34 50.17
CA SER H 97 17.82 -19.12 51.56
C SER H 97 16.65 -18.46 52.28
N VAL H 98 16.56 -18.76 53.57
CA VAL H 98 15.60 -18.12 54.46
C VAL H 98 16.30 -17.84 55.78
N LYS H 99 16.25 -16.60 56.24
CA LYS H 99 16.85 -16.24 57.52
C LYS H 99 15.85 -15.38 58.29
N MET H 100 16.01 -15.37 59.61
CA MET H 100 15.01 -14.73 60.45
C MET H 100 15.67 -14.06 61.65
N ASN H 101 15.01 -13.03 62.15
CA ASN H 101 15.22 -12.47 63.48
C ASN H 101 13.86 -12.23 64.10
N LYS H 102 13.84 -11.75 65.33
CA LYS H 102 12.56 -11.54 66.01
C LYS H 102 11.81 -10.31 65.51
N SER H 103 12.25 -9.72 64.40
CA SER H 103 11.58 -8.59 63.79
C SER H 103 11.20 -8.80 62.33
N ARG H 104 12.05 -9.45 61.53
CA ARG H 104 11.82 -9.56 60.10
C ARG H 104 12.07 -10.99 59.65
N LEU H 105 11.39 -11.36 58.57
CA LEU H 105 11.58 -12.62 57.88
C LEU H 105 11.92 -12.33 56.43
N VAL H 106 13.02 -12.90 55.95
CA VAL H 106 13.51 -12.64 54.60
C VAL H 106 13.61 -13.94 53.83
N VAL H 107 13.06 -13.95 52.62
CA VAL H 107 13.12 -15.09 51.71
C VAL H 107 13.87 -14.63 50.47
N LEU H 108 14.89 -15.39 50.07
CA LEU H 108 15.73 -15.01 48.94
C LEU H 108 15.57 -16.00 47.80
N LEU H 109 15.29 -15.50 46.62
CA LEU H 109 15.34 -16.26 45.38
C LEU H 109 16.60 -15.87 44.61
N GLN H 110 16.79 -16.51 43.46
CA GLN H 110 18.07 -16.39 42.75
C GLN H 110 18.36 -14.95 42.33
N GLU H 111 17.32 -14.16 42.07
CA GLU H 111 17.49 -12.77 41.64
C GLU H 111 16.61 -11.79 42.41
N GLN H 112 15.92 -12.23 43.45
CA GLN H 112 15.00 -11.36 44.17
C GLN H 112 15.16 -11.58 45.67
N ILE H 113 14.84 -10.55 46.44
CA ILE H 113 14.81 -10.62 47.89
C ILE H 113 13.44 -10.16 48.36
N TYR H 114 12.81 -10.96 49.21
CA TYR H 114 11.53 -10.64 49.81
C TYR H 114 11.73 -10.45 51.31
N ILE H 115 11.15 -9.39 51.85
CA ILE H 115 11.28 -9.08 53.27
C ILE H 115 9.88 -9.00 53.86
N TYR H 116 9.65 -9.74 54.95
CA TYR H 116 8.38 -9.76 55.65
C TYR H 116 8.59 -9.37 57.10
N ASP H 117 7.54 -8.83 57.71
CA ASP H 117 7.52 -8.58 59.15
C ASP H 117 7.13 -9.89 59.84
N ILE H 118 7.93 -10.29 60.83
CA ILE H 118 7.71 -11.61 61.44
C ILE H 118 6.37 -11.66 62.17
N ASN H 119 5.95 -10.55 62.78
CA ASN H 119 4.72 -10.52 63.55
C ASN H 119 3.50 -10.49 62.64
N THR H 120 3.39 -9.45 61.83
CA THR H 120 2.18 -9.25 61.02
C THR H 120 2.12 -10.22 59.85
N MET H 121 3.29 -10.62 59.33
CA MET H 121 3.46 -11.52 58.19
C MET H 121 2.98 -10.89 56.89
N ARG H 122 2.87 -9.57 56.82
CA ARG H 122 2.57 -8.90 55.56
C ARG H 122 3.87 -8.51 54.84
N LEU H 123 3.80 -8.52 53.51
CA LEU H 123 4.97 -8.13 52.72
C LEU H 123 5.31 -6.67 52.93
N LEU H 124 6.60 -6.37 53.03
CA LEU H 124 7.07 -5.01 53.26
C LEU H 124 7.89 -4.44 52.11
N HIS H 125 8.95 -5.13 51.70
CA HIS H 125 9.87 -4.58 50.71
C HIS H 125 10.37 -5.72 49.83
N THR H 126 10.75 -5.36 48.62
CA THR H 126 11.29 -6.31 47.65
C THR H 126 12.51 -5.67 47.00
N ILE H 127 13.60 -6.42 46.90
CA ILE H 127 14.84 -5.96 46.29
C ILE H 127 15.09 -6.77 45.04
N GLU H 128 15.27 -6.09 43.91
CA GLU H 128 15.67 -6.73 42.67
C GLU H 128 17.18 -6.71 42.59
N THR H 129 17.80 -7.86 42.81
CA THR H 129 19.25 -7.97 42.83
C THR H 129 19.75 -8.74 41.62
N ASN H 130 21.03 -8.55 41.31
CA ASN H 130 21.66 -9.32 40.26
C ASN H 130 21.73 -10.79 40.67
N PRO H 131 21.77 -11.71 39.70
CA PRO H 131 21.64 -13.14 40.03
C PRO H 131 22.64 -13.65 41.07
N ASN H 132 22.13 -14.39 42.04
CA ASN H 132 22.94 -15.02 43.09
C ASN H 132 22.63 -16.51 43.13
N PRO H 133 23.32 -17.32 42.31
CA PRO H 133 23.07 -18.77 42.32
C PRO H 133 23.49 -19.44 43.62
N ARG H 134 24.33 -18.80 44.43
CA ARG H 134 24.83 -19.41 45.65
C ARG H 134 23.95 -19.13 46.87
N GLY H 135 22.95 -18.26 46.75
CA GLY H 135 22.06 -18.00 47.85
C GLY H 135 22.75 -17.45 49.09
N LEU H 136 23.60 -16.44 48.91
CA LEU H 136 24.41 -15.90 49.99
C LEU H 136 23.67 -14.76 50.67
N MET H 137 23.68 -14.80 52.01
CA MET H 137 23.03 -13.78 52.82
C MET H 137 23.76 -13.66 54.15
N ALA H 138 23.36 -12.64 54.92
CA ALA H 138 23.79 -12.49 56.30
C ALA H 138 22.87 -11.48 56.97
N MET H 139 22.28 -11.88 58.10
CA MET H 139 21.34 -11.03 58.81
C MET H 139 21.80 -10.85 60.25
N SER H 140 21.81 -9.62 60.71
CA SER H 140 22.03 -9.36 62.13
C SER H 140 20.81 -9.84 62.90
N PRO H 141 20.98 -10.70 63.91
CA PRO H 141 19.83 -11.27 64.60
C PRO H 141 19.19 -10.36 65.65
N SER H 142 19.79 -9.20 65.94
CA SER H 142 19.27 -8.29 66.94
C SER H 142 18.45 -7.19 66.28
N VAL H 143 17.37 -6.78 66.94
CA VAL H 143 16.50 -5.75 66.38
C VAL H 143 17.15 -4.38 66.46
N ALA H 144 18.08 -4.18 67.39
CA ALA H 144 18.71 -2.87 67.55
C ALA H 144 19.55 -2.50 66.34
N ASN H 145 20.18 -3.49 65.70
CA ASN H 145 21.06 -3.23 64.58
C ASN H 145 20.68 -4.11 63.39
N SER H 146 19.40 -4.15 63.04
CA SER H 146 18.88 -5.05 62.03
C SER H 146 19.42 -4.65 60.66
N TYR H 147 20.45 -5.37 60.21
CA TYR H 147 21.08 -5.13 58.92
C TYR H 147 21.10 -6.40 58.10
N LEU H 148 20.78 -6.28 56.81
CA LEU H 148 20.84 -7.39 55.87
C LEU H 148 21.81 -7.01 54.76
N VAL H 149 22.71 -7.92 54.41
CA VAL H 149 23.72 -7.70 53.38
C VAL H 149 23.61 -8.80 52.33
N TYR H 150 23.66 -8.41 51.06
CA TYR H 150 23.61 -9.35 49.95
C TYR H 150 24.61 -8.91 48.90
N PRO H 151 25.16 -9.84 48.11
CA PRO H 151 26.14 -9.44 47.10
C PRO H 151 25.48 -8.78 45.90
N SER H 152 26.26 -7.93 45.23
CA SER H 152 25.80 -7.21 44.05
C SER H 152 26.81 -7.38 42.93
N PRO H 153 26.70 -8.47 42.17
CA PRO H 153 27.61 -8.70 41.05
C PRO H 153 27.18 -7.90 39.83
N PRO H 154 28.10 -7.53 38.96
CA PRO H 154 27.72 -6.87 37.71
C PRO H 154 26.94 -7.82 36.81
N LYS H 155 26.01 -7.23 36.05
CA LYS H 155 25.21 -8.01 35.11
C LYS H 155 25.90 -8.02 33.75
N VAL H 156 26.11 -9.22 33.22
CA VAL H 156 26.78 -9.38 31.93
C VAL H 156 25.77 -9.41 30.81
N ILE H 222 37.88 -4.97 39.52
CA ILE H 222 37.06 -5.51 38.45
C ILE H 222 35.59 -5.30 38.81
N LYS H 223 35.36 -4.99 40.09
CA LYS H 223 34.03 -4.66 40.59
C LYS H 223 33.07 -5.85 40.49
N ASN H 224 33.50 -7.00 41.03
CA ASN H 224 32.64 -8.17 41.16
C ASN H 224 32.16 -8.39 42.58
N GLY H 225 33.02 -8.19 43.57
CA GLY H 225 32.66 -8.42 44.95
C GLY H 225 32.02 -7.22 45.63
N ASP H 226 30.94 -6.70 45.04
CA ASP H 226 30.20 -5.63 45.69
C ASP H 226 29.07 -6.20 46.54
N VAL H 227 28.99 -5.71 47.77
CA VAL H 227 27.97 -6.15 48.72
C VAL H 227 27.15 -4.94 49.15
N ILE H 228 25.83 -5.08 49.08
CA ILE H 228 24.90 -4.00 49.40
C ILE H 228 24.48 -4.16 50.86
N VAL H 229 24.75 -3.14 51.67
CA VAL H 229 24.38 -3.12 53.07
C VAL H 229 22.99 -2.51 53.18
N PHE H 230 22.01 -3.33 53.54
CA PHE H 230 20.61 -2.94 53.55
C PHE H 230 20.11 -2.91 54.98
N ASN H 231 19.52 -1.79 55.38
CA ASN H 231 18.95 -1.65 56.71
C ASN H 231 17.50 -2.11 56.68
N LEU H 232 17.18 -3.15 57.46
CA LEU H 232 15.83 -3.70 57.45
C LEU H 232 14.84 -2.82 58.20
N GLU H 233 15.32 -2.06 59.19
CA GLU H 233 14.43 -1.24 60.00
C GLU H 233 13.72 -0.19 59.16
N THR H 234 14.49 0.59 58.40
CA THR H 234 13.93 1.65 57.56
C THR H 234 13.71 1.21 56.12
N LEU H 235 14.12 0.00 55.76
CA LEU H 235 13.97 -0.53 54.40
C LEU H 235 14.60 0.41 53.36
N GLN H 236 15.87 0.73 53.61
CA GLN H 236 16.63 1.54 52.67
C GLN H 236 18.09 1.09 52.73
N PRO H 237 18.79 1.02 51.61
CA PRO H 237 20.23 0.72 51.66
C PRO H 237 21.00 1.81 52.38
N THR H 238 22.06 1.41 53.07
CA THR H 238 22.87 2.35 53.83
C THR H 238 24.19 2.69 53.16
N MET H 239 24.87 1.72 52.58
CA MET H 239 26.13 1.96 51.89
C MET H 239 26.39 0.80 50.95
N VAL H 240 27.46 0.93 50.15
CA VAL H 240 27.93 -0.12 49.27
C VAL H 240 29.36 -0.45 49.66
N ILE H 241 29.62 -1.73 49.88
CA ILE H 241 30.93 -2.19 50.35
C ILE H 241 31.68 -2.83 49.19
N GLU H 242 32.88 -2.32 48.92
CA GLU H 242 33.77 -2.86 47.89
C GLU H 242 34.57 -3.99 48.54
N ALA H 243 33.93 -5.15 48.68
CA ALA H 243 34.48 -6.21 49.49
C ALA H 243 35.73 -6.81 48.87
N HIS H 244 35.60 -7.43 47.70
CA HIS H 244 36.69 -8.18 47.10
C HIS H 244 36.69 -7.99 45.59
N LYS H 245 37.80 -8.40 44.98
CA LYS H 245 37.91 -8.40 43.52
C LYS H 245 37.10 -9.50 42.86
N GLY H 246 37.06 -10.69 43.46
CA GLY H 246 36.33 -11.82 42.91
C GLY H 246 34.98 -11.99 43.59
N GLU H 247 34.21 -12.95 43.07
CA GLU H 247 32.86 -13.18 43.59
C GLU H 247 32.90 -13.60 45.04
N ILE H 248 31.91 -13.12 45.80
CA ILE H 248 31.80 -13.48 47.21
C ILE H 248 31.33 -14.92 47.34
N ALA H 249 31.96 -15.67 48.26
CA ALA H 249 31.60 -17.06 48.48
C ALA H 249 30.94 -17.32 49.82
N ALA H 250 31.20 -16.50 50.84
CA ALA H 250 30.60 -16.70 52.15
C ALA H 250 30.59 -15.37 52.90
N MET H 251 29.60 -15.21 53.77
CA MET H 251 29.42 -13.96 54.49
C MET H 251 28.60 -14.21 55.75
N ALA H 252 28.92 -13.48 56.81
CA ALA H 252 28.23 -13.61 58.09
C ALA H 252 28.29 -12.31 58.87
N ILE H 253 27.35 -12.14 59.79
CA ILE H 253 27.23 -10.95 60.62
C ILE H 253 27.23 -11.36 62.08
N SER H 254 27.92 -10.59 62.92
CA SER H 254 27.98 -10.89 64.34
C SER H 254 26.60 -10.79 64.99
N PHE H 255 26.53 -11.22 66.25
CA PHE H 255 25.25 -11.29 66.93
C PHE H 255 24.64 -9.90 67.15
N ASP H 256 25.46 -8.92 67.52
CA ASP H 256 24.98 -7.58 67.79
C ASP H 256 24.86 -6.73 66.53
N GLY H 257 25.23 -7.27 65.38
CA GLY H 257 25.14 -6.52 64.14
C GLY H 257 26.19 -5.45 63.97
N THR H 258 27.32 -5.54 64.68
CA THR H 258 28.37 -4.54 64.62
C THR H 258 29.34 -4.81 63.47
N LEU H 259 29.73 -6.07 63.26
CA LEU H 259 30.76 -6.43 62.32
C LEU H 259 30.20 -7.23 61.15
N MET H 260 31.06 -7.48 60.18
CA MET H 260 30.75 -8.25 58.99
C MET H 260 32.00 -8.95 58.51
N ALA H 261 31.85 -10.16 57.97
CA ALA H 261 32.97 -10.92 57.43
C ALA H 261 32.58 -11.55 56.10
N THR H 262 33.51 -11.52 55.14
CA THR H 262 33.26 -12.06 53.81
C THR H 262 34.52 -12.77 53.31
N ALA H 263 34.34 -13.58 52.29
CA ALA H 263 35.46 -14.27 51.65
C ALA H 263 35.12 -14.58 50.21
N SER H 264 36.09 -14.38 49.33
CA SER H 264 35.93 -14.62 47.90
C SER H 264 35.87 -16.11 47.62
N ASP H 265 35.65 -16.46 46.35
CA ASP H 265 35.58 -17.87 45.97
C ASP H 265 36.92 -18.57 46.05
N LYS H 266 38.02 -17.83 46.13
CA LYS H 266 39.33 -18.43 46.36
C LYS H 266 39.54 -18.88 47.80
N GLY H 267 38.86 -18.27 48.75
CA GLY H 267 38.97 -18.66 50.14
C GLY H 267 40.33 -18.40 50.75
N THR H 268 41.16 -17.61 50.08
CA THR H 268 42.50 -17.35 50.56
C THR H 268 42.57 -16.19 51.55
N ILE H 269 41.74 -15.17 51.39
CA ILE H 269 41.78 -13.98 52.22
C ILE H 269 40.40 -13.77 52.85
N ILE H 270 40.39 -13.62 54.18
CA ILE H 270 39.19 -13.30 54.94
C ILE H 270 39.24 -11.83 55.30
N ARG H 271 38.17 -11.11 55.02
CA ARG H 271 38.10 -9.68 55.29
C ARG H 271 36.91 -9.37 56.19
N VAL H 272 37.14 -8.48 57.15
CA VAL H 272 36.14 -8.09 58.13
C VAL H 272 35.89 -6.59 57.99
N PHE H 273 34.64 -6.23 57.71
CA PHE H 273 34.25 -4.82 57.61
C PHE H 273 33.27 -4.48 58.73
N ASP H 274 33.44 -3.27 59.27
CA ASP H 274 32.54 -2.75 60.28
C ASP H 274 31.33 -2.13 59.57
N ILE H 275 30.14 -2.70 59.82
CA ILE H 275 29.00 -2.44 58.95
C ILE H 275 28.50 -1.00 59.10
N GLU H 276 28.67 -0.41 60.29
CA GLU H 276 28.11 0.92 60.52
C GLU H 276 28.95 2.00 59.82
N THR H 277 30.27 1.85 59.83
CA THR H 277 31.13 2.85 59.20
C THR H 277 31.55 2.41 57.80
N GLY H 278 31.78 1.12 57.61
CA GLY H 278 32.23 0.58 56.35
C GLY H 278 33.72 0.30 56.26
N ASP H 279 34.48 0.60 57.32
CA ASP H 279 35.92 0.39 57.29
C ASP H 279 36.25 -1.09 57.45
N LYS H 280 37.24 -1.55 56.69
CA LYS H 280 37.75 -2.90 56.86
C LYS H 280 38.60 -2.97 58.12
N ILE H 281 38.20 -3.79 59.08
CA ILE H 281 38.87 -3.83 60.38
C ILE H 281 39.97 -4.88 60.38
N TYR H 282 39.65 -6.08 59.92
CA TYR H 282 40.60 -7.19 59.95
C TYR H 282 40.67 -7.86 58.58
N GLN H 283 41.86 -8.35 58.26
CA GLN H 283 42.09 -9.12 57.04
C GLN H 283 42.91 -10.35 57.38
N PHE H 284 42.30 -11.52 57.28
CA PHE H 284 42.95 -12.78 57.65
C PHE H 284 43.30 -13.59 56.40
N ARG H 285 44.46 -14.22 56.45
CA ARG H 285 44.87 -15.19 55.45
C ARG H 285 44.42 -16.58 55.89
N ARG H 286 43.77 -17.30 54.99
CA ARG H 286 43.29 -18.64 55.28
C ARG H 286 43.99 -19.65 54.38
N GLY H 287 44.69 -20.59 55.00
CA GLY H 287 45.37 -21.63 54.25
C GLY H 287 46.51 -21.12 53.40
N THR H 288 46.96 -21.96 52.47
CA THR H 288 48.04 -21.59 51.55
C THR H 288 47.55 -21.52 50.11
N TYR H 289 46.92 -22.58 49.61
CA TYR H 289 46.38 -22.58 48.27
C TYR H 289 44.88 -22.32 48.30
N ALA H 290 44.35 -21.88 47.16
CA ALA H 290 42.94 -21.54 47.08
C ALA H 290 42.08 -22.79 47.19
N THR H 291 41.11 -22.75 48.10
CA THR H 291 40.16 -23.84 48.27
C THR H 291 38.83 -23.27 48.74
N ARG H 292 37.77 -24.03 48.50
CA ARG H 292 36.42 -23.54 48.73
C ARG H 292 36.16 -23.32 50.22
N ILE H 293 35.28 -22.38 50.52
CA ILE H 293 34.83 -22.10 51.88
C ILE H 293 33.35 -22.43 51.97
N TYR H 294 32.97 -23.22 52.96
CA TYR H 294 31.60 -23.70 53.10
C TYR H 294 30.72 -22.73 53.86
N SER H 295 31.19 -22.21 55.00
CA SER H 295 30.39 -21.27 55.77
C SER H 295 31.29 -20.49 56.72
N ILE H 296 30.79 -19.34 57.18
CA ILE H 296 31.45 -18.52 58.18
C ILE H 296 30.45 -18.24 59.29
N SER H 297 30.93 -18.23 60.53
CA SER H 297 30.08 -17.97 61.68
C SER H 297 30.87 -17.24 62.75
N PHE H 298 30.25 -16.23 63.35
CA PHE H 298 30.87 -15.49 64.44
C PHE H 298 30.66 -16.19 65.77
N SER H 299 31.52 -15.88 66.73
CA SER H 299 31.23 -16.23 68.11
C SER H 299 30.13 -15.34 68.65
N GLU H 300 29.45 -15.83 69.68
CA GLU H 300 28.35 -15.06 70.27
C GLU H 300 28.86 -13.76 70.87
N ASP H 301 30.02 -13.79 71.50
CA ASP H 301 30.65 -12.61 72.08
C ASP H 301 31.54 -11.86 71.10
N SER H 302 31.46 -12.20 69.81
CA SER H 302 32.26 -11.58 68.75
C SER H 302 33.75 -11.68 69.01
N GLN H 303 34.20 -12.72 69.71
CA GLN H 303 35.62 -12.86 70.01
C GLN H 303 36.34 -13.65 68.92
N TYR H 304 35.67 -14.65 68.35
CA TYR H 304 36.29 -15.53 67.37
C TYR H 304 35.38 -15.70 66.16
N LEU H 305 36.00 -16.09 65.05
CA LEU H 305 35.30 -16.31 63.79
C LEU H 305 35.66 -17.69 63.26
N ALA H 306 34.66 -18.43 62.78
CA ALA H 306 34.85 -19.81 62.36
C ALA H 306 34.63 -19.97 60.87
N VAL H 307 35.56 -20.64 60.20
CA VAL H 307 35.46 -20.93 58.77
C VAL H 307 35.65 -22.43 58.57
N THR H 308 34.91 -23.00 57.64
CA THR H 308 35.01 -24.41 57.30
C THR H 308 35.13 -24.55 55.78
N GLY H 309 36.05 -25.40 55.34
CA GLY H 309 36.29 -25.56 53.92
C GLY H 309 36.26 -27.00 53.45
N SER H 310 36.69 -27.23 52.21
CA SER H 310 36.72 -28.58 51.64
C SER H 310 37.96 -29.35 52.04
N SER H 311 38.88 -28.73 52.78
CA SER H 311 40.09 -29.39 53.24
C SER H 311 39.87 -30.24 54.48
N LYS H 312 38.62 -30.41 54.91
CA LYS H 312 38.28 -31.18 56.11
C LYS H 312 38.93 -30.59 57.37
N THR H 313 39.25 -29.30 57.33
CA THR H 313 39.88 -28.60 58.44
C THR H 313 39.12 -27.32 58.73
N VAL H 314 39.02 -26.98 60.01
CA VAL H 314 38.27 -25.81 60.46
C VAL H 314 39.27 -24.87 61.13
N HIS H 315 39.24 -23.60 60.73
CA HIS H 315 40.13 -22.59 61.27
C HIS H 315 39.33 -21.62 62.14
N ILE H 316 39.97 -21.11 63.18
CA ILE H 316 39.38 -20.10 64.05
C ILE H 316 40.31 -18.89 64.09
N PHE H 317 39.75 -17.72 63.80
CA PHE H 317 40.49 -16.47 63.83
C PHE H 317 40.02 -15.64 65.03
N LYS H 318 40.98 -15.12 65.78
CA LYS H 318 40.70 -14.32 66.97
C LYS H 318 40.41 -12.89 66.54
N LEU H 319 39.31 -12.33 67.04
CA LEU H 319 38.93 -10.95 66.75
C LEU H 319 39.20 -10.01 67.91
N GLY H 320 39.99 -10.45 68.89
CA GLY H 320 40.30 -9.59 70.01
C GLY H 320 41.35 -8.54 69.67
N HIS H 321 41.89 -8.61 68.46
CA HIS H 321 42.94 -7.69 68.02
C HIS H 321 42.52 -6.23 68.13
N SER H 409 45.33 -12.11 59.91
CA SER H 409 46.61 -12.80 59.85
C SER H 409 46.42 -14.31 59.86
N ARG H 410 47.39 -15.02 60.46
CA ARG H 410 47.31 -16.46 60.53
C ARG H 410 46.20 -16.89 61.48
N HIS H 411 45.57 -18.03 61.16
CA HIS H 411 44.50 -18.54 62.01
C HIS H 411 45.01 -18.86 63.40
N PHE H 412 44.23 -18.46 64.41
CA PHE H 412 44.64 -18.65 65.79
C PHE H 412 44.66 -20.12 66.19
N ALA H 413 43.58 -20.85 65.93
CA ALA H 413 43.50 -22.25 66.30
C ALA H 413 42.79 -23.02 65.19
N SER H 414 43.14 -24.29 65.06
CA SER H 414 42.65 -25.11 63.97
C SER H 414 42.04 -26.39 64.53
N LEU H 415 41.03 -26.89 63.83
CA LEU H 415 40.31 -28.10 64.22
C LEU H 415 40.51 -29.15 63.14
N LYS H 416 41.06 -30.30 63.51
CA LYS H 416 41.26 -31.40 62.58
C LYS H 416 40.29 -32.52 62.91
N LEU H 417 39.43 -32.86 61.94
CA LEU H 417 38.47 -33.93 62.12
C LEU H 417 39.19 -35.27 62.12
N PRO H 418 38.56 -36.32 62.67
CA PRO H 418 39.18 -37.65 62.65
C PRO H 418 39.42 -38.12 61.22
N VAL H 419 40.47 -38.93 61.06
CA VAL H 419 40.92 -39.34 59.74
C VAL H 419 39.87 -40.17 59.03
N GLU H 420 39.11 -40.97 59.79
CA GLU H 420 38.12 -41.85 59.18
C GLU H 420 37.05 -41.08 58.41
N THR H 421 36.87 -39.81 58.75
CA THR H 421 35.89 -38.99 58.04
C THR H 421 36.33 -38.73 56.60
N ASN H 422 35.38 -38.82 55.67
CA ASN H 422 35.68 -38.56 54.27
C ASN H 422 35.88 -37.07 54.04
N SER H 423 36.74 -36.73 53.08
CA SER H 423 37.06 -35.34 52.80
C SER H 423 35.94 -34.62 52.07
N HIS H 424 35.04 -35.34 51.41
CA HIS H 424 33.97 -34.73 50.62
C HIS H 424 32.72 -34.58 51.48
N VAL H 425 32.84 -33.79 52.53
CA VAL H 425 31.75 -33.56 53.48
C VAL H 425 31.70 -32.08 53.81
N MET H 426 30.49 -31.53 53.87
CA MET H 426 30.31 -30.13 54.25
C MET H 426 30.11 -30.01 55.75
N THR H 427 30.83 -29.06 56.35
CA THR H 427 30.82 -28.91 57.80
C THR H 427 30.42 -27.49 58.16
N ILE H 428 29.49 -27.35 59.09
CA ILE H 428 29.17 -26.06 59.71
C ILE H 428 29.52 -26.14 61.18
N SER H 429 29.96 -25.03 61.74
CA SER H 429 30.44 -25.01 63.11
C SER H 429 29.79 -23.87 63.87
N SER H 430 30.03 -23.85 65.18
CA SER H 430 29.53 -22.79 66.05
C SER H 430 30.41 -22.74 67.29
N ILE H 431 30.56 -21.54 67.82
CA ILE H 431 31.37 -21.31 69.02
C ILE H 431 30.45 -20.87 70.15
N GLY H 432 30.57 -21.51 71.31
CA GLY H 432 29.77 -21.19 72.46
C GLY H 432 30.55 -20.40 73.51
N SER H 433 29.82 -19.99 74.55
CA SER H 433 30.43 -19.25 75.63
C SER H 433 31.37 -20.15 76.43
N PRO H 434 32.44 -19.58 77.00
CA PRO H 434 33.40 -20.41 77.73
C PRO H 434 32.77 -21.12 78.92
N ILE H 435 33.21 -22.36 79.16
CA ILE H 435 32.70 -23.19 80.24
C ILE H 435 33.88 -23.78 81.00
N ASP H 436 33.59 -24.27 82.20
CA ASP H 436 34.60 -24.89 83.05
C ASP H 436 34.56 -26.40 82.86
N ILE H 437 35.73 -27.00 82.66
CA ILE H 437 35.86 -28.44 82.50
C ILE H 437 36.88 -28.93 83.51
N ASP H 438 36.74 -30.20 83.92
CA ASP H 438 37.62 -30.77 84.94
C ASP H 438 38.85 -31.36 84.28
N THR H 439 40.03 -30.81 84.59
CA THR H 439 41.26 -31.31 84.00
C THR H 439 41.64 -32.68 84.56
N SER H 440 41.03 -33.07 85.69
CA SER H 440 41.29 -34.39 86.23
C SER H 440 40.82 -35.48 85.27
N GLU H 441 39.65 -35.29 84.66
CA GLU H 441 39.14 -36.28 83.73
C GLU H 441 39.93 -36.27 82.42
N TYR H 442 40.31 -35.09 81.95
CA TYR H 442 40.96 -34.92 80.66
C TYR H 442 42.41 -34.49 80.84
N PRO H 443 43.38 -35.35 80.53
CA PRO H 443 44.79 -34.93 80.61
C PRO H 443 45.19 -34.03 79.45
N GLU H 444 44.92 -32.73 79.59
CA GLU H 444 45.16 -31.79 78.50
C GLU H 444 46.65 -31.73 78.14
N LEU H 445 47.52 -31.69 79.15
CA LEU H 445 48.96 -31.58 78.95
C LEU H 445 49.32 -30.34 78.12
N HIS H 458 48.75 -28.52 86.73
CA HIS H 458 47.38 -28.45 86.23
C HIS H 458 46.39 -28.17 87.33
N GLU H 459 45.66 -27.06 87.21
CA GLU H 459 44.57 -26.74 88.12
C GLU H 459 43.42 -27.70 87.87
N PRO H 460 42.57 -27.97 88.87
CA PRO H 460 41.48 -28.93 88.64
C PRO H 460 40.53 -28.52 87.51
N VAL H 461 40.25 -27.24 87.36
CA VAL H 461 39.34 -26.75 86.33
C VAL H 461 39.91 -25.48 85.72
N MET H 462 39.75 -25.35 84.40
CA MET H 462 40.14 -24.15 83.66
C MET H 462 39.17 -23.93 82.52
N LYS H 463 38.93 -22.67 82.17
CA LYS H 463 37.92 -22.34 81.18
C LYS H 463 38.33 -22.81 79.79
N MET H 464 37.42 -23.50 79.12
CA MET H 464 37.64 -24.00 77.76
C MET H 464 36.50 -23.53 76.89
N VAL H 465 36.82 -23.01 75.70
CA VAL H 465 35.81 -22.57 74.75
C VAL H 465 35.28 -23.79 74.01
N PRO H 466 33.99 -24.12 74.14
CA PRO H 466 33.46 -25.29 73.45
C PRO H 466 33.09 -24.97 72.01
N ILE H 467 33.39 -25.91 71.11
CA ILE H 467 33.12 -25.76 69.70
C ILE H 467 32.36 -26.99 69.22
N ARG H 468 31.28 -26.77 68.50
CA ARG H 468 30.47 -27.85 67.95
C ARG H 468 30.53 -27.81 66.44
N VAL H 469 31.03 -28.90 65.85
CA VAL H 469 31.19 -29.00 64.41
C VAL H 469 30.37 -30.19 63.93
N VAL H 470 29.39 -29.92 63.07
CA VAL H 470 28.52 -30.97 62.54
C VAL H 470 28.74 -31.05 61.03
N SER H 471 28.81 -32.27 60.52
CA SER H 471 29.07 -32.51 59.11
C SER H 471 27.84 -33.10 58.44
N SER H 472 27.83 -33.04 57.11
CA SER H 472 26.65 -33.48 56.37
C SER H 472 26.51 -34.99 56.39
N ASP H 473 27.50 -35.71 56.90
CA ASP H 473 27.38 -37.15 57.03
C ASP H 473 26.53 -37.56 58.23
N GLY H 474 26.24 -36.63 59.14
CA GLY H 474 25.38 -36.89 60.27
C GLY H 474 26.08 -37.10 61.59
N TYR H 475 27.16 -36.38 61.87
CA TYR H 475 27.89 -36.51 63.11
C TYR H 475 28.07 -35.15 63.76
N LEU H 476 28.29 -35.16 65.07
CA LEU H 476 28.60 -33.96 65.83
C LEU H 476 29.93 -34.15 66.54
N TYR H 477 30.76 -33.12 66.51
CA TYR H 477 32.08 -33.16 67.13
C TYR H 477 32.22 -32.01 68.10
N ASN H 478 32.67 -32.30 69.32
CA ASN H 478 32.82 -31.30 70.36
C ASN H 478 34.31 -31.11 70.63
N PHE H 479 34.77 -29.85 70.53
CA PHE H 479 36.14 -29.50 70.78
C PHE H 479 36.21 -28.51 71.94
N VAL H 480 37.42 -28.32 72.47
CA VAL H 480 37.70 -27.30 73.46
C VAL H 480 38.96 -26.55 73.05
N MET H 481 38.90 -25.23 73.15
CA MET H 481 40.01 -24.37 72.76
C MET H 481 40.45 -23.52 73.95
N ASP H 482 41.76 -23.43 74.15
CA ASP H 482 42.30 -22.58 75.19
C ASP H 482 42.50 -21.18 74.62
N PRO H 483 41.82 -20.16 75.15
CA PRO H 483 41.90 -18.82 74.54
C PRO H 483 43.31 -18.25 74.51
N GLU H 484 44.18 -18.63 75.44
CA GLU H 484 45.56 -18.17 75.43
C GLU H 484 46.46 -19.01 74.54
N ARG H 485 46.46 -20.33 74.75
CA ARG H 485 47.34 -21.20 73.97
C ARG H 485 46.85 -21.36 72.54
N GLY H 486 45.56 -21.53 72.35
CA GLY H 486 45.04 -21.79 71.01
C GLY H 486 45.59 -23.10 70.48
N GLY H 487 46.07 -23.06 69.24
CA GLY H 487 46.66 -24.24 68.63
C GLY H 487 45.63 -25.29 68.29
N ASP H 488 46.12 -26.50 68.02
CA ASP H 488 45.25 -27.61 67.72
C ASP H 488 44.39 -27.95 68.92
N CYS H 489 43.10 -28.16 68.69
CA CYS H 489 42.14 -28.34 69.76
C CYS H 489 41.88 -29.83 70.01
N LEU H 490 41.81 -30.18 71.29
CA LEU H 490 41.45 -31.53 71.70
C LEU H 490 39.97 -31.78 71.44
N ILE H 491 39.64 -33.04 71.14
CA ILE H 491 38.27 -33.44 70.84
C ILE H 491 37.80 -34.31 72.01
N LEU H 492 36.65 -33.96 72.57
CA LEU H 492 36.14 -34.69 73.73
C LEU H 492 35.28 -35.87 73.32
N SER H 493 34.25 -35.64 72.52
CA SER H 493 33.27 -36.68 72.23
C SER H 493 32.77 -36.51 70.81
N GLN H 494 32.10 -37.54 70.31
CA GLN H 494 31.59 -37.57 68.95
C GLN H 494 30.22 -38.24 68.95
N TYR H 495 29.16 -37.45 69.09
CA TYR H 495 27.81 -37.98 69.00
C TYR H 495 27.51 -38.36 67.58
N SER H 496 26.30 -38.89 67.36
CA SER H 496 25.85 -39.25 66.03
C SER H 496 24.41 -38.79 65.84
N ILE H 497 24.22 -37.81 64.97
CA ILE H 497 22.87 -37.41 64.60
C ILE H 497 22.22 -38.54 63.80
N LEU H 498 20.89 -38.58 63.85
CA LEU H 498 20.00 -39.61 63.32
C LEU H 498 19.99 -40.83 64.23
N MET H 499 20.82 -40.86 65.27
CA MET H 499 20.81 -41.92 66.27
C MET H 499 21.09 -41.30 67.63
N ASP H 500 21.40 -42.15 68.59
CA ASP H 500 21.68 -41.69 69.96
C ASP H 500 23.00 -40.93 70.02
#